data_7V0P
#
_entry.id   7V0P
#
loop_
_entity.id
_entity.type
_entity.pdbx_description
1 polymer 'Spike glycoprotein E1'
2 polymer 'IgG 106 Fab heavy chain'
3 polymer 'IgG 106 Fab light chain'
4 polymer 'Spike glycoprotein E2'
#
loop_
_entity_poly.entity_id
_entity_poly.type
_entity_poly.pdbx_seq_one_letter_code
_entity_poly.pdbx_strand_id
1 'polypeptide(L)'
;YEHTAVMPNKVGIPYKALVERPGYAPVHLQIQLVNTRIIPSTNLEYITCKYKTKVPSPVVKCCGATQCTSKPHPDYQCQV
FTGVYPFMWGGAYCFCDTENTQMSEAYVERSEECSIDHAKAYKVHTGTVQAMVNITYGSVSWRSADVYVNGETPAKIGDA
KLIIGPLSSAWSPFDNKVVVYGHEVYNYDFPEYGTGKAGSFGDLQSRTSTSNDLYANTNLKLQRPQAGIVHTPFTQAPSG
FERWKRDKGAPLNDVAPFGCSIALEPLRAENCAVGSIPISIDIPDAAFTRISETPTVSDLECKITECTYASDFGGIATVA
YKSSKAGNCPIHSPSGVAVIKENDVTLAESGSFTFHFSTANIHPAFKLQVCTSAVTCKGDCKPPKDHIVDYPAQHTESFT
;
A,B,C,D
2 'polypeptide(L)'
;(UNK)(UNK)(UNK)(UNK)(UNK)(UNK)(UNK)(UNK)(UNK)(UNK)(UNK)(UNK)(UNK)(UNK)(UNK)(UNK)
(UNK)(UNK)(UNK)(UNK)(UNK)(UNK)(UNK)(UNK)(UNK)(UNK)(UNK)(UNK)(UNK)(UNK)(UNK)(UNK)
(UNK)(UNK)(UNK)(UNK)(UNK)(UNK)(UNK)(UNK)(UNK)(UNK)(UNK)(UNK)(UNK)(UNK)(UNK)(UNK)
(UNK)(UNK)(UNK)(UNK)(UNK)(UNK)(UNK)(UNK)(UNK)(UNK)(UNK)(UNK)(UNK)(UNK)(UNK)(UNK)
(UNK)(UNK)(UNK)(UNK)(UNK)(UNK)(UNK)(UNK)(UNK)(UNK)(UNK)(UNK)(UNK)(UNK)(UNK)(UNK)
(UNK)(UNK)(UNK)(UNK)(UNK)(UNK)(UNK)(UNK)(UNK)(UNK)(UNK)(UNK)(UNK)(UNK)(UNK)(UNK)
(UNK)(UNK)(UNK)(UNK)(UNK)(UNK)(UNK)(UNK)(UNK)(UNK)(UNK)(UNK)(UNK)(UNK)(UNK)(UNK)
(UNK)(UNK)(UNK)(UNK)(UNK)(UNK)(UNK)(UNK)(UNK)(UNK)(UNK)(UNK)(UNK)(UNK)(UNK)(UNK)
(UNK)(UNK)(UNK)(UNK)(UNK)(UNK)(UNK)(UNK)(UNK)(UNK)(UNK)(UNK)(UNK)(UNK)(UNK)(UNK)
(UNK)(UNK)(UNK)(UNK)(UNK)(UNK)(UNK)(UNK)(UNK)(UNK)(UNK)(UNK)(UNK)(UNK)(UNK)(UNK)
(UNK)(UNK)(UNK)(UNK)(UNK)(UNK)(UNK)(UNK)(UNK)(UNK)(UNK)(UNK)(UNK)(UNK)(UNK)(UNK)
(UNK)(UNK)(UNK)(UNK)(UNK)(UNK)(UNK)(UNK)(UNK)(UNK)(UNK)(UNK)(UNK)(UNK)(UNK)(UNK)
(UNK)(UNK)(UNK)(UNK)(UNK)(UNK)(UNK)(UNK)(UNK)(UNK)(UNK)(UNK)(UNK)(UNK)(UNK)(UNK)
(UNK)(UNK)(UNK)(UNK)(UNK)(UNK)(UNK)(UNK)(UNK)(UNK)(UNK)(UNK)(UNK)(UNK)(UNK)(UNK)
(UNK)(UNK)AAA
;
E,G,I,K
3 'polypeptide(L)'
;(UNK)(UNK)(UNK)(UNK)(UNK)(UNK)(UNK)(UNK)(UNK)(UNK)(UNK)(UNK)(UNK)(UNK)(UNK)(UNK)
(UNK)(UNK)(UNK)(UNK)(UNK)(UNK)(UNK)(UNK)(UNK)(UNK)(UNK)(UNK)(UNK)(UNK)(UNK)(UNK)
(UNK)(UNK)(UNK)(UNK)(UNK)(UNK)(UNK)(UNK)(UNK)(UNK)(UNK)(UNK)(UNK)(UNK)(UNK)(UNK)
(UNK)(UNK)(UNK)(UNK)(UNK)(UNK)(UNK)(UNK)(UNK)(UNK)(UNK)(UNK)(UNK)(UNK)(UNK)(UNK)
(UNK)(UNK)(UNK)(UNK)(UNK)(UNK)(UNK)(UNK)(UNK)(UNK)(UNK)(UNK)(UNK)(UNK)(UNK)(UNK)
(UNK)(UNK)(UNK)(UNK)(UNK)(UNK)(UNK)(UNK)(UNK)(UNK)(UNK)(UNK)(UNK)(UNK)(UNK)(UNK)
(UNK)(UNK)(UNK)(UNK)(UNK)(UNK)(UNK)(UNK)(UNK)(UNK)(UNK)(UNK)(UNK)(UNK)(UNK)(UNK)
(UNK)(UNK)(UNK)(UNK)(UNK)(UNK)(UNK)(UNK)(UNK)(UNK)(UNK)(UNK)(UNK)(UNK)(UNK)(UNK)
(UNK)(UNK)(UNK)(UNK)(UNK)(UNK)(UNK)(UNK)(UNK)(UNK)(UNK)(UNK)(UNK)(UNK)(UNK)(UNK)
(UNK)(UNK)(UNK)(UNK)(UNK)(UNK)(UNK)(UNK)(UNK)(UNK)(UNK)(UNK)(UNK)(UNK)(UNK)(UNK)
(UNK)(UNK)(UNK)(UNK)(UNK)(UNK)(UNK)(UNK)(UNK)(UNK)(UNK)(UNK)(UNK)(UNK)(UNK)(UNK)
(UNK)(UNK)(UNK)(UNK)(UNK)(UNK)(UNK)(UNK)(UNK)(UNK)(UNK)(UNK)(UNK)(UNK)(UNK)(UNK)
(UNK)(UNK)(UNK)(UNK)(UNK)(UNK)(UNK)(UNK)(UNK)(UNK)(UNK)(UNK)(UNK)(UNK)(UNK)(UNK)
(UNK)(UNK)(UNK)(UNK)
;
F,H,J,L
4 'polypeptide(L)'
;DLDTHFTQYKLARPYIADCPNCGHSRCDSPIAIEEVRGDAHAGVIRIQTSAMFGLKTDGVDLAYMSFMNGKTQKSIKIDN
LHVRTSAPCSLVSHHGYYILAQCPPGDTVTVGFHDGPNRHTCTVAHKVEFRPVGREKYRHPPEHGVELPCNRYTHKRADQ
GHYVEMHQPGLVADHSLLSIHSAKVKITVPSGAQVKYYCKCPDVREGITSSDHTTTCTDVKQCRAYLIDNKKWVYNSGRL
PRGEGDTFKGKLHVPFVPVKAKCIATLAPEPLVEHKHRTLILHLHPDHPTLLTTRSLGSDANPTRQWIERPTTVNFTVTG
EGLEYTWGNHPPKRVWAQESGE
;
a,b,c,d
#
# COMPACT_ATOMS: atom_id res chain seq x y z
N TYR A 1 -17.33 53.74 -9.39
CA TYR A 1 -18.65 53.89 -10.05
C TYR A 1 -19.65 52.86 -9.56
N GLU A 2 -19.37 52.20 -8.44
CA GLU A 2 -20.25 51.14 -7.97
C GLU A 2 -21.53 51.79 -7.49
N HIS A 3 -22.53 51.83 -8.36
CA HIS A 3 -23.66 52.73 -8.22
C HIS A 3 -24.63 52.22 -7.16
N THR A 4 -24.34 52.56 -5.91
CA THR A 4 -25.31 52.38 -4.84
C THR A 4 -26.60 53.13 -5.18
N ALA A 5 -27.72 52.55 -4.77
CA ALA A 5 -29.00 53.21 -4.98
C ALA A 5 -30.04 52.59 -4.06
N VAL A 6 -30.60 53.40 -3.16
CA VAL A 6 -31.84 53.00 -2.52
C VAL A 6 -32.90 52.92 -3.59
N MET A 7 -33.84 52.00 -3.41
CA MET A 7 -34.71 51.61 -4.50
C MET A 7 -36.03 51.06 -3.99
N PRO A 8 -37.18 51.61 -4.40
CA PRO A 8 -38.45 51.12 -3.85
C PRO A 8 -38.76 49.71 -4.29
N ASN A 9 -39.22 48.91 -3.33
CA ASN A 9 -39.67 47.56 -3.64
C ASN A 9 -41.04 47.65 -4.29
N LYS A 10 -41.07 47.45 -5.59
CA LYS A 10 -42.31 47.45 -6.35
C LYS A 10 -42.01 46.79 -7.67
N VAL A 11 -42.90 45.92 -8.12
CA VAL A 11 -42.48 44.84 -8.99
C VAL A 11 -42.39 45.31 -10.44
N GLY A 12 -43.46 45.87 -10.98
CA GLY A 12 -43.67 45.81 -12.40
C GLY A 12 -43.34 47.09 -13.13
N ILE A 13 -42.22 47.70 -12.78
CA ILE A 13 -41.92 49.02 -13.30
C ILE A 13 -40.41 49.29 -13.21
N PRO A 14 -39.75 49.77 -14.26
CA PRO A 14 -38.31 50.01 -14.16
C PRO A 14 -38.01 51.25 -13.34
N TYR A 15 -36.72 51.39 -13.03
CA TYR A 15 -36.21 52.32 -12.04
C TYR A 15 -34.99 53.06 -12.60
N LYS A 16 -35.17 53.72 -13.74
CA LYS A 16 -34.06 54.03 -14.64
C LYS A 16 -33.09 55.02 -14.03
N ALA A 17 -32.32 54.58 -13.05
CA ALA A 17 -31.28 55.43 -12.46
C ALA A 17 -30.20 55.76 -13.47
N LEU A 18 -29.22 56.57 -13.06
CA LEU A 18 -28.21 57.11 -13.95
C LEU A 18 -26.85 56.98 -13.29
N VAL A 19 -25.89 56.42 -14.02
CA VAL A 19 -24.53 56.24 -13.53
C VAL A 19 -23.78 57.55 -13.75
N GLU A 20 -23.46 58.25 -12.67
CA GLU A 20 -22.65 59.46 -12.74
C GLU A 20 -21.21 59.16 -12.37
N ARG A 21 -20.56 58.38 -13.22
CA ARG A 21 -19.13 58.13 -13.06
C ARG A 21 -18.37 59.39 -13.43
N PRO A 22 -17.56 59.98 -12.53
CA PRO A 22 -16.73 61.12 -12.97
C PRO A 22 -15.65 60.66 -13.93
N GLY A 23 -15.73 61.14 -15.17
CA GLY A 23 -14.66 60.98 -16.12
C GLY A 23 -15.10 60.49 -17.48
N TYR A 24 -16.06 59.57 -17.52
CA TYR A 24 -16.58 59.04 -18.76
C TYR A 24 -18.07 59.35 -18.86
N ALA A 25 -18.65 59.00 -19.99
CA ALA A 25 -20.03 59.34 -20.23
C ALA A 25 -20.94 58.59 -19.27
N PRO A 26 -21.97 59.23 -18.73
CA PRO A 26 -22.89 58.49 -17.86
C PRO A 26 -23.68 57.47 -18.64
N VAL A 27 -24.26 56.52 -17.91
CA VAL A 27 -25.09 55.49 -18.48
C VAL A 27 -26.32 55.33 -17.61
N HIS A 28 -27.46 55.17 -18.27
CA HIS A 28 -28.73 54.95 -17.61
C HIS A 28 -28.82 53.53 -17.09
N LEU A 29 -29.65 53.36 -16.08
CA LEU A 29 -30.11 52.04 -15.67
C LEU A 29 -31.50 51.79 -16.24
N GLN A 30 -31.93 50.55 -16.15
CA GLN A 30 -33.33 50.22 -16.24
C GLN A 30 -33.53 48.99 -15.36
N ILE A 31 -33.84 49.22 -14.10
CA ILE A 31 -33.92 48.14 -13.12
C ILE A 31 -35.39 47.89 -12.84
N GLN A 32 -35.88 46.78 -13.36
CA GLN A 32 -37.27 46.36 -13.18
C GLN A 32 -37.26 45.11 -12.34
N LEU A 33 -37.68 45.23 -11.08
CA LEU A 33 -37.79 44.10 -10.17
C LEU A 33 -39.01 43.26 -10.55
N VAL A 34 -38.84 42.48 -11.63
CA VAL A 34 -39.95 41.73 -12.22
C VAL A 34 -40.64 40.81 -11.21
N ASN A 35 -39.93 40.40 -10.16
CA ASN A 35 -40.53 39.54 -9.16
C ASN A 35 -39.88 39.80 -7.80
N THR A 36 -40.65 39.49 -6.76
CA THR A 36 -40.23 39.57 -5.36
C THR A 36 -40.62 38.30 -4.63
N ARG A 37 -40.27 37.16 -5.20
CA ARG A 37 -40.64 35.90 -4.58
C ARG A 37 -39.73 35.64 -3.40
N ILE A 38 -40.32 35.13 -2.32
CA ILE A 38 -39.80 35.29 -0.97
C ILE A 38 -39.17 34.01 -0.46
N ILE A 39 -39.96 32.95 -0.30
CA ILE A 39 -39.47 31.63 0.11
C ILE A 39 -38.88 31.79 1.50
N PRO A 40 -39.72 31.96 2.51
CA PRO A 40 -39.21 31.97 3.87
C PRO A 40 -38.73 30.59 4.30
N SER A 41 -38.03 30.58 5.42
CA SER A 41 -37.63 29.33 6.04
C SER A 41 -38.83 28.72 6.74
N THR A 42 -39.03 27.42 6.51
CA THR A 42 -40.24 26.76 6.95
C THR A 42 -39.92 25.35 7.42
N ASN A 43 -40.96 24.67 7.91
CA ASN A 43 -40.85 23.28 8.35
C ASN A 43 -42.17 22.60 8.16
N LEU A 44 -42.17 21.46 7.47
CA LEU A 44 -43.37 20.65 7.39
C LEU A 44 -43.63 20.03 8.74
N GLU A 45 -44.70 20.46 9.39
CA GLU A 45 -45.00 20.02 10.75
C GLU A 45 -45.91 18.81 10.76
N TYR A 46 -46.99 18.88 10.01
CA TYR A 46 -47.84 17.73 9.82
C TYR A 46 -48.79 18.01 8.68
N ILE A 47 -48.98 17.03 7.84
CA ILE A 47 -50.11 17.04 6.94
C ILE A 47 -51.33 16.69 7.76
N THR A 48 -52.45 17.29 7.40
CA THR A 48 -53.74 16.77 7.80
C THR A 48 -54.59 16.59 6.57
N CYS A 49 -55.73 15.97 6.80
CA CYS A 49 -56.64 15.51 5.76
C CYS A 49 -57.82 14.93 6.50
N LYS A 50 -58.85 14.56 5.76
CA LYS A 50 -59.98 13.93 6.40
C LYS A 50 -59.68 12.47 6.63
N TYR A 51 -60.14 11.97 7.76
CA TYR A 51 -59.95 10.58 8.14
C TYR A 51 -60.60 9.67 7.14
N LYS A 52 -60.42 8.37 7.33
CA LYS A 52 -61.34 7.36 6.83
C LYS A 52 -61.43 6.28 7.88
N THR A 53 -62.62 6.11 8.44
CA THR A 53 -62.87 5.07 9.44
C THR A 53 -62.90 3.73 8.72
N LYS A 54 -61.72 3.27 8.35
CA LYS A 54 -61.58 2.01 7.61
C LYS A 54 -61.66 0.88 8.62
N VAL A 55 -62.90 0.56 8.97
CA VAL A 55 -63.25 -0.40 10.01
C VAL A 55 -62.65 -1.77 9.70
N PRO A 56 -61.85 -2.35 10.58
CA PRO A 56 -61.61 -3.79 10.47
C PRO A 56 -62.84 -4.57 10.88
N SER A 57 -63.04 -5.67 10.21
CA SER A 57 -64.28 -6.40 10.28
C SER A 57 -64.48 -7.02 11.65
N PRO A 58 -65.57 -6.73 12.35
CA PRO A 58 -65.69 -7.12 13.76
C PRO A 58 -65.72 -8.62 13.95
N VAL A 59 -65.30 -9.01 15.15
CA VAL A 59 -65.41 -10.40 15.58
C VAL A 59 -66.81 -10.63 16.12
N VAL A 60 -67.29 -11.84 15.91
CA VAL A 60 -68.55 -12.30 16.47
C VAL A 60 -68.33 -13.68 17.04
N LYS A 61 -68.07 -13.75 18.34
CA LYS A 61 -68.07 -15.02 19.04
C LYS A 61 -69.49 -15.35 19.43
N CYS A 62 -69.87 -16.61 19.22
CA CYS A 62 -71.28 -16.98 19.28
C CYS A 62 -71.76 -17.28 20.69
N CYS A 63 -70.90 -17.81 21.56
CA CYS A 63 -71.32 -18.15 22.91
C CYS A 63 -70.15 -17.83 23.84
N GLY A 64 -70.15 -16.62 24.36
CA GLY A 64 -69.19 -16.16 25.34
C GLY A 64 -68.38 -14.98 24.83
N ALA A 65 -67.55 -14.46 25.74
CA ALA A 65 -66.93 -13.18 25.53
C ALA A 65 -65.66 -13.28 24.68
N THR A 66 -65.32 -12.17 24.05
CA THR A 66 -64.06 -12.00 23.33
C THR A 66 -63.48 -10.67 23.80
N GLN A 67 -62.57 -10.73 24.76
CA GLN A 67 -61.93 -9.52 25.25
C GLN A 67 -61.12 -8.87 24.13
N CYS A 68 -61.27 -7.56 23.99
CA CYS A 68 -60.49 -6.80 23.03
C CYS A 68 -59.20 -6.31 23.68
N THR A 69 -58.22 -6.03 22.84
CA THR A 69 -56.98 -5.41 23.25
C THR A 69 -56.77 -4.12 22.48
N SER A 70 -55.97 -3.24 23.05
CA SER A 70 -55.72 -1.92 22.47
C SER A 70 -54.60 -2.04 21.45
N LYS A 71 -54.97 -2.38 20.23
CA LYS A 71 -53.99 -2.49 19.16
C LYS A 71 -53.38 -1.11 18.89
N PRO A 72 -52.17 -1.06 18.35
CA PRO A 72 -51.49 0.23 18.19
C PRO A 72 -51.91 1.03 16.99
N HIS A 73 -53.02 0.70 16.33
CA HIS A 73 -53.46 1.50 15.21
C HIS A 73 -53.79 2.91 15.68
N PRO A 74 -53.69 3.92 14.81
CA PRO A 74 -54.02 5.28 15.26
C PRO A 74 -55.48 5.41 15.65
N ASP A 75 -55.69 5.84 16.89
CA ASP A 75 -57.02 5.98 17.46
C ASP A 75 -57.78 4.67 17.37
N TYR A 76 -57.11 3.60 17.80
CA TYR A 76 -57.71 2.29 17.70
C TYR A 76 -58.83 2.16 18.71
N GLN A 77 -60.03 2.48 18.27
CA GLN A 77 -61.20 2.35 19.12
C GLN A 77 -61.75 0.94 18.96
N CYS A 78 -61.91 0.25 20.08
CA CYS A 78 -62.44 -1.10 20.09
C CYS A 78 -63.21 -1.30 21.38
N GLN A 79 -64.40 -1.87 21.25
CA GLN A 79 -65.26 -2.10 22.40
C GLN A 79 -66.00 -3.40 22.19
N VAL A 80 -65.85 -4.30 23.14
CA VAL A 80 -66.59 -5.56 23.11
C VAL A 80 -68.06 -5.25 23.30
N PHE A 81 -68.90 -6.09 22.71
CA PHE A 81 -70.34 -5.98 22.90
C PHE A 81 -70.95 -7.36 22.96
N THR A 82 -71.93 -7.51 23.83
CA THR A 82 -72.70 -8.74 23.97
C THR A 82 -74.15 -8.43 23.62
N GLY A 83 -75.00 -9.43 23.82
CA GLY A 83 -76.42 -9.24 23.64
C GLY A 83 -76.78 -8.94 22.20
N VAL A 84 -76.38 -9.84 21.30
CA VAL A 84 -76.71 -9.73 19.89
C VAL A 84 -77.32 -11.06 19.43
N TYR A 85 -77.66 -11.10 18.16
CA TYR A 85 -78.34 -12.23 17.55
C TYR A 85 -78.20 -11.99 16.05
N PRO A 86 -76.99 -12.02 15.53
CA PRO A 86 -76.67 -11.32 14.28
C PRO A 86 -77.27 -11.92 13.03
N PHE A 87 -78.32 -11.28 12.50
CA PHE A 87 -78.88 -11.70 11.23
C PHE A 87 -77.86 -11.58 10.12
N MET A 88 -77.42 -12.72 9.59
CA MET A 88 -76.43 -12.74 8.50
C MET A 88 -76.85 -13.82 7.52
N TRP A 89 -77.73 -13.46 6.59
CA TRP A 89 -78.04 -14.23 5.38
C TRP A 89 -78.85 -15.51 5.63
N GLY A 90 -79.02 -15.92 6.88
CA GLY A 90 -79.78 -17.11 7.21
C GLY A 90 -80.60 -16.86 8.45
N GLY A 91 -81.05 -15.61 8.61
CA GLY A 91 -81.43 -15.17 9.91
C GLY A 91 -80.16 -15.05 10.74
N ALA A 92 -80.31 -15.16 12.06
CA ALA A 92 -79.14 -15.22 12.90
C ALA A 92 -78.34 -16.49 12.59
N TYR A 93 -77.14 -16.57 13.16
CA TYR A 93 -76.33 -17.77 12.98
C TYR A 93 -75.74 -18.28 14.29
N CYS A 94 -75.49 -17.39 15.24
CA CYS A 94 -75.01 -17.83 16.55
C CYS A 94 -76.18 -18.30 17.39
N PHE A 95 -76.09 -19.53 17.90
CA PHE A 95 -77.26 -20.20 18.46
C PHE A 95 -77.59 -19.73 19.86
N CYS A 96 -76.63 -19.17 20.60
CA CYS A 96 -76.96 -18.55 21.88
C CYS A 96 -77.79 -17.29 21.62
N ASP A 97 -78.17 -16.61 22.70
CA ASP A 97 -79.03 -15.43 22.61
C ASP A 97 -78.56 -14.23 23.42
N THR A 98 -77.73 -14.43 24.44
CA THR A 98 -77.08 -13.34 25.16
C THR A 98 -75.58 -13.52 25.17
N GLU A 99 -75.11 -14.76 25.21
CA GLU A 99 -73.70 -15.05 25.07
C GLU A 99 -73.18 -14.77 23.67
N ASN A 100 -74.08 -14.52 22.72
CA ASN A 100 -73.70 -13.98 21.43
C ASN A 100 -72.91 -12.70 21.66
N THR A 101 -71.64 -12.71 21.30
CA THR A 101 -70.74 -11.60 21.54
C THR A 101 -70.29 -11.01 20.21
N GLN A 102 -70.11 -9.70 20.21
CA GLN A 102 -69.71 -8.95 19.04
C GLN A 102 -68.66 -7.95 19.49
N MET A 103 -67.47 -8.03 18.90
CA MET A 103 -66.37 -7.15 19.23
C MET A 103 -66.14 -6.24 18.04
N SER A 104 -66.50 -4.97 18.20
CA SER A 104 -66.30 -3.98 17.17
C SER A 104 -64.97 -3.29 17.39
N GLU A 105 -64.25 -3.07 16.29
CA GLU A 105 -62.98 -2.37 16.33
C GLU A 105 -62.89 -1.46 15.12
N ALA A 106 -62.39 -0.26 15.35
CA ALA A 106 -62.23 0.70 14.26
C ALA A 106 -61.07 1.62 14.60
N TYR A 107 -60.20 1.84 13.63
CA TYR A 107 -59.11 2.78 13.77
C TYR A 107 -59.20 3.81 12.66
N VAL A 108 -58.51 4.89 12.88
CA VAL A 108 -58.46 6.00 11.95
C VAL A 108 -57.30 5.77 11.00
N GLU A 109 -57.49 6.17 9.75
CA GLU A 109 -56.46 6.04 8.75
C GLU A 109 -56.57 7.19 7.77
N ARG A 110 -55.41 7.58 7.24
CA ARG A 110 -55.35 8.58 6.20
C ARG A 110 -56.24 8.19 5.03
N SER A 111 -57.00 9.14 4.52
CA SER A 111 -57.72 8.90 3.28
C SER A 111 -56.75 8.69 2.14
N GLU A 112 -57.30 8.21 1.04
CA GLU A 112 -56.52 8.22 -0.20
C GLU A 112 -56.33 9.65 -0.68
N GLU A 113 -57.27 10.53 -0.35
CA GLU A 113 -57.11 11.95 -0.67
C GLU A 113 -56.05 12.62 0.17
N CYS A 114 -55.68 12.03 1.30
CA CYS A 114 -54.65 12.61 2.15
C CYS A 114 -53.35 12.79 1.38
N SER A 115 -53.07 11.89 0.45
CA SER A 115 -51.85 12.00 -0.34
C SER A 115 -51.86 13.27 -1.18
N ILE A 116 -53.03 13.68 -1.64
CA ILE A 116 -53.16 14.61 -2.75
C ILE A 116 -53.97 15.85 -2.37
N ASP A 117 -55.09 15.66 -1.70
CA ASP A 117 -55.95 16.74 -1.26
C ASP A 117 -55.80 16.80 0.26
N HIS A 118 -54.97 17.72 0.71
CA HIS A 118 -54.56 17.70 2.11
C HIS A 118 -54.12 19.08 2.49
N ALA A 119 -54.59 19.53 3.65
CA ALA A 119 -54.02 20.73 4.22
C ALA A 119 -52.62 20.41 4.72
N LYS A 120 -51.88 21.45 5.06
CA LYS A 120 -50.47 21.28 5.34
C LYS A 120 -50.02 22.42 6.22
N ALA A 121 -49.65 22.10 7.47
CA ALA A 121 -49.22 23.10 8.41
C ALA A 121 -47.75 23.41 8.22
N TYR A 122 -47.32 24.51 8.82
CA TYR A 122 -45.92 24.90 8.78
C TYR A 122 -45.62 25.83 9.94
N LYS A 123 -44.43 25.69 10.49
CA LYS A 123 -43.83 26.73 11.30
C LYS A 123 -42.92 27.54 10.37
N VAL A 124 -43.25 28.81 10.20
CA VAL A 124 -42.68 29.64 9.15
C VAL A 124 -41.79 30.69 9.78
N HIS A 125 -40.53 30.65 9.40
CA HIS A 125 -39.54 31.66 9.73
C HIS A 125 -39.38 32.60 8.54
N THR A 126 -38.30 33.40 8.52
CA THR A 126 -38.23 34.53 7.60
C THR A 126 -37.59 34.20 6.24
N GLY A 127 -36.53 33.41 6.20
CA GLY A 127 -35.82 33.10 4.96
C GLY A 127 -35.31 34.31 4.21
N THR A 128 -35.32 34.21 2.87
CA THR A 128 -34.50 35.07 2.02
C THR A 128 -35.20 35.30 0.68
N VAL A 129 -35.43 36.57 0.31
CA VAL A 129 -36.27 36.90 -0.83
C VAL A 129 -35.44 37.00 -2.11
N GLN A 130 -36.11 36.84 -3.26
CA GLN A 130 -35.49 36.66 -4.56
C GLN A 130 -36.17 37.53 -5.62
N ALA A 131 -35.66 37.49 -6.86
CA ALA A 131 -36.18 38.30 -7.96
C ALA A 131 -35.50 37.91 -9.27
N MET A 132 -36.25 37.93 -10.39
CA MET A 132 -35.68 37.68 -11.73
C MET A 132 -35.34 38.98 -12.42
N VAL A 133 -34.56 39.83 -11.77
CA VAL A 133 -34.38 41.22 -12.18
C VAL A 133 -33.98 41.31 -13.64
N ASN A 134 -34.83 41.91 -14.47
CA ASN A 134 -34.37 42.32 -15.78
C ASN A 134 -33.67 43.66 -15.64
N ILE A 135 -32.53 43.77 -16.30
CA ILE A 135 -32.00 45.06 -16.68
C ILE A 135 -31.70 45.01 -18.16
N THR A 136 -32.41 45.82 -18.92
CA THR A 136 -32.05 46.09 -20.31
C THR A 136 -31.05 47.24 -20.28
N TYR A 137 -29.83 46.91 -19.85
CA TYR A 137 -28.87 47.92 -19.43
C TYR A 137 -28.31 48.71 -20.59
N GLY A 138 -28.16 50.02 -20.37
CA GLY A 138 -27.27 50.88 -21.14
C GLY A 138 -27.39 50.72 -22.63
N SER A 139 -26.34 50.17 -23.21
CA SER A 139 -26.38 49.59 -24.54
C SER A 139 -26.30 48.07 -24.52
N VAL A 140 -26.08 47.46 -23.36
CA VAL A 140 -26.13 46.01 -23.24
C VAL A 140 -27.51 45.51 -23.66
N SER A 141 -28.54 46.19 -23.19
CA SER A 141 -29.93 45.99 -23.57
C SER A 141 -30.55 44.73 -23.02
N TRP A 142 -29.82 43.91 -22.25
CA TRP A 142 -30.44 42.71 -21.73
C TRP A 142 -29.66 41.99 -20.63
N ARG A 143 -30.37 41.65 -19.56
CA ARG A 143 -30.04 40.53 -18.69
C ARG A 143 -31.29 40.28 -17.88
N SER A 144 -31.73 39.04 -17.81
CA SER A 144 -32.88 38.66 -16.98
C SER A 144 -32.42 37.56 -16.04
N ALA A 145 -31.95 37.97 -14.87
CA ALA A 145 -31.25 37.10 -13.96
C ALA A 145 -31.98 36.97 -12.64
N ASP A 146 -31.88 35.79 -12.04
CA ASP A 146 -32.43 35.52 -10.73
C ASP A 146 -31.39 35.88 -9.68
N VAL A 147 -31.81 36.63 -8.66
CA VAL A 147 -30.91 37.21 -7.69
C VAL A 147 -31.45 36.94 -6.29
N TYR A 148 -30.75 37.47 -5.32
CA TYR A 148 -31.11 37.44 -3.91
C TYR A 148 -31.27 38.86 -3.40
N VAL A 149 -31.44 38.97 -2.08
CA VAL A 149 -31.64 40.22 -1.38
C VAL A 149 -30.54 40.50 -0.37
N ASN A 150 -29.86 39.47 0.09
CA ASN A 150 -28.88 39.64 1.14
C ASN A 150 -27.71 40.47 0.64
N GLY A 151 -27.38 41.53 1.37
CA GLY A 151 -26.58 42.60 0.81
C GLY A 151 -25.11 42.32 0.68
N GLU A 152 -24.74 41.12 0.26
CA GLU A 152 -23.41 40.88 -0.28
C GLU A 152 -23.42 39.90 -1.44
N THR A 153 -24.59 39.48 -1.92
CA THR A 153 -24.66 38.50 -2.99
C THR A 153 -24.59 39.21 -4.34
N PRO A 154 -23.59 38.93 -5.16
CA PRO A 154 -23.68 39.30 -6.58
C PRO A 154 -24.40 38.24 -7.40
N ALA A 155 -24.68 38.60 -8.64
CA ALA A 155 -25.15 37.62 -9.62
C ALA A 155 -24.62 38.08 -10.99
N LYS A 156 -23.47 37.55 -11.35
CA LYS A 156 -22.82 37.91 -12.62
C LYS A 156 -23.45 37.11 -13.75
N ILE A 157 -24.68 37.50 -14.08
CA ILE A 157 -25.41 36.96 -15.22
C ILE A 157 -25.64 38.12 -16.16
N GLY A 158 -25.12 38.01 -17.37
CA GLY A 158 -25.00 39.14 -18.27
C GLY A 158 -23.55 39.58 -18.28
N ASP A 159 -23.32 40.83 -17.87
CA ASP A 159 -21.97 41.32 -17.62
C ASP A 159 -21.84 42.11 -16.34
N ALA A 160 -22.94 42.55 -15.75
CA ALA A 160 -22.90 43.42 -14.59
C ALA A 160 -22.98 42.61 -13.32
N LYS A 161 -22.30 43.11 -12.29
CA LYS A 161 -22.33 42.53 -10.96
C LYS A 161 -23.17 43.44 -10.08
N LEU A 162 -24.16 42.85 -9.42
CA LEU A 162 -25.20 43.61 -8.75
C LEU A 162 -25.48 43.05 -7.38
N ILE A 163 -25.52 43.93 -6.39
CA ILE A 163 -25.74 43.55 -5.01
C ILE A 163 -27.01 44.25 -4.55
N ILE A 164 -27.87 43.50 -3.89
CA ILE A 164 -29.23 43.89 -3.60
C ILE A 164 -29.43 43.79 -2.12
N GLY A 165 -30.23 44.71 -1.58
CA GLY A 165 -30.72 44.63 -0.23
C GLY A 165 -29.60 44.61 0.79
N PRO A 166 -29.88 44.16 2.01
CA PRO A 166 -31.15 43.64 2.52
C PRO A 166 -32.23 44.69 2.60
N LEU A 167 -33.44 44.30 2.22
CA LEU A 167 -34.56 45.23 2.28
C LEU A 167 -34.87 45.59 3.73
N SER A 168 -35.43 46.78 3.91
CA SER A 168 -35.80 47.25 5.23
C SER A 168 -37.19 46.79 5.65
N SER A 169 -37.99 46.31 4.72
CA SER A 169 -39.41 46.05 4.95
C SER A 169 -39.60 44.57 5.23
N ALA A 170 -39.30 44.18 6.46
CA ALA A 170 -39.22 42.77 6.83
C ALA A 170 -40.58 42.15 7.08
N TRP A 171 -41.67 42.75 6.63
CA TRP A 171 -42.98 42.14 6.82
C TRP A 171 -43.04 40.87 5.99
N SER A 172 -42.85 39.75 6.63
CA SER A 172 -43.20 38.50 6.02
C SER A 172 -44.72 38.38 6.07
N PRO A 173 -45.43 38.42 4.94
CA PRO A 173 -46.89 38.32 5.02
C PRO A 173 -47.35 37.02 5.61
N PHE A 174 -46.57 35.95 5.45
CA PHE A 174 -46.80 34.75 6.23
C PHE A 174 -46.66 35.07 7.72
N ASP A 175 -47.58 34.54 8.50
CA ASP A 175 -47.41 34.55 9.94
C ASP A 175 -46.44 33.47 10.35
N ASN A 176 -46.22 33.32 11.66
CA ASN A 176 -45.37 32.25 12.15
C ASN A 176 -45.94 30.90 11.80
N LYS A 177 -47.21 30.68 12.13
CA LYS A 177 -47.91 29.44 11.87
C LYS A 177 -48.79 29.60 10.64
N VAL A 178 -48.71 28.64 9.74
CA VAL A 178 -49.40 28.70 8.46
C VAL A 178 -49.96 27.33 8.16
N VAL A 179 -51.16 27.31 7.59
CA VAL A 179 -51.71 26.13 6.95
C VAL A 179 -51.75 26.41 5.46
N VAL A 180 -51.61 25.35 4.68
CA VAL A 180 -51.48 25.43 3.24
C VAL A 180 -52.36 24.36 2.63
N TYR A 181 -53.02 24.71 1.53
CA TYR A 181 -53.99 23.81 0.91
C TYR A 181 -53.97 24.03 -0.60
N GLY A 182 -53.21 23.20 -1.30
CA GLY A 182 -53.32 23.13 -2.74
C GLY A 182 -52.74 24.35 -3.42
N HIS A 183 -53.47 25.46 -3.31
CA HIS A 183 -52.92 26.77 -3.61
C HIS A 183 -53.32 27.85 -2.63
N GLU A 184 -54.43 27.67 -1.90
CA GLU A 184 -54.90 28.67 -0.97
C GLU A 184 -54.13 28.51 0.34
N VAL A 185 -53.42 29.55 0.71
CA VAL A 185 -52.53 29.54 1.86
C VAL A 185 -53.18 30.33 2.98
N TYR A 186 -53.21 29.73 4.16
CA TYR A 186 -53.93 30.28 5.30
C TYR A 186 -52.94 30.47 6.44
N ASN A 187 -52.80 31.72 6.88
CA ASN A 187 -51.90 32.06 7.98
C ASN A 187 -52.56 31.74 9.32
N TYR A 188 -52.86 30.46 9.47
CA TYR A 188 -53.71 29.98 10.53
C TYR A 188 -52.90 29.46 11.70
N ASP A 189 -53.35 29.77 12.91
CA ASP A 189 -52.78 29.21 14.12
C ASP A 189 -53.28 27.78 14.24
N PHE A 190 -52.70 26.91 13.43
CA PHE A 190 -53.02 25.50 13.56
C PHE A 190 -52.66 25.04 14.96
N PRO A 191 -53.47 24.17 15.59
CA PRO A 191 -53.22 23.89 17.01
C PRO A 191 -51.84 23.32 17.25
N GLU A 192 -51.57 22.12 16.75
CA GLU A 192 -50.25 21.51 16.69
C GLU A 192 -50.40 20.10 16.16
N TYR A 193 -49.32 19.48 15.74
CA TYR A 193 -49.29 18.02 15.69
C TYR A 193 -49.60 17.46 17.07
N GLY A 194 -50.29 16.34 17.09
CA GLY A 194 -50.43 15.59 18.30
C GLY A 194 -51.53 16.02 19.24
N THR A 195 -52.30 17.08 18.91
CA THR A 195 -53.23 17.68 19.85
C THR A 195 -54.62 17.94 19.31
N GLY A 196 -54.80 18.09 18.01
CA GLY A 196 -55.97 18.74 17.46
C GLY A 196 -57.29 18.16 17.87
N LYS A 197 -58.15 19.00 18.46
CA LYS A 197 -59.43 18.53 18.97
C LYS A 197 -60.28 17.99 17.84
N ALA A 198 -61.01 16.92 18.13
CA ALA A 198 -61.81 16.27 17.11
C ALA A 198 -62.88 17.21 16.60
N GLY A 199 -63.09 17.18 15.30
CA GLY A 199 -63.95 18.12 14.62
C GLY A 199 -63.20 19.37 14.24
N SER A 200 -62.41 19.90 15.17
CA SER A 200 -61.59 21.04 14.85
C SER A 200 -60.53 20.65 13.83
N PHE A 201 -59.90 21.67 13.27
CA PHE A 201 -58.86 21.46 12.29
C PHE A 201 -57.76 20.60 12.87
N GLY A 202 -57.25 19.69 12.05
CA GLY A 202 -56.23 18.78 12.51
C GLY A 202 -56.75 17.72 13.45
N ASP A 203 -57.92 17.17 13.17
CA ASP A 203 -58.34 15.99 13.90
C ASP A 203 -57.42 14.82 13.55
N LEU A 204 -57.11 14.68 12.26
CA LEU A 204 -56.05 13.81 11.80
C LEU A 204 -54.81 14.67 11.67
N GLN A 205 -53.69 14.15 12.15
CA GLN A 205 -52.43 14.88 12.10
C GLN A 205 -51.34 13.86 11.84
N SER A 206 -50.96 13.75 10.56
CA SER A 206 -49.86 12.91 10.14
C SER A 206 -48.68 13.80 9.80
N ARG A 207 -47.50 13.37 10.22
CA ARG A 207 -46.28 14.11 9.95
C ARG A 207 -46.13 14.37 8.46
N THR A 208 -46.21 13.31 7.67
CA THR A 208 -46.25 13.42 6.22
C THR A 208 -47.24 12.40 5.72
N SER A 209 -47.24 12.22 4.40
CA SER A 209 -48.16 11.27 3.80
C SER A 209 -47.72 9.84 4.03
N THR A 210 -46.42 9.60 3.95
CA THR A 210 -45.86 8.28 4.18
C THR A 210 -46.01 7.86 5.64
N SER A 211 -46.02 8.81 6.56
CA SER A 211 -45.93 8.50 7.98
C SER A 211 -47.10 7.65 8.44
N ASN A 212 -46.83 6.39 8.75
CA ASN A 212 -47.88 5.49 9.21
C ASN A 212 -48.43 5.93 10.56
N ASP A 213 -47.57 6.49 11.41
CA ASP A 213 -48.03 7.03 12.68
C ASP A 213 -48.68 8.38 12.46
N LEU A 214 -49.58 8.73 13.37
CA LEU A 214 -50.27 10.02 13.29
C LEU A 214 -50.90 10.30 14.64
N TYR A 215 -51.72 11.35 14.69
CA TYR A 215 -52.55 11.66 15.83
C TYR A 215 -53.97 11.85 15.32
N ALA A 216 -54.87 11.00 15.79
CA ALA A 216 -56.26 11.00 15.35
C ALA A 216 -57.15 11.16 16.58
N ASN A 217 -57.32 12.40 17.01
CA ASN A 217 -58.41 12.73 17.93
C ASN A 217 -59.60 13.02 17.03
N THR A 218 -60.40 11.99 16.81
CA THR A 218 -61.66 12.11 16.11
C THR A 218 -62.86 11.86 17.00
N ASN A 219 -62.65 11.53 18.26
CA ASN A 219 -63.73 11.17 19.17
C ASN A 219 -64.51 10.00 18.61
N LEU A 220 -63.79 9.08 17.97
CA LEU A 220 -64.40 7.89 17.42
C LEU A 220 -64.92 7.02 18.54
N LYS A 221 -66.23 6.84 18.59
CA LYS A 221 -66.89 6.07 19.64
C LYS A 221 -67.79 5.04 18.97
N LEU A 222 -67.42 3.78 19.09
CA LEU A 222 -68.26 2.72 18.56
C LEU A 222 -69.46 2.52 19.46
N GLN A 223 -70.59 2.19 18.82
CA GLN A 223 -71.80 1.82 19.52
C GLN A 223 -72.22 0.43 19.10
N ARG A 224 -73.06 -0.20 19.90
CA ARG A 224 -73.40 -1.57 19.64
C ARG A 224 -74.32 -1.63 18.42
N PRO A 225 -74.18 -2.64 17.56
CA PRO A 225 -75.11 -2.77 16.45
C PRO A 225 -76.48 -3.15 16.96
N GLN A 226 -77.48 -2.79 16.16
CA GLN A 226 -78.86 -2.85 16.58
C GLN A 226 -79.50 -4.20 16.28
N ALA A 227 -80.35 -4.64 17.20
CA ALA A 227 -81.37 -5.68 16.99
C ALA A 227 -80.81 -6.92 16.31
N GLY A 228 -79.64 -7.36 16.75
CA GLY A 228 -79.07 -8.60 16.26
C GLY A 228 -78.81 -8.57 14.77
N ILE A 229 -78.05 -7.58 14.31
CA ILE A 229 -77.61 -7.51 12.92
C ILE A 229 -76.15 -7.13 12.88
N VAL A 230 -75.44 -7.68 11.91
CA VAL A 230 -74.03 -7.39 11.70
C VAL A 230 -73.88 -6.01 11.10
N HIS A 231 -73.27 -5.10 11.84
CA HIS A 231 -72.72 -3.86 11.31
C HIS A 231 -71.92 -3.22 12.43
N THR A 232 -71.39 -2.04 12.14
CA THR A 232 -70.45 -1.37 13.04
C THR A 232 -70.86 0.08 13.16
N PRO A 233 -71.64 0.42 14.16
CA PRO A 233 -71.84 1.83 14.45
C PRO A 233 -70.53 2.48 14.81
N PHE A 234 -70.05 3.35 13.95
CA PHE A 234 -68.94 4.23 14.28
C PHE A 234 -69.51 5.64 14.35
N THR A 235 -69.49 6.21 15.54
CA THR A 235 -69.98 7.55 15.78
C THR A 235 -68.78 8.45 15.90
N GLN A 236 -68.72 9.44 15.02
CA GLN A 236 -67.49 10.16 14.79
C GLN A 236 -67.79 11.53 14.26
N ALA A 237 -66.93 12.46 14.60
CA ALA A 237 -66.97 13.78 14.02
C ALA A 237 -66.48 13.70 12.59
N PRO A 238 -67.26 14.15 11.59
CA PRO A 238 -66.65 14.39 10.29
C PRO A 238 -65.51 15.40 10.43
N SER A 239 -64.57 15.33 9.52
CA SER A 239 -63.25 15.85 9.85
C SER A 239 -63.24 17.36 9.94
N GLY A 240 -62.29 17.86 10.72
CA GLY A 240 -61.84 19.22 10.64
C GLY A 240 -61.08 19.55 9.39
N PHE A 241 -60.92 18.58 8.49
CA PHE A 241 -60.55 18.84 7.11
C PHE A 241 -61.78 18.93 6.21
N GLU A 242 -62.92 18.38 6.65
CA GLU A 242 -64.15 18.57 5.90
C GLU A 242 -64.65 19.99 6.06
N ARG A 243 -64.98 20.38 7.29
CA ARG A 243 -64.89 21.79 7.60
C ARG A 243 -63.43 22.17 7.54
N TRP A 244 -63.17 23.46 7.39
CA TRP A 244 -61.92 24.05 6.90
C TRP A 244 -61.90 24.03 5.38
N LYS A 245 -62.90 23.44 4.73
CA LYS A 245 -63.13 23.60 3.31
C LYS A 245 -64.43 24.31 2.99
N ARG A 246 -65.34 24.45 3.96
CA ARG A 246 -66.56 25.22 3.74
C ARG A 246 -67.01 26.05 4.94
N ASP A 247 -66.24 26.06 6.04
CA ASP A 247 -66.42 27.05 7.10
C ASP A 247 -65.07 27.65 7.47
N LYS A 248 -64.21 27.77 6.49
CA LYS A 248 -62.82 28.16 6.65
C LYS A 248 -62.69 29.67 6.80
N GLY A 249 -61.45 30.14 6.69
CA GLY A 249 -61.13 31.53 6.48
C GLY A 249 -60.59 31.75 5.07
N ALA A 250 -60.41 33.00 4.75
CA ALA A 250 -60.05 33.38 3.40
C ALA A 250 -58.54 33.29 3.18
N PRO A 251 -58.09 33.21 1.93
CA PRO A 251 -56.66 33.00 1.70
C PRO A 251 -55.82 34.24 1.68
N LEU A 252 -54.57 34.02 2.07
CA LEU A 252 -53.61 35.08 2.22
C LEU A 252 -53.32 35.77 0.90
N ASN A 253 -53.51 35.06 -0.22
CA ASN A 253 -53.52 35.73 -1.51
C ASN A 253 -54.82 36.47 -1.78
N ASP A 254 -55.72 36.52 -0.80
CA ASP A 254 -56.90 37.34 -0.83
C ASP A 254 -57.09 38.18 0.43
N VAL A 255 -56.22 38.06 1.44
CA VAL A 255 -56.32 38.89 2.64
C VAL A 255 -55.00 39.47 3.12
N ALA A 256 -53.90 39.17 2.44
CA ALA A 256 -52.62 39.67 2.90
C ALA A 256 -52.58 41.20 2.86
N PRO A 257 -51.65 41.80 3.60
CA PRO A 257 -51.30 43.20 3.32
C PRO A 257 -50.15 43.38 2.35
N PHE A 258 -49.87 44.65 2.06
CA PHE A 258 -48.75 45.17 1.28
C PHE A 258 -48.42 44.38 0.02
N GLY A 259 -49.45 43.83 -0.60
CA GLY A 259 -49.43 43.45 -2.00
C GLY A 259 -48.65 42.25 -2.48
N CYS A 260 -49.13 41.06 -2.14
CA CYS A 260 -48.42 39.81 -2.36
C CYS A 260 -49.32 38.84 -3.10
N SER A 261 -48.68 37.90 -3.77
CA SER A 261 -49.34 36.76 -4.38
C SER A 261 -48.59 35.52 -3.92
N ILE A 262 -49.21 34.36 -4.10
CA ILE A 262 -48.83 33.14 -3.40
C ILE A 262 -48.79 31.97 -4.36
N ALA A 263 -48.03 30.93 -3.98
CA ALA A 263 -48.02 29.68 -4.74
C ALA A 263 -47.70 28.50 -3.84
N LEU A 264 -48.30 27.34 -4.15
CA LEU A 264 -47.86 26.05 -3.61
C LEU A 264 -46.84 25.50 -4.60
N GLU A 265 -45.63 25.88 -4.36
CA GLU A 265 -44.46 25.91 -5.22
C GLU A 265 -43.47 26.17 -4.09
N PRO A 266 -42.26 26.67 -4.27
CA PRO A 266 -41.38 26.85 -3.09
C PRO A 266 -41.90 27.66 -1.90
N LEU A 267 -43.19 28.03 -1.85
CA LEU A 267 -43.85 28.71 -0.74
C LEU A 267 -43.44 30.16 -0.73
N ARG A 268 -43.29 30.68 -1.93
CA ARG A 268 -42.98 32.07 -2.09
C ARG A 268 -44.23 32.91 -1.87
N ALA A 269 -43.99 34.20 -1.69
CA ALA A 269 -45.06 35.19 -1.65
C ALA A 269 -44.63 36.28 -2.62
N GLU A 270 -45.05 36.15 -3.88
CA GLU A 270 -44.52 36.97 -4.95
C GLU A 270 -44.87 38.44 -4.76
N ASN A 271 -43.98 39.28 -5.28
CA ASN A 271 -44.33 40.63 -5.73
C ASN A 271 -44.80 41.51 -4.59
N CYS A 272 -44.29 41.27 -3.39
CA CYS A 272 -44.66 42.04 -2.21
C CYS A 272 -44.06 43.42 -2.29
N ALA A 273 -44.85 44.37 -2.76
CA ALA A 273 -44.42 45.75 -2.93
C ALA A 273 -44.47 46.45 -1.58
N VAL A 274 -43.33 46.58 -0.93
CA VAL A 274 -43.27 47.36 0.30
C VAL A 274 -41.84 47.78 0.61
N GLY A 275 -41.67 49.04 0.95
CA GLY A 275 -40.40 49.56 1.36
C GLY A 275 -39.42 49.69 0.21
N SER A 276 -38.16 49.82 0.59
CA SER A 276 -37.06 50.10 -0.32
C SER A 276 -36.00 49.02 -0.20
N ILE A 277 -35.11 49.00 -1.20
CA ILE A 277 -34.03 48.04 -1.27
C ILE A 277 -32.75 48.79 -1.61
N PRO A 278 -31.71 48.76 -0.75
CA PRO A 278 -30.45 49.44 -1.07
C PRO A 278 -29.59 48.70 -2.08
N ILE A 279 -29.76 49.00 -3.35
CA ILE A 279 -29.17 48.20 -4.43
C ILE A 279 -27.95 48.93 -4.97
N SER A 280 -26.94 48.15 -5.31
CA SER A 280 -25.64 48.65 -5.73
C SER A 280 -25.09 47.73 -6.79
N ILE A 281 -24.57 48.31 -7.86
CA ILE A 281 -24.11 47.56 -9.03
C ILE A 281 -22.69 47.97 -9.34
N ASP A 282 -21.91 46.99 -9.83
CA ASP A 282 -20.60 47.22 -10.43
C ASP A 282 -20.76 46.92 -11.92
N ILE A 283 -20.85 47.98 -12.71
CA ILE A 283 -21.02 47.92 -14.16
C ILE A 283 -19.72 47.42 -14.77
N PRO A 284 -19.74 46.78 -15.94
CA PRO A 284 -18.49 46.58 -16.67
C PRO A 284 -18.02 47.90 -17.27
N ASP A 285 -16.79 48.29 -16.94
CA ASP A 285 -16.24 49.54 -17.44
C ASP A 285 -16.17 49.55 -18.96
N ALA A 286 -16.08 48.39 -19.59
CA ALA A 286 -16.11 48.33 -21.05
C ALA A 286 -17.43 48.88 -21.58
N ALA A 287 -18.52 48.66 -20.86
CA ALA A 287 -19.81 49.16 -21.32
C ALA A 287 -19.89 50.67 -21.28
N PHE A 288 -19.05 51.32 -20.48
CA PHE A 288 -19.03 52.77 -20.48
C PHE A 288 -18.56 53.30 -21.82
N THR A 289 -19.09 54.46 -22.18
CA THR A 289 -18.56 55.28 -23.25
C THR A 289 -17.79 56.42 -22.61
N ARG A 290 -16.61 56.70 -23.14
CA ARG A 290 -15.84 57.80 -22.61
C ARG A 290 -16.55 59.12 -22.91
N ILE A 291 -16.25 60.11 -22.08
CA ILE A 291 -17.05 61.33 -22.08
C ILE A 291 -16.85 62.12 -23.36
N SER A 292 -15.70 61.99 -24.01
CA SER A 292 -15.35 62.82 -25.15
C SER A 292 -15.97 62.33 -26.46
N GLU A 293 -16.94 61.41 -26.39
CA GLU A 293 -17.54 60.81 -27.57
C GLU A 293 -19.04 61.02 -27.64
N THR A 294 -19.69 61.26 -26.52
CA THR A 294 -21.09 61.63 -26.53
C THR A 294 -21.22 63.13 -26.78
N PRO A 295 -22.25 63.57 -27.49
CA PRO A 295 -22.40 65.02 -27.69
C PRO A 295 -22.67 65.74 -26.38
N THR A 296 -22.01 66.90 -26.22
CA THR A 296 -22.36 67.82 -25.15
C THR A 296 -23.56 68.63 -25.58
N VAL A 297 -24.56 68.70 -24.71
CA VAL A 297 -25.92 69.09 -25.07
C VAL A 297 -26.29 70.45 -24.51
N SER A 298 -25.42 71.08 -23.73
CA SER A 298 -25.75 72.31 -23.01
C SER A 298 -26.11 73.45 -23.95
N ASP A 299 -26.51 74.58 -23.37
CA ASP A 299 -27.12 75.69 -24.10
C ASP A 299 -28.41 75.23 -24.77
N LEU A 300 -29.18 74.44 -24.04
CA LEU A 300 -30.43 73.84 -24.49
C LEU A 300 -31.60 74.62 -23.90
N GLU A 301 -32.80 74.06 -24.07
CA GLU A 301 -33.97 74.53 -23.35
C GLU A 301 -34.97 73.38 -23.26
N CYS A 302 -35.67 73.31 -22.14
CA CYS A 302 -36.71 72.31 -21.90
C CYS A 302 -38.01 72.98 -21.51
N LYS A 303 -39.11 72.39 -21.97
CA LYS A 303 -40.42 72.84 -21.53
C LYS A 303 -41.44 71.73 -21.76
N ILE A 304 -42.35 71.59 -20.80
CA ILE A 304 -43.52 70.76 -21.05
C ILE A 304 -44.31 71.36 -22.20
N THR A 305 -45.15 70.54 -22.78
CA THR A 305 -46.11 70.96 -23.78
C THR A 305 -47.51 70.49 -23.46
N GLU A 306 -47.65 69.28 -22.92
CA GLU A 306 -48.93 68.80 -22.41
C GLU A 306 -48.59 67.86 -21.26
N CYS A 307 -48.48 68.42 -20.05
CA CYS A 307 -48.18 67.61 -18.89
C CYS A 307 -49.46 67.03 -18.33
N THR A 308 -49.46 65.74 -18.14
CA THR A 308 -50.60 65.00 -17.61
C THR A 308 -50.27 64.60 -16.18
N TYR A 309 -51.09 65.09 -15.25
CA TYR A 309 -50.82 65.00 -13.81
C TYR A 309 -51.23 63.61 -13.31
N ALA A 310 -50.47 62.61 -13.73
CA ALA A 310 -51.02 61.26 -13.79
C ALA A 310 -49.95 60.18 -13.62
N SER A 311 -50.37 58.94 -13.87
CA SER A 311 -49.61 57.72 -13.63
C SER A 311 -48.99 57.19 -14.92
N ASP A 312 -49.82 56.91 -15.91
CA ASP A 312 -49.32 56.58 -17.22
C ASP A 312 -48.46 57.73 -17.72
N PHE A 313 -47.53 57.41 -18.60
CA PHE A 313 -46.57 58.41 -19.03
C PHE A 313 -47.25 59.41 -19.93
N GLY A 314 -48.08 60.27 -19.34
CA GLY A 314 -48.81 61.25 -20.09
C GLY A 314 -48.07 62.57 -20.18
N GLY A 315 -47.15 62.80 -19.23
CA GLY A 315 -46.38 64.02 -19.27
C GLY A 315 -45.40 64.01 -20.41
N ILE A 316 -45.35 65.11 -21.16
CA ILE A 316 -44.43 65.26 -22.28
C ILE A 316 -43.73 66.60 -22.17
N ALA A 317 -42.59 66.70 -22.86
CA ALA A 317 -41.85 67.93 -22.86
C ALA A 317 -40.87 67.92 -24.02
N THR A 318 -41.00 68.89 -24.91
CA THR A 318 -39.97 69.12 -25.88
C THR A 318 -38.72 69.63 -25.19
N VAL A 319 -37.58 69.42 -25.83
CA VAL A 319 -36.30 69.89 -25.33
C VAL A 319 -35.54 70.44 -26.51
N ALA A 320 -35.19 71.73 -26.45
CA ALA A 320 -34.41 72.36 -27.50
C ALA A 320 -32.97 71.89 -27.34
N TYR A 321 -32.70 70.70 -27.87
CA TYR A 321 -31.36 70.13 -27.74
C TYR A 321 -30.36 70.97 -28.50
N LYS A 322 -29.23 71.24 -27.85
CA LYS A 322 -28.15 72.05 -28.40
C LYS A 322 -26.89 71.22 -28.27
N SER A 323 -26.65 70.35 -29.25
CA SER A 323 -25.60 69.37 -29.17
C SER A 323 -24.31 69.91 -29.78
N SER A 324 -23.24 69.13 -29.59
CA SER A 324 -21.96 69.39 -30.21
C SER A 324 -21.67 68.37 -31.29
N LYS A 325 -21.67 67.09 -30.94
CA LYS A 325 -21.69 66.00 -31.89
C LYS A 325 -23.15 65.62 -32.14
N ALA A 326 -23.37 64.48 -32.77
CA ALA A 326 -24.71 63.94 -32.98
C ALA A 326 -24.68 62.47 -32.60
N GLY A 327 -25.69 62.04 -31.84
CA GLY A 327 -25.76 60.66 -31.41
C GLY A 327 -26.75 60.48 -30.30
N ASN A 328 -26.50 59.47 -29.47
CA ASN A 328 -27.37 59.16 -28.36
C ASN A 328 -26.98 59.97 -27.13
N CYS A 329 -27.91 60.05 -26.21
CA CYS A 329 -27.76 60.85 -25.00
C CYS A 329 -28.67 60.24 -23.93
N PRO A 330 -28.14 59.48 -22.98
CA PRO A 330 -29.01 58.95 -21.93
C PRO A 330 -29.57 60.06 -21.06
N ILE A 331 -30.76 59.83 -20.56
CA ILE A 331 -31.52 60.84 -19.84
C ILE A 331 -32.08 60.26 -18.56
N HIS A 332 -32.30 61.13 -17.59
CA HIS A 332 -32.90 60.76 -16.33
C HIS A 332 -33.18 62.04 -15.55
N SER A 333 -34.21 61.98 -14.71
CA SER A 333 -34.50 63.02 -13.75
C SER A 333 -33.95 62.57 -12.42
N PRO A 334 -32.81 63.09 -11.95
CA PRO A 334 -32.31 62.66 -10.64
C PRO A 334 -33.30 62.90 -9.52
N SER A 335 -34.14 63.91 -9.66
CA SER A 335 -35.26 64.05 -8.75
C SER A 335 -36.29 62.97 -9.06
N GLY A 336 -36.83 62.39 -8.00
CA GLY A 336 -37.85 61.36 -8.17
C GLY A 336 -39.21 61.87 -8.52
N VAL A 337 -39.36 63.18 -8.72
CA VAL A 337 -40.66 63.76 -9.06
C VAL A 337 -41.14 63.19 -10.38
N ALA A 338 -40.26 63.12 -11.36
CA ALA A 338 -40.60 62.75 -12.72
C ALA A 338 -40.01 61.40 -13.05
N VAL A 339 -40.83 60.53 -13.60
CA VAL A 339 -40.40 59.21 -14.08
C VAL A 339 -40.59 59.22 -15.58
N ILE A 340 -39.55 58.80 -16.29
CA ILE A 340 -39.45 59.00 -17.72
C ILE A 340 -39.49 57.65 -18.41
N LYS A 341 -40.20 57.60 -19.54
CA LYS A 341 -40.31 56.37 -20.31
C LYS A 341 -39.05 56.12 -21.12
N GLU A 342 -38.45 57.18 -21.65
CA GLU A 342 -37.26 57.08 -22.47
C GLU A 342 -36.03 57.09 -21.58
N ASN A 343 -35.20 56.07 -21.72
CA ASN A 343 -33.87 56.08 -21.11
C ASN A 343 -32.90 56.91 -21.93
N ASP A 344 -33.04 56.85 -23.24
CA ASP A 344 -32.06 57.38 -24.18
C ASP A 344 -32.80 58.13 -25.27
N VAL A 345 -32.19 59.21 -25.74
CA VAL A 345 -32.73 59.99 -26.83
C VAL A 345 -31.64 60.15 -27.88
N THR A 346 -32.01 59.95 -29.14
CA THR A 346 -31.11 60.19 -30.24
C THR A 346 -31.07 61.67 -30.56
N LEU A 347 -29.91 62.13 -31.02
CA LEU A 347 -29.71 63.54 -31.30
C LEU A 347 -28.97 63.74 -32.60
N ALA A 348 -29.55 64.58 -33.45
CA ALA A 348 -28.81 65.18 -34.56
C ALA A 348 -28.06 66.39 -34.01
N GLU A 349 -27.52 67.21 -34.90
CA GLU A 349 -26.79 68.38 -34.47
C GLU A 349 -27.77 69.44 -33.97
N SER A 350 -28.05 69.39 -32.67
CA SER A 350 -28.83 70.42 -31.98
C SER A 350 -30.23 70.54 -32.57
N GLY A 351 -30.98 69.45 -32.45
CA GLY A 351 -32.37 69.40 -32.82
C GLY A 351 -33.28 69.53 -31.62
N SER A 352 -34.40 68.83 -31.67
CA SER A 352 -35.36 68.83 -30.58
C SER A 352 -36.11 67.50 -30.60
N PHE A 353 -36.30 66.92 -29.42
CA PHE A 353 -36.97 65.64 -29.31
C PHE A 353 -37.75 65.59 -28.00
N THR A 354 -39.05 65.37 -28.11
CA THR A 354 -39.91 65.23 -26.96
C THR A 354 -39.71 63.85 -26.35
N PHE A 355 -39.88 63.77 -25.04
CA PHE A 355 -39.96 62.52 -24.33
C PHE A 355 -41.27 62.46 -23.57
N HIS A 356 -41.52 61.31 -22.96
CA HIS A 356 -42.71 61.06 -22.16
C HIS A 356 -42.33 60.91 -20.71
N PHE A 357 -43.25 61.25 -19.81
CA PHE A 357 -42.99 61.07 -18.39
C PHE A 357 -44.30 61.10 -17.62
N SER A 358 -44.17 61.07 -16.30
CA SER A 358 -45.29 61.12 -15.38
C SER A 358 -44.81 61.73 -14.07
N THR A 359 -45.69 62.50 -13.43
CA THR A 359 -45.36 63.24 -12.22
C THR A 359 -46.52 63.16 -11.25
N ALA A 360 -46.34 63.83 -10.12
CA ALA A 360 -47.35 63.88 -9.07
C ALA A 360 -47.56 65.26 -8.49
N ASN A 361 -46.75 66.25 -8.85
CA ASN A 361 -46.89 67.60 -8.35
C ASN A 361 -47.35 68.52 -9.47
N ILE A 362 -48.31 69.37 -9.13
CA ILE A 362 -48.99 70.21 -10.12
C ILE A 362 -47.98 71.02 -10.89
N HIS A 363 -46.94 71.49 -10.22
CA HIS A 363 -45.89 72.29 -10.80
C HIS A 363 -44.62 71.44 -10.83
N PRO A 364 -44.44 70.59 -11.82
CA PRO A 364 -43.26 69.73 -11.81
C PRO A 364 -42.00 70.50 -12.09
N ALA A 365 -41.27 70.78 -11.02
CA ALA A 365 -39.95 71.40 -11.11
C ALA A 365 -38.88 70.33 -10.90
N PHE A 366 -38.71 69.50 -11.91
CA PHE A 366 -37.76 68.41 -11.87
C PHE A 366 -36.59 68.69 -12.79
N LYS A 367 -35.39 68.42 -12.30
CA LYS A 367 -34.22 68.49 -13.14
C LYS A 367 -34.24 67.35 -14.15
N LEU A 368 -33.62 67.59 -15.29
CA LEU A 368 -33.42 66.56 -16.30
C LEU A 368 -31.97 66.58 -16.72
N GLN A 369 -31.32 65.44 -16.60
CA GLN A 369 -29.88 65.31 -16.82
C GLN A 369 -29.71 64.63 -18.17
N VAL A 370 -29.55 65.44 -19.21
CA VAL A 370 -29.40 64.92 -20.57
C VAL A 370 -27.91 64.74 -20.80
N CYS A 371 -27.41 63.58 -20.37
CA CYS A 371 -26.03 63.15 -20.55
C CYS A 371 -25.04 64.26 -20.20
N THR A 372 -25.05 64.57 -18.91
CA THR A 372 -24.26 65.65 -18.30
C THR A 372 -24.69 67.00 -18.82
N SER A 373 -25.97 67.30 -18.65
CA SER A 373 -26.45 68.67 -18.80
C SER A 373 -27.79 68.75 -18.08
N ALA A 374 -27.82 69.48 -16.99
CA ALA A 374 -29.03 69.57 -16.19
C ALA A 374 -29.96 70.64 -16.76
N VAL A 375 -31.24 70.49 -16.47
CA VAL A 375 -32.22 71.48 -16.87
C VAL A 375 -33.50 71.28 -16.08
N THR A 376 -34.10 72.39 -15.68
CA THR A 376 -35.41 72.39 -15.04
C THR A 376 -36.47 72.39 -16.14
N CYS A 377 -37.32 71.36 -16.14
CA CYS A 377 -38.47 71.30 -17.02
C CYS A 377 -39.72 71.74 -16.27
N LYS A 378 -39.66 72.96 -15.77
CA LYS A 378 -40.77 73.54 -15.01
C LYS A 378 -42.03 73.62 -15.86
N GLY A 379 -43.18 73.54 -15.21
CA GLY A 379 -44.43 73.76 -15.91
C GLY A 379 -45.65 73.47 -15.06
N ASP A 380 -46.71 73.00 -15.71
CA ASP A 380 -47.98 72.74 -15.04
C ASP A 380 -48.70 71.63 -15.77
N CYS A 381 -49.50 70.87 -15.03
CA CYS A 381 -50.04 69.60 -15.49
C CYS A 381 -51.55 69.57 -15.34
N LYS A 382 -52.15 68.58 -16.00
CA LYS A 382 -53.59 68.45 -16.12
C LYS A 382 -54.05 67.10 -15.56
N PRO A 383 -55.14 67.06 -14.79
CA PRO A 383 -55.65 65.76 -14.29
C PRO A 383 -56.35 64.97 -15.39
N PRO A 384 -56.23 63.63 -15.38
CA PRO A 384 -57.01 62.79 -16.31
C PRO A 384 -58.42 62.43 -15.86
N LYS A 385 -59.00 61.48 -16.59
CA LYS A 385 -60.42 61.17 -16.51
C LYS A 385 -60.77 59.69 -16.34
N ASP A 386 -59.81 58.75 -16.51
CA ASP A 386 -60.11 57.40 -17.00
C ASP A 386 -59.41 56.29 -16.18
N HIS A 387 -59.62 56.30 -14.86
CA HIS A 387 -58.77 55.59 -13.90
C HIS A 387 -59.31 54.22 -13.43
N ILE A 388 -59.38 53.24 -14.33
CA ILE A 388 -59.61 51.85 -13.87
C ILE A 388 -58.80 50.79 -14.63
N VAL A 389 -57.49 50.69 -14.43
CA VAL A 389 -56.66 49.70 -15.13
C VAL A 389 -55.50 49.52 -14.14
N ASP A 390 -54.51 48.64 -14.39
CA ASP A 390 -53.56 48.07 -13.42
C ASP A 390 -52.66 49.14 -12.78
N TYR A 391 -51.39 48.92 -12.46
CA TYR A 391 -50.70 49.81 -11.52
C TYR A 391 -49.73 50.79 -12.17
N PRO A 392 -49.37 51.87 -11.46
CA PRO A 392 -48.80 53.04 -12.12
C PRO A 392 -47.29 52.93 -12.38
N ALA A 393 -46.79 53.93 -13.09
CA ALA A 393 -45.38 54.18 -13.31
C ALA A 393 -44.87 55.38 -12.54
N GLN A 394 -45.73 56.06 -11.79
CA GLN A 394 -45.46 57.34 -11.16
C GLN A 394 -44.80 57.15 -9.81
N HIS A 395 -45.51 56.45 -8.92
CA HIS A 395 -45.04 55.96 -7.63
C HIS A 395 -44.14 56.93 -6.89
N THR A 396 -44.49 58.21 -6.93
CA THR A 396 -43.65 59.28 -6.42
C THR A 396 -44.45 60.30 -5.64
N GLU A 397 -45.57 59.90 -5.08
CA GLU A 397 -46.44 60.85 -4.40
C GLU A 397 -45.76 61.41 -3.17
N SER A 398 -45.84 62.72 -3.03
CA SER A 398 -45.27 63.42 -1.89
C SER A 398 -46.10 64.67 -1.64
N PHE A 399 -45.55 65.60 -0.88
CA PHE A 399 -46.24 66.84 -0.60
C PHE A 399 -46.26 67.71 -1.86
N THR A 400 -47.47 68.14 -2.25
CA THR A 400 -47.67 68.90 -3.49
C THR A 400 -48.66 70.03 -3.28
N TYR B 1 -53.05 13.15 39.18
CA TYR B 1 -51.66 12.78 39.57
C TYR B 1 -50.65 13.06 38.47
N GLU B 2 -51.04 13.86 37.48
CA GLU B 2 -50.15 14.10 36.35
C GLU B 2 -48.98 14.95 36.85
N HIS B 3 -47.89 14.30 37.20
CA HIS B 3 -46.86 14.90 38.04
C HIS B 3 -46.01 15.87 37.25
N THR B 4 -46.48 17.10 37.16
CA THR B 4 -45.66 18.19 36.68
C THR B 4 -44.41 18.31 37.52
N ALA B 5 -43.30 18.69 36.88
CA ALA B 5 -42.06 18.89 37.61
C ALA B 5 -41.11 19.72 36.77
N VAL B 6 -40.74 20.90 37.25
CA VAL B 6 -39.57 21.57 36.71
C VAL B 6 -38.37 20.69 37.02
N MET B 7 -37.40 20.72 36.12
CA MET B 7 -36.36 19.70 36.13
C MET B 7 -35.08 20.21 35.49
N PRO B 8 -33.94 20.17 36.17
CA PRO B 8 -32.72 20.73 35.57
C PRO B 8 -32.25 19.92 34.39
N ASN B 9 -31.85 20.63 33.33
CA ASN B 9 -31.26 19.99 32.17
C ASN B 9 -29.82 19.63 32.51
N LYS B 10 -29.60 18.34 32.75
CA LYS B 10 -28.28 17.82 33.02
C LYS B 10 -28.35 16.32 32.82
N VAL B 11 -27.33 15.78 32.17
CA VAL B 11 -27.54 14.55 31.42
C VAL B 11 -27.48 13.32 32.32
N GLY B 12 -26.40 13.16 33.06
CA GLY B 12 -25.99 11.83 33.47
C GLY B 12 -26.32 11.51 34.91
N ILE B 13 -27.53 11.86 35.34
CA ILE B 13 -27.86 11.74 36.75
C ILE B 13 -29.37 11.69 36.92
N PRO B 14 -29.93 10.75 37.70
CA PRO B 14 -31.38 10.70 37.85
C PRO B 14 -31.88 11.81 38.75
N TYR B 15 -33.21 11.95 38.74
CA TYR B 15 -33.92 13.09 39.29
C TYR B 15 -35.11 12.61 40.12
N LYS B 16 -34.83 11.77 41.12
CA LYS B 16 -35.83 10.88 41.66
C LYS B 16 -36.95 11.60 42.38
N ALA B 17 -37.81 12.27 41.62
CA ALA B 17 -38.98 12.93 42.19
C ALA B 17 -39.94 11.92 42.81
N LEU B 18 -41.01 12.42 43.42
CA LEU B 18 -41.95 11.59 44.18
C LEU B 18 -43.37 11.96 43.80
N VAL B 19 -44.17 10.95 43.47
CA VAL B 19 -45.57 11.16 43.11
C VAL B 19 -46.39 11.23 44.38
N GLU B 20 -46.90 12.42 44.69
CA GLU B 20 -47.78 12.62 45.84
C GLU B 20 -49.24 12.65 45.38
N ARG B 21 -49.70 11.52 44.90
CA ARG B 21 -51.12 11.37 44.57
C ARG B 21 -51.93 11.30 45.86
N PRO B 22 -52.88 12.21 46.10
CA PRO B 22 -53.73 12.03 47.29
C PRO B 22 -54.64 10.82 47.13
N GLY B 23 -54.43 9.83 48.00
CA GLY B 23 -55.35 8.71 48.12
C GLY B 23 -54.68 7.35 48.11
N TYR B 24 -53.66 7.18 47.28
CA TYR B 24 -52.94 5.92 47.19
C TYR B 24 -51.49 6.16 47.56
N ALA B 25 -50.73 5.07 47.61
CA ALA B 25 -49.36 5.17 48.06
C ALA B 25 -48.53 5.97 47.07
N PRO B 26 -47.63 6.83 47.52
CA PRO B 26 -46.78 7.56 46.58
C PRO B 26 -45.82 6.62 45.88
N VAL B 27 -45.27 7.10 44.78
CA VAL B 27 -44.29 6.36 44.00
C VAL B 27 -43.18 7.31 43.62
N HIS B 28 -41.95 6.81 43.71
CA HIS B 28 -40.78 7.56 43.33
C HIS B 28 -40.64 7.62 41.82
N LEU B 29 -39.94 8.63 41.36
CA LEU B 29 -39.44 8.67 40.01
C LEU B 29 -37.97 8.28 39.99
N GLN B 30 -37.47 8.03 38.80
CA GLN B 30 -36.04 8.06 38.56
C GLN B 30 -35.87 8.52 37.12
N ILE B 31 -35.74 9.83 36.94
CA ILE B 31 -35.72 10.42 35.60
C ILE B 31 -34.28 10.83 35.33
N GLN B 32 -33.63 10.07 34.46
CA GLN B 32 -32.26 10.31 34.05
C GLN B 32 -32.28 10.70 32.58
N LEU B 33 -32.04 11.98 32.32
CA LEU B 33 -31.96 12.50 30.95
C LEU B 33 -30.65 12.05 30.31
N VAL B 34 -30.60 10.78 29.92
CA VAL B 34 -29.37 10.15 29.43
C VAL B 34 -28.76 10.91 28.26
N ASN B 35 -29.57 11.66 27.52
CA ASN B 35 -29.05 12.42 26.40
C ASN B 35 -29.87 13.69 26.19
N THR B 36 -29.24 14.67 25.58
CA THR B 36 -29.85 15.94 25.20
C THR B 36 -29.46 16.29 23.77
N ARG B 37 -29.64 15.35 22.86
CA ARG B 37 -29.26 15.58 21.48
C ARG B 37 -30.29 16.47 20.81
N ILE B 38 -29.81 17.41 20.01
CA ILE B 38 -30.53 18.64 19.71
C ILE B 38 -31.12 18.63 18.31
N ILE B 39 -30.27 18.56 17.29
CA ILE B 39 -30.71 18.45 15.90
C ILE B 39 -31.48 19.72 15.58
N PRO B 40 -30.81 20.84 15.43
CA PRO B 40 -31.50 22.05 14.98
C PRO B 40 -31.91 21.93 13.53
N SER B 41 -32.76 22.87 13.14
CA SER B 41 -33.14 23.01 11.74
C SER B 41 -32.00 23.65 10.98
N THR B 42 -31.67 23.07 9.83
CA THR B 42 -30.47 23.45 9.09
C THR B 42 -30.75 23.40 7.59
N ASN B 43 -29.73 23.79 6.82
CA ASN B 43 -29.80 23.76 5.37
C ASN B 43 -28.40 23.57 4.84
N LEU B 44 -28.23 22.56 3.98
CA LEU B 44 -26.97 22.41 3.28
C LEU B 44 -26.84 23.52 2.26
N GLU B 45 -25.91 24.43 2.49
CA GLU B 45 -25.76 25.62 1.65
C GLU B 45 -24.77 25.37 0.53
N TYR B 46 -23.60 24.86 0.87
CA TYR B 46 -22.64 24.45 -0.14
C TYR B 46 -21.58 23.62 0.52
N ILE B 47 -21.21 22.54 -0.12
CA ILE B 47 -19.96 21.88 0.22
C ILE B 47 -18.84 22.72 -0.34
N THR B 48 -17.73 22.75 0.38
CA THR B 48 -16.47 23.16 -0.20
C THR B 48 -15.45 22.08 0.06
N CYS B 49 -14.31 22.27 -0.58
CA CYS B 49 -13.24 21.29 -0.65
C CYS B 49 -12.12 21.98 -1.39
N LYS B 50 -10.98 21.33 -1.47
CA LYS B 50 -9.90 21.89 -2.24
C LYS B 50 -10.11 21.60 -3.71
N TYR B 51 -9.77 22.58 -4.52
CA TYR B 51 -9.90 22.47 -5.96
C TYR B 51 -9.05 21.35 -6.49
N LYS B 52 -9.16 21.08 -7.79
CA LYS B 52 -8.10 20.44 -8.55
C LYS B 52 -8.06 21.10 -9.91
N THR B 53 -6.95 21.76 -10.21
CA THR B 53 -6.76 22.40 -11.50
C THR B 53 -6.52 21.30 -12.54
N LYS B 54 -7.61 20.63 -12.90
CA LYS B 54 -7.54 19.53 -13.85
C LYS B 54 -7.51 20.13 -15.25
N VAL B 55 -6.31 20.54 -15.63
CA VAL B 55 -6.02 21.27 -16.86
C VAL B 55 -6.47 20.46 -18.07
N PRO B 56 -7.33 20.97 -18.94
CA PRO B 56 -7.43 20.38 -20.27
C PRO B 56 -6.22 20.71 -21.09
N SER B 57 -5.85 19.75 -21.92
CA SER B 57 -4.57 19.78 -22.59
C SER B 57 -4.51 20.91 -23.61
N PRO B 58 -3.54 21.83 -23.53
CA PRO B 58 -3.60 23.03 -24.35
C PRO B 58 -3.48 22.74 -25.83
N VAL B 59 -4.00 23.68 -26.60
CA VAL B 59 -3.86 23.66 -28.05
C VAL B 59 -2.52 24.30 -28.40
N VAL B 60 -1.93 23.80 -29.46
CA VAL B 60 -0.71 24.38 -30.03
C VAL B 60 -0.90 24.45 -31.53
N LYS B 61 -1.33 25.59 -32.02
CA LYS B 61 -1.32 25.85 -33.45
C LYS B 61 0.05 26.34 -33.85
N CYS B 62 0.56 25.79 -34.96
CA CYS B 62 1.96 25.95 -35.29
C CYS B 62 2.28 27.25 -36.01
N CYS B 63 1.35 27.76 -36.81
CA CYS B 63 1.61 28.99 -37.56
C CYS B 63 0.31 29.79 -37.60
N GLY B 64 0.15 30.65 -36.61
CA GLY B 64 -0.98 31.57 -36.53
C GLY B 64 -1.79 31.35 -35.28
N ALA B 65 -2.78 32.22 -35.10
CA ALA B 65 -3.47 32.34 -33.83
C ALA B 65 -4.60 31.32 -33.71
N THR B 66 -4.94 31.03 -32.46
CA THR B 66 -6.10 30.22 -32.11
C THR B 66 -6.84 30.98 -31.02
N GLN B 67 -7.87 31.73 -31.41
CA GLN B 67 -8.65 32.47 -30.45
C GLN B 67 -9.36 31.51 -29.51
N CYS B 68 -9.29 31.80 -28.21
CA CYS B 68 -9.99 31.03 -27.20
C CYS B 68 -11.39 31.59 -26.99
N THR B 69 -12.27 30.75 -26.47
CA THR B 69 -13.61 31.14 -26.07
C THR B 69 -13.80 30.78 -24.61
N SER B 70 -14.75 31.47 -23.98
CA SER B 70 -15.01 31.32 -22.56
C SER B 70 -15.97 30.16 -22.37
N LYS B 71 -15.42 28.95 -22.29
CA LYS B 71 -16.23 27.78 -22.08
C LYS B 71 -16.90 27.86 -20.71
N PRO B 72 -18.04 27.19 -20.53
CA PRO B 72 -18.79 27.35 -19.28
C PRO B 72 -18.27 26.52 -18.11
N HIS B 73 -17.07 25.97 -18.19
CA HIS B 73 -16.55 25.23 -17.05
C HIS B 73 -16.39 26.18 -15.86
N PRO B 74 -16.45 25.67 -14.63
CA PRO B 74 -16.29 26.56 -13.47
C PRO B 74 -14.92 27.19 -13.43
N ASP B 75 -14.91 28.53 -13.43
CA ASP B 75 -13.68 29.31 -13.43
C ASP B 75 -12.81 28.92 -14.61
N TYR B 76 -13.44 28.88 -15.78
CA TYR B 76 -12.74 28.47 -16.98
C TYR B 76 -11.76 29.54 -17.39
N GLN B 77 -10.53 29.43 -16.90
CA GLN B 77 -9.48 30.36 -17.27
C GLN B 77 -8.80 29.84 -18.53
N CYS B 78 -8.75 30.70 -19.53
CA CYS B 78 -8.12 30.37 -20.81
C CYS B 78 -7.51 31.62 -21.38
N GLN B 79 -6.28 31.52 -21.84
CA GLN B 79 -5.57 32.64 -22.40
C GLN B 79 -4.70 32.14 -23.54
N VAL B 80 -4.91 32.73 -24.72
CA VAL B 80 -4.08 32.43 -25.86
C VAL B 80 -2.67 32.93 -25.59
N PHE B 81 -1.69 32.24 -26.16
CA PHE B 81 -0.30 32.66 -26.08
C PHE B 81 0.39 32.38 -27.39
N THR B 82 1.25 33.30 -27.78
CA THR B 82 2.09 33.16 -28.95
C THR B 82 3.55 33.14 -28.51
N GLY B 83 4.44 33.15 -29.48
CA GLY B 83 5.85 33.25 -29.21
C GLY B 83 6.37 32.05 -28.45
N VAL B 84 6.18 30.87 -29.01
CA VAL B 84 6.68 29.64 -28.45
C VAL B 84 7.44 28.88 -29.54
N TYR B 85 7.96 27.73 -29.16
CA TYR B 85 8.80 26.90 -30.00
C TYR B 85 8.85 25.55 -29.31
N PRO B 86 7.71 24.88 -29.20
CA PRO B 86 7.52 23.88 -28.15
C PRO B 86 8.33 22.61 -28.29
N PHE B 87 9.37 22.47 -27.48
CA PHE B 87 10.14 21.23 -27.46
C PHE B 87 9.26 20.07 -27.01
N MET B 88 8.99 19.15 -27.92
CA MET B 88 8.17 17.98 -27.63
C MET B 88 8.80 16.78 -28.31
N TRP B 89 9.77 16.15 -27.65
CA TRP B 89 10.30 14.83 -27.98
C TRP B 89 11.16 14.78 -29.24
N GLY B 90 11.19 15.85 -30.03
CA GLY B 90 11.99 15.90 -31.24
C GLY B 90 12.62 17.26 -31.38
N GLY B 91 12.94 17.86 -30.24
CA GLY B 91 13.11 19.29 -30.22
C GLY B 91 11.73 19.91 -30.42
N ALA B 92 11.71 21.13 -30.95
CA ALA B 92 10.44 21.72 -31.31
C ALA B 92 9.80 20.92 -32.43
N TYR B 93 8.55 21.24 -32.73
CA TYR B 93 7.86 20.57 -33.83
C TYR B 93 7.14 21.54 -34.76
N CYS B 94 6.70 22.68 -34.24
CA CYS B 94 6.09 23.69 -35.08
C CYS B 94 7.17 24.51 -35.77
N PHE B 95 7.11 24.58 -37.09
CA PHE B 95 8.23 25.08 -37.88
C PHE B 95 8.34 26.60 -37.88
N CYS B 96 7.26 27.32 -37.61
CA CYS B 96 7.36 28.75 -37.43
C CYS B 96 8.11 29.04 -36.13
N ASP B 97 8.29 30.32 -35.82
CA ASP B 97 9.05 30.75 -34.64
C ASP B 97 8.38 31.81 -33.80
N THR B 98 7.45 32.58 -34.34
CA THR B 98 6.62 33.48 -33.55
C THR B 98 5.15 33.22 -33.78
N GLU B 99 4.78 32.78 -34.97
CA GLU B 99 3.43 32.35 -35.26
C GLU B 99 3.09 31.05 -34.55
N ASN B 100 4.08 30.37 -33.98
CA ASN B 100 3.83 29.28 -33.05
C ASN B 100 2.93 29.78 -31.94
N THR B 101 1.72 29.24 -31.88
CA THR B 101 0.71 29.67 -30.94
C THR B 101 0.41 28.55 -29.97
N GLN B 102 0.11 28.94 -28.73
CA GLN B 102 -0.18 28.02 -27.66
C GLN B 102 -1.36 28.59 -26.89
N MET B 103 -2.45 27.84 -26.82
CA MET B 103 -3.66 28.25 -26.12
C MET B 103 -3.79 27.39 -24.89
N SER B 104 -3.55 28.00 -23.73
CA SER B 104 -3.69 27.31 -22.46
C SER B 104 -5.09 27.53 -21.92
N GLU B 105 -5.67 26.46 -21.39
CA GLU B 105 -6.99 26.53 -20.77
C GLU B 105 -6.98 25.66 -19.53
N ALA B 106 -7.60 26.18 -18.47
CA ALA B 106 -7.69 25.45 -17.23
C ALA B 106 -8.95 25.87 -16.50
N TYR B 107 -9.70 24.89 -16.01
CA TYR B 107 -10.86 25.16 -15.20
C TYR B 107 -10.71 24.46 -13.86
N VAL B 108 -11.51 24.91 -12.93
CA VAL B 108 -11.52 24.37 -11.59
C VAL B 108 -12.52 23.23 -11.53
N GLU B 109 -12.19 22.22 -10.74
CA GLU B 109 -13.07 21.07 -10.58
C GLU B 109 -12.93 20.55 -9.16
N ARG B 110 -14.02 19.99 -8.66
CA ARG B 110 -14.01 19.32 -7.37
C ARG B 110 -12.96 18.23 -7.35
N SER B 111 -12.21 18.18 -6.26
CA SER B 111 -11.31 17.05 -6.06
C SER B 111 -12.10 15.77 -5.92
N GLU B 112 -11.38 14.66 -5.99
CA GLU B 112 -11.99 13.40 -5.62
C GLU B 112 -12.23 13.36 -4.12
N GLU B 113 -11.41 14.09 -3.36
CA GLU B 113 -11.63 14.21 -1.93
C GLU B 113 -12.84 15.04 -1.59
N CYS B 114 -13.31 15.87 -2.53
CA CYS B 114 -14.50 16.69 -2.28
C CYS B 114 -15.68 15.82 -1.90
N SER B 115 -15.76 14.62 -2.46
CA SER B 115 -16.87 13.74 -2.14
C SER B 115 -16.85 13.35 -0.68
N ILE B 116 -15.66 13.23 -0.09
CA ILE B 116 -15.47 12.51 1.15
C ILE B 116 -14.82 13.36 2.22
N ASP B 117 -13.78 14.11 1.86
CA ASP B 117 -13.08 15.00 2.76
C ASP B 117 -13.42 16.41 2.33
N HIS B 118 -14.37 17.01 3.02
CA HIS B 118 -14.97 18.24 2.54
C HIS B 118 -15.57 18.98 3.71
N ALA B 119 -15.29 20.27 3.78
CA ALA B 119 -16.03 21.09 4.71
C ALA B 119 -17.45 21.24 4.21
N LYS B 120 -18.30 21.78 5.06
CA LYS B 120 -19.73 21.77 4.75
C LYS B 120 -20.39 22.89 5.54
N ALA B 121 -20.88 23.89 4.82
CA ALA B 121 -21.51 25.03 5.45
C ALA B 121 -22.97 24.73 5.75
N TYR B 122 -23.56 25.56 6.59
CA TYR B 122 -24.96 25.43 6.93
C TYR B 122 -25.49 26.77 7.42
N LYS B 123 -26.73 27.07 7.07
CA LYS B 123 -27.52 28.06 7.78
C LYS B 123 -28.34 27.31 8.81
N VAL B 124 -28.09 27.60 10.08
CA VAL B 124 -28.59 26.78 11.18
C VAL B 124 -29.63 27.57 11.94
N HIS B 125 -30.83 27.02 12.00
CA HIS B 125 -31.94 27.49 12.81
C HIS B 125 -32.00 26.65 14.09
N THR B 126 -33.12 26.71 14.80
CA THR B 126 -33.15 26.20 16.17
C THR B 126 -33.58 24.73 16.29
N GLY B 127 -34.56 24.28 15.52
CA GLY B 127 -35.07 22.91 15.60
C GLY B 127 -35.57 22.51 16.97
N THR B 128 -35.38 21.22 17.31
CA THR B 128 -36.13 20.58 18.37
C THR B 128 -35.29 19.50 19.05
N VAL B 129 -35.11 19.59 20.38
CA VAL B 129 -34.15 18.74 21.08
C VAL B 129 -34.82 17.46 21.56
N GLN B 130 -33.98 16.42 21.80
CA GLN B 130 -34.41 15.04 22.03
C GLN B 130 -33.65 14.44 23.21
N ALA B 131 -33.99 13.19 23.56
CA ALA B 131 -33.40 12.49 24.70
C ALA B 131 -33.86 11.03 24.73
N MET B 132 -32.97 10.11 25.13
CA MET B 132 -33.34 8.70 25.31
C MET B 132 -33.68 8.40 26.76
N VAL B 133 -34.61 9.16 27.33
CA VAL B 133 -34.84 9.19 28.77
C VAL B 133 -35.05 7.78 29.31
N ASN B 134 -34.14 7.33 30.18
CA ASN B 134 -34.46 6.16 30.97
C ASN B 134 -35.28 6.61 32.16
N ILE B 135 -36.32 5.84 32.46
CA ILE B 135 -36.89 5.82 33.78
C ILE B 135 -36.98 4.37 34.19
N THR B 136 -36.24 4.02 35.24
CA THR B 136 -36.44 2.75 35.93
C THR B 136 -37.52 2.98 36.98
N TYR B 137 -38.75 3.10 36.49
CA TYR B 137 -39.84 3.67 37.28
C TYR B 137 -40.30 2.74 38.39
N GLY B 138 -40.58 3.34 39.54
CA GLY B 138 -41.42 2.75 40.57
C GLY B 138 -41.09 1.33 40.92
N SER B 139 -42.01 0.45 40.54
CA SER B 139 -41.75 -0.98 40.43
C SER B 139 -41.70 -1.45 38.98
N VAL B 140 -42.03 -0.59 38.02
CA VAL B 140 -41.88 -0.92 36.62
C VAL B 140 -40.42 -1.27 36.32
N SER B 141 -39.52 -0.45 36.84
CA SER B 141 -38.08 -0.66 36.82
C SER B 141 -37.44 -0.45 35.47
N TRP B 142 -38.20 -0.11 34.42
CA TRP B 142 -37.57 0.11 33.13
C TRP B 142 -38.43 0.79 32.08
N ARG B 143 -37.85 1.79 31.43
CA ARG B 143 -38.21 2.22 30.09
C ARG B 143 -37.06 3.09 29.63
N SER B 144 -36.52 2.83 28.44
CA SER B 144 -35.47 3.66 27.86
C SER B 144 -35.97 4.12 26.49
N ALA B 145 -36.62 5.27 26.49
CA ALA B 145 -37.37 5.75 25.35
C ALA B 145 -36.81 7.06 24.82
N ASP B 146 -36.90 7.22 23.51
CA ASP B 146 -36.51 8.46 22.85
C ASP B 146 -37.70 9.39 22.82
N VAL B 147 -37.48 10.64 23.21
CA VAL B 147 -38.55 11.60 23.42
C VAL B 147 -38.18 12.91 22.72
N TYR B 148 -39.06 13.89 22.89
CA TYR B 148 -38.88 15.24 22.42
C TYR B 148 -38.92 16.20 23.61
N VAL B 149 -38.93 17.49 23.28
CA VAL B 149 -38.92 18.57 24.25
C VAL B 149 -40.16 19.43 24.15
N ASN B 150 -40.81 19.44 23.02
CA ASN B 150 -41.94 20.33 22.80
C ASN B 150 -43.08 19.95 23.71
N GLY B 151 -43.59 20.92 24.46
CA GLY B 151 -44.39 20.61 25.63
C GLY B 151 -45.81 20.17 25.38
N GLU B 152 -46.02 19.34 24.36
CA GLU B 152 -47.24 18.56 24.27
C GLU B 152 -47.00 17.16 23.71
N THR B 153 -45.75 16.76 23.50
CA THR B 153 -45.46 15.46 22.92
C THR B 153 -45.41 14.41 24.03
N PRO B 154 -46.27 13.40 24.00
CA PRO B 154 -46.01 12.20 24.81
C PRO B 154 -45.10 11.21 24.09
N ALA B 155 -44.69 10.21 24.84
CA ALA B 155 -44.02 9.04 24.25
C ALA B 155 -44.40 7.83 25.10
N LYS B 156 -45.44 7.14 24.69
CA LYS B 156 -45.94 5.97 25.41
C LYS B 156 -45.10 4.76 25.04
N ILE B 157 -43.88 4.76 25.57
CA ILE B 157 -42.95 3.64 25.44
C ILE B 157 -42.69 3.16 26.85
N GLY B 158 -43.03 1.91 27.12
CA GLY B 158 -43.13 1.39 28.47
C GLY B 158 -44.59 1.30 28.85
N ASP B 159 -44.98 2.04 29.89
CA ASP B 159 -46.38 2.23 30.24
C ASP B 159 -46.74 3.66 30.55
N ALA B 160 -45.76 4.52 30.83
CA ALA B 160 -46.04 5.87 31.27
C ALA B 160 -46.06 6.83 30.09
N LYS B 161 -46.91 7.83 30.21
CA LYS B 161 -47.02 8.91 29.24
C LYS B 161 -46.37 10.15 29.83
N LEU B 162 -45.43 10.73 29.09
CA LEU B 162 -44.55 11.75 29.64
C LEU B 162 -44.43 12.91 28.67
N ILE B 163 -44.58 14.12 29.18
CA ILE B 163 -44.51 15.33 28.39
C ILE B 163 -43.38 16.17 28.94
N ILE B 164 -42.56 16.68 28.05
CA ILE B 164 -41.29 17.28 28.36
C ILE B 164 -41.28 18.67 27.80
N GLY B 165 -40.64 19.58 28.52
CA GLY B 165 -40.32 20.90 28.02
C GLY B 165 -41.57 21.67 27.63
N PRO B 166 -41.42 22.73 26.82
CA PRO B 166 -40.19 23.22 26.20
C PRO B 166 -39.22 23.79 27.21
N LEU B 167 -37.94 23.51 27.01
CA LEU B 167 -36.92 24.03 27.89
C LEU B 167 -36.84 25.54 27.78
N SER B 168 -36.40 26.17 28.86
CA SER B 168 -36.25 27.61 28.90
C SER B 168 -34.90 28.07 28.37
N SER B 169 -33.94 27.16 28.23
CA SER B 169 -32.55 27.52 27.96
C SER B 169 -32.28 27.34 26.47
N ALA B 170 -32.72 28.32 25.70
CA ALA B 170 -32.73 28.21 24.25
C ALA B 170 -31.37 28.47 23.62
N TRP B 171 -30.28 28.39 24.37
CA TRP B 171 -28.97 28.59 23.78
C TRP B 171 -28.69 27.42 22.85
N SER B 172 -28.87 27.64 21.57
CA SER B 172 -28.34 26.72 20.59
C SER B 172 -26.84 26.96 20.52
N PRO B 173 -25.99 26.02 20.94
CA PRO B 173 -24.55 26.29 20.86
C PRO B 173 -24.09 26.51 19.45
N PHE B 174 -24.75 25.90 18.48
CA PHE B 174 -24.54 26.29 17.10
C PHE B 174 -24.90 27.75 16.92
N ASP B 175 -24.05 28.47 16.18
CA ASP B 175 -24.41 29.80 15.73
C ASP B 175 -25.34 29.68 14.53
N ASN B 176 -25.72 30.84 13.97
CA ASN B 176 -26.54 30.83 12.77
C ASN B 176 -25.82 30.16 11.62
N LYS B 177 -24.60 30.60 11.36
CA LYS B 177 -23.77 30.07 10.28
C LYS B 177 -22.76 29.10 10.87
N VAL B 178 -22.63 27.94 10.24
CA VAL B 178 -21.78 26.87 10.73
C VAL B 178 -21.08 26.24 9.55
N VAL B 179 -19.82 25.89 9.76
CA VAL B 179 -19.10 25.00 8.87
C VAL B 179 -18.88 23.69 9.61
N VAL B 180 -18.84 22.61 8.84
CA VAL B 180 -18.78 21.27 9.39
C VAL B 180 -17.75 20.49 8.60
N TYR B 181 -16.97 19.67 9.31
CA TYR B 181 -15.86 18.95 8.69
C TYR B 181 -15.69 17.61 9.39
N GLY B 182 -16.28 16.58 8.81
CA GLY B 182 -15.98 15.22 9.20
C GLY B 182 -16.54 14.87 10.56
N HIS B 183 -15.94 15.44 11.60
CA HIS B 183 -16.54 15.49 12.92
C HIS B 183 -16.36 16.81 13.63
N GLU B 184 -15.35 17.60 13.26
CA GLU B 184 -15.09 18.86 13.92
C GLU B 184 -16.00 19.92 13.32
N VAL B 185 -16.84 20.48 14.16
CA VAL B 185 -17.87 21.42 13.76
C VAL B 185 -17.44 22.82 14.16
N TYR B 186 -17.52 23.74 13.22
CA TYR B 186 -17.01 25.09 13.39
C TYR B 186 -18.15 26.08 13.17
N ASN B 187 -18.45 26.86 14.20
CA ASN B 187 -19.52 27.86 14.15
C ASN B 187 -19.02 29.11 13.43
N TYR B 188 -18.66 28.90 12.18
CA TYR B 188 -17.90 29.87 11.41
C TYR B 188 -18.83 30.67 10.51
N ASP B 189 -18.57 31.97 10.44
CA ASP B 189 -19.24 32.85 9.49
C ASP B 189 -18.65 32.58 8.12
N PHE B 190 -19.05 31.47 7.53
CA PHE B 190 -18.64 31.18 6.17
C PHE B 190 -19.15 32.30 5.27
N PRO B 191 -18.37 32.74 4.26
CA PRO B 191 -18.78 33.94 3.54
C PRO B 191 -20.13 33.79 2.88
N GLU B 192 -20.23 32.89 1.89
CA GLU B 192 -21.49 32.44 1.31
C GLU B 192 -21.15 31.52 0.15
N TYR B 193 -22.12 30.77 -0.35
CA TYR B 193 -22.03 30.26 -1.70
C TYR B 193 -21.86 31.42 -2.67
N GLY B 194 -21.09 31.19 -3.72
CA GLY B 194 -21.07 32.12 -4.81
C GLY B 194 -20.12 33.30 -4.67
N THR B 195 -19.41 33.44 -3.55
CA THR B 195 -18.67 34.65 -3.25
C THR B 195 -17.24 34.45 -2.78
N GLY B 196 -16.90 33.30 -2.22
CA GLY B 196 -15.72 33.16 -1.39
C GLY B 196 -14.42 33.57 -2.03
N LYS B 197 -13.72 34.51 -1.40
CA LYS B 197 -12.49 35.04 -1.97
C LYS B 197 -11.46 33.94 -2.09
N ALA B 198 -10.69 33.98 -3.17
CA ALA B 198 -9.70 32.95 -3.44
C ALA B 198 -8.66 32.93 -2.34
N GLY B 199 -8.28 31.73 -1.94
CA GLY B 199 -7.41 31.52 -0.81
C GLY B 199 -8.20 31.45 0.47
N SER B 200 -9.15 32.36 0.64
CA SER B 200 -10.00 32.30 1.80
C SER B 200 -10.88 31.06 1.73
N PHE B 201 -11.50 30.76 2.87
CA PHE B 201 -12.38 29.62 2.95
C PHE B 201 -13.49 29.72 1.90
N GLY B 202 -13.81 28.59 1.30
CA GLY B 202 -14.81 28.58 0.26
C GLY B 202 -14.34 29.20 -1.02
N ASP B 203 -13.09 28.95 -1.42
CA ASP B 203 -12.69 29.32 -2.76
C ASP B 203 -13.45 28.48 -3.78
N LEU B 204 -13.57 27.19 -3.52
CA LEU B 204 -14.50 26.33 -4.22
C LEU B 204 -15.77 26.28 -3.41
N GLN B 205 -16.90 26.40 -4.09
CA GLN B 205 -18.20 26.39 -3.42
C GLN B 205 -19.16 25.65 -4.33
N SER B 206 -19.35 24.36 -4.05
CA SER B 206 -20.32 23.53 -4.73
C SER B 206 -21.51 23.32 -3.82
N ARG B 207 -22.70 23.41 -4.40
CA ARG B 207 -23.92 23.20 -3.64
C ARG B 207 -23.89 21.86 -2.92
N THR B 208 -23.63 20.79 -3.67
CA THR B 208 -23.40 19.49 -3.10
C THR B 208 -22.27 18.84 -3.86
N SER B 209 -22.08 17.55 -3.62
CA SER B 209 -21.01 16.82 -4.29
C SER B 209 -21.38 16.53 -5.73
N THR B 210 -22.63 16.17 -5.97
CA THR B 210 -23.10 15.88 -7.31
C THR B 210 -23.13 17.14 -8.18
N SER B 211 -23.30 18.31 -7.57
CA SER B 211 -23.56 19.53 -8.33
C SER B 211 -22.40 19.88 -9.24
N ASN B 212 -22.61 19.73 -10.54
CA ASN B 212 -21.56 20.03 -11.51
C ASN B 212 -21.24 21.51 -11.51
N ASP B 213 -22.24 22.35 -11.28
CA ASP B 213 -21.99 23.78 -11.18
C ASP B 213 -21.43 24.11 -9.80
N LEU B 214 -20.70 25.21 -9.74
CA LEU B 214 -20.11 25.65 -8.47
C LEU B 214 -19.70 27.10 -8.62
N TYR B 215 -18.97 27.59 -7.61
CA TYR B 215 -18.32 28.89 -7.67
C TYR B 215 -16.87 28.68 -7.28
N ALA B 216 -15.97 28.99 -8.21
CA ALA B 216 -14.54 28.81 -8.02
C ALA B 216 -13.85 30.14 -8.24
N ASN B 217 -13.82 30.95 -7.19
CA ASN B 217 -12.91 32.08 -7.14
C ASN B 217 -11.63 31.51 -6.55
N THR B 218 -10.73 31.11 -7.43
CA THR B 218 -9.40 30.67 -7.05
C THR B 218 -8.31 31.62 -7.53
N ASN B 219 -8.67 32.66 -8.26
CA ASN B 219 -7.68 33.56 -8.85
C ASN B 219 -6.75 32.78 -9.77
N LEU B 220 -7.30 31.78 -10.44
CA LEU B 220 -6.54 30.98 -11.37
C LEU B 220 -6.11 31.85 -12.53
N LYS B 221 -4.80 32.04 -12.68
CA LYS B 221 -4.23 32.88 -13.74
C LYS B 221 -3.17 32.06 -14.45
N LEU B 222 -3.45 31.72 -15.71
CA LEU B 222 -2.48 31.03 -16.52
C LEU B 222 -1.38 31.98 -16.95
N GLN B 223 -0.16 31.46 -17.02
CA GLN B 223 0.97 32.18 -17.56
C GLN B 223 1.56 31.40 -18.73
N ARG B 224 2.33 32.09 -19.55
CA ARG B 224 2.81 31.46 -20.76
C ARG B 224 3.88 30.44 -20.40
N PRO B 225 3.92 29.30 -21.08
CA PRO B 225 5.02 28.36 -20.81
C PRO B 225 6.33 28.93 -21.29
N GLN B 226 7.39 28.44 -20.66
CA GLN B 226 8.71 29.02 -20.81
C GLN B 226 9.49 28.41 -21.96
N ALA B 227 10.24 29.27 -22.65
CA ALA B 227 11.35 28.89 -23.54
C ALA B 227 10.99 27.79 -24.51
N GLY B 228 9.81 27.88 -25.11
CA GLY B 228 9.40 26.94 -26.13
C GLY B 228 9.35 25.52 -25.63
N ILE B 229 8.58 25.28 -24.56
CA ILE B 229 8.34 23.94 -24.07
C ILE B 229 6.86 23.80 -23.75
N VAL B 230 6.33 22.60 -23.98
CA VAL B 230 4.94 22.29 -23.69
C VAL B 230 4.77 22.14 -22.18
N HIS B 231 4.00 23.03 -21.59
CA HIS B 231 3.43 22.83 -20.26
C HIS B 231 2.45 23.96 -20.03
N THR B 232 1.86 23.99 -18.85
CA THR B 232 0.75 24.89 -18.53
C THR B 232 1.04 25.53 -17.18
N PRO B 233 1.64 26.69 -17.16
CA PRO B 233 1.70 27.44 -15.91
C PRO B 233 0.30 27.78 -15.46
N PHE B 234 -0.14 27.17 -14.37
CA PHE B 234 -1.34 27.59 -13.68
C PHE B 234 -0.89 28.18 -12.35
N THR B 235 -1.13 29.47 -12.19
CA THR B 235 -0.77 30.20 -10.99
C THR B 235 -2.05 30.41 -10.20
N GLN B 236 -2.07 29.89 -8.99
CA GLN B 236 -3.32 29.72 -8.29
C GLN B 236 -3.05 29.70 -6.80
N ALA B 237 -4.02 30.18 -6.06
CA ALA B 237 -4.00 30.05 -4.62
C ALA B 237 -4.28 28.61 -4.24
N PRO B 238 -3.43 27.94 -3.48
CA PRO B 238 -3.87 26.70 -2.84
C PRO B 238 -5.08 26.98 -1.99
N SER B 239 -5.90 25.96 -1.78
CA SER B 239 -7.27 26.24 -1.43
C SER B 239 -7.42 26.80 -0.03
N GLY B 240 -8.51 27.53 0.15
CA GLY B 240 -9.04 27.82 1.45
C GLY B 240 -9.66 26.63 2.15
N PHE B 241 -9.62 25.46 1.52
CA PHE B 241 -9.81 24.19 2.19
C PHE B 241 -8.49 23.57 2.61
N GLU B 242 -7.38 23.97 1.98
CA GLU B 242 -6.07 23.52 2.43
C GLU B 242 -5.71 24.20 3.75
N ARG B 243 -5.58 25.52 3.74
CA ARG B 243 -5.83 26.24 4.96
C ARG B 243 -7.29 26.09 5.29
N TRP B 244 -7.64 26.31 6.55
CA TRP B 244 -8.85 25.85 7.23
C TRP B 244 -8.66 24.41 7.71
N LYS B 245 -7.53 23.77 7.38
CA LYS B 245 -7.14 22.52 8.01
C LYS B 245 -5.85 22.64 8.82
N ARG B 246 -5.10 23.75 8.67
CA ARG B 246 -3.93 23.97 9.50
C ARG B 246 -3.71 25.42 9.91
N ASP B 247 -4.61 26.33 9.55
CA ASP B 247 -4.67 27.67 10.14
C ASP B 247 -6.09 28.00 10.54
N LYS B 248 -6.82 26.97 10.95
CA LYS B 248 -8.24 27.04 11.23
C LYS B 248 -8.51 27.63 12.61
N GLY B 249 -9.76 27.49 13.04
CA GLY B 249 -10.15 27.68 14.42
C GLY B 249 -10.53 26.36 15.06
N ALA B 250 -10.75 26.42 16.35
CA ALA B 250 -10.96 25.22 17.13
C ALA B 250 -12.40 24.76 17.06
N PRO B 251 -12.68 23.49 17.38
CA PRO B 251 -14.04 22.99 17.21
C PRO B 251 -14.97 23.24 18.36
N LEU B 252 -16.24 23.35 17.98
CA LEU B 252 -17.30 23.67 18.92
C LEU B 252 -17.46 22.60 19.98
N ASN B 253 -17.06 21.36 19.69
CA ASN B 253 -16.94 20.37 20.73
C ASN B 253 -15.68 20.54 21.56
N ASP B 254 -14.92 21.62 21.31
CA ASP B 254 -13.82 22.03 22.15
C ASP B 254 -13.86 23.51 22.53
N VAL B 255 -14.86 24.28 22.06
CA VAL B 255 -14.96 25.68 22.46
C VAL B 255 -16.39 26.11 22.82
N ALA B 256 -17.36 25.21 22.73
CA ALA B 256 -18.72 25.60 23.01
C ALA B 256 -18.87 26.05 24.45
N PRO B 257 -19.94 26.78 24.77
CA PRO B 257 -20.35 26.91 26.17
C PRO B 257 -21.38 25.88 26.62
N PHE B 258 -21.71 25.96 27.91
CA PHE B 258 -22.76 25.23 28.62
C PHE B 258 -22.85 23.74 28.26
N GLY B 259 -21.71 23.14 27.97
CA GLY B 259 -21.53 21.71 28.06
C GLY B 259 -22.13 20.77 27.06
N CYS B 260 -21.60 20.78 25.84
CA CYS B 260 -22.18 20.09 24.70
C CYS B 260 -21.11 19.22 24.06
N SER B 261 -21.58 18.19 23.36
CA SER B 261 -20.76 17.37 22.50
C SER B 261 -21.46 17.28 21.16
N ILE B 262 -20.73 16.85 20.13
CA ILE B 262 -21.11 17.07 18.75
C ILE B 262 -20.92 15.79 17.94
N ALA B 263 -21.64 15.70 16.82
CA ALA B 263 -21.46 14.59 15.89
C ALA B 263 -21.81 15.02 14.46
N LEU B 264 -21.08 14.46 13.49
CA LEU B 264 -21.49 14.48 12.08
C LEU B 264 -22.32 13.24 11.84
N GLU B 265 -23.57 13.40 12.09
CA GLU B 265 -24.61 12.42 12.36
C GLU B 265 -25.75 13.41 12.20
N PRO B 266 -26.98 13.22 12.70
CA PRO B 266 -28.01 14.24 12.47
C PRO B 266 -27.72 15.70 12.86
N LEU B 267 -26.49 16.05 13.24
CA LEU B 267 -26.03 17.40 13.54
C LEU B 267 -26.55 17.81 14.90
N ARG B 268 -26.58 16.82 15.77
CA ARG B 268 -26.98 17.06 17.13
C ARG B 268 -25.85 17.73 17.88
N ALA B 269 -26.20 18.27 19.04
CA ALA B 269 -25.24 18.77 20.00
C ALA B 269 -25.60 18.15 21.34
N GLU B 270 -25.01 16.99 21.63
CA GLU B 270 -25.46 16.17 22.74
C GLU B 270 -25.26 16.85 24.07
N ASN B 271 -26.12 16.50 25.01
CA ASN B 271 -25.83 16.56 26.44
C ASN B 271 -25.58 17.98 26.93
N CYS B 272 -26.24 18.94 26.29
CA CYS B 272 -26.08 20.35 26.64
C CYS B 272 -26.78 20.62 27.96
N ALA B 273 -26.00 20.60 29.03
CA ALA B 273 -26.52 20.81 30.39
C ALA B 273 -26.70 22.30 30.62
N VAL B 274 -27.93 22.78 30.49
CA VAL B 274 -28.21 24.17 30.82
C VAL B 274 -29.69 24.37 31.07
N GLY B 275 -30.01 25.06 32.15
CA GLY B 275 -31.37 25.42 32.47
C GLY B 275 -32.18 24.23 32.94
N SER B 276 -33.50 24.44 32.89
CA SER B 276 -34.47 23.50 33.42
C SER B 276 -35.45 23.11 32.33
N ILE B 277 -36.20 22.04 32.60
CA ILE B 277 -37.18 21.50 31.68
C ILE B 277 -38.46 21.23 32.46
N PRO B 278 -39.60 21.86 32.12
CA PRO B 278 -40.85 21.58 32.84
C PRO B 278 -41.52 20.27 32.43
N ILE B 279 -41.19 19.21 33.13
CA ILE B 279 -41.57 17.86 32.71
C ILE B 279 -42.76 17.40 33.53
N SER B 280 -43.65 16.67 32.87
CA SER B 280 -44.91 16.24 33.44
C SER B 280 -45.25 14.87 32.89
N ILE B 281 -45.67 13.97 33.78
CA ILE B 281 -45.91 12.57 33.43
C ILE B 281 -47.31 12.19 33.87
N ASP B 282 -47.93 11.31 33.08
CA ASP B 282 -49.16 10.62 33.45
C ASP B 282 -48.79 9.16 33.65
N ILE B 283 -48.67 8.77 34.91
CA ILE B 283 -48.31 7.41 35.32
C ILE B 283 -49.46 6.47 35.01
N PRO B 284 -49.23 5.19 34.78
CA PRO B 284 -50.36 4.25 34.80
C PRO B 284 -50.84 4.03 36.22
N ASP B 285 -52.14 4.27 36.44
CA ASP B 285 -52.71 4.12 37.76
C ASP B 285 -52.57 2.68 38.28
N ALA B 286 -52.49 1.71 37.37
CA ALA B 286 -52.25 0.33 37.78
C ALA B 286 -50.93 0.20 38.52
N ALA B 287 -49.92 0.98 38.12
CA ALA B 287 -48.63 0.91 38.77
C ALA B 287 -48.68 1.43 40.20
N PHE B 288 -49.66 2.26 40.53
CA PHE B 288 -49.80 2.71 41.90
C PHE B 288 -50.13 1.55 42.81
N THR B 289 -49.65 1.66 44.04
CA THR B 289 -50.09 0.84 45.14
C THR B 289 -51.03 1.68 45.99
N ARG B 290 -52.14 1.09 46.40
CA ARG B 290 -53.06 1.82 47.24
C ARG B 290 -52.42 2.06 48.61
N ILE B 291 -52.90 3.11 49.27
CA ILE B 291 -52.22 3.61 50.45
C ILE B 291 -52.30 2.63 51.60
N SER B 292 -53.34 1.80 51.65
CA SER B 292 -53.60 0.94 52.79
C SER B 292 -52.78 -0.34 52.77
N GLU B 293 -51.76 -0.43 51.91
CA GLU B 293 -50.96 -1.62 51.75
C GLU B 293 -49.48 -1.40 52.01
N THR B 294 -49.01 -0.16 51.90
CA THR B 294 -47.65 0.14 52.29
C THR B 294 -47.61 0.41 53.80
N PRO B 295 -46.53 0.04 54.48
CA PRO B 295 -46.47 0.33 55.91
C PRO B 295 -46.43 1.83 56.19
N THR B 296 -47.19 2.24 57.20
CA THR B 296 -47.07 3.58 57.74
C THR B 296 -45.88 3.62 58.69
N VAL B 297 -45.02 4.61 58.49
CA VAL B 297 -43.66 4.60 59.03
C VAL B 297 -43.48 5.61 60.15
N SER B 298 -44.50 6.41 60.45
CA SER B 298 -44.35 7.51 61.39
C SER B 298 -43.97 7.05 62.79
N ASP B 299 -43.74 8.01 63.69
CA ASP B 299 -43.12 7.76 65.00
C ASP B 299 -41.72 7.19 64.82
N LEU B 300 -41.00 7.74 63.85
CA LEU B 300 -39.66 7.32 63.48
C LEU B 300 -38.64 8.30 64.06
N GLU B 301 -37.38 8.14 63.63
CA GLU B 301 -36.36 9.14 63.87
C GLU B 301 -35.30 9.02 62.79
N CYS B 302 -34.74 10.16 62.39
CA CYS B 302 -33.68 10.22 61.39
C CYS B 302 -32.50 11.00 61.94
N LYS B 303 -31.30 10.55 61.57
CA LYS B 303 -30.10 11.30 61.89
C LYS B 303 -28.99 10.89 60.95
N ILE B 304 -28.20 11.88 60.53
CA ILE B 304 -26.94 11.57 59.86
C ILE B 304 -26.05 10.80 60.82
N THR B 305 -25.08 10.13 60.26
CA THR B 305 -24.03 9.47 61.03
C THR B 305 -22.65 9.83 60.51
N GLU B 306 -22.50 9.98 59.20
CA GLU B 306 -21.27 10.50 58.62
C GLU B 306 -21.68 11.24 57.35
N CYS B 307 -21.99 12.51 57.49
CA CYS B 307 -22.38 13.30 56.33
C CYS B 307 -21.15 13.85 55.65
N THR B 308 -21.07 13.61 54.35
CA THR B 308 -19.96 14.06 53.53
C THR B 308 -20.44 15.22 52.67
N TYR B 309 -19.81 16.37 52.87
CA TYR B 309 -20.25 17.64 52.31
C TYR B 309 -19.80 17.74 50.85
N ALA B 310 -20.42 16.92 50.00
CA ALA B 310 -19.76 16.52 48.77
C ALA B 310 -20.76 16.17 47.66
N SER B 311 -20.21 15.61 46.57
CA SER B 311 -20.89 15.33 45.32
C SER B 311 -21.29 13.87 45.22
N ASP B 312 -20.31 12.98 45.29
CA ASP B 312 -20.61 11.57 45.41
C ASP B 312 -21.49 11.34 46.62
N PHE B 313 -22.27 10.28 46.56
CA PHE B 313 -23.23 10.04 47.62
C PHE B 313 -22.52 9.62 48.89
N GLY B 314 -21.85 10.56 49.53
CA GLY B 314 -21.09 10.28 50.73
C GLY B 314 -21.92 10.51 51.97
N GLY B 315 -22.96 11.31 51.87
CA GLY B 315 -23.83 11.56 53.00
C GLY B 315 -24.64 10.33 53.33
N ILE B 316 -24.68 9.96 54.61
CA ILE B 316 -25.44 8.83 55.08
C ILE B 316 -26.27 9.24 56.30
N ALA B 317 -27.29 8.45 56.57
CA ALA B 317 -28.14 8.73 57.73
C ALA B 317 -28.93 7.48 58.05
N THR B 318 -28.77 6.98 59.27
CA THR B 318 -29.68 5.98 59.76
C THR B 318 -31.04 6.61 59.98
N VAL B 319 -32.06 5.77 59.95
CA VAL B 319 -33.43 6.19 60.20
C VAL B 319 -34.07 5.14 61.08
N ALA B 320 -34.51 5.54 62.26
CA ALA B 320 -35.21 4.63 63.17
C ALA B 320 -36.62 4.43 62.63
N TYR B 321 -36.72 3.51 61.67
CA TYR B 321 -38.00 3.25 61.04
C TYR B 321 -38.96 2.65 62.06
N LYS B 322 -40.18 3.18 62.07
CA LYS B 322 -41.24 2.75 62.97
C LYS B 322 -42.45 2.42 62.10
N SER B 323 -42.47 1.19 61.60
CA SER B 323 -43.45 0.79 60.61
C SER B 323 -44.69 0.20 61.28
N SER B 324 -45.70 -0.03 60.44
CA SER B 324 -46.91 -0.73 60.85
C SER B 324 -46.96 -2.11 60.22
N LYS B 325 -46.90 -2.17 58.91
CA LYS B 325 -46.68 -3.41 58.18
C LYS B 325 -45.18 -3.54 57.94
N ALA B 326 -44.78 -4.47 57.08
CA ALA B 326 -43.39 -4.61 56.67
C ALA B 326 -43.34 -4.73 55.16
N GLY B 327 -42.43 -3.99 54.54
CA GLY B 327 -42.31 -4.02 53.10
C GLY B 327 -41.46 -2.89 52.59
N ASN B 328 -41.74 -2.47 51.37
CA ASN B 328 -41.00 -1.38 50.75
C ASN B 328 -41.62 -0.04 51.10
N CYS B 329 -40.83 0.99 50.91
CA CYS B 329 -41.21 2.35 51.27
C CYS B 329 -40.41 3.29 50.39
N PRO B 330 -40.99 3.88 49.34
CA PRO B 330 -40.23 4.81 48.52
C PRO B 330 -39.89 6.06 49.31
N ILE B 331 -38.75 6.64 48.97
CA ILE B 331 -38.17 7.75 49.72
C ILE B 331 -37.76 8.85 48.77
N HIS B 332 -37.74 10.08 49.29
CA HIS B 332 -37.28 11.24 48.55
C HIS B 332 -37.21 12.41 49.51
N SER B 333 -36.30 13.32 49.21
CA SER B 333 -36.22 14.60 49.90
C SER B 333 -36.92 15.63 49.02
N PRO B 334 -38.14 16.05 49.33
CA PRO B 334 -38.77 17.07 48.49
C PRO B 334 -37.97 18.34 48.38
N SER B 335 -37.20 18.66 49.41
CA SER B 335 -36.23 19.72 49.28
C SER B 335 -35.08 19.25 48.39
N GLY B 336 -34.63 20.14 47.52
CA GLY B 336 -33.54 19.82 46.63
C GLY B 336 -32.17 19.86 47.27
N VAL B 337 -32.11 20.11 48.58
CA VAL B 337 -30.84 20.15 49.27
C VAL B 337 -30.13 18.82 49.18
N ALA B 338 -30.87 17.75 49.42
CA ALA B 338 -30.31 16.41 49.51
C ALA B 338 -30.75 15.59 48.32
N VAL B 339 -29.80 14.91 47.69
CA VAL B 339 -30.06 14.00 46.59
C VAL B 339 -29.66 12.62 47.08
N ILE B 340 -30.56 11.66 46.89
CA ILE B 340 -30.48 10.37 47.55
C ILE B 340 -30.25 9.29 46.49
N LYS B 341 -29.39 8.34 46.82
CA LYS B 341 -29.09 7.24 45.91
C LYS B 341 -30.20 6.22 45.90
N GLU B 342 -30.80 5.97 47.06
CA GLU B 342 -31.86 4.98 47.18
C GLU B 342 -33.20 5.62 46.87
N ASN B 343 -33.92 5.05 45.92
CA ASN B 343 -35.31 5.42 45.69
C ASN B 343 -36.23 4.77 46.71
N ASP B 344 -35.91 3.54 47.08
CA ASP B 344 -36.79 2.68 47.86
C ASP B 344 -35.98 2.00 48.94
N VAL B 345 -36.60 1.82 50.09
CA VAL B 345 -35.99 1.12 51.21
C VAL B 345 -36.93 0.02 51.66
N THR B 346 -36.38 -1.16 51.90
CA THR B 346 -37.14 -2.26 52.44
C THR B 346 -37.25 -2.09 53.95
N LEU B 347 -38.38 -2.55 54.49
CA LEU B 347 -38.65 -2.41 55.91
C LEU B 347 -39.22 -3.68 56.50
N ALA B 348 -38.60 -4.13 57.59
CA ALA B 348 -39.22 -5.09 58.49
C ALA B 348 -40.13 -4.30 59.43
N GLU B 349 -40.61 -4.96 60.48
CA GLU B 349 -41.48 -4.29 61.43
C GLU B 349 -40.66 -3.35 62.29
N SER B 350 -40.56 -2.10 61.83
CA SER B 350 -39.97 -1.01 62.62
C SER B 350 -38.51 -1.31 62.96
N GLY B 351 -37.70 -1.43 61.92
CA GLY B 351 -36.27 -1.58 62.03
C GLY B 351 -35.54 -0.28 61.80
N SER B 352 -34.37 -0.38 61.19
CA SER B 352 -33.58 0.80 60.85
C SER B 352 -32.73 0.46 59.64
N PHE B 353 -32.65 1.42 58.71
CA PHE B 353 -31.89 1.22 57.48
C PHE B 353 -31.31 2.55 57.04
N THR B 354 -29.99 2.58 56.91
CA THR B 354 -29.29 3.75 56.43
C THR B 354 -29.44 3.84 54.92
N PHE B 355 -29.46 5.07 54.42
CA PHE B 355 -29.38 5.37 53.01
C PHE B 355 -28.18 6.26 52.76
N HIS B 356 -27.92 6.50 51.47
CA HIS B 356 -26.83 7.34 51.03
C HIS B 356 -27.39 8.61 50.40
N PHE B 357 -26.63 9.69 50.46
CA PHE B 357 -27.07 10.93 49.82
C PHE B 357 -25.87 11.87 49.64
N SER B 358 -26.18 13.07 49.17
CA SER B 358 -25.19 14.12 48.98
C SER B 358 -25.89 15.46 49.11
N THR B 359 -25.17 16.44 49.66
CA THR B 359 -25.73 17.75 49.96
C THR B 359 -24.70 18.81 49.61
N ALA B 360 -25.08 20.06 49.86
CA ALA B 360 -24.23 21.21 49.61
C ALA B 360 -24.20 22.22 50.73
N ASN B 361 -25.03 22.07 51.76
CA ASN B 361 -25.07 22.99 52.87
C ASN B 361 -24.54 22.30 54.12
N ILE B 362 -23.70 23.03 54.85
CA ILE B 362 -22.96 22.47 55.97
C ILE B 362 -23.92 21.85 56.97
N HIS B 363 -25.08 22.47 57.16
CA HIS B 363 -26.11 22.01 58.07
C HIS B 363 -27.28 21.53 57.24
N PRO B 364 -27.25 20.30 56.74
CA PRO B 364 -28.35 19.86 55.89
C PRO B 364 -29.62 19.65 56.67
N ALA B 365 -30.52 20.62 56.56
CA ALA B 365 -31.86 20.54 57.14
C ALA B 365 -32.85 20.24 56.03
N PHE B 366 -32.82 19.00 55.58
CA PHE B 366 -33.69 18.56 54.50
C PHE B 366 -34.73 17.60 55.03
N LYS B 367 -35.96 17.79 54.56
CA LYS B 367 -37.01 16.84 54.87
C LYS B 367 -36.77 15.55 54.11
N LEU B 368 -37.25 14.46 54.68
CA LEU B 368 -37.22 13.16 54.04
C LEU B 368 -38.61 12.55 54.15
N GLN B 369 -39.18 12.20 53.01
CA GLN B 369 -40.55 11.73 52.92
C GLN B 369 -40.50 10.24 52.71
N VAL B 370 -40.56 9.49 53.80
CA VAL B 370 -40.49 8.02 53.74
C VAL B 370 -41.93 7.53 53.60
N CYS B 371 -42.38 7.50 52.35
CA CYS B 371 -43.69 6.98 51.95
C CYS B 371 -44.81 7.51 52.85
N THR B 372 -44.98 8.83 52.74
CA THR B 372 -45.94 9.60 53.53
C THR B 372 -45.55 9.62 54.99
N SER B 373 -44.33 10.05 55.27
CA SER B 373 -43.94 10.42 56.63
C SER B 373 -42.72 11.32 56.51
N ALA B 374 -42.89 12.59 56.85
CA ALA B 374 -41.81 13.55 56.72
C ALA B 374 -40.91 13.48 57.93
N VAL B 375 -39.66 13.91 57.74
CA VAL B 375 -38.73 14.00 58.85
C VAL B 375 -37.56 14.87 58.43
N THR B 376 -37.09 15.68 59.37
CA THR B 376 -35.89 16.47 59.20
C THR B 376 -34.70 15.61 59.59
N CYS B 377 -33.78 15.42 58.66
CA CYS B 377 -32.51 14.74 58.91
C CYS B 377 -31.41 15.77 59.13
N LYS B 378 -31.64 16.63 60.13
CA LYS B 378 -30.69 17.68 60.46
C LYS B 378 -29.34 17.10 60.85
N GLY B 379 -28.28 17.87 60.60
CA GLY B 379 -26.97 17.47 61.06
C GLY B 379 -25.86 18.37 60.56
N ASP B 380 -24.69 17.77 60.37
CA ASP B 380 -23.51 18.50 59.94
C ASP B 380 -22.60 17.58 59.14
N CYS B 381 -21.86 18.16 58.21
CA CYS B 381 -21.16 17.40 57.18
C CYS B 381 -19.69 17.76 57.15
N LYS B 382 -18.92 16.93 56.44
CA LYS B 382 -17.47 17.01 56.40
C LYS B 382 -16.98 17.17 54.96
N PRO B 383 -16.01 18.04 54.70
CA PRO B 383 -15.47 18.17 53.34
C PRO B 383 -14.58 17.00 52.96
N PRO B 384 -14.59 16.57 51.68
CA PRO B 384 -13.62 15.56 51.23
C PRO B 384 -12.27 16.08 50.78
N LYS B 385 -11.52 15.19 50.13
CA LYS B 385 -10.11 15.38 49.85
C LYS B 385 -9.67 15.12 48.41
N ASP B 386 -10.51 14.53 47.55
CA ASP B 386 -10.05 13.68 46.44
C ASP B 386 -10.76 14.01 45.11
N HIS B 387 -10.72 15.26 44.70
CA HIS B 387 -11.65 15.81 43.68
C HIS B 387 -11.07 15.90 42.26
N ILE B 388 -10.81 14.76 41.61
CA ILE B 388 -10.53 14.79 40.16
C ILE B 388 -11.13 13.62 39.38
N VAL B 389 -12.46 13.58 39.19
CA VAL B 389 -13.11 12.49 38.45
C VAL B 389 -14.36 13.18 37.92
N ASP B 390 -15.24 12.51 37.14
CA ASP B 390 -16.27 13.10 36.25
C ASP B 390 -17.32 13.89 37.04
N TYR B 391 -18.61 13.93 36.67
CA TYR B 391 -19.48 15.00 37.19
C TYR B 391 -20.43 14.54 38.30
N PRO B 392 -20.97 15.50 39.08
CA PRO B 392 -21.54 15.16 40.38
C PRO B 392 -22.98 14.66 40.31
N ALA B 393 -23.46 14.23 41.48
CA ALA B 393 -24.84 13.89 41.74
C ALA B 393 -25.54 14.91 42.62
N GLN B 394 -24.84 15.95 43.04
CA GLN B 394 -25.31 16.90 44.04
C GLN B 394 -26.11 18.01 43.40
N HIS B 395 -25.48 18.73 42.48
CA HIS B 395 -26.08 19.71 41.58
C HIS B 395 -27.14 20.57 42.23
N THR B 396 -26.89 20.99 43.47
CA THR B 396 -27.89 21.67 44.28
C THR B 396 -27.28 22.85 45.02
N GLU B 397 -26.21 23.43 44.49
CA GLU B 397 -25.51 24.49 45.20
C GLU B 397 -26.39 25.72 45.32
N SER B 398 -26.44 26.28 46.51
CA SER B 398 -27.21 27.47 46.78
C SER B 398 -26.53 28.22 47.91
N PHE B 399 -27.24 29.16 48.53
CA PHE B 399 -26.69 29.91 49.64
C PHE B 399 -26.57 29.01 50.88
N THR B 400 -25.36 28.95 51.44
CA THR B 400 -25.05 28.07 52.55
C THR B 400 -24.18 28.77 53.60
N TYR C 1 19.54 83.13 -28.49
CA TYR C 1 18.46 82.16 -28.25
C TYR C 1 18.95 80.91 -27.51
N GLU C 2 20.14 80.98 -26.93
CA GLU C 2 20.71 79.81 -26.27
C GLU C 2 19.89 79.52 -25.02
N HIS C 3 18.92 78.63 -25.16
CA HIS C 3 17.82 78.52 -24.21
C HIS C 3 18.28 77.83 -22.93
N THR C 4 18.84 78.62 -22.03
CA THR C 4 19.06 78.16 -20.67
C THR C 4 17.76 77.70 -20.05
N ALA C 5 17.83 76.67 -19.21
CA ALA C 5 16.65 76.19 -18.51
C ALA C 5 17.08 75.33 -17.34
N VAL C 6 16.72 75.77 -16.13
CA VAL C 6 16.74 74.86 -15.01
C VAL C 6 15.71 73.78 -15.28
N MET C 7 16.00 72.58 -14.81
CA MET C 7 15.28 71.41 -15.27
C MET C 7 15.31 70.28 -14.24
N PRO C 8 14.16 69.76 -13.80
CA PRO C 8 14.18 68.75 -12.75
C PRO C 8 14.79 67.45 -13.23
N ASN C 9 15.64 66.87 -12.39
CA ASN C 9 16.21 65.56 -12.66
C ASN C 9 15.15 64.51 -12.39
N LYS C 10 14.57 63.98 -13.45
CA LYS C 10 13.58 62.92 -13.36
C LYS C 10 13.50 62.29 -14.74
N VAL C 11 13.43 60.97 -14.77
CA VAL C 11 13.93 60.26 -15.93
C VAL C 11 12.89 60.21 -17.05
N GLY C 12 11.69 59.72 -16.75
CA GLY C 12 10.88 59.12 -17.78
C GLY C 12 9.76 60.00 -18.27
N ILE C 13 10.05 61.28 -18.49
CA ILE C 13 8.99 62.22 -18.79
C ILE C 13 9.59 63.45 -19.50
N PRO C 14 9.01 63.91 -20.61
CA PRO C 14 9.57 65.07 -21.29
C PRO C 14 9.29 66.36 -20.54
N TYR C 15 9.96 67.41 -20.99
CA TYR C 15 10.08 68.68 -20.28
C TYR C 15 9.86 69.83 -21.26
N LYS C 16 8.71 69.83 -21.92
CA LYS C 16 8.55 70.53 -23.19
C LYS C 16 8.64 72.03 -23.05
N ALA C 17 9.83 72.55 -22.79
CA ALA C 17 10.05 73.98 -22.72
C ALA C 17 9.80 74.65 -24.07
N LEU C 18 9.91 75.97 -24.11
CA LEU C 18 9.55 76.77 -25.28
C LEU C 18 10.64 77.78 -25.54
N VAL C 19 11.11 77.83 -26.79
CA VAL C 19 12.15 78.78 -27.19
C VAL C 19 11.48 80.11 -27.52
N GLU C 20 11.71 81.10 -26.69
CA GLU C 20 11.21 82.46 -26.93
C GLU C 20 12.31 83.33 -27.52
N ARG C 21 12.72 82.99 -28.73
CA ARG C 21 13.67 83.83 -29.45
C ARG C 21 12.94 85.10 -29.91
N PRO C 22 13.39 86.30 -29.52
CA PRO C 22 12.77 87.50 -30.09
C PRO C 22 13.09 87.64 -31.56
N GLY C 23 12.07 87.56 -32.40
CA GLY C 23 12.18 87.89 -33.80
C GLY C 23 11.60 86.86 -34.75
N TYR C 24 11.76 85.58 -34.43
CA TYR C 24 11.23 84.50 -35.24
C TYR C 24 10.25 83.69 -34.41
N ALA C 25 9.62 82.73 -35.08
CA ALA C 25 8.58 81.96 -34.41
C ALA C 25 9.19 81.12 -33.29
N PRO C 26 8.53 81.01 -32.14
CA PRO C 26 9.07 80.15 -31.09
C PRO C 26 9.00 78.69 -31.49
N VAL C 27 9.77 77.87 -30.78
CA VAL C 27 9.79 76.44 -31.00
C VAL C 27 9.77 75.76 -29.65
N HIS C 28 9.00 74.69 -29.56
CA HIS C 28 8.89 73.89 -28.37
C HIS C 28 10.11 73.00 -28.21
N LEU C 29 10.37 72.62 -26.98
CA LEU C 29 11.28 71.54 -26.68
C LEU C 29 10.49 70.27 -26.40
N GLN C 30 11.21 69.17 -26.36
CA GLN C 30 10.71 67.96 -25.70
C GLN C 30 11.96 67.25 -25.16
N ILE C 31 12.31 67.57 -23.93
CA ILE C 31 13.54 67.07 -23.34
C ILE C 31 13.16 65.99 -22.34
N GLN C 32 13.42 64.75 -22.71
CA GLN C 32 13.15 63.58 -21.89
C GLN C 32 14.50 62.98 -21.48
N LEU C 33 14.85 63.14 -20.22
CA LEU C 33 16.08 62.57 -19.67
C LEU C 33 15.89 61.07 -19.48
N VAL C 34 15.94 60.34 -20.59
CA VAL C 34 15.63 58.91 -20.61
C VAL C 34 16.47 58.12 -19.62
N ASN C 35 17.65 58.62 -19.27
CA ASN C 35 18.50 57.93 -18.31
C ASN C 35 19.33 58.93 -17.53
N THR C 36 19.75 58.51 -16.35
CA THR C 36 20.62 59.26 -15.46
C THR C 36 21.71 58.34 -14.92
N ARG C 37 22.37 57.63 -15.82
CA ARG C 37 23.41 56.71 -15.38
C ARG C 37 24.66 57.48 -15.02
N ILE C 38 25.30 57.05 -13.93
CA ILE C 38 26.15 57.90 -13.12
C ILE C 38 27.63 57.61 -13.34
N ILE C 39 28.06 56.41 -13.00
CA ILE C 39 29.43 55.96 -13.24
C ILE C 39 30.35 56.86 -12.42
N PRO C 40 30.37 56.71 -11.11
CA PRO C 40 31.33 57.46 -10.31
C PRO C 40 32.74 56.96 -10.54
N SER C 41 33.67 57.75 -10.04
CA SER C 41 35.07 57.36 -10.03
C SER C 41 35.29 56.34 -8.94
N THR C 42 35.98 55.26 -9.28
CA THR C 42 36.10 54.11 -8.39
C THR C 42 37.50 53.52 -8.51
N ASN C 43 37.74 52.49 -7.69
CA ASN C 43 38.99 51.76 -7.69
C ASN C 43 38.73 50.34 -7.24
N LEU C 44 39.16 49.37 -8.03
CA LEU C 44 39.10 47.98 -7.60
C LEU C 44 40.14 47.78 -6.52
N GLU C 45 39.67 47.55 -5.30
CA GLU C 45 40.55 47.44 -4.14
C GLU C 45 40.97 46.01 -3.88
N TYR C 46 40.00 45.11 -3.86
CA TYR C 46 40.31 43.69 -3.79
C TYR C 46 39.05 42.91 -4.09
N ILE C 47 39.21 41.87 -4.87
CA ILE C 47 38.18 40.87 -4.95
C ILE C 47 38.27 40.04 -3.69
N THR C 48 37.13 39.60 -3.21
CA THR C 48 37.09 38.49 -2.27
C THR C 48 36.14 37.43 -2.81
N CYS C 49 36.16 36.30 -2.12
CA CYS C 49 35.51 35.09 -2.55
C CYS C 49 35.73 34.12 -1.41
N LYS C 50 35.11 32.96 -1.50
CA LYS C 50 35.34 31.95 -0.49
C LYS C 50 36.63 31.22 -0.80
N TYR C 51 37.36 30.90 0.26
CA TYR C 51 38.62 30.21 0.15
C TYR C 51 38.43 28.84 -0.47
N LYS C 52 39.53 28.14 -0.72
CA LYS C 52 39.52 26.69 -0.80
C LYS C 52 40.80 26.20 -0.15
N THR C 53 40.64 25.45 0.93
CA THR C 53 41.77 24.88 1.65
C THR C 53 42.31 23.73 0.79
N LYS C 54 43.01 24.10 -0.26
CA LYS C 54 43.56 23.12 -1.20
C LYS C 54 44.86 22.59 -0.60
N VAL C 55 44.68 21.64 0.31
CA VAL C 55 45.72 21.05 1.13
C VAL C 55 46.81 20.44 0.25
N PRO C 56 48.07 20.83 0.37
CA PRO C 56 49.13 19.99 -0.16
C PRO C 56 49.31 18.75 0.69
N SER C 57 49.63 17.68 0.03
CA SER C 57 49.58 16.37 0.62
C SER C 57 50.65 16.21 1.71
N PRO C 58 50.29 15.87 2.94
CA PRO C 58 51.25 15.94 4.04
C PRO C 58 52.39 14.96 3.88
N VAL C 59 53.50 15.31 4.52
CA VAL C 59 54.64 14.43 4.62
C VAL C 59 54.41 13.49 5.79
N VAL C 60 54.93 12.27 5.63
CA VAL C 60 54.93 11.28 6.69
C VAL C 60 56.32 10.66 6.73
N LYS C 61 57.17 11.16 7.60
CA LYS C 61 58.42 10.51 7.88
C LYS C 61 58.20 9.43 8.93
N CYS C 62 58.78 8.26 8.70
CA CYS C 62 58.40 7.08 9.46
C CYS C 62 59.12 6.96 10.79
N CYS C 63 60.36 7.43 10.88
CA CYS C 63 61.12 7.31 12.13
C CYS C 63 61.95 8.59 12.28
N GLY C 64 61.36 9.57 12.95
CA GLY C 64 62.02 10.81 13.30
C GLY C 64 61.32 12.00 12.69
N ALA C 65 61.83 13.17 13.05
CA ALA C 65 61.11 14.42 12.81
C ALA C 65 61.35 14.95 11.40
N THR C 66 60.40 15.75 10.94
CA THR C 66 60.50 16.50 9.70
C THR C 66 60.11 17.93 10.04
N GLN C 67 61.09 18.79 10.28
CA GLN C 67 60.79 20.18 10.57
C GLN C 67 60.15 20.85 9.37
N CYS C 68 59.08 21.59 9.61
CA CYS C 68 58.42 22.35 8.57
C CYS C 68 59.03 23.74 8.48
N THR C 69 58.86 24.35 7.31
CA THR C 69 59.25 25.73 7.07
C THR C 69 58.02 26.52 6.61
N SER C 70 58.09 27.83 6.81
CA SER C 70 56.98 28.72 6.50
C SER C 70 57.07 29.09 5.03
N LYS C 71 56.47 28.25 4.19
CA LYS C 71 56.47 28.53 2.77
C LYS C 71 55.64 29.79 2.51
N PRO C 72 55.91 30.50 1.40
CA PRO C 72 55.25 31.78 1.17
C PRO C 72 53.84 31.70 0.61
N HIS C 73 53.20 30.53 0.64
CA HIS C 73 51.83 30.45 0.17
C HIS C 73 50.94 31.33 1.04
N PRO C 74 49.82 31.83 0.51
CA PRO C 74 48.95 32.65 1.34
C PRO C 74 48.37 31.88 2.50
N ASP C 75 48.62 32.39 3.71
CA ASP C 75 48.18 31.75 4.94
C ASP C 75 48.69 30.32 5.01
N TYR C 76 49.98 30.17 4.75
CA TYR C 76 50.56 28.84 4.72
C TYR C 76 50.65 28.31 6.13
N GLN C 77 49.62 27.59 6.54
CA GLN C 77 49.60 26.95 7.83
C GLN C 77 50.24 25.58 7.71
N CYS C 78 51.23 25.33 8.55
CA CYS C 78 51.94 24.06 8.56
C CYS C 78 52.38 23.78 9.98
N GLN C 79 52.14 22.56 10.43
CA GLN C 79 52.50 22.15 11.78
C GLN C 79 52.94 20.71 11.75
N VAL C 80 54.16 20.47 12.22
CA VAL C 80 54.67 19.12 12.35
C VAL C 80 53.84 18.39 13.39
N PHE C 81 53.71 17.08 13.22
CA PHE C 81 53.05 16.24 14.20
C PHE C 81 53.76 14.90 14.29
N THR C 82 53.86 14.40 15.51
CA THR C 82 54.42 13.09 15.78
C THR C 82 53.32 12.21 16.38
N GLY C 83 53.71 11.03 16.81
CA GLY C 83 52.81 10.15 17.50
C GLY C 83 51.68 9.69 16.62
N VAL C 84 52.01 9.09 15.49
CA VAL C 84 51.04 8.52 14.57
C VAL C 84 51.43 7.09 14.26
N TYR C 85 50.62 6.46 13.43
CA TYR C 85 50.77 5.06 13.08
C TYR C 85 49.88 4.87 11.86
N PRO C 86 50.20 5.52 10.76
CA PRO C 86 49.20 5.85 9.74
C PRO C 86 48.68 4.66 8.95
N PHE C 87 47.46 4.24 9.24
CA PHE C 87 46.80 3.20 8.46
C PHE C 87 46.63 3.66 7.02
N MET C 88 47.35 3.03 6.11
CA MET C 88 47.26 3.36 4.69
C MET C 88 47.29 2.05 3.91
N TRP C 89 46.13 1.44 3.73
CA TRP C 89 45.89 0.35 2.78
C TRP C 89 46.52 -1.00 3.15
N GLY C 90 47.39 -1.02 4.16
CA GLY C 90 48.04 -2.24 4.59
C GLY C 90 48.13 -2.26 6.09
N GLY C 91 47.12 -1.68 6.74
CA GLY C 91 47.31 -1.24 8.10
C GLY C 91 48.28 -0.07 8.07
N ALA C 92 48.98 0.13 9.18
CA ALA C 92 50.03 1.12 9.18
C ALA C 92 51.13 0.71 8.21
N TYR C 93 52.07 1.63 7.96
CA TYR C 93 53.20 1.32 7.11
C TYR C 93 54.53 1.74 7.71
N CYS C 94 54.54 2.79 8.52
CA CYS C 94 55.75 3.20 9.20
C CYS C 94 55.98 2.33 10.43
N PHE C 95 57.15 1.70 10.51
CA PHE C 95 57.36 0.63 11.47
C PHE C 95 57.61 1.13 12.89
N CYS C 96 58.07 2.37 13.05
CA CYS C 96 58.15 2.94 14.39
C CYS C 96 56.73 3.16 14.93
N ASP C 97 56.64 3.69 16.15
CA ASP C 97 55.36 3.89 16.82
C ASP C 97 55.18 5.26 17.46
N THR C 98 56.25 5.97 17.76
CA THR C 98 56.18 7.36 18.20
C THR C 98 57.02 8.26 17.33
N GLU C 99 58.14 7.74 16.82
CA GLU C 99 58.95 8.44 15.85
C GLU C 99 58.26 8.58 14.51
N ASN C 100 57.15 7.86 14.30
CA ASN C 100 56.26 8.11 13.18
C ASN C 100 55.86 9.58 13.20
N THR C 101 56.30 10.33 12.19
CA THR C 101 56.08 11.76 12.12
C THR C 101 55.18 12.07 10.93
N GLN C 102 54.35 13.08 11.12
CA GLN C 102 53.40 13.53 10.11
C GLN C 102 53.43 15.05 10.10
N MET C 103 53.75 15.61 8.94
CA MET C 103 53.83 17.06 8.77
C MET C 103 52.68 17.48 7.90
N SER C 104 51.70 18.13 8.50
CA SER C 104 50.56 18.66 7.78
C SER C 104 50.83 20.09 7.36
N GLU C 105 50.45 20.40 6.13
CA GLU C 105 50.58 21.74 5.59
C GLU C 105 49.35 22.06 4.77
N ALA C 106 48.86 23.28 4.93
CA ALA C 106 47.69 23.74 4.19
C ALA C 106 47.78 25.23 4.01
N TYR C 107 47.53 25.68 2.78
CA TYR C 107 47.46 27.10 2.48
C TYR C 107 46.13 27.42 1.88
N VAL C 108 45.81 28.68 1.90
CA VAL C 108 44.57 29.20 1.37
C VAL C 108 44.78 29.54 -0.09
N GLU C 109 43.74 29.32 -0.90
CA GLU C 109 43.80 29.63 -2.31
C GLU C 109 42.42 30.07 -2.78
N ARG C 110 42.43 30.95 -3.77
CA ARG C 110 41.19 31.37 -4.41
C ARG C 110 40.44 30.16 -4.94
N SER C 111 39.14 30.15 -4.70
CA SER C 111 38.30 29.14 -5.33
C SER C 111 38.31 29.33 -6.84
N GLU C 112 37.81 28.31 -7.52
CA GLU C 112 37.51 28.48 -8.94
C GLU C 112 36.35 29.43 -9.13
N GLU C 113 35.46 29.51 -8.14
CA GLU C 113 34.37 30.47 -8.18
C GLU C 113 34.85 31.90 -7.96
N CYS C 114 36.04 32.07 -7.38
CA CYS C 114 36.58 33.41 -7.17
C CYS C 114 36.67 34.18 -8.48
N SER C 115 36.94 33.49 -9.58
CA SER C 115 37.03 34.15 -10.86
C SER C 115 35.69 34.75 -11.26
N ILE C 116 34.59 34.11 -10.86
CA ILE C 116 33.30 34.34 -11.48
C ILE C 116 32.24 34.75 -10.46
N ASP C 117 32.20 34.06 -9.33
CA ASP C 117 31.26 34.34 -8.25
C ASP C 117 32.09 34.92 -7.13
N HIS C 118 32.08 36.24 -7.03
CA HIS C 118 33.02 36.90 -6.16
C HIS C 118 32.47 38.27 -5.79
N ALA C 119 32.55 38.59 -4.51
CA ALA C 119 32.29 39.95 -4.12
C ALA C 119 33.44 40.82 -4.58
N LYS C 120 33.24 42.13 -4.50
CA LYS C 120 34.19 43.04 -5.11
C LYS C 120 34.08 44.38 -4.40
N ALA C 121 35.13 44.76 -3.69
CA ALA C 121 35.14 46.02 -2.97
C ALA C 121 35.52 47.16 -3.88
N TYR C 122 35.28 48.36 -3.41
CA TYR C 122 35.63 49.56 -4.14
C TYR C 122 35.75 50.73 -3.18
N LYS C 123 36.73 51.60 -3.44
CA LYS C 123 36.70 52.96 -2.91
C LYS C 123 36.08 53.84 -3.98
N VAL C 124 34.94 54.42 -3.66
CA VAL C 124 34.08 55.07 -4.64
C VAL C 124 34.10 56.57 -4.41
N HIS C 125 34.53 57.28 -5.43
CA HIS C 125 34.48 58.73 -5.51
C HIS C 125 33.26 59.13 -6.34
N THR C 126 33.21 60.39 -6.80
CA THR C 126 31.96 60.94 -7.33
C THR C 126 31.78 60.76 -8.84
N GLY C 127 32.82 60.92 -9.64
CA GLY C 127 32.73 60.82 -11.10
C GLY C 127 31.72 61.77 -11.73
N THR C 128 31.08 61.30 -12.81
CA THR C 128 30.41 62.20 -13.76
C THR C 128 29.21 61.49 -14.39
N VAL C 129 28.02 62.10 -14.28
CA VAL C 129 26.78 61.42 -14.64
C VAL C 129 26.44 61.68 -16.11
N GLN C 130 25.62 60.78 -16.68
CA GLN C 130 25.35 60.70 -18.11
C GLN C 130 23.86 60.52 -18.38
N ALA C 131 23.48 60.46 -19.66
CA ALA C 131 22.09 60.35 -20.08
C ALA C 131 21.99 60.16 -21.59
N MET C 132 21.04 59.35 -22.05
CA MET C 132 20.76 59.18 -23.50
C MET C 132 19.65 60.09 -23.96
N VAL C 133 19.77 61.38 -23.70
CA VAL C 133 18.67 62.32 -23.82
C VAL C 133 18.03 62.23 -25.20
N ASN C 134 16.75 61.83 -25.25
CA ASN C 134 16.00 62.04 -26.46
C ASN C 134 15.48 63.46 -26.46
N ILE C 135 15.60 64.10 -27.60
CA ILE C 135 14.75 65.23 -27.92
C ILE C 135 14.14 64.96 -29.29
N THR C 136 12.83 64.82 -29.32
CA THR C 136 12.08 64.84 -30.57
C THR C 136 11.76 66.31 -30.87
N TYR C 137 12.80 67.02 -31.27
CA TYR C 137 12.78 68.48 -31.26
C TYR C 137 11.88 69.06 -32.33
N GLY C 138 11.15 70.11 -31.96
CA GLY C 138 10.58 71.07 -32.88
C GLY C 138 9.83 70.45 -34.05
N SER C 139 10.42 70.61 -35.22
CA SER C 139 10.10 69.80 -36.39
C SER C 139 11.20 68.83 -36.74
N VAL C 140 12.37 68.90 -36.06
CA VAL C 140 13.42 67.91 -36.26
C VAL C 140 12.89 66.53 -35.93
N SER C 141 12.16 66.42 -34.82
CA SER C 141 11.43 65.25 -34.38
C SER C 141 12.32 64.13 -33.87
N TRP C 142 13.64 64.29 -33.85
CA TRP C 142 14.47 63.21 -33.34
C TRP C 142 15.93 63.56 -33.06
N ARG C 143 16.39 63.16 -31.88
CA ARG C 143 17.79 62.90 -31.60
C ARG C 143 17.79 62.11 -30.31
N SER C 144 18.49 60.98 -30.28
CA SER C 144 18.63 60.19 -29.05
C SER C 144 20.13 60.03 -28.80
N ALA C 145 20.68 60.97 -28.04
CA ALA C 145 22.12 61.11 -27.89
C ALA C 145 22.55 60.91 -26.46
N ASP C 146 23.75 60.36 -26.31
CA ASP C 146 24.37 60.18 -25.00
C ASP C 146 25.16 61.43 -24.67
N VAL C 147 24.97 61.96 -23.46
CA VAL C 147 25.52 63.24 -23.07
C VAL C 147 26.18 63.10 -21.71
N TYR C 148 26.66 64.22 -21.21
CA TYR C 148 27.25 64.36 -19.89
C TYR C 148 26.45 65.38 -19.08
N VAL C 149 26.99 65.72 -17.92
CA VAL C 149 26.39 66.63 -16.98
C VAL C 149 27.25 67.85 -16.73
N ASN C 150 28.54 67.75 -16.97
CA ASN C 150 29.44 68.83 -16.64
C ASN C 150 29.16 70.03 -17.52
N GLY C 151 28.96 71.19 -16.89
CA GLY C 151 28.30 72.29 -17.56
C GLY C 151 29.14 73.07 -18.55
N GLU C 152 29.93 72.36 -19.35
CA GLU C 152 30.44 72.95 -20.58
C GLU C 152 30.52 71.93 -21.71
N THR C 153 30.00 70.72 -21.53
CA THR C 153 30.08 69.69 -22.56
C THR C 153 28.91 69.84 -23.52
N PRO C 154 29.14 70.08 -24.80
CA PRO C 154 28.11 69.86 -25.80
C PRO C 154 28.07 68.41 -26.27
N ALA C 155 27.03 68.10 -27.03
CA ALA C 155 26.97 66.84 -27.77
C ALA C 155 26.18 67.11 -29.05
N LYS C 156 26.91 67.41 -30.11
CA LYS C 156 26.31 67.73 -31.40
C LYS C 156 25.97 66.42 -32.12
N ILE C 157 24.92 65.77 -31.61
CA ILE C 157 24.35 64.58 -32.22
C ILE C 157 22.92 64.95 -32.58
N GLY C 158 22.61 64.86 -33.88
CA GLY C 158 21.40 65.45 -34.42
C GLY C 158 21.78 66.72 -35.14
N ASP C 159 21.24 67.85 -34.69
CA ASP C 159 21.67 69.16 -35.14
C ASP C 159 21.86 70.16 -34.02
N ALA C 160 21.33 69.89 -32.83
CA ALA C 160 21.35 70.85 -31.74
C ALA C 160 22.56 70.61 -30.85
N LYS C 161 23.07 71.71 -30.31
CA LYS C 161 24.17 71.69 -29.36
C LYS C 161 23.60 71.99 -27.98
N LEU C 162 23.89 71.12 -27.03
CA LEU C 162 23.20 71.12 -25.74
C LEU C 162 24.19 70.96 -24.61
N ILE C 163 24.07 71.81 -23.61
CA ILE C 163 24.96 71.82 -22.46
C ILE C 163 24.11 71.58 -21.24
N ILE C 164 24.57 70.67 -20.39
CA ILE C 164 23.79 70.11 -19.31
C ILE C 164 24.56 70.34 -18.02
N GLY C 165 23.81 70.57 -16.96
CA GLY C 165 24.35 70.59 -15.62
C GLY C 165 25.44 71.62 -15.44
N PRO C 166 26.26 71.49 -14.39
CA PRO C 166 26.29 70.42 -13.40
C PRO C 166 25.07 70.43 -12.50
N LEU C 167 24.57 69.24 -12.20
CA LEU C 167 23.41 69.15 -11.32
C LEU C 167 23.77 69.60 -9.92
N SER C 168 22.77 70.09 -9.20
CA SER C 168 22.96 70.54 -7.84
C SER C 168 22.84 69.41 -6.82
N SER C 169 22.31 68.26 -7.22
CA SER C 169 21.93 67.21 -6.29
C SER C 169 23.02 66.14 -6.28
N ALA C 170 24.09 66.45 -5.57
CA ALA C 170 25.30 65.65 -5.61
C ALA C 170 25.23 64.38 -4.77
N TRP C 171 24.05 63.93 -4.39
CA TRP C 171 23.94 62.69 -3.63
C TRP C 171 24.35 61.55 -4.53
N SER C 172 25.58 61.10 -4.36
CA SER C 172 25.97 59.83 -4.93
C SER C 172 25.33 58.75 -4.05
N PRO C 173 24.38 57.96 -4.55
CA PRO C 173 23.80 56.94 -3.69
C PRO C 173 24.81 55.91 -3.24
N PHE C 174 25.84 55.67 -4.04
CA PHE C 174 26.98 54.93 -3.55
C PHE C 174 27.60 55.67 -2.38
N ASP C 175 27.96 54.93 -1.35
CA ASP C 175 28.78 55.46 -0.28
C ASP C 175 30.23 55.49 -0.74
N ASN C 176 31.12 55.92 0.15
CA ASN C 176 32.55 55.91 -0.18
C ASN C 176 33.04 54.49 -0.42
N LYS C 177 32.74 53.60 0.51
CA LYS C 177 33.15 52.21 0.43
C LYS C 177 31.97 51.38 -0.02
N VAL C 178 32.20 50.51 -0.99
CA VAL C 178 31.15 49.71 -1.61
C VAL C 178 31.68 48.31 -1.83
N VAL C 179 30.82 47.33 -1.61
CA VAL C 179 31.04 45.97 -2.08
C VAL C 179 30.04 45.71 -3.18
N VAL C 180 30.45 44.85 -4.10
CA VAL C 180 29.69 44.57 -5.32
C VAL C 180 29.70 43.07 -5.54
N TYR C 181 28.55 42.55 -5.97
CA TYR C 181 28.39 41.11 -6.11
C TYR C 181 27.45 40.82 -7.27
N GLY C 182 28.02 40.57 -8.44
CA GLY C 182 27.27 40.03 -9.55
C GLY C 182 26.32 41.03 -10.15
N HIS C 183 25.26 41.35 -9.42
CA HIS C 183 24.43 42.53 -9.68
C HIS C 183 24.01 43.26 -8.42
N GLU C 184 23.99 42.61 -7.28
CA GLU C 184 23.56 43.25 -6.04
C GLU C 184 24.73 44.02 -5.47
N VAL C 185 24.53 45.33 -5.35
CA VAL C 185 25.58 46.26 -4.94
C VAL C 185 25.30 46.67 -3.50
N TYR C 186 26.33 46.60 -2.67
CA TYR C 186 26.20 46.81 -1.24
C TYR C 186 27.14 47.94 -0.84
N ASN C 187 26.57 49.01 -0.30
CA ASN C 187 27.34 50.18 0.14
C ASN C 187 27.96 49.90 1.51
N TYR C 188 28.80 48.88 1.52
CA TYR C 188 29.29 48.28 2.75
C TYR C 188 30.66 48.82 3.10
N ASP C 189 30.85 49.07 4.39
CA ASP C 189 32.16 49.43 4.92
C ASP C 189 32.99 48.16 4.99
N PHE C 190 33.46 47.71 3.83
CA PHE C 190 34.36 46.58 3.80
C PHE C 190 35.59 46.92 4.62
N PRO C 191 36.16 45.97 5.38
CA PRO C 191 37.22 46.35 6.32
C PRO C 191 38.40 46.97 5.62
N GLU C 192 39.11 46.19 4.80
CA GLU C 192 40.12 46.65 3.87
C GLU C 192 40.76 45.43 3.24
N TYR C 193 41.50 45.61 2.15
CA TYR C 193 42.51 44.63 1.78
C TYR C 193 43.47 44.45 2.93
N GLY C 194 43.95 43.22 3.10
CA GLY C 194 45.05 42.98 3.98
C GLY C 194 44.70 42.80 5.44
N THR C 195 43.43 42.90 5.83
CA THR C 195 43.06 42.96 7.24
C THR C 195 41.92 42.05 7.67
N GLY C 196 41.05 41.64 6.75
CA GLY C 196 39.73 41.15 7.11
C GLY C 196 39.73 39.97 8.06
N LYS C 197 39.04 40.14 9.19
CA LYS C 197 39.03 39.10 10.21
C LYS C 197 38.41 37.83 9.68
N ALA C 198 38.96 36.70 10.09
CA ALA C 198 38.49 35.43 9.59
C ALA C 198 37.05 35.19 9.99
N GLY C 199 36.29 34.66 9.05
CA GLY C 199 34.85 34.52 9.21
C GLY C 199 34.13 35.76 8.76
N SER C 200 34.63 36.92 9.15
CA SER C 200 34.06 38.16 8.70
C SER C 200 34.29 38.32 7.20
N PHE C 201 33.58 39.26 6.62
CA PHE C 201 33.71 39.54 5.20
C PHE C 201 35.16 39.85 4.85
N GLY C 202 35.59 39.35 3.72
CA GLY C 202 36.97 39.55 3.32
C GLY C 202 37.96 38.76 4.13
N ASP C 203 37.63 37.51 4.45
CA ASP C 203 38.66 36.65 5.01
C ASP C 203 39.72 36.36 3.97
N LEU C 204 39.29 36.09 2.73
CA LEU C 204 40.17 36.09 1.57
C LEU C 204 40.09 37.47 0.96
N GLN C 205 41.25 38.01 0.60
CA GLN C 205 41.31 39.34 0.01
C GLN C 205 42.41 39.30 -1.05
N SER C 206 41.99 39.10 -2.28
CA SER C 206 42.89 39.15 -3.43
C SER C 206 42.64 40.46 -4.17
N ARG C 207 43.74 41.08 -4.60
CA ARG C 207 43.66 42.33 -5.34
C ARG C 207 42.76 42.17 -6.56
N THR C 208 43.05 41.17 -7.37
CA THR C 208 42.19 40.80 -8.47
C THR C 208 42.15 39.28 -8.54
N SER C 209 41.60 38.78 -9.63
CA SER C 209 41.50 37.33 -9.80
C SER C 209 42.84 36.74 -10.17
N THR C 210 43.58 37.43 -11.02
CA THR C 210 44.90 36.97 -11.43
C THR C 210 45.89 37.01 -10.29
N SER C 211 45.70 37.91 -9.33
CA SER C 211 46.71 38.17 -8.32
C SER C 211 46.99 36.95 -7.48
N ASN C 212 48.17 36.37 -7.66
CA ASN C 212 48.54 35.18 -6.89
C ASN C 212 48.69 35.49 -5.42
N ASP C 213 49.15 36.70 -5.10
CA ASP C 213 49.22 37.12 -3.71
C ASP C 213 47.85 37.54 -3.22
N LEU C 214 47.65 37.44 -1.92
CA LEU C 214 46.39 37.84 -1.31
C LEU C 214 46.59 38.00 0.18
N TYR C 215 45.49 38.17 0.90
CA TYR C 215 45.48 38.15 2.35
C TYR C 215 44.40 37.18 2.79
N ALA C 216 44.81 36.13 3.48
CA ALA C 216 43.92 35.06 3.93
C ALA C 216 44.02 34.94 5.43
N ASN C 217 43.30 35.79 6.15
CA ASN C 217 43.03 35.55 7.56
C ASN C 217 41.79 34.69 7.57
N THR C 218 42.01 33.37 7.63
CA THR C 218 40.95 32.40 7.80
C THR C 218 41.02 31.69 9.14
N ASN C 219 42.02 31.98 9.96
CA ASN C 219 42.22 31.27 11.21
C ASN C 219 42.38 29.77 10.95
N LEU C 220 43.02 29.45 9.83
CA LEU C 220 43.28 28.07 9.47
C LEU C 220 44.23 27.47 10.48
N LYS C 221 43.75 26.47 11.22
CA LYS C 221 44.54 25.81 12.25
C LYS C 221 44.47 24.31 12.00
N LEU C 222 45.59 23.73 11.62
CA LEU C 222 45.67 22.30 11.44
C LEU C 222 45.69 21.61 12.79
N GLN C 223 45.05 20.45 12.85
CA GLN C 223 45.10 19.58 14.01
C GLN C 223 45.65 18.22 13.60
N ARG C 224 46.11 17.48 14.59
CA ARG C 224 46.77 16.23 14.27
C ARG C 224 45.74 15.21 13.80
N PRO C 225 46.06 14.38 12.81
CA PRO C 225 45.11 13.34 12.43
C PRO C 225 44.98 12.30 13.53
N GLN C 226 43.84 11.64 13.54
CA GLN C 226 43.43 10.79 14.63
C GLN C 226 43.92 9.36 14.46
N ALA C 227 44.30 8.76 15.58
CA ALA C 227 44.43 7.30 15.75
C ALA C 227 45.20 6.63 14.63
N GLY C 228 46.31 7.25 14.22
CA GLY C 228 47.19 6.66 13.25
C GLY C 228 46.51 6.41 11.92
N ILE C 229 45.94 7.47 11.34
CA ILE C 229 45.36 7.40 10.00
C ILE C 229 45.78 8.64 9.23
N VAL C 230 45.99 8.45 7.93
CA VAL C 230 46.36 9.54 7.04
C VAL C 230 45.14 10.40 6.77
N HIS C 231 45.20 11.65 7.22
CA HIS C 231 44.31 12.70 6.75
C HIS C 231 44.83 14.00 7.34
N THR C 232 44.10 15.09 7.06
CA THR C 232 44.55 16.43 7.38
C THR C 232 43.41 17.18 8.04
N PRO C 233 43.33 17.17 9.34
CA PRO C 233 42.39 18.08 9.99
C PRO C 233 42.76 19.51 9.69
N PHE C 234 41.92 20.19 8.91
CA PHE C 234 42.01 21.62 8.74
C PHE C 234 40.78 22.21 9.42
N THR C 235 41.02 22.96 10.48
CA THR C 235 39.98 23.61 11.24
C THR C 235 39.98 25.07 10.86
N GLN C 236 38.85 25.52 10.34
CA GLN C 236 38.83 26.78 9.61
C GLN C 236 37.44 27.35 9.66
N ALA C 237 37.38 28.66 9.64
CA ALA C 237 36.13 29.35 9.49
C ALA C 237 35.66 29.22 8.06
N PRO C 238 34.45 28.71 7.79
CA PRO C 238 33.88 28.91 6.46
C PRO C 238 33.80 30.39 6.15
N SER C 239 33.81 30.72 4.88
CA SER C 239 34.25 32.05 4.53
C SER C 239 33.25 33.11 4.91
N GLY C 240 33.77 34.32 5.10
CA GLY C 240 32.99 35.53 5.08
C GLY C 240 32.46 35.90 3.73
N PHE C 241 32.74 35.09 2.71
CA PHE C 241 32.00 35.10 1.46
C PHE C 241 30.88 34.09 1.45
N GLU C 242 30.95 33.06 2.31
CA GLU C 242 29.83 32.14 2.46
C GLU C 242 28.69 32.82 3.18
N ARG C 243 28.90 33.22 4.42
CA ARG C 243 28.11 34.34 4.93
C ARG C 243 28.52 35.55 4.14
N TRP C 244 27.66 36.58 4.16
CA TRP C 244 27.59 37.67 3.18
C TRP C 244 26.80 37.22 1.96
N LYS C 245 26.40 35.95 1.88
CA LYS C 245 25.43 35.51 0.90
C LYS C 245 24.13 35.01 1.54
N ARG C 246 24.11 34.78 2.86
CA ARG C 246 22.87 34.42 3.53
C ARG C 246 22.71 35.03 4.92
N ASP C 247 23.65 35.87 5.37
CA ASP C 247 23.44 36.73 6.53
C ASP C 247 23.86 38.16 6.20
N LYS C 248 23.67 38.53 4.95
CA LYS C 248 24.15 39.78 4.39
C LYS C 248 23.23 40.94 4.75
N GLY C 249 23.44 42.06 4.07
CA GLY C 249 22.50 43.16 4.03
C GLY C 249 21.86 43.27 2.64
N ALA C 250 20.90 44.15 2.56
CA ALA C 250 20.09 44.25 1.35
C ALA C 250 20.76 45.13 0.32
N PRO C 251 20.38 45.03 -0.95
CA PRO C 251 21.09 45.77 -1.99
C PRO C 251 20.61 47.18 -2.20
N LEU C 252 21.57 47.99 -2.64
CA LEU C 252 21.36 49.40 -2.84
C LEU C 252 20.32 49.67 -3.91
N ASN C 253 20.14 48.75 -4.85
CA ASN C 253 18.98 48.82 -5.73
C ASN C 253 17.70 48.36 -5.05
N ASP C 254 17.75 48.08 -3.75
CA ASP C 254 16.59 47.84 -2.93
C ASP C 254 16.58 48.64 -1.64
N VAL C 255 17.62 49.45 -1.35
CA VAL C 255 17.62 50.28 -0.15
C VAL C 255 18.10 51.70 -0.39
N ALA C 256 18.47 52.04 -1.63
CA ALA C 256 18.98 53.39 -1.86
C ALA C 256 17.92 54.43 -1.58
N PRO C 257 18.32 55.69 -1.39
CA PRO C 257 17.36 56.79 -1.51
C PRO C 257 17.27 57.40 -2.89
N PHE C 258 16.36 58.37 -3.00
CA PHE C 258 16.13 59.26 -4.14
C PHE C 258 16.17 58.57 -5.51
N GLY C 259 15.74 57.32 -5.54
CA GLY C 259 15.27 56.67 -6.75
C GLY C 259 16.23 56.24 -7.83
N CYS C 260 17.02 55.20 -7.55
CA CYS C 260 18.12 54.77 -8.38
C CYS C 260 17.97 53.29 -8.68
N SER C 261 18.58 52.89 -9.79
CA SER C 261 18.75 51.49 -10.15
C SER C 261 20.22 51.29 -10.47
N ILE C 262 20.64 50.03 -10.52
CA ILE C 262 22.05 49.66 -10.42
C ILE C 262 22.39 48.60 -11.47
N ALA C 263 23.66 48.52 -11.83
CA ALA C 263 24.15 47.47 -12.71
C ALA C 263 25.62 47.14 -12.43
N LEU C 264 25.97 45.86 -12.59
CA LEU C 264 27.37 45.43 -12.69
C LEU C 264 27.72 45.46 -14.16
N GLU C 265 28.16 46.60 -14.58
CA GLU C 265 28.24 47.16 -15.91
C GLU C 265 29.13 48.33 -15.51
N PRO C 266 29.27 49.43 -16.23
CA PRO C 266 30.18 50.49 -15.75
C PRO C 266 30.00 51.04 -14.32
N LEU C 267 29.14 50.44 -13.48
CA LEU C 267 28.94 50.77 -12.07
C LEU C 267 28.13 52.04 -11.99
N ARG C 268 27.19 52.14 -12.92
CA ARG C 268 26.28 53.25 -12.91
C ARG C 268 25.22 53.05 -11.86
N ALA C 269 24.53 54.13 -11.56
CA ALA C 269 23.34 54.11 -10.73
C ALA C 269 22.26 54.85 -11.50
N GLU C 270 21.50 54.11 -12.29
CA GLU C 270 20.61 54.72 -13.27
C GLU C 270 19.51 55.54 -12.60
N ASN C 271 19.07 56.56 -13.33
CA ASN C 271 17.72 57.10 -13.21
C ASN C 271 17.48 57.73 -11.84
N CYS C 272 18.53 58.25 -11.23
CA CYS C 272 18.44 58.86 -9.91
C CYS C 272 17.71 60.18 -10.02
N ALA C 273 16.42 60.16 -9.73
CA ALA C 273 15.57 61.34 -9.81
C ALA C 273 15.76 62.17 -8.56
N VAL C 274 16.57 63.23 -8.65
CA VAL C 274 16.70 64.14 -7.54
C VAL C 274 17.26 65.48 -8.01
N GLY C 275 16.63 66.55 -7.55
CA GLY C 275 17.10 67.88 -7.83
C GLY C 275 16.87 68.30 -9.27
N SER C 276 17.58 69.35 -9.65
CA SER C 276 17.43 70.00 -10.94
C SER C 276 18.75 70.02 -11.68
N ILE C 277 18.67 70.32 -12.96
CA ILE C 277 19.82 70.37 -13.85
C ILE C 277 19.73 71.65 -14.68
N PRO C 278 20.70 72.57 -14.58
CA PRO C 278 20.66 73.79 -15.40
C PRO C 278 21.07 73.57 -16.85
N ILE C 279 20.10 73.29 -17.71
CA ILE C 279 20.36 72.84 -19.06
C ILE C 279 20.16 73.99 -20.03
N SER C 280 21.01 74.04 -21.04
CA SER C 280 21.05 75.14 -21.99
C SER C 280 21.41 74.57 -23.36
N ILE C 281 20.68 75.01 -24.38
CA ILE C 281 20.81 74.47 -25.73
C ILE C 281 21.03 75.61 -26.69
N ASP C 282 21.85 75.33 -27.72
CA ASP C 282 21.98 76.19 -28.89
C ASP C 282 21.34 75.46 -30.05
N ILE C 283 20.13 75.88 -30.40
CA ILE C 283 19.33 75.31 -31.48
C ILE C 283 19.98 75.66 -32.81
N PRO C 284 19.80 74.86 -33.87
CA PRO C 284 20.15 75.37 -35.20
C PRO C 284 19.13 76.40 -35.66
N ASP C 285 19.62 77.59 -36.00
CA ASP C 285 18.75 78.67 -36.44
C ASP C 285 17.97 78.28 -37.69
N ALA C 286 18.50 77.36 -38.49
CA ALA C 286 17.76 76.87 -39.64
C ALA C 286 16.46 76.21 -39.22
N ALA C 287 16.46 75.53 -38.07
CA ALA C 287 15.26 74.87 -37.60
C ALA C 287 14.18 75.86 -37.21
N PHE C 288 14.55 77.10 -36.89
CA PHE C 288 13.54 78.09 -36.59
C PHE C 288 12.69 78.38 -37.81
N THR C 289 11.43 78.71 -37.55
CA THR C 289 10.55 79.32 -38.52
C THR C 289 10.46 80.79 -38.20
N ARG C 290 10.54 81.62 -39.23
CA ARG C 290 10.42 83.04 -39.00
C ARG C 290 9.00 83.37 -38.55
N ILE C 291 8.88 84.49 -37.84
CA ILE C 291 7.65 84.78 -37.13
C ILE C 291 6.51 85.09 -38.10
N SER C 292 6.82 85.58 -39.28
CA SER C 292 5.80 86.04 -40.21
C SER C 292 5.17 84.91 -41.02
N GLU C 293 5.37 83.66 -40.62
CA GLU C 293 4.87 82.51 -41.35
C GLU C 293 3.98 81.62 -40.52
N THR C 294 4.09 81.66 -39.19
CA THR C 294 3.15 80.96 -38.35
C THR C 294 1.91 81.83 -38.14
N PRO C 295 0.73 81.24 -38.03
CA PRO C 295 -0.46 82.05 -37.79
C PRO C 295 -0.41 82.75 -36.44
N THR C 296 -0.82 84.01 -36.43
CA THR C 296 -1.06 84.72 -35.19
C THR C 296 -2.44 84.34 -34.67
N VAL C 297 -2.50 83.96 -33.40
CA VAL C 297 -3.63 83.22 -32.85
C VAL C 297 -4.47 84.05 -31.90
N SER C 298 -4.06 85.29 -31.63
CA SER C 298 -4.71 86.11 -30.60
C SER C 298 -6.17 86.37 -30.90
N ASP C 299 -6.85 87.05 -29.96
CA ASP C 299 -8.31 87.18 -29.97
C ASP C 299 -8.96 85.80 -29.87
N LEU C 300 -8.38 84.96 -29.04
CA LEU C 300 -8.80 83.58 -28.81
C LEU C 300 -9.60 83.48 -27.52
N GLU C 301 -9.88 82.26 -27.10
CA GLU C 301 -10.38 81.99 -25.76
C GLU C 301 -10.01 80.57 -25.37
N CYS C 302 -9.72 80.37 -24.09
CA CYS C 302 -9.38 79.06 -23.54
C CYS C 302 -10.26 78.75 -22.35
N LYS C 303 -10.62 77.48 -22.22
CA LYS C 303 -11.33 77.03 -21.04
C LYS C 303 -11.15 75.53 -20.89
N ILE C 304 -10.99 75.09 -19.65
CA ILE C 304 -11.11 73.67 -19.36
C ILE C 304 -12.51 73.21 -19.70
N THR C 305 -12.64 71.92 -19.88
CA THR C 305 -13.93 71.27 -20.04
C THR C 305 -14.10 70.10 -19.10
N GLU C 306 -13.03 69.35 -18.85
CA GLU C 306 -13.03 68.31 -17.82
C GLU C 306 -11.61 68.23 -17.30
N CYS C 307 -11.31 69.03 -16.28
CA CYS C 307 -9.98 69.02 -15.70
C CYS C 307 -9.90 67.93 -14.65
N THR C 308 -8.88 67.10 -14.79
CA THR C 308 -8.64 66.00 -13.87
C THR C 308 -7.45 66.36 -13.01
N TYR C 309 -7.69 66.42 -11.70
CA TYR C 309 -6.74 66.94 -10.72
C TYR C 309 -5.71 65.88 -10.39
N ALA C 310 -4.85 65.58 -11.37
CA ALA C 310 -4.20 64.28 -11.40
C ALA C 310 -2.85 64.32 -12.11
N SER C 311 -2.30 63.11 -12.34
CA SER C 311 -0.97 62.86 -12.84
C SER C 311 -0.98 62.55 -14.33
N ASP C 312 -1.70 61.50 -14.71
CA ASP C 312 -1.93 61.24 -16.11
C ASP C 312 -2.58 62.46 -16.75
N PHE C 313 -2.36 62.61 -18.04
CA PHE C 313 -2.84 63.81 -18.70
C PHE C 313 -4.35 63.77 -18.82
N GLY C 314 -5.02 63.97 -17.70
CA GLY C 314 -6.47 63.93 -17.67
C GLY C 314 -7.08 65.29 -17.87
N GLY C 315 -6.31 66.34 -17.59
CA GLY C 315 -6.80 67.69 -17.78
C GLY C 315 -6.94 68.00 -19.26
N ILE C 316 -8.08 68.56 -19.64
CA ILE C 316 -8.33 68.97 -21.02
C ILE C 316 -8.87 70.38 -21.04
N ALA C 317 -8.76 71.00 -22.20
CA ALA C 317 -9.29 72.35 -22.36
C ALA C 317 -9.42 72.66 -23.83
N THR C 318 -10.62 72.98 -24.26
CA THR C 318 -10.81 73.55 -25.57
C THR C 318 -10.19 74.93 -25.61
N VAL C 319 -9.84 75.37 -26.81
CA VAL C 319 -9.29 76.69 -27.02
C VAL C 319 -9.94 77.24 -28.28
N ALA C 320 -10.65 78.35 -28.15
CA ALA C 320 -11.26 79.01 -29.30
C ALA C 320 -10.16 79.70 -30.08
N TYR C 321 -9.48 78.93 -30.91
CA TYR C 321 -8.38 79.48 -31.68
C TYR C 321 -8.88 80.51 -32.67
N LYS C 322 -8.19 81.64 -32.72
CA LYS C 322 -8.53 82.75 -33.61
C LYS C 322 -7.26 83.07 -34.39
N SER C 323 -7.07 82.36 -35.49
CA SER C 323 -5.83 82.42 -36.24
C SER C 323 -5.91 83.49 -37.33
N SER C 324 -4.76 83.73 -37.95
CA SER C 324 -4.65 84.59 -39.11
C SER C 324 -4.36 83.77 -40.37
N LYS C 325 -3.29 83.01 -40.34
CA LYS C 325 -3.04 81.97 -41.33
C LYS C 325 -3.60 80.66 -40.79
N ALA C 326 -3.25 79.55 -41.42
CA ALA C 326 -3.60 78.23 -40.94
C ALA C 326 -2.37 77.35 -40.98
N GLY C 327 -2.15 76.62 -39.89
CA GLY C 327 -0.98 75.75 -39.82
C GLY C 327 -0.75 75.28 -38.41
N ASN C 328 0.52 75.00 -38.11
CA ASN C 328 0.90 74.53 -36.80
C ASN C 328 1.17 75.70 -35.87
N CYS C 329 1.17 75.40 -34.58
CA CYS C 329 1.31 76.39 -33.53
C CYS C 329 1.87 75.68 -32.31
N PRO C 330 3.16 75.80 -32.01
CA PRO C 330 3.66 75.16 -30.80
C PRO C 330 3.08 75.79 -29.55
N ILE C 331 2.92 74.97 -28.52
CA ILE C 331 2.24 75.36 -27.30
C ILE C 331 3.05 74.96 -26.09
N HIS C 332 2.86 75.69 -25.00
CA HIS C 332 3.49 75.40 -23.74
C HIS C 332 2.87 76.30 -22.68
N SER C 333 2.86 75.82 -21.45
CA SER C 333 2.50 76.61 -20.29
C SER C 333 3.79 77.06 -19.64
N PRO C 334 4.21 78.32 -19.79
CA PRO C 334 5.45 78.75 -19.13
C PRO C 334 5.40 78.57 -17.62
N SER C 335 4.21 78.64 -17.04
CA SER C 335 4.06 78.25 -15.65
C SER C 335 4.17 76.73 -15.56
N GLY C 336 4.86 76.27 -14.53
CA GLY C 336 5.01 74.85 -14.32
C GLY C 336 3.81 74.17 -13.72
N VAL C 337 2.72 74.90 -13.51
CA VAL C 337 1.51 74.33 -12.93
C VAL C 337 0.98 73.23 -13.83
N ALA C 338 0.93 73.50 -15.13
CA ALA C 338 0.30 72.62 -16.09
C ALA C 338 1.37 72.00 -16.98
N VAL C 339 1.30 70.69 -17.16
CA VAL C 339 2.17 69.96 -18.05
C VAL C 339 1.29 69.39 -19.15
N ILE C 340 1.70 69.60 -20.38
CA ILE C 340 0.85 69.39 -21.55
C ILE C 340 1.41 68.24 -22.37
N LYS C 341 0.51 67.40 -22.87
CA LYS C 341 0.92 66.27 -23.69
C LYS C 341 1.26 66.70 -25.10
N GLU C 342 0.52 67.67 -25.64
CA GLU C 342 0.74 68.17 -26.99
C GLU C 342 1.79 69.27 -26.97
N ASN C 343 2.83 69.09 -27.77
CA ASN C 343 3.78 70.16 -28.02
C ASN C 343 3.24 71.15 -29.04
N ASP C 344 2.51 70.63 -30.03
CA ASP C 344 2.11 71.38 -31.20
C ASP C 344 0.66 71.07 -31.51
N VAL C 345 -0.05 72.08 -31.98
CA VAL C 345 -1.44 71.93 -32.38
C VAL C 345 -1.58 72.47 -33.80
N THR C 346 -2.29 71.72 -34.63
CA THR C 346 -2.60 72.16 -35.98
C THR C 346 -3.79 73.11 -35.93
N LEU C 347 -3.80 74.06 -36.84
CA LEU C 347 -4.84 75.08 -36.88
C LEU C 347 -5.31 75.33 -38.29
N ALA C 348 -6.62 75.27 -38.47
CA ALA C 348 -7.28 75.85 -39.63
C ALA C 348 -7.48 77.33 -39.35
N GLU C 349 -8.27 78.00 -40.18
CA GLU C 349 -8.51 79.41 -40.00
C GLU C 349 -9.45 79.62 -38.83
N SER C 350 -8.86 79.76 -37.63
CA SER C 350 -9.60 80.15 -36.43
C SER C 350 -10.67 79.12 -36.07
N GLY C 351 -10.20 77.91 -35.80
CA GLY C 351 -11.02 76.83 -35.33
C GLY C 351 -10.92 76.66 -33.82
N SER C 352 -10.99 75.41 -33.38
CA SER C 352 -10.87 75.07 -31.97
C SER C 352 -10.31 73.67 -31.86
N PHE C 353 -9.38 73.48 -30.93
CA PHE C 353 -8.74 72.19 -30.74
C PHE C 353 -8.39 72.02 -29.28
N THR C 354 -8.92 70.97 -28.68
CA THR C 354 -8.61 70.63 -27.30
C THR C 354 -7.23 69.98 -27.24
N PHE C 355 -6.56 70.21 -26.11
CA PHE C 355 -5.35 69.52 -25.76
C PHE C 355 -5.54 68.81 -24.43
N HIS C 356 -4.53 68.04 -24.05
CA HIS C 356 -4.51 67.30 -22.80
C HIS C 356 -3.44 67.88 -21.90
N PHE C 357 -3.65 67.75 -20.59
CA PHE C 357 -2.65 68.21 -19.64
C PHE C 357 -2.89 67.59 -18.28
N SER C 358 -2.10 68.02 -17.30
CA SER C 358 -2.21 67.58 -15.93
C SER C 358 -1.71 68.69 -15.02
N THR C 359 -2.33 68.81 -13.85
CA THR C 359 -2.05 69.89 -12.91
C THR C 359 -2.03 69.34 -11.50
N ALA C 360 -1.81 70.24 -10.55
CA ALA C 360 -1.79 69.91 -9.14
C ALA C 360 -2.54 70.87 -8.26
N ASN C 361 -3.04 71.98 -8.79
CA ASN C 361 -3.79 72.95 -8.02
C ASN C 361 -5.24 72.94 -8.45
N ILE C 362 -6.13 72.97 -7.46
CA ILE C 362 -7.56 72.79 -7.68
C ILE C 362 -8.06 73.81 -8.70
N HIS C 363 -7.53 75.02 -8.64
CA HIS C 363 -7.88 76.10 -9.53
C HIS C 363 -6.69 76.37 -10.44
N PRO C 364 -6.54 75.62 -11.52
CA PRO C 364 -5.37 75.82 -12.36
C PRO C 364 -5.45 77.13 -13.13
N ALA C 365 -4.73 78.12 -12.63
CA ALA C 365 -4.59 79.40 -13.31
C ALA C 365 -3.21 79.45 -13.96
N PHE C 366 -3.09 78.73 -15.06
CA PHE C 366 -1.85 78.64 -15.79
C PHE C 366 -1.98 79.34 -17.13
N LYS C 367 -0.94 80.10 -17.47
CA LYS C 367 -0.87 80.70 -18.79
C LYS C 367 -0.62 79.61 -19.82
N LEU C 368 -1.09 79.86 -21.04
CA LEU C 368 -0.80 79.00 -22.17
C LEU C 368 -0.35 79.87 -23.31
N GLN C 369 0.83 79.56 -23.84
CA GLN C 369 1.49 80.38 -24.85
C GLN C 369 1.34 79.65 -26.17
N VAL C 370 0.29 79.99 -26.92
CA VAL C 370 0.01 79.34 -28.19
C VAL C 370 0.73 80.17 -29.26
N CYS C 371 2.00 79.84 -29.44
CA CYS C 371 2.88 80.42 -30.46
C CYS C 371 2.76 81.94 -30.49
N THR C 372 3.22 82.52 -29.39
CA THR C 372 3.16 83.96 -29.12
C THR C 372 1.74 84.45 -29.00
N SER C 373 1.00 83.84 -28.08
CA SER C 373 -0.27 84.40 -27.64
C SER C 373 -0.59 83.76 -26.30
N ALA C 374 -0.53 84.55 -25.24
CA ALA C 374 -0.76 84.04 -23.90
C ALA C 374 -2.24 83.96 -23.61
N VAL C 375 -2.61 83.08 -22.68
CA VAL C 375 -3.98 82.99 -22.23
C VAL C 375 -4.03 82.22 -20.93
N THR C 376 -4.90 82.68 -20.03
CA THR C 376 -5.18 81.98 -18.79
C THR C 376 -6.26 80.95 -19.06
N CYS C 377 -5.95 79.69 -18.81
CA CYS C 377 -6.93 78.61 -18.88
C CYS C 377 -7.45 78.28 -17.47
N LYS C 378 -8.02 79.31 -16.84
CA LYS C 378 -8.54 79.18 -15.49
C LYS C 378 -9.65 78.13 -15.46
N GLY C 379 -9.80 77.49 -14.29
CA GLY C 379 -10.92 76.60 -14.10
C GLY C 379 -10.86 75.83 -12.80
N ASP C 380 -11.39 74.61 -12.82
CA ASP C 380 -11.45 73.77 -11.63
C ASP C 380 -11.40 72.31 -12.05
N CYS C 381 -10.86 71.47 -11.17
CA CYS C 381 -10.48 70.12 -11.51
C CYS C 381 -11.10 69.12 -10.54
N LYS C 382 -11.04 67.85 -10.94
CA LYS C 382 -11.70 66.76 -10.25
C LYS C 382 -10.69 65.69 -9.84
N PRO C 383 -10.77 65.15 -8.62
CA PRO C 383 -9.85 64.07 -8.22
C PRO C 383 -10.20 62.75 -8.87
N PRO C 384 -9.20 61.92 -9.24
CA PRO C 384 -9.48 60.56 -9.71
C PRO C 384 -9.66 59.50 -8.64
N LYS C 385 -9.66 58.24 -9.09
CA LYS C 385 -10.07 57.09 -8.30
C LYS C 385 -9.11 55.91 -8.29
N ASP C 386 -8.10 55.86 -9.16
CA ASP C 386 -7.54 54.60 -9.68
C ASP C 386 -6.01 54.56 -9.65
N HIS C 387 -5.41 54.80 -8.48
CA HIS C 387 -3.99 55.17 -8.36
C HIS C 387 -3.06 54.03 -7.97
N ILE C 388 -2.86 53.04 -8.86
CA ILE C 388 -1.77 52.09 -8.67
C ILE C 388 -1.04 51.67 -9.95
N VAL C 389 -0.23 52.55 -10.55
CA VAL C 389 0.49 52.25 -11.80
C VAL C 389 1.69 53.18 -11.70
N ASP C 390 2.66 53.17 -12.65
CA ASP C 390 4.02 53.71 -12.53
C ASP C 390 4.03 55.23 -12.30
N TYR C 391 4.98 56.03 -12.82
CA TYR C 391 5.18 57.37 -12.24
C TYR C 391 4.61 58.49 -13.10
N PRO C 392 4.41 59.68 -12.50
CA PRO C 392 3.51 60.67 -13.11
C PRO C 392 4.17 61.54 -14.18
N ALA C 393 3.32 62.34 -14.81
CA ALA C 393 3.72 63.41 -15.73
C ALA C 393 3.52 64.79 -15.15
N GLN C 394 3.03 64.88 -13.91
CA GLN C 394 2.60 66.12 -13.30
C GLN C 394 3.76 66.82 -12.63
N HIS C 395 4.38 66.13 -11.67
CA HIS C 395 5.64 66.49 -11.01
C HIS C 395 5.78 67.98 -10.72
N THR C 396 4.68 68.60 -10.27
CA THR C 396 4.61 70.04 -10.11
C THR C 396 3.93 70.42 -8.82
N GLU C 397 3.98 69.55 -7.82
CA GLU C 397 3.24 69.81 -6.58
C GLU C 397 3.82 71.01 -5.87
N SER C 398 2.94 71.90 -5.42
CA SER C 398 3.33 73.08 -4.69
C SER C 398 2.19 73.45 -3.76
N PHE C 399 2.21 74.68 -3.25
CA PHE C 399 1.15 75.13 -2.38
C PHE C 399 -0.14 75.34 -3.18
N THR C 400 -1.22 74.70 -2.72
CA THR C 400 -2.50 74.72 -3.42
C THR C 400 -3.66 74.88 -2.45
N TYR D 1 59.58 26.58 67.92
CA TYR D 1 59.61 27.00 66.50
C TYR D 1 58.45 26.40 65.70
N GLU D 2 57.43 25.88 66.39
CA GLU D 2 56.34 25.24 65.69
C GLU D 2 55.55 26.30 64.95
N HIS D 3 55.88 26.48 63.67
CA HIS D 3 55.52 27.69 62.93
C HIS D 3 54.05 27.67 62.54
N THR D 4 53.21 28.12 63.47
CA THR D 4 51.83 28.41 63.15
C THR D 4 51.77 29.44 62.02
N ALA D 5 50.75 29.29 61.17
CA ALA D 5 50.56 30.24 60.09
C ALA D 5 49.15 30.12 59.55
N VAL D 6 48.38 31.20 59.66
CA VAL D 6 47.17 31.30 58.86
C VAL D 6 47.60 31.36 57.40
N MET D 7 46.77 30.79 56.54
CA MET D 7 47.21 30.51 55.18
C MET D 7 46.04 30.45 54.22
N PRO D 8 46.03 31.23 53.14
CA PRO D 8 44.87 31.24 52.24
C PRO D 8 44.70 29.92 51.52
N ASN D 9 43.46 29.47 51.46
CA ASN D 9 43.12 28.28 50.69
C ASN D 9 43.11 28.66 49.22
N LYS D 10 44.15 28.27 48.51
CA LYS D 10 44.25 28.48 47.08
C LYS D 10 45.32 27.55 46.57
N VAL D 11 45.05 26.92 45.43
CA VAL D 11 45.66 25.64 45.16
C VAL D 11 47.08 25.80 44.61
N GLY D 12 47.22 26.55 43.53
CA GLY D 12 48.34 26.31 42.63
C GLY D 12 49.46 27.29 42.78
N ILE D 13 49.84 27.60 44.01
CA ILE D 13 50.80 28.67 44.23
C ILE D 13 51.44 28.49 45.61
N PRO D 14 52.77 28.57 45.74
CA PRO D 14 53.38 28.40 47.06
C PRO D 14 53.18 29.62 47.93
N TYR D 15 53.53 29.42 49.21
CA TYR D 15 53.17 30.32 50.30
C TYR D 15 54.40 30.56 51.19
N LYS D 16 55.48 31.03 50.58
CA LYS D 16 56.82 30.85 51.14
C LYS D 16 57.01 31.60 52.44
N ALA D 17 56.39 31.14 53.51
CA ALA D 17 56.58 31.73 54.83
C ALA D 17 58.01 31.55 55.30
N LEU D 18 58.32 32.10 56.48
CA LEU D 18 59.68 32.15 56.99
C LEU D 18 59.68 31.75 58.46
N VAL D 19 60.56 30.81 58.81
CA VAL D 19 60.68 30.34 60.18
C VAL D 19 61.58 31.30 60.94
N GLU D 20 61.00 32.06 61.86
CA GLU D 20 61.76 32.95 62.73
C GLU D 20 61.99 32.30 64.08
N ARG D 21 62.77 31.23 64.09
CA ARG D 21 63.18 30.61 65.33
C ARG D 21 64.20 31.51 66.03
N PRO D 22 63.96 31.99 67.25
CA PRO D 22 65.02 32.74 67.94
C PRO D 22 66.18 31.83 68.31
N GLY D 23 67.34 32.09 67.71
CA GLY D 23 68.58 31.47 68.11
C GLY D 23 69.39 30.90 66.98
N TYR D 24 68.75 30.32 65.99
CA TYR D 24 69.41 29.74 64.83
C TYR D 24 68.94 30.46 63.57
N ALA D 25 69.56 30.11 62.46
CA ALA D 25 69.25 30.79 61.21
C ALA D 25 67.82 30.52 60.80
N PRO D 26 67.09 31.51 60.29
CA PRO D 26 65.74 31.23 59.81
C PRO D 26 65.76 30.36 58.58
N VAL D 27 64.61 29.77 58.29
CA VAL D 27 64.43 28.94 57.11
C VAL D 27 63.11 29.31 56.46
N HIS D 28 63.13 29.38 55.15
CA HIS D 28 61.94 29.66 54.36
C HIS D 28 61.05 28.43 54.28
N LEU D 29 59.78 28.68 54.05
CA LEU D 29 58.85 27.65 53.63
C LEU D 29 58.64 27.73 52.13
N GLN D 30 58.03 26.69 51.59
CA GLN D 30 57.39 26.79 50.29
C GLN D 30 56.21 25.83 50.36
N ILE D 31 55.06 26.35 50.75
CA ILE D 31 53.87 25.54 50.99
C ILE D 31 52.92 25.78 49.83
N GLN D 32 52.83 24.79 48.95
CA GLN D 32 51.96 24.83 47.79
C GLN D 32 50.87 23.79 48.01
N LEU D 33 49.66 24.24 48.28
CA LEU D 33 48.50 23.37 48.44
C LEU D 33 48.06 22.87 47.07
N VAL D 34 48.81 21.91 46.54
CA VAL D 34 48.62 21.42 45.17
C VAL D 34 47.20 20.93 44.94
N ASN D 35 46.49 20.51 45.98
CA ASN D 35 45.12 20.05 45.82
C ASN D 35 44.32 20.34 47.09
N THR D 36 43.01 20.44 46.90
CA THR D 36 42.04 20.64 47.97
C THR D 36 40.88 19.69 47.77
N ARG D 37 41.18 18.41 47.59
CA ARG D 37 40.12 17.45 47.37
C ARG D 37 39.44 17.13 48.67
N ILE D 38 38.12 17.00 48.61
CA ILE D 38 37.24 17.23 49.76
C ILE D 38 36.70 15.92 50.33
N ILE D 39 35.92 15.20 49.55
CA ILE D 39 35.41 13.88 49.93
C ILE D 39 34.52 14.09 51.15
N PRO D 40 33.34 14.66 50.97
CA PRO D 40 32.41 14.75 52.08
C PRO D 40 31.85 13.40 52.46
N SER D 41 31.21 13.37 53.61
CA SER D 41 30.48 12.18 54.04
C SER D 41 29.20 12.08 53.26
N THR D 42 28.91 10.89 52.75
CA THR D 42 27.82 10.69 51.82
C THR D 42 27.15 9.34 52.08
N ASN D 43 26.09 9.08 51.32
CA ASN D 43 25.36 7.84 51.40
C ASN D 43 24.74 7.55 50.04
N LEU D 44 25.00 6.36 49.51
CA LEU D 44 24.31 5.94 48.31
C LEU D 44 22.87 5.65 48.65
N GLU D 45 21.97 6.48 48.14
CA GLU D 45 20.55 6.39 48.48
C GLU D 45 19.80 5.52 47.50
N TYR D 46 19.99 5.77 46.22
CA TYR D 46 19.45 4.90 45.20
C TYR D 46 20.07 5.25 43.88
N ILE D 47 20.42 4.24 43.13
CA ILE D 47 20.70 4.42 41.73
C ILE D 47 19.37 4.60 41.03
N THR D 48 19.35 5.43 40.01
CA THR D 48 18.30 5.38 39.02
C THR D 48 18.92 5.26 37.65
N CYS D 49 18.05 5.04 36.69
CA CYS D 49 18.40 4.70 35.32
C CYS D 49 17.09 4.63 34.58
N LYS D 50 17.16 4.45 33.28
CA LYS D 50 15.95 4.30 32.51
C LYS D 50 15.46 2.87 32.64
N TYR D 51 14.15 2.74 32.72
CA TYR D 51 13.51 1.44 32.83
C TYR D 51 13.80 0.60 31.61
N LYS D 52 13.35 -0.65 31.63
CA LYS D 52 13.07 -1.41 30.43
C LYS D 52 11.83 -2.22 30.68
N THR D 53 10.78 -1.94 29.93
CA THR D 53 9.52 -2.66 30.04
C THR D 53 9.74 -4.04 29.41
N LYS D 54 10.43 -4.90 30.15
CA LYS D 54 10.75 -6.24 29.67
C LYS D 54 9.53 -7.10 29.91
N VAL D 55 8.60 -6.99 28.97
CA VAL D 55 7.28 -7.61 29.03
C VAL D 55 7.42 -9.12 29.13
N PRO D 56 6.84 -9.76 30.15
CA PRO D 56 6.62 -11.20 30.05
C PRO D 56 5.51 -11.51 29.07
N SER D 57 5.68 -12.60 28.38
CA SER D 57 4.87 -12.90 27.24
C SER D 57 3.42 -13.20 27.65
N PRO D 58 2.44 -12.49 27.10
CA PRO D 58 1.08 -12.58 27.64
C PRO D 58 0.47 -13.95 27.46
N VAL D 59 -0.49 -14.24 28.32
CA VAL D 59 -1.30 -15.44 28.20
C VAL D 59 -2.44 -15.15 27.24
N VAL D 60 -2.82 -16.19 26.51
CA VAL D 60 -3.98 -16.14 25.64
C VAL D 60 -4.77 -17.42 25.87
N LYS D 61 -5.79 -17.34 26.73
CA LYS D 61 -6.75 -18.41 26.85
C LYS D 61 -7.81 -18.25 25.78
N CYS D 62 -8.16 -19.36 25.13
CA CYS D 62 -8.92 -19.28 23.90
C CYS D 62 -10.42 -19.18 24.14
N CYS D 63 -10.94 -19.79 25.21
CA CYS D 63 -12.38 -19.75 25.46
C CYS D 63 -12.57 -19.64 26.98
N GLY D 64 -12.65 -18.39 27.44
CA GLY D 64 -12.93 -18.09 28.82
C GLY D 64 -11.81 -17.30 29.46
N ALA D 65 -12.06 -16.90 30.70
CA ALA D 65 -11.24 -15.91 31.37
C ALA D 65 -10.00 -16.53 32.00
N THR D 66 -8.99 -15.68 32.18
CA THR D 66 -7.78 -16.01 32.92
C THR D 66 -7.54 -14.85 33.87
N GLN D 67 -7.98 -15.01 35.12
CA GLN D 67 -7.76 -13.97 36.11
C GLN D 67 -6.28 -13.80 36.36
N CYS D 68 -5.83 -12.55 36.39
CA CYS D 68 -4.46 -12.23 36.71
C CYS D 68 -4.30 -12.02 38.21
N THR D 69 -3.07 -12.19 38.68
CA THR D 69 -2.70 -11.90 40.06
C THR D 69 -1.57 -10.89 40.07
N SER D 70 -1.46 -10.18 41.19
CA SER D 70 -0.48 -9.11 41.34
C SER D 70 0.84 -9.74 41.77
N LYS D 71 1.63 -10.15 40.78
CA LYS D 71 2.92 -10.72 41.08
C LYS D 71 3.82 -9.66 41.70
N PRO D 72 4.83 -10.05 42.47
CA PRO D 72 5.64 -9.07 43.20
C PRO D 72 6.72 -8.39 42.37
N HIS D 73 6.69 -8.50 41.05
CA HIS D 73 7.69 -7.80 40.26
C HIS D 73 7.55 -6.30 40.46
N PRO D 74 8.62 -5.52 40.29
CA PRO D 74 8.50 -4.07 40.47
C PRO D 74 7.56 -3.46 39.45
N ASP D 75 6.53 -2.79 39.96
CA ASP D 75 5.51 -2.15 39.13
C ASP D 75 4.88 -3.19 38.21
N TYR D 76 4.50 -4.31 38.80
CA TYR D 76 3.93 -5.40 38.02
C TYR D 76 2.55 -5.01 37.55
N GLN D 77 2.49 -4.43 36.37
CA GLN D 77 1.22 -4.07 35.76
C GLN D 77 0.71 -5.27 34.97
N CYS D 78 -0.51 -5.67 35.28
CA CYS D 78 -1.15 -6.79 34.59
C CYS D 78 -2.64 -6.53 34.54
N GLN D 79 -3.22 -6.74 33.36
CA GLN D 79 -4.64 -6.51 33.16
C GLN D 79 -5.16 -7.56 32.20
N VAL D 80 -6.16 -8.29 32.65
CA VAL D 80 -6.83 -9.25 31.79
C VAL D 80 -7.54 -8.50 30.68
N PHE D 81 -7.65 -9.14 29.52
CA PHE D 81 -8.40 -8.59 28.41
C PHE D 81 -9.13 -9.71 27.69
N THR D 82 -10.35 -9.41 27.26
CA THR D 82 -11.15 -10.30 26.45
C THR D 82 -11.39 -9.66 25.10
N GLY D 83 -12.22 -10.31 24.30
CA GLY D 83 -12.64 -9.75 23.04
C GLY D 83 -11.49 -9.61 22.07
N VAL D 84 -10.80 -10.72 21.81
CA VAL D 84 -9.72 -10.76 20.84
C VAL D 84 -9.98 -11.91 19.88
N TYR D 85 -9.05 -12.07 18.95
CA TYR D 85 -9.15 -13.04 17.87
C TYR D 85 -7.76 -13.11 17.28
N PRO D 86 -6.79 -13.58 18.06
CA PRO D 86 -5.39 -13.22 17.82
C PRO D 86 -4.76 -13.83 16.58
N PHE D 87 -4.58 -13.01 15.55
CA PHE D 87 -3.86 -13.46 14.36
C PHE D 87 -2.43 -13.83 14.71
N MET D 88 -2.12 -15.13 14.63
CA MET D 88 -0.78 -15.61 14.91
C MET D 88 -0.43 -16.68 13.87
N TRP D 89 0.08 -16.23 12.73
CA TRP D 89 0.74 -17.08 11.73
C TRP D 89 -0.19 -18.01 10.94
N GLY D 90 -1.45 -18.13 11.35
CA GLY D 90 -2.40 -18.97 10.66
C GLY D 90 -3.74 -18.28 10.61
N GLY D 91 -3.71 -16.96 10.53
CA GLY D 91 -4.86 -16.19 10.94
C GLY D 91 -4.98 -16.32 12.44
N ALA D 92 -6.20 -16.16 12.95
CA ALA D 92 -6.41 -16.42 14.35
C ALA D 92 -6.18 -17.89 14.65
N TYR D 93 -6.16 -18.22 15.95
CA TYR D 93 -6.00 -19.62 16.34
C TYR D 93 -7.00 -20.05 17.40
N CYS D 94 -7.45 -19.12 18.24
CA CYS D 94 -8.47 -19.44 19.22
C CYS D 94 -9.84 -19.41 18.56
N PHE D 95 -10.59 -20.51 18.67
CA PHE D 95 -11.78 -20.70 17.84
C PHE D 95 -12.99 -19.92 18.34
N CYS D 96 -13.03 -19.55 19.61
CA CYS D 96 -14.08 -18.65 20.07
C CYS D 96 -13.85 -17.26 19.47
N ASP D 97 -14.74 -16.32 19.80
CA ASP D 97 -14.70 -14.97 19.23
C ASP D 97 -14.84 -13.86 20.24
N THR D 98 -15.41 -14.11 21.41
CA THR D 98 -15.41 -13.15 22.51
C THR D 98 -14.82 -13.76 23.77
N GLU D 99 -15.00 -15.05 23.96
CA GLU D 99 -14.36 -15.78 25.04
C GLU D 99 -12.86 -15.89 24.83
N ASN D 100 -12.36 -15.56 23.64
CA ASN D 100 -10.94 -15.38 23.43
C ASN D 100 -10.42 -14.36 24.43
N THR D 101 -9.56 -14.81 25.34
CA THR D 101 -9.05 -13.99 26.42
C THR D 101 -7.56 -13.80 26.23
N GLN D 102 -7.10 -12.61 26.62
CA GLN D 102 -5.70 -12.22 26.52
C GLN D 102 -5.34 -11.52 27.81
N MET D 103 -4.34 -12.04 28.51
CA MET D 103 -3.88 -11.47 29.77
C MET D 103 -2.51 -10.89 29.53
N SER D 104 -2.44 -9.57 29.51
CA SER D 104 -1.18 -8.86 29.36
C SER D 104 -0.59 -8.57 30.72
N GLU D 105 0.71 -8.75 30.83
CA GLU D 105 1.45 -8.47 32.04
C GLU D 105 2.78 -7.84 31.68
N ALA D 106 3.16 -6.82 32.42
CA ALA D 106 4.42 -6.14 32.20
C ALA D 106 4.91 -5.56 33.51
N TYR D 107 6.19 -5.78 33.81
CA TYR D 107 6.81 -5.19 34.97
C TYR D 107 8.02 -4.38 34.52
N VAL D 108 8.44 -3.53 35.41
CA VAL D 108 9.58 -2.66 35.18
C VAL D 108 10.83 -3.38 35.65
N GLU D 109 11.92 -3.16 34.94
CA GLU D 109 13.19 -3.76 35.30
C GLU D 109 14.32 -2.80 34.93
N ARG D 110 15.38 -2.86 35.71
CA ARG D 110 16.59 -2.11 35.41
C ARG D 110 17.08 -2.44 34.02
N SER D 111 17.46 -1.40 33.28
CA SER D 111 18.12 -1.62 32.02
C SER D 111 19.46 -2.30 32.24
N GLU D 112 20.03 -2.78 31.14
CA GLU D 112 21.41 -3.21 31.20
C GLU D 112 22.32 -2.01 31.37
N GLU D 113 21.89 -0.84 30.89
CA GLU D 113 22.64 0.39 31.10
C GLU D 113 22.60 0.85 32.54
N CYS D 114 21.60 0.39 33.31
CA CYS D 114 21.51 0.77 34.71
C CYS D 114 22.78 0.43 35.46
N SER D 115 23.45 -0.65 35.09
CA SER D 115 24.67 -1.04 35.75
C SER D 115 25.76 0.00 35.55
N ILE D 116 25.75 0.67 34.39
CA ILE D 116 26.92 1.39 33.91
C ILE D 116 26.60 2.85 33.61
N ASP D 117 25.48 3.12 32.96
CA ASP D 117 25.04 4.46 32.65
C ASP D 117 23.83 4.73 33.52
N HIS D 118 24.07 5.43 34.61
CA HIS D 118 23.06 5.53 35.65
C HIS D 118 23.33 6.77 36.47
N ALA D 119 22.28 7.53 36.72
CA ALA D 119 22.38 8.58 37.70
C ALA D 119 22.48 7.96 39.08
N LYS D 120 22.81 8.78 40.06
CA LYS D 120 23.14 8.24 41.37
C LYS D 120 22.91 9.34 42.39
N ALA D 121 21.93 9.14 43.26
CA ALA D 121 21.59 10.13 44.27
C ALA D 121 22.50 9.94 45.48
N TYR D 122 22.49 10.97 46.33
CA TYR D 122 23.25 10.92 47.57
C TYR D 122 22.66 11.89 48.57
N LYS D 123 22.66 11.51 49.83
CA LYS D 123 22.55 12.46 50.92
C LYS D 123 23.95 12.79 51.37
N VAL D 124 24.34 14.05 51.23
CA VAL D 124 25.73 14.48 51.33
C VAL D 124 25.88 15.32 52.59
N HIS D 125 26.74 14.85 53.47
CA HIS D 125 27.19 15.55 54.65
C HIS D 125 28.54 16.21 54.37
N THR D 126 29.26 16.63 55.41
CA THR D 126 30.40 17.51 55.20
C THR D 126 31.74 16.80 55.03
N GLY D 127 32.01 15.73 55.77
CA GLY D 127 33.29 15.02 55.70
C GLY D 127 34.51 15.89 55.97
N THR D 128 35.61 15.56 55.28
CA THR D 128 36.94 15.99 55.70
C THR D 128 37.84 16.18 54.50
N VAL D 129 38.43 17.39 54.34
CA VAL D 129 39.13 17.75 53.11
C VAL D 129 40.61 17.37 53.20
N GLN D 130 41.25 17.22 52.03
CA GLN D 130 42.59 16.64 51.89
C GLN D 130 43.44 17.49 50.93
N ALA D 131 44.69 17.09 50.73
CA ALA D 131 45.65 17.81 49.90
C ALA D 131 46.94 17.02 49.75
N MET D 132 47.57 17.06 48.58
CA MET D 132 48.88 16.44 48.35
C MET D 132 50.01 17.44 48.52
N VAL D 133 50.04 18.12 49.66
CA VAL D 133 50.87 19.31 49.84
C VAL D 133 52.31 19.03 49.48
N ASN D 134 52.83 19.71 48.44
CA ASN D 134 54.26 19.74 48.26
C ASN D 134 54.83 20.81 49.16
N ILE D 135 55.93 20.47 49.82
CA ILE D 135 56.85 21.46 50.31
C ILE D 135 58.23 21.07 49.82
N THR D 136 58.81 21.92 48.98
CA THR D 136 60.22 21.82 48.65
C THR D 136 60.98 22.62 49.71
N TYR D 137 61.03 22.03 50.90
CA TYR D 137 61.39 22.77 52.10
C TYR D 137 62.86 23.16 52.15
N GLY D 138 63.11 24.38 52.62
CA GLY D 138 64.40 24.80 53.14
C GLY D 138 65.58 24.43 52.26
N SER D 139 66.38 23.50 52.78
CA SER D 139 67.32 22.75 51.98
C SER D 139 66.90 21.29 51.79
N VAL D 140 65.83 20.85 52.45
CA VAL D 140 65.28 19.53 52.21
C VAL D 140 64.89 19.38 50.74
N SER D 141 64.24 20.41 50.21
CA SER D 141 63.90 20.57 48.81
C SER D 141 62.79 19.65 48.33
N TRP D 142 62.22 18.79 49.19
CA TRP D 142 61.15 17.93 48.73
C TRP D 142 60.35 17.21 49.80
N ARG D 143 59.03 17.29 49.67
CA ARG D 143 58.11 16.30 50.20
C ARG D 143 56.80 16.56 49.49
N SER D 144 56.18 15.53 48.92
CA SER D 144 54.87 15.66 48.29
C SER D 144 53.95 14.64 48.95
N ALA D 145 53.28 15.09 50.00
CA ALA D 145 52.56 14.21 50.90
C ALA D 145 51.07 14.54 50.91
N ASP D 146 50.27 13.49 51.10
CA ASP D 146 48.83 13.63 51.23
C ASP D 146 48.50 13.84 52.69
N VAL D 147 47.68 14.84 52.97
CA VAL D 147 47.40 15.29 54.32
C VAL D 147 45.89 15.44 54.50
N TYR D 148 45.53 15.90 55.68
CA TYR D 148 44.17 16.21 56.06
C TYR D 148 44.08 17.69 56.44
N VAL D 149 42.90 18.05 56.96
CA VAL D 149 42.58 19.41 57.36
C VAL D 149 42.29 19.52 58.83
N ASN D 150 41.89 18.43 59.46
CA ASN D 150 41.47 18.49 60.85
C ASN D 150 42.65 18.84 61.74
N GLY D 151 42.48 19.87 62.57
CA GLY D 151 43.61 20.54 63.16
C GLY D 151 44.30 19.84 64.31
N GLU D 152 44.46 18.52 64.20
CA GLU D 152 45.43 17.82 65.01
C GLU D 152 46.12 16.70 64.26
N THR D 153 45.91 16.57 62.96
CA THR D 153 46.50 15.49 62.20
C THR D 153 47.89 15.90 61.72
N PRO D 154 48.95 15.21 62.10
CA PRO D 154 50.22 15.33 61.39
C PRO D 154 50.28 14.40 60.19
N ALA D 155 51.32 14.61 59.39
CA ALA D 155 51.68 13.66 58.34
C ALA D 155 53.20 13.71 58.18
N LYS D 156 53.87 12.80 58.89
CA LYS D 156 55.33 12.74 58.89
C LYS D 156 55.78 11.98 57.64
N ILE D 157 55.65 12.65 56.50
CA ILE D 157 56.14 12.16 55.22
C ILE D 157 57.18 13.17 54.76
N GLY D 158 58.40 12.70 54.58
CA GLY D 158 59.56 13.57 54.44
C GLY D 158 60.32 13.57 55.74
N ASP D 159 60.44 14.73 56.36
CA ASP D 159 60.96 14.85 57.72
C ASP D 159 60.15 15.76 58.60
N ALA D 160 59.30 16.62 58.03
CA ALA D 160 58.58 17.61 58.79
C ALA D 160 57.22 17.09 59.22
N LYS D 161 56.79 17.53 60.39
CA LYS D 161 55.48 17.23 60.93
C LYS D 161 54.62 18.48 60.80
N LEU D 162 53.45 18.32 60.20
CA LEU D 162 52.66 19.46 59.76
C LEU D 162 51.20 19.24 60.12
N ILE D 163 50.59 20.26 60.72
CA ILE D 163 49.21 20.20 61.16
C ILE D 163 48.47 21.31 60.44
N ILE D 164 47.32 20.97 59.89
CA ILE D 164 46.59 21.78 58.94
C ILE D 164 45.21 22.00 59.50
N GLY D 165 44.67 23.19 59.24
CA GLY D 165 43.28 23.49 59.48
C GLY D 165 42.90 23.32 60.94
N PRO D 166 41.60 23.19 61.23
CA PRO D 166 40.47 23.15 60.30
C PRO D 166 40.23 24.47 59.60
N LEU D 167 39.91 24.40 58.32
CA LEU D 167 39.64 25.61 57.57
C LEU D 167 38.39 26.29 58.08
N SER D 168 38.33 27.60 57.91
CA SER D 168 37.18 28.38 58.32
C SER D 168 36.08 28.42 57.28
N SER D 169 36.38 28.03 56.04
CA SER D 169 35.50 28.24 54.91
C SER D 169 34.74 26.95 54.62
N ALA D 170 33.72 26.71 55.43
CA ALA D 170 33.03 25.43 55.42
C ALA D 170 32.03 25.29 54.29
N TRP D 171 32.11 26.08 53.24
CA TRP D 171 31.20 25.93 52.12
C TRP D 171 31.51 24.63 51.43
N SER D 172 30.72 23.62 51.71
CA SER D 172 30.72 22.43 50.88
C SER D 172 29.99 22.79 49.61
N PRO D 173 30.65 22.83 48.45
CA PRO D 173 29.92 23.18 47.22
C PRO D 173 28.83 22.19 46.90
N PHE D 174 29.01 20.93 47.30
CA PHE D 174 27.90 20.00 47.29
C PHE D 174 26.79 20.51 48.20
N ASP D 175 25.56 20.41 47.71
CA ASP D 175 24.41 20.64 48.57
C ASP D 175 24.17 19.38 49.42
N ASN D 176 23.11 19.41 50.22
CA ASN D 176 22.76 18.23 51.00
C ASN D 176 22.40 17.07 50.09
N LYS D 177 21.51 17.30 49.15
CA LYS D 177 21.06 16.29 48.21
C LYS D 177 21.77 16.49 46.89
N VAL D 178 22.29 15.41 46.33
CA VAL D 178 23.09 15.45 45.12
C VAL D 178 22.71 14.28 44.25
N VAL D 179 22.67 14.52 42.95
CA VAL D 179 22.63 13.46 41.95
C VAL D 179 23.96 13.48 41.24
N VAL D 180 24.38 12.30 40.79
CA VAL D 180 25.68 12.09 40.19
C VAL D 180 25.51 11.24 38.95
N TYR D 181 26.27 11.57 37.91
CA TYR D 181 26.11 10.90 36.62
C TYR D 181 27.46 10.86 35.93
N GLY D 182 28.15 9.73 36.08
CA GLY D 182 29.31 9.44 35.27
C GLY D 182 30.50 10.31 35.62
N HIS D 183 30.41 11.58 35.26
CA HIS D 183 31.28 12.61 35.81
C HIS D 183 30.58 13.90 36.14
N GLU D 184 29.43 14.18 35.52
CA GLU D 184 28.72 15.42 35.76
C GLU D 184 27.90 15.27 37.02
N VAL D 185 28.19 16.10 38.01
CA VAL D 185 27.59 16.03 39.33
C VAL D 185 26.59 17.15 39.47
N TYR D 186 25.40 16.81 39.93
CA TYR D 186 24.27 17.73 39.98
C TYR D 186 23.79 17.81 41.42
N ASN D 187 23.83 19.01 41.97
CA ASN D 187 23.40 19.27 43.35
C ASN D 187 21.87 19.39 43.39
N TYR D 188 21.23 18.29 43.00
CA TYR D 188 19.82 18.27 42.70
C TYR D 188 19.03 17.74 43.89
N ASP D 189 17.89 18.37 44.15
CA ASP D 189 16.96 17.89 45.15
C ASP D 189 16.21 16.71 44.52
N PHE D 190 16.91 15.58 44.47
CA PHE D 190 16.25 14.37 44.01
C PHE D 190 15.07 14.08 44.94
N PRO D 191 13.94 13.59 44.41
CA PRO D 191 12.75 13.50 45.27
C PRO D 191 12.98 12.60 46.47
N GLU D 192 13.19 11.31 46.24
CA GLU D 192 13.65 10.34 47.22
C GLU D 192 13.61 8.97 46.58
N TYR D 193 14.26 7.98 47.18
CA TYR D 193 13.90 6.60 46.94
C TYR D 193 12.43 6.40 47.26
N GLY D 194 11.78 5.56 46.48
CA GLY D 194 10.46 5.10 46.84
C GLY D 194 9.31 5.99 46.44
N THR D 195 9.57 7.13 45.81
CA THR D 195 8.53 8.14 45.59
C THR D 195 8.46 8.72 44.19
N GLY D 196 9.53 8.68 43.41
CA GLY D 196 9.68 9.54 42.25
C GLY D 196 8.58 9.45 41.24
N LYS D 197 7.95 10.58 40.94
CA LYS D 197 6.82 10.61 40.04
C LYS D 197 7.26 10.16 38.65
N ALA D 198 6.37 9.41 37.99
CA ALA D 198 6.70 8.86 36.69
C ALA D 198 6.95 9.97 35.68
N GLY D 199 7.95 9.78 34.87
CA GLY D 199 8.43 10.80 33.96
C GLY D 199 9.44 11.69 34.62
N SER D 200 9.15 12.12 35.85
CA SER D 200 10.11 12.91 36.59
C SER D 200 11.32 12.05 36.91
N PHE D 201 12.39 12.73 37.34
CA PHE D 201 13.61 12.06 37.71
C PHE D 201 13.34 11.02 38.78
N GLY D 202 14.01 9.88 38.65
CA GLY D 202 13.79 8.81 39.59
C GLY D 202 12.47 8.12 39.43
N ASP D 203 12.02 7.91 38.20
CA ASP D 203 10.87 7.03 38.01
C ASP D 203 11.23 5.61 38.40
N LEU D 204 12.42 5.16 37.99
CA LEU D 204 13.03 3.96 38.52
C LEU D 204 13.93 4.38 39.66
N GLN D 205 13.86 3.65 40.77
CA GLN D 205 14.66 3.95 41.95
C GLN D 205 15.08 2.62 42.56
N SER D 206 16.28 2.20 42.22
CA SER D 206 16.89 1.02 42.81
C SER D 206 17.96 1.45 43.80
N ARG D 207 17.98 0.77 44.94
CA ARG D 207 18.96 1.07 45.97
C ARG D 207 20.37 1.01 45.41
N THR D 208 20.70 -0.10 44.76
CA THR D 208 21.94 -0.22 44.02
C THR D 208 21.65 -0.98 42.75
N SER D 209 22.71 -1.38 42.06
CA SER D 209 22.55 -2.10 40.81
C SER D 209 22.13 -3.54 41.06
N THR D 210 22.71 -4.16 42.09
CA THR D 210 22.36 -5.52 42.44
C THR D 210 20.94 -5.63 42.96
N SER D 211 20.42 -4.57 43.57
CA SER D 211 19.17 -4.65 44.30
C SER D 211 18.01 -5.03 43.39
N ASN D 212 17.50 -6.24 43.56
CA ASN D 212 16.40 -6.70 42.73
C ASN D 212 15.14 -5.90 43.01
N ASP D 213 14.94 -5.48 44.25
CA ASP D 213 13.82 -4.62 44.59
C ASP D 213 14.11 -3.20 44.16
N LEU D 214 13.05 -2.45 43.92
CA LEU D 214 13.18 -1.05 43.51
C LEU D 214 11.84 -0.37 43.71
N TYR D 215 11.76 0.86 43.21
CA TYR D 215 10.50 1.60 43.11
C TYR D 215 10.37 2.11 41.69
N ALA D 216 9.33 1.64 41.01
CA ALA D 216 9.09 1.98 39.61
C ALA D 216 7.71 2.61 39.50
N ASN D 217 7.63 3.90 39.78
CA ASN D 217 6.47 4.68 39.37
C ASN D 217 6.79 5.15 37.96
N THR D 218 6.33 4.37 37.00
CA THR D 218 6.42 4.73 35.59
C THR D 218 5.06 5.00 34.97
N ASN D 219 3.98 4.85 35.72
CA ASN D 219 2.64 4.98 35.18
C ASN D 219 2.44 4.00 34.03
N LEU D 220 3.03 2.83 34.16
CA LEU D 220 2.89 1.79 33.17
C LEU D 220 1.45 1.32 33.14
N LYS D 221 0.77 1.55 32.01
CA LYS D 221 -0.62 1.18 31.83
C LYS D 221 -0.74 0.36 30.56
N LEU D 222 -1.05 -0.91 30.71
CA LEU D 222 -1.28 -1.75 29.56
C LEU D 222 -2.62 -1.44 28.93
N GLN D 223 -2.68 -1.51 27.61
CA GLN D 223 -3.91 -1.40 26.86
C GLN D 223 -4.13 -2.66 26.05
N ARG D 224 -5.37 -2.86 25.62
CA ARG D 224 -5.69 -4.10 24.96
C ARG D 224 -5.07 -4.10 23.57
N PRO D 225 -4.57 -5.24 23.10
CA PRO D 225 -4.07 -5.27 21.72
C PRO D 225 -5.21 -5.13 20.74
N GLN D 226 -4.86 -4.64 19.56
CA GLN D 226 -5.84 -4.22 18.57
C GLN D 226 -6.25 -5.36 17.65
N ALA D 227 -7.54 -5.36 17.30
CA ALA D 227 -8.09 -6.08 16.16
C ALA D 227 -7.64 -7.53 16.07
N GLY D 228 -7.64 -8.21 17.21
CA GLY D 228 -7.32 -9.63 17.24
C GLY D 228 -5.93 -9.93 16.73
N ILE D 229 -4.92 -9.29 17.31
CA ILE D 229 -3.53 -9.59 17.01
C ILE D 229 -2.75 -9.68 18.31
N VAL D 230 -1.77 -10.57 18.32
CA VAL D 230 -0.89 -10.75 19.48
C VAL D 230 0.08 -9.59 19.55
N HIS D 231 -0.02 -8.79 20.59
CA HIS D 231 1.03 -7.88 21.01
C HIS D 231 0.61 -7.31 22.35
N THR D 232 1.43 -6.41 22.87
CA THR D 232 1.29 -5.91 24.23
C THR D 232 1.42 -4.39 24.20
N PRO D 233 0.32 -3.68 24.09
CA PRO D 233 0.39 -2.24 24.31
C PRO D 233 0.85 -1.95 25.71
N PHE D 234 2.05 -1.42 25.86
CA PHE D 234 2.50 -0.85 27.12
C PHE D 234 2.61 0.64 26.91
N THR D 235 1.78 1.37 27.62
CA THR D 235 1.73 2.82 27.55
C THR D 235 2.42 3.35 28.79
N GLN D 236 3.48 4.11 28.58
CA GLN D 236 4.42 4.38 29.65
C GLN D 236 5.14 5.67 29.36
N ALA D 237 5.50 6.34 30.42
CA ALA D 237 6.36 7.50 30.32
C ALA D 237 7.78 7.05 30.01
N PRO D 238 8.42 7.51 28.95
CA PRO D 238 9.87 7.35 28.86
C PRO D 238 10.52 7.98 30.07
N SER D 239 11.69 7.49 30.41
CA SER D 239 12.13 7.66 31.78
C SER D 239 12.50 9.09 32.10
N GLY D 240 12.40 9.41 33.39
CA GLY D 240 13.06 10.54 33.97
C GLY D 240 14.56 10.42 34.05
N PHE D 241 15.11 9.31 33.58
CA PHE D 241 16.52 9.21 33.24
C PHE D 241 16.77 9.50 31.77
N GLU D 242 15.75 9.38 30.92
CA GLU D 242 15.90 9.80 29.53
C GLU D 242 15.95 11.31 29.43
N ARG D 243 14.88 11.98 29.83
CA ARG D 243 15.06 13.34 30.31
C ARG D 243 15.86 13.25 31.59
N TRP D 244 16.48 14.37 31.96
CA TRP D 244 17.61 14.47 32.88
C TRP D 244 18.91 14.19 32.14
N LYS D 245 18.85 13.82 30.86
CA LYS D 245 20.02 13.80 30.00
C LYS D 245 19.92 14.79 28.85
N ARG D 246 18.74 15.36 28.59
CA ARG D 246 18.61 16.40 27.58
C ARG D 246 17.63 17.51 27.94
N ASP D 247 17.03 17.49 29.13
CA ASP D 247 16.34 18.64 29.69
C ASP D 247 16.79 18.88 31.12
N LYS D 248 18.05 18.57 31.38
CA LYS D 248 18.62 18.57 32.72
C LYS D 248 18.99 19.97 33.16
N GLY D 249 19.76 20.02 34.25
CA GLY D 249 20.48 21.20 34.65
C GLY D 249 21.98 21.01 34.46
N ALA D 250 22.70 22.08 34.68
CA ALA D 250 24.12 22.11 34.37
C ALA D 250 24.93 21.55 35.53
N PRO D 251 26.17 21.12 35.28
CA PRO D 251 26.93 20.46 36.34
C PRO D 251 27.67 21.39 37.27
N LEU D 252 27.83 20.88 38.48
CA LEU D 252 28.43 21.62 39.56
C LEU D 252 29.88 21.96 39.26
N ASN D 253 30.54 21.17 38.43
CA ASN D 253 31.83 21.57 37.91
C ASN D 253 31.71 22.60 36.80
N ASP D 254 30.49 23.07 36.53
CA ASP D 254 30.25 24.20 35.65
C ASP D 254 29.33 25.26 36.26
N VAL D 255 28.82 25.05 37.48
CA VAL D 255 27.99 26.07 38.12
C VAL D 255 28.33 26.31 39.59
N ALA D 256 29.30 25.59 40.13
CA ALA D 256 29.62 25.77 41.54
C ALA D 256 30.10 27.18 41.82
N PRO D 257 30.06 27.61 43.08
CA PRO D 257 30.85 28.77 43.49
C PRO D 257 32.23 28.44 44.02
N PHE D 258 32.97 29.51 44.33
CA PHE D 258 34.28 29.53 44.99
C PHE D 258 35.26 28.48 44.50
N GLY D 259 35.19 28.15 43.22
CA GLY D 259 36.28 27.55 42.49
C GLY D 259 36.67 26.11 42.70
N CYS D 260 35.84 25.19 42.25
CA CYS D 260 35.95 23.77 42.53
C CYS D 260 35.92 23.00 41.22
N SER D 261 36.50 21.81 41.27
CA SER D 261 36.39 20.83 40.21
C SER D 261 35.99 19.52 40.86
N ILE D 262 35.53 18.57 40.04
CA ILE D 262 34.73 17.44 40.50
C ILE D 262 35.23 16.16 39.85
N ALA D 263 34.95 15.03 40.50
CA ALA D 263 35.23 13.72 39.92
C ALA D 263 34.26 12.66 40.44
N LEU D 264 33.92 11.71 39.57
CA LEU D 264 33.29 10.44 39.98
C LEU D 264 34.41 9.47 40.26
N GLU D 265 34.85 9.51 41.48
CA GLU D 265 36.10 9.05 42.04
C GLU D 265 35.64 9.20 43.49
N PRO D 266 36.47 9.28 44.53
CA PRO D 266 35.90 9.40 45.89
C PRO D 266 34.89 10.51 46.18
N LEU D 267 34.40 11.24 45.18
CA LEU D 267 33.36 12.27 45.27
C LEU D 267 33.95 13.51 45.88
N ARG D 268 35.19 13.76 45.50
CA ARG D 268 35.86 14.94 45.93
C ARG D 268 35.38 16.13 45.13
N ALA D 269 35.69 17.31 45.65
CA ALA D 269 35.49 18.56 44.94
C ALA D 269 36.82 19.31 45.01
N GLU D 270 37.67 19.08 44.00
CA GLU D 270 39.05 19.52 44.07
C GLU D 270 39.17 21.03 44.12
N ASN D 271 40.24 21.48 44.76
CA ASN D 271 40.86 22.77 44.48
C ASN D 271 39.94 23.94 44.80
N CYS D 272 39.08 23.76 45.79
CA CYS D 272 38.12 24.79 46.20
C CYS D 272 38.86 25.91 46.91
N ALA D 273 39.18 26.95 46.16
CA ALA D 273 39.92 28.09 46.69
C ALA D 273 38.95 29.00 47.43
N VAL D 274 38.94 28.90 48.75
CA VAL D 274 38.14 29.82 49.54
C VAL D 274 38.62 29.85 50.98
N GLY D 275 38.77 31.05 51.52
CA GLY D 275 39.14 31.22 52.90
C GLY D 275 40.58 30.87 53.19
N SER D 276 40.84 30.69 54.47
CA SER D 276 42.18 30.48 54.99
C SER D 276 42.23 29.17 55.77
N ILE D 277 43.46 28.72 56.03
CA ILE D 277 43.71 27.48 56.74
C ILE D 277 44.78 27.75 57.80
N PRO D 278 44.49 27.57 59.11
CA PRO D 278 45.52 27.79 60.13
C PRO D 278 46.53 26.67 60.24
N ILE D 279 47.62 26.78 59.51
CA ILE D 279 48.57 25.68 59.34
C ILE D 279 49.77 25.92 60.23
N SER D 280 50.29 24.82 60.78
CA SER D 280 51.35 24.85 61.77
C SER D 280 52.23 23.64 61.56
N ILE D 281 53.54 23.85 61.57
CA ILE D 281 54.52 22.81 61.25
C ILE D 281 55.53 22.72 62.38
N ASP D 282 55.99 21.51 62.64
CA ASP D 282 57.14 21.23 63.48
C ASP D 282 58.26 20.74 62.57
N ILE D 283 59.19 21.63 62.27
CA ILE D 283 60.33 21.37 61.41
C ILE D 283 61.28 20.41 62.11
N PRO D 284 62.08 19.62 61.40
CA PRO D 284 63.19 18.95 62.07
C PRO D 284 64.29 19.94 62.40
N ASP D 285 64.66 20.00 63.68
CA ASP D 285 65.69 20.93 64.12
C ASP D 285 67.02 20.67 63.43
N ALA D 286 67.26 19.44 62.99
CA ALA D 286 68.46 19.13 62.22
C ALA D 286 68.50 19.95 60.94
N ALA D 287 67.35 20.20 60.33
CA ALA D 287 67.32 20.96 59.09
C ALA D 287 67.69 22.42 59.31
N PHE D 288 67.56 22.92 60.53
CA PHE D 288 67.99 24.28 60.81
C PHE D 288 69.50 24.41 60.63
N THR D 289 69.90 25.60 60.20
CA THR D 289 71.28 26.02 60.27
C THR D 289 71.40 26.98 61.45
N ARG D 290 72.46 26.81 62.23
CA ARG D 290 72.67 27.71 63.34
C ARG D 290 72.98 29.11 62.82
N ILE D 291 72.70 30.10 63.65
CA ILE D 291 72.71 31.48 63.20
C ILE D 291 74.11 31.95 62.86
N SER D 292 75.12 31.37 63.50
CA SER D 292 76.50 31.86 63.36
C SER D 292 77.19 31.34 62.12
N GLU D 293 76.45 30.78 61.16
CA GLU D 293 77.02 30.19 59.96
C GLU D 293 76.48 30.82 58.69
N THR D 294 75.31 31.43 58.73
CA THR D 294 74.82 32.18 57.60
C THR D 294 75.41 33.59 57.63
N PRO D 295 75.69 34.19 56.48
CA PRO D 295 76.21 35.56 56.50
C PRO D 295 75.19 36.54 57.05
N THR D 296 75.67 37.46 57.88
CA THR D 296 74.88 38.61 58.29
C THR D 296 74.96 39.66 57.19
N VAL D 297 73.80 40.15 56.78
CA VAL D 297 73.64 40.86 55.52
C VAL D 297 73.39 42.35 55.72
N SER D 298 73.29 42.82 56.96
CA SER D 298 72.88 44.18 57.24
C SER D 298 73.86 45.21 56.67
N ASP D 299 73.52 46.49 56.82
CA ASP D 299 74.19 47.59 56.13
C ASP D 299 74.07 47.43 54.62
N LEU D 300 72.87 47.02 54.19
CA LEU D 300 72.55 46.76 52.81
C LEU D 300 71.76 47.93 52.23
N GLU D 301 71.22 47.73 51.02
CA GLU D 301 70.22 48.63 50.47
C GLU D 301 69.38 47.86 49.46
N CYS D 302 68.10 48.20 49.41
CA CYS D 302 67.15 47.59 48.47
C CYS D 302 66.45 48.67 47.67
N LYS D 303 66.19 48.36 46.41
CA LYS D 303 65.37 49.24 45.59
C LYS D 303 64.80 48.45 44.43
N ILE D 304 63.55 48.75 44.09
CA ILE D 304 63.01 48.27 42.84
C ILE D 304 63.81 48.87 41.69
N THR D 305 63.70 48.25 40.55
CA THR D 305 64.26 48.76 39.31
C THR D 305 63.23 48.77 38.19
N GLU D 306 62.36 47.77 38.13
CA GLU D 306 61.22 47.78 37.22
C GLU D 306 60.12 47.00 37.91
N CYS D 307 59.31 47.70 38.69
CA CYS D 307 58.22 47.04 39.38
C CYS D 307 57.01 46.98 38.48
N THR D 308 56.47 45.78 38.34
CA THR D 308 55.31 45.52 37.51
C THR D 308 54.12 45.28 38.43
N TYR D 309 53.12 46.15 38.30
CA TYR D 309 51.98 46.23 39.21
C TYR D 309 50.97 45.12 38.86
N ALA D 310 51.37 43.88 39.13
CA ALA D 310 50.79 42.76 38.40
C ALA D 310 50.80 41.46 39.20
N SER D 311 50.46 40.37 38.50
CA SER D 311 50.24 39.05 39.05
C SER D 311 51.46 38.16 38.85
N ASP D 312 51.85 37.96 37.60
CA ASP D 312 53.10 37.28 37.32
C ASP D 312 54.22 38.03 38.01
N PHE D 313 55.29 37.30 38.31
CA PHE D 313 56.36 37.89 39.08
C PHE D 313 57.12 38.88 38.23
N GLY D 314 56.51 40.02 37.98
CA GLY D 314 57.11 41.04 37.15
C GLY D 314 57.88 42.05 37.96
N GLY D 315 57.56 42.16 39.25
CA GLY D 315 58.28 43.08 40.11
C GLY D 315 59.68 42.57 40.37
N ILE D 316 60.65 43.47 40.23
CA ILE D 316 62.05 43.16 40.49
C ILE D 316 62.66 44.23 41.37
N ALA D 317 63.76 43.87 42.02
CA ALA D 317 64.46 44.81 42.86
C ALA D 317 65.86 44.32 43.11
N THR D 318 66.84 45.12 42.73
CA THR D 318 68.20 44.86 43.17
C THR D 318 68.29 45.10 44.67
N VAL D 319 69.27 44.46 45.28
CA VAL D 319 69.54 44.62 46.70
C VAL D 319 71.05 44.71 46.85
N ALA D 320 71.52 45.82 47.40
CA ALA D 320 72.94 46.00 47.66
C ALA D 320 73.29 45.17 48.88
N TYR D 321 73.53 43.89 48.64
CA TYR D 321 73.83 42.98 49.74
C TYR D 321 75.16 43.35 50.37
N LYS D 322 75.17 43.39 51.69
CA LYS D 322 76.35 43.73 52.48
C LYS D 322 76.55 42.60 53.48
N SER D 323 77.23 41.56 53.04
CA SER D 323 77.34 40.33 53.80
C SER D 323 78.58 40.36 54.70
N SER D 324 78.66 39.34 55.56
CA SER D 324 79.83 39.10 56.39
C SER D 324 80.58 37.87 55.92
N LYS D 325 79.91 36.74 55.87
CA LYS D 325 80.39 35.56 55.18
C LYS D 325 79.85 35.58 53.76
N ALA D 326 79.97 34.46 53.05
CA ALA D 326 79.38 34.32 51.73
C ALA D 326 78.65 32.98 51.67
N GLY D 327 77.45 33.02 51.13
CA GLY D 327 76.66 31.80 51.04
C GLY D 327 75.22 32.11 50.71
N ASN D 328 74.34 31.24 51.16
CA ASN D 328 72.91 31.39 50.91
C ASN D 328 72.28 32.25 52.00
N CYS D 329 71.10 32.75 51.69
CA CYS D 329 70.37 33.65 52.55
C CYS D 329 68.90 33.54 52.20
N PRO D 330 68.09 32.83 52.98
CA PRO D 330 66.67 32.77 52.67
C PRO D 330 66.01 34.12 52.82
N ILE D 331 64.98 34.34 52.01
CA ILE D 331 64.34 35.64 51.90
C ILE D 331 62.82 35.47 51.96
N HIS D 332 62.16 36.52 52.41
CA HIS D 332 60.72 36.57 52.47
C HIS D 332 60.30 37.98 52.83
N SER D 333 59.12 38.37 52.37
CA SER D 333 58.48 39.60 52.77
C SER D 333 57.45 39.24 53.83
N PRO D 334 57.70 39.47 55.11
CA PRO D 334 56.69 39.15 56.12
C PRO D 334 55.37 39.85 55.87
N SER D 335 55.41 41.03 55.27
CA SER D 335 54.19 41.64 54.79
C SER D 335 53.69 40.87 53.58
N GLY D 336 52.38 40.66 53.52
CA GLY D 336 51.78 39.96 52.41
C GLY D 336 51.64 40.78 51.15
N VAL D 337 52.12 42.03 51.16
CA VAL D 337 52.01 42.89 49.99
C VAL D 337 52.76 42.27 48.83
N ALA D 338 53.97 41.79 49.08
CA ALA D 338 54.86 41.31 48.04
C ALA D 338 55.00 39.81 48.16
N VAL D 339 54.87 39.12 47.04
CA VAL D 339 55.08 37.69 46.93
C VAL D 339 56.27 37.48 46.03
N ILE D 340 57.21 36.67 46.48
CA ILE D 340 58.53 36.59 45.89
C ILE D 340 58.72 35.21 45.28
N LYS D 341 59.34 35.18 44.11
CA LYS D 341 59.60 33.91 43.42
C LYS D 341 60.77 33.18 44.04
N GLU D 342 61.78 33.92 44.47
CA GLU D 342 62.97 33.32 45.06
C GLU D 342 62.76 33.13 46.55
N ASN D 343 62.94 31.90 47.01
CA ASN D 343 63.01 31.63 48.44
C ASN D 343 64.37 31.98 49.01
N ASP D 344 65.42 31.74 48.23
CA ASP D 344 66.79 31.79 48.69
C ASP D 344 67.61 32.52 47.65
N VAL D 345 68.59 33.28 48.12
CA VAL D 345 69.52 34.00 47.26
C VAL D 345 70.93 33.65 47.70
N THR D 346 71.78 33.36 46.72
CA THR D 346 73.18 33.12 46.98
C THR D 346 73.89 34.46 47.12
N LEU D 347 74.93 34.47 47.97
CA LEU D 347 75.67 35.69 48.23
C LEU D 347 77.16 35.44 48.25
N ALA D 348 77.88 36.25 47.49
CA ALA D 348 79.31 36.41 47.66
C ALA D 348 79.52 37.43 48.79
N GLU D 349 80.76 37.89 48.94
CA GLU D 349 81.04 38.85 49.99
C GLU D 349 80.49 40.21 49.59
N SER D 350 79.25 40.48 49.98
CA SER D 350 78.63 41.79 49.85
C SER D 350 78.54 42.22 48.38
N GLY D 351 77.81 41.43 47.62
CA GLY D 351 77.50 41.72 46.24
C GLY D 351 76.12 42.32 46.09
N SER D 352 75.47 41.98 44.98
CA SER D 352 74.12 42.45 44.71
C SER D 352 73.43 41.42 43.84
N PHE D 353 72.17 41.12 44.15
CA PHE D 353 71.40 40.12 43.40
C PHE D 353 69.94 40.54 43.39
N THR D 354 69.40 40.70 42.19
CA THR D 354 68.00 41.00 42.01
C THR D 354 67.18 39.75 42.23
N PHE D 355 65.96 39.95 42.73
CA PHE D 355 64.96 38.91 42.80
C PHE D 355 63.72 39.38 42.05
N HIS D 356 62.76 38.48 41.94
CA HIS D 356 61.49 38.72 41.27
C HIS D 356 60.37 38.72 42.30
N PHE D 357 59.30 39.46 42.01
CA PHE D 357 58.16 39.45 42.91
C PHE D 357 56.93 40.00 42.19
N SER D 358 55.85 40.15 42.94
CA SER D 358 54.60 40.70 42.45
C SER D 358 53.87 41.35 43.61
N THR D 359 53.16 42.43 43.32
CA THR D 359 52.50 43.24 44.33
C THR D 359 51.14 43.67 43.82
N ALA D 360 50.45 44.44 44.65
CA ALA D 360 49.13 44.97 44.31
C ALA D 360 48.95 46.43 44.67
N ASN D 361 49.89 47.04 45.35
CA ASN D 361 49.80 48.44 45.72
C ASN D 361 50.81 49.26 44.93
N ILE D 362 50.36 50.40 44.43
CA ILE D 362 51.14 51.22 43.50
C ILE D 362 52.48 51.56 44.12
N HIS D 363 52.49 51.80 45.43
CA HIS D 363 53.69 52.15 46.17
C HIS D 363 54.01 50.98 47.09
N PRO D 364 54.68 49.95 46.59
CA PRO D 364 54.94 48.80 47.45
C PRO D 364 55.95 49.11 48.52
N ALA D 365 55.46 49.33 49.73
CA ALA D 365 56.28 49.52 50.91
C ALA D 365 56.25 48.25 51.74
N PHE D 366 56.97 47.24 51.24
CA PHE D 366 57.03 45.95 51.88
C PHE D 366 58.41 45.71 52.46
N LYS D 367 58.42 45.18 53.68
CA LYS D 367 59.67 44.76 54.27
C LYS D 367 60.19 43.53 53.56
N LEU D 368 61.51 43.37 53.55
CA LEU D 368 62.15 42.18 53.04
C LEU D 368 63.15 41.70 54.07
N GLN D 369 63.00 40.45 54.49
CA GLN D 369 63.78 39.87 55.58
C GLN D 369 64.81 38.95 54.94
N VAL D 370 65.99 39.49 54.69
CA VAL D 370 67.07 38.72 54.06
C VAL D 370 67.87 38.08 55.18
N CYS D 371 67.38 36.93 55.62
CA CYS D 371 68.01 36.07 56.62
C CYS D 371 68.46 36.88 57.84
N THR D 372 67.44 37.41 58.52
CA THR D 372 67.59 38.29 59.69
C THR D 372 68.23 39.61 59.30
N SER D 373 67.63 40.30 58.35
CA SER D 373 67.94 41.69 58.10
C SER D 373 66.77 42.28 57.33
N ALA D 374 66.03 43.17 57.98
CA ALA D 374 64.85 43.75 57.36
C ALA D 374 65.24 44.91 56.48
N VAL D 375 64.38 45.20 55.50
CA VAL D 375 64.58 46.36 54.64
C VAL D 375 63.30 46.68 53.92
N THR D 376 63.02 47.96 53.79
CA THR D 376 61.91 48.45 52.99
C THR D 376 62.37 48.58 51.55
N CYS D 377 61.70 47.86 50.65
CA CYS D 377 61.93 47.99 49.22
C CYS D 377 60.87 48.89 48.60
N LYS D 378 60.83 50.13 49.12
CA LYS D 378 59.87 51.12 48.65
C LYS D 378 60.07 51.41 47.18
N GLY D 379 58.98 51.78 46.51
CA GLY D 379 59.10 52.23 45.13
C GLY D 379 57.75 52.48 44.48
N ASP D 380 57.71 52.23 43.16
CA ASP D 380 56.51 52.46 42.38
C ASP D 380 56.50 51.50 41.19
N CYS D 381 55.29 51.15 40.76
CA CYS D 381 55.09 50.04 39.85
C CYS D 381 54.29 50.48 38.63
N LYS D 382 54.29 49.60 37.61
CA LYS D 382 53.73 49.89 36.31
C LYS D 382 52.66 48.85 35.95
N PRO D 383 51.52 49.25 35.41
CA PRO D 383 50.50 48.28 35.00
C PRO D 383 50.90 47.55 33.71
N PRO D 384 50.56 46.25 33.59
CA PRO D 384 50.76 45.53 32.32
C PRO D 384 49.66 45.68 31.29
N LYS D 385 49.74 44.84 30.25
CA LYS D 385 48.97 44.97 29.03
C LYS D 385 48.24 43.70 28.57
N ASP D 386 48.52 42.52 29.13
CA ASP D 386 48.43 41.25 28.40
C ASP D 386 47.70 40.15 29.21
N HIS D 387 46.50 40.44 29.68
CA HIS D 387 45.84 39.68 30.76
C HIS D 387 44.82 38.64 30.30
N ILE D 388 45.26 37.57 29.62
CA ILE D 388 44.37 36.42 29.41
C ILE D 388 45.07 35.05 29.53
N VAL D 389 45.44 34.61 30.73
CA VAL D 389 46.11 33.32 30.92
C VAL D 389 45.72 32.98 32.35
N ASP D 390 46.11 31.82 32.92
CA ASP D 390 45.54 31.16 34.12
C ASP D 390 45.70 32.02 35.38
N TYR D 391 45.91 31.48 36.59
CA TYR D 391 45.67 32.29 37.79
C TYR D 391 46.93 32.81 38.46
N PRO D 392 46.80 33.84 39.31
CA PRO D 392 47.95 34.66 39.68
C PRO D 392 48.79 34.07 40.81
N ALA D 393 49.91 34.76 41.06
CA ALA D 393 50.78 34.54 42.19
C ALA D 393 50.70 35.66 43.22
N GLN D 394 49.89 36.67 42.97
CA GLN D 394 49.84 37.90 43.74
C GLN D 394 48.93 37.76 44.94
N HIS D 395 47.66 37.46 44.66
CA HIS D 395 46.61 37.07 45.60
C HIS D 395 46.67 37.86 46.92
N THR D 396 46.91 39.16 46.82
CA THR D 396 47.17 40.00 47.98
C THR D 396 46.45 41.33 47.87
N GLU D 397 45.35 41.38 47.12
CA GLU D 397 44.67 42.64 46.87
C GLU D 397 44.09 43.18 48.17
N SER D 398 44.31 44.47 48.40
CA SER D 398 43.79 45.14 49.58
C SER D 398 43.59 46.60 49.20
N PHE D 399 43.44 47.45 50.21
CA PHE D 399 43.27 48.87 49.98
C PHE D 399 44.58 49.48 49.48
N THR D 400 44.51 50.16 48.34
CA THR D 400 45.69 50.73 47.69
C THR D 400 45.41 52.12 47.15
N UNK E 1 93.47 -21.80 6.27
CA UNK E 1 92.93 -22.85 5.35
C UNK E 1 91.43 -22.82 5.09
N UNK E 2 90.80 -21.63 5.10
CA UNK E 2 89.57 -21.38 4.34
C UNK E 2 89.88 -21.44 2.85
N UNK E 3 88.99 -22.05 2.05
CA UNK E 3 89.24 -22.26 0.63
C UNK E 3 87.94 -22.24 -0.18
N UNK E 4 88.01 -21.64 -1.38
CA UNK E 4 87.04 -21.81 -2.44
C UNK E 4 87.82 -22.29 -3.65
N UNK E 5 87.40 -23.39 -4.29
CA UNK E 5 88.09 -23.90 -5.47
C UNK E 5 87.11 -24.18 -6.60
N UNK E 6 87.21 -23.42 -7.70
CA UNK E 6 86.51 -23.67 -8.94
C UNK E 6 86.98 -24.89 -9.73
N UNK E 7 86.04 -25.49 -10.49
CA UNK E 7 86.33 -26.49 -11.52
C UNK E 7 85.28 -26.39 -12.61
N UNK E 8 85.41 -27.22 -13.68
CA UNK E 8 84.62 -27.06 -14.92
C UNK E 8 85.10 -26.09 -15.99
N UNK E 9 86.35 -25.58 -16.13
CA UNK E 9 86.70 -24.75 -17.26
C UNK E 9 86.72 -25.49 -18.58
N UNK E 10 86.87 -24.74 -19.67
CA UNK E 10 87.06 -25.37 -20.96
C UNK E 10 86.69 -24.49 -22.10
N UNK E 11 86.80 -25.08 -23.30
CA UNK E 11 86.51 -24.46 -24.57
C UNK E 11 85.22 -25.05 -25.09
N UNK E 12 84.18 -24.21 -25.23
CA UNK E 12 82.83 -24.65 -25.52
C UNK E 12 82.34 -23.94 -26.77
N UNK E 13 81.60 -24.63 -27.66
CA UNK E 13 81.13 -24.02 -28.89
C UNK E 13 79.92 -23.11 -28.66
N UNK E 14 79.70 -22.03 -29.42
CA UNK E 14 78.48 -21.23 -29.40
C UNK E 14 77.17 -22.01 -29.39
N UNK E 15 76.21 -21.57 -28.56
CA UNK E 15 74.87 -22.15 -28.42
C UNK E 15 74.86 -23.48 -27.70
N UNK E 16 75.99 -23.90 -27.11
CA UNK E 16 76.07 -25.11 -26.31
C UNK E 16 75.96 -24.76 -24.84
N UNK E 17 76.32 -25.69 -23.93
CA UNK E 17 76.14 -25.55 -22.50
C UNK E 17 77.43 -25.86 -21.78
N UNK E 18 77.59 -25.42 -20.52
CA UNK E 18 78.73 -25.75 -19.71
C UNK E 18 78.30 -25.62 -18.25
N UNK E 19 78.95 -26.32 -17.31
CA UNK E 19 78.61 -26.23 -15.90
C UNK E 19 79.87 -26.01 -15.10
N UNK E 20 79.84 -25.05 -14.17
CA UNK E 20 80.97 -24.70 -13.34
C UNK E 20 80.68 -25.08 -11.90
N UNK E 21 81.67 -25.64 -11.22
CA UNK E 21 81.55 -26.14 -9.86
C UNK E 21 82.47 -25.31 -9.02
N UNK E 22 82.06 -24.89 -7.82
CA UNK E 22 82.94 -24.26 -6.84
C UNK E 22 82.78 -24.99 -5.52
N UNK E 23 83.86 -25.62 -5.06
CA UNK E 23 83.89 -26.42 -3.83
C UNK E 23 84.35 -25.56 -2.69
N UNK E 24 83.64 -25.60 -1.54
CA UNK E 24 83.88 -24.76 -0.40
C UNK E 24 84.47 -25.58 0.74
N UNK E 25 85.58 -25.14 1.37
CA UNK E 25 86.10 -25.85 2.53
C UNK E 25 86.76 -24.92 3.53
N UNK E 26 86.83 -25.36 4.80
CA UNK E 26 87.35 -24.57 5.92
C UNK E 26 86.46 -23.45 6.41
N UNK E 27 86.69 -23.03 7.67
CA UNK E 27 85.86 -22.03 8.32
C UNK E 27 85.54 -22.48 9.72
N UNK E 28 84.79 -21.63 10.44
CA UNK E 28 84.40 -21.86 11.83
C UNK E 28 82.89 -21.96 11.97
N UNK E 29 82.20 -22.21 10.84
CA UNK E 29 80.76 -22.08 10.71
C UNK E 29 80.22 -23.26 9.96
N UNK E 30 78.90 -23.50 10.03
CA UNK E 30 78.21 -24.51 9.22
C UNK E 30 78.14 -24.17 7.75
N UNK E 31 78.13 -25.19 6.87
CA UNK E 31 77.85 -24.99 5.47
C UNK E 31 76.41 -24.56 5.23
N UNK E 32 76.23 -23.47 4.45
CA UNK E 32 74.94 -22.79 4.34
C UNK E 32 74.95 -21.43 4.99
N UNK E 33 75.93 -21.13 5.86
CA UNK E 33 76.08 -19.80 6.44
C UNK E 33 76.79 -18.82 5.50
N UNK E 34 76.69 -18.97 4.18
CA UNK E 34 77.32 -18.02 3.28
C UNK E 34 76.38 -17.74 2.14
N UNK E 35 76.46 -16.51 1.62
CA UNK E 35 75.91 -16.13 0.35
C UNK E 35 77.04 -16.29 -0.65
N UNK E 36 76.73 -16.70 -1.88
CA UNK E 36 77.73 -16.95 -2.88
C UNK E 36 77.42 -16.18 -4.13
N UNK E 37 78.47 -15.60 -4.72
CA UNK E 37 78.43 -14.86 -5.96
C UNK E 37 79.18 -15.64 -7.01
N UNK E 38 78.77 -15.52 -8.28
CA UNK E 38 79.66 -15.77 -9.39
C UNK E 38 79.96 -14.44 -10.05
N UNK E 39 81.24 -14.21 -10.34
CA UNK E 39 81.77 -12.99 -10.94
C UNK E 39 82.51 -13.45 -12.17
N UNK E 40 82.51 -12.69 -13.29
CA UNK E 40 83.40 -13.02 -14.38
C UNK E 40 84.23 -11.83 -14.80
N UNK E 41 85.47 -12.09 -15.23
CA UNK E 41 86.33 -11.09 -15.79
C UNK E 41 86.75 -11.53 -17.17
N UNK E 42 86.27 -10.82 -18.20
CA UNK E 42 86.65 -11.03 -19.58
C UNK E 42 88.10 -10.64 -19.85
N UNK E 43 88.81 -11.17 -20.84
CA UNK E 43 90.13 -10.68 -21.23
C UNK E 43 90.20 -9.17 -21.47
N UNK E 44 91.10 -8.49 -20.74
CA UNK E 44 91.33 -7.05 -20.77
C UNK E 44 90.12 -6.20 -20.38
N UNK E 45 89.39 -6.59 -19.32
CA UNK E 45 88.22 -5.87 -18.83
C UNK E 45 88.14 -5.91 -17.30
N UNK E 46 87.23 -5.10 -16.72
CA UNK E 46 86.86 -5.15 -15.32
C UNK E 46 85.98 -6.33 -14.91
N UNK E 47 85.48 -6.27 -13.67
CA UNK E 47 84.69 -7.34 -13.08
C UNK E 47 83.19 -7.23 -13.38
N UNK E 48 82.58 -8.29 -13.94
CA UNK E 48 81.15 -8.35 -14.19
C UNK E 48 80.50 -9.27 -13.17
N UNK E 49 79.47 -8.78 -12.45
CA UNK E 49 78.68 -9.60 -11.53
C UNK E 49 77.67 -10.44 -12.30
N UNK E 50 77.65 -11.78 -12.07
CA UNK E 50 76.83 -12.71 -12.83
C UNK E 50 75.57 -13.11 -12.11
N UNK E 51 75.65 -13.53 -10.84
CA UNK E 51 74.49 -14.04 -10.13
C UNK E 51 74.78 -14.38 -8.71
N UNK E 52 73.73 -14.58 -7.88
CA UNK E 52 73.88 -14.92 -6.47
C UNK E 52 72.96 -16.04 -6.00
N UNK E 53 73.34 -16.68 -4.88
CA UNK E 53 72.50 -17.61 -4.14
C UNK E 53 72.97 -17.63 -2.69
N UNK E 54 72.09 -17.96 -1.73
CA UNK E 54 72.47 -18.13 -0.33
C UNK E 54 71.96 -19.47 0.17
N UNK E 55 70.80 -19.51 0.86
CA UNK E 55 70.27 -20.71 1.48
C UNK E 55 69.44 -21.52 0.50
N UNK E 56 69.60 -21.24 -0.78
CA UNK E 56 68.82 -21.94 -1.80
C UNK E 56 67.52 -21.19 -2.06
N UNK E 57 67.62 -19.88 -2.17
CA UNK E 57 66.42 -19.06 -2.42
C UNK E 57 66.78 -17.70 -2.95
N UNK E 58 67.57 -16.93 -2.19
CA UNK E 58 67.96 -15.60 -2.62
C UNK E 58 68.81 -15.65 -3.88
N UNK E 59 68.16 -15.60 -5.05
CA UNK E 59 68.89 -15.67 -6.30
C UNK E 59 68.71 -14.41 -7.13
N UNK E 60 69.39 -14.34 -8.27
CA UNK E 60 69.27 -13.18 -9.14
C UNK E 60 70.39 -13.29 -10.16
N UNK E 61 70.22 -12.64 -11.33
CA UNK E 61 71.06 -12.86 -12.49
C UNK E 61 71.22 -11.57 -13.24
N UNK E 62 72.42 -11.29 -13.79
CA UNK E 62 72.65 -10.19 -14.73
C UNK E 62 71.85 -10.36 -16.04
N UNK E 63 71.26 -9.35 -16.70
CA UNK E 63 70.60 -9.47 -18.00
C UNK E 63 71.44 -10.08 -19.10
N UNK E 64 72.79 -10.03 -19.01
CA UNK E 64 73.69 -10.72 -19.91
C UNK E 64 73.53 -12.24 -19.89
N UNK E 65 73.24 -12.82 -18.69
CA UNK E 65 73.11 -14.24 -18.47
C UNK E 65 71.71 -14.63 -18.01
N UNK E 66 70.76 -13.69 -17.87
CA UNK E 66 69.41 -14.00 -17.43
C UNK E 66 68.66 -14.86 -18.44
N UNK E 67 68.06 -15.96 -17.94
CA UNK E 67 67.40 -17.00 -18.73
C UNK E 67 68.38 -17.84 -19.52
N UNK E 68 69.68 -17.79 -19.14
CA UNK E 68 70.75 -18.55 -19.75
C UNK E 68 71.64 -19.18 -18.70
N UNK E 69 71.70 -18.61 -17.48
CA UNK E 69 72.48 -19.15 -16.41
C UNK E 69 71.60 -19.45 -15.20
N UNK E 70 71.80 -20.63 -14.61
CA UNK E 70 71.10 -21.06 -13.40
C UNK E 70 72.15 -21.33 -12.36
N UNK E 71 72.11 -20.58 -11.25
CA UNK E 71 72.98 -20.80 -10.11
C UNK E 71 72.28 -21.75 -9.15
N UNK E 72 73.03 -22.66 -8.51
CA UNK E 72 72.46 -23.57 -7.55
C UNK E 72 73.51 -23.87 -6.51
N UNK E 73 73.10 -24.48 -5.38
CA UNK E 73 74.03 -24.78 -4.32
C UNK E 73 73.58 -26.06 -3.68
N UNK E 74 74.54 -26.90 -3.25
CA UNK E 74 74.29 -28.08 -2.47
C UNK E 74 75.02 -27.87 -1.16
N UNK E 75 74.24 -27.77 -0.07
CA UNK E 75 74.77 -27.52 1.26
C UNK E 75 75.24 -28.78 1.94
N UNK E 76 74.89 -29.99 1.44
CA UNK E 76 75.36 -31.23 2.06
C UNK E 76 76.74 -31.62 1.59
N UNK E 77 77.13 -31.15 0.39
CA UNK E 77 78.41 -31.47 -0.22
C UNK E 77 79.37 -30.30 -0.21
N UNK E 78 78.92 -29.13 0.30
CA UNK E 78 79.65 -27.87 0.31
C UNK E 78 79.99 -27.37 -1.10
N UNK E 79 79.03 -27.42 -2.04
CA UNK E 79 79.28 -27.16 -3.45
C UNK E 79 78.35 -26.09 -3.96
N UNK E 80 78.92 -25.06 -4.59
CA UNK E 80 78.22 -24.05 -5.34
C UNK E 80 78.32 -24.38 -6.82
N UNK E 81 77.23 -24.24 -7.59
CA UNK E 81 77.24 -24.59 -9.00
C UNK E 81 76.73 -23.44 -9.85
N UNK E 82 77.25 -23.30 -11.08
CA UNK E 82 76.68 -22.45 -12.11
C UNK E 82 76.46 -23.26 -13.36
N UNK E 83 75.20 -23.51 -13.74
CA UNK E 83 74.88 -24.13 -15.00
C UNK E 83 74.64 -23.04 -16.02
N UNK E 84 75.38 -23.06 -17.14
CA UNK E 84 75.32 -22.05 -18.17
C UNK E 84 74.84 -22.70 -19.45
N UNK E 85 73.82 -22.11 -20.10
CA UNK E 85 73.22 -22.60 -21.33
C UNK E 85 73.25 -21.53 -22.40
N UNK E 86 73.26 -21.95 -23.68
CA UNK E 86 73.26 -21.04 -24.83
C UNK E 86 74.42 -20.06 -24.84
N UNK E 87 75.65 -20.57 -24.70
CA UNK E 87 76.87 -19.77 -24.61
C UNK E 87 77.15 -18.90 -25.83
N UNK E 88 77.67 -17.67 -25.63
CA UNK E 88 77.98 -16.74 -26.70
C UNK E 88 79.44 -16.34 -26.59
N UNK E 89 80.02 -15.73 -27.65
CA UNK E 89 81.40 -15.28 -27.66
C UNK E 89 81.72 -14.23 -26.59
N UNK E 90 80.68 -13.53 -26.09
CA UNK E 90 80.80 -12.48 -25.11
C UNK E 90 80.62 -13.00 -23.68
N UNK E 91 80.54 -14.33 -23.49
CA UNK E 91 80.63 -14.92 -22.18
C UNK E 91 82.05 -15.41 -21.87
N UNK E 92 82.99 -15.33 -22.85
CA UNK E 92 84.38 -15.78 -22.71
C UNK E 92 85.18 -15.05 -21.64
N UNK E 93 85.42 -15.70 -20.49
CA UNK E 93 85.92 -15.00 -19.34
C UNK E 93 86.52 -15.93 -18.30
N UNK E 94 87.29 -15.36 -17.36
CA UNK E 94 87.65 -16.03 -16.12
C UNK E 94 86.52 -15.86 -15.14
N UNK E 95 85.88 -16.95 -14.74
CA UNK E 95 84.79 -16.94 -13.79
C UNK E 95 85.36 -17.20 -12.40
N UNK E 96 84.98 -16.38 -11.42
CA UNK E 96 85.39 -16.52 -10.04
C UNK E 96 84.16 -16.81 -9.21
N UNK E 97 84.26 -17.72 -8.23
CA UNK E 97 83.29 -17.77 -7.15
C UNK E 97 83.76 -16.94 -5.98
N UNK E 98 82.83 -16.30 -5.25
CA UNK E 98 83.18 -15.48 -4.11
C UNK E 98 82.07 -15.60 -3.08
N UNK E 99 82.40 -15.49 -1.78
CA UNK E 99 81.45 -15.75 -0.72
C UNK E 99 81.22 -14.48 0.11
N UNK E 100 79.97 -14.18 0.47
CA UNK E 100 79.63 -13.00 1.22
C UNK E 100 79.01 -13.41 2.54
N UNK E 101 79.36 -12.69 3.61
CA UNK E 101 78.83 -12.89 4.95
C UNK E 101 77.80 -11.82 5.29
N UNK E 102 77.58 -10.81 4.41
CA UNK E 102 76.58 -9.77 4.61
C UNK E 102 75.16 -10.32 4.58
N UNK E 103 74.90 -11.27 3.66
CA UNK E 103 73.58 -11.80 3.38
C UNK E 103 73.40 -13.20 3.95
N UNK E 104 74.29 -13.68 4.86
CA UNK E 104 74.08 -14.94 5.55
C UNK E 104 72.97 -14.90 6.59
N UNK E 105 72.27 -16.04 6.82
CA UNK E 105 71.16 -16.08 7.77
C UNK E 105 71.54 -15.79 9.22
N UNK E 106 72.69 -16.33 9.68
CA UNK E 106 73.12 -16.19 11.06
C UNK E 106 73.66 -14.79 11.42
N UNK E 107 73.97 -13.93 10.42
CA UNK E 107 74.10 -12.48 10.62
C UNK E 107 75.17 -11.99 11.57
N UNK E 108 76.29 -12.73 11.72
CA UNK E 108 77.36 -12.39 12.66
C UNK E 108 78.27 -11.29 12.09
N UNK E 109 77.71 -10.10 11.83
CA UNK E 109 78.30 -9.01 11.05
C UNK E 109 79.62 -8.48 11.55
N UNK E 110 79.86 -8.52 12.87
CA UNK E 110 81.10 -8.12 13.52
C UNK E 110 82.33 -8.90 13.06
N UNK E 111 82.15 -10.18 12.67
CA UNK E 111 83.23 -11.09 12.34
C UNK E 111 83.23 -11.37 10.84
N UNK E 112 82.83 -10.39 10.02
CA UNK E 112 82.77 -10.44 8.56
C UNK E 112 84.07 -10.86 7.85
N UNK E 113 83.95 -11.84 6.93
CA UNK E 113 84.98 -12.15 5.97
C UNK E 113 84.35 -12.50 4.63
N UNK E 114 84.73 -11.81 3.55
CA UNK E 114 84.74 -12.31 2.19
C UNK E 114 85.64 -13.57 2.01
N UNK E 115 85.87 -13.98 0.75
CA UNK E 115 86.85 -14.94 0.25
C UNK E 115 86.49 -15.22 -1.20
N UNK E 116 87.49 -15.18 -2.10
CA UNK E 116 87.31 -15.41 -3.51
C UNK E 116 88.09 -16.65 -3.91
N UNK E 117 87.57 -17.40 -4.90
CA UNK E 117 88.28 -18.52 -5.50
C UNK E 117 89.45 -18.13 -6.36
N UNK E 118 90.00 -19.10 -7.12
CA UNK E 118 91.22 -18.89 -7.86
C UNK E 118 90.94 -18.57 -9.32
N UNK E 119 89.67 -18.74 -9.75
CA UNK E 119 89.23 -18.42 -11.09
C UNK E 119 89.33 -19.55 -12.07
N UNK E 120 88.31 -19.68 -12.93
CA UNK E 120 88.19 -20.75 -13.90
C UNK E 120 87.85 -20.22 -15.27
N UNK E 121 88.60 -20.61 -16.31
CA UNK E 121 88.51 -20.01 -17.63
C UNK E 121 87.49 -20.70 -18.53
N UNK E 122 86.50 -19.93 -19.01
CA UNK E 122 85.52 -20.41 -19.97
C UNK E 122 85.78 -19.68 -21.27
N UNK E 123 86.08 -20.42 -22.35
CA UNK E 123 86.35 -19.82 -23.65
C UNK E 123 85.28 -20.29 -24.59
N UNK E 124 84.57 -19.38 -25.28
CA UNK E 124 83.51 -19.72 -26.20
C UNK E 124 83.98 -19.44 -27.62
N UNK E 125 84.17 -20.50 -28.42
CA UNK E 125 84.75 -20.41 -29.76
C UNK E 125 84.59 -21.76 -30.42
N UNK E 126 85.04 -21.97 -31.67
CA UNK E 126 85.18 -23.32 -32.20
C UNK E 126 86.38 -24.04 -31.59
N UNK E 127 86.16 -25.19 -30.95
CA UNK E 127 87.12 -25.92 -30.15
C UNK E 127 88.37 -26.54 -30.77
N UNK E 128 89.44 -26.66 -29.96
CA UNK E 128 90.77 -27.12 -30.32
C UNK E 128 91.67 -27.06 -29.10
N UNK E 129 92.85 -27.70 -29.14
CA UNK E 129 93.87 -27.56 -28.10
C UNK E 129 95.22 -27.81 -28.75
N UNK E 130 96.30 -27.16 -28.28
CA UNK E 130 97.65 -27.49 -28.71
C UNK E 130 98.61 -27.22 -27.55
N UNK E 131 99.46 -28.21 -27.21
CA UNK E 131 100.48 -28.05 -26.17
C UNK E 131 101.70 -27.30 -26.61
N UNK E 132 102.41 -26.62 -25.74
CA UNK E 132 103.60 -25.88 -26.11
C UNK E 132 104.82 -26.76 -26.28
N UNK E 133 105.70 -26.36 -27.20
CA UNK E 133 107.05 -26.85 -27.19
C UNK E 133 107.89 -25.96 -26.28
N UNK E 134 108.75 -26.56 -25.43
CA UNK E 134 109.48 -25.82 -24.41
C UNK E 134 110.97 -25.92 -24.68
N UNK E 135 111.64 -24.76 -24.78
CA UNK E 135 112.99 -24.66 -25.25
C UNK E 135 113.88 -23.91 -24.28
N UNK E 136 115.08 -24.36 -23.89
CA UNK E 136 115.95 -23.59 -23.01
C UNK E 136 116.49 -22.34 -23.66
N UNK E 137 116.57 -21.26 -22.87
CA UNK E 137 117.26 -20.05 -23.22
C UNK E 137 118.56 -20.06 -22.43
N UNK E 138 119.68 -20.39 -23.10
CA UNK E 138 120.90 -20.77 -22.42
C UNK E 138 121.77 -19.57 -22.01
N UNK E 139 122.31 -19.50 -20.80
CA UNK E 139 123.20 -18.41 -20.41
C UNK E 139 124.59 -18.55 -21.02
N UNK E 140 125.18 -17.45 -21.51
CA UNK E 140 126.52 -17.47 -22.09
C UNK E 140 127.53 -16.91 -21.11
N UNK E 141 128.74 -17.51 -21.06
CA UNK E 141 129.87 -17.05 -20.26
C UNK E 141 130.31 -15.63 -20.58
N UNK E 142 130.12 -15.20 -21.84
CA UNK E 142 130.40 -13.85 -22.29
C UNK E 142 129.31 -12.86 -21.90
N UNK E 143 128.14 -13.36 -21.45
CA UNK E 143 127.01 -12.54 -21.03
C UNK E 143 126.97 -12.38 -19.54
N UNK E 144 128.05 -12.78 -18.82
CA UNK E 144 128.26 -12.49 -17.39
C UNK E 144 128.28 -11.00 -17.13
N UNK E 145 127.22 -10.49 -16.49
CA UNK E 145 127.04 -9.06 -16.30
C UNK E 145 127.16 -8.78 -14.83
N UNK E 146 128.32 -8.27 -14.38
CA UNK E 146 128.57 -7.95 -12.97
C UNK E 146 128.42 -9.08 -11.97
N UNK E 147 128.71 -10.34 -12.37
CA UNK E 147 128.47 -11.52 -11.55
C UNK E 147 127.10 -12.12 -11.69
N UNK E 148 126.24 -11.53 -12.53
CA UNK E 148 124.88 -11.98 -12.76
C UNK E 148 124.77 -12.53 -14.17
N UNK E 149 124.14 -13.70 -14.30
CA UNK E 149 123.81 -14.29 -15.57
C UNK E 149 122.30 -14.42 -15.64
N UNK E 150 121.72 -14.38 -16.85
CA UNK E 150 120.31 -14.64 -17.02
C UNK E 150 120.16 -15.94 -17.77
N UNK E 151 119.11 -16.70 -17.46
CA UNK E 151 118.77 -17.89 -18.19
C UNK E 151 117.26 -17.95 -18.24
N UNK E 152 116.69 -18.79 -19.09
CA UNK E 152 115.25 -18.86 -19.13
C UNK E 152 114.78 -20.03 -19.90
N UNK E 153 113.48 -20.03 -20.24
CA UNK E 153 112.91 -20.98 -21.16
C UNK E 153 111.82 -20.29 -21.93
N UNK E 154 111.67 -20.73 -23.18
CA UNK E 154 110.71 -20.23 -24.13
C UNK E 154 109.64 -21.29 -24.26
N UNK E 155 108.38 -20.88 -24.14
CA UNK E 155 107.22 -21.75 -24.17
C UNK E 155 106.42 -21.36 -25.39
N UNK E 156 106.47 -22.18 -26.45
CA UNK E 156 106.09 -21.74 -27.78
C UNK E 156 105.01 -22.57 -28.43
N UNK E 157 104.09 -21.89 -29.15
CA UNK E 157 103.15 -22.45 -30.10
C UNK E 157 102.01 -23.22 -29.47
N UNK E 158 101.41 -22.66 -28.40
CA UNK E 158 100.31 -23.27 -27.68
C UNK E 158 98.97 -22.59 -27.90
N UNK E 159 97.88 -23.33 -27.62
CA UNK E 159 96.54 -22.77 -27.65
C UNK E 159 95.63 -23.59 -26.74
N UNK E 160 94.62 -23.03 -26.09
CA UNK E 160 94.45 -21.62 -25.73
C UNK E 160 95.33 -21.27 -24.55
N UNK E 161 95.21 -20.04 -24.01
CA UNK E 161 95.75 -19.67 -22.73
C UNK E 161 95.13 -20.42 -21.53
N UNK E 162 95.81 -20.65 -20.40
CA UNK E 162 97.13 -20.12 -20.07
C UNK E 162 98.10 -21.26 -19.87
N UNK E 163 99.40 -20.94 -19.86
CA UNK E 163 100.42 -21.85 -19.37
C UNK E 163 100.87 -21.32 -18.02
N UNK E 164 101.34 -22.19 -17.12
CA UNK E 164 101.98 -21.76 -15.89
C UNK E 164 103.42 -22.23 -15.93
N UNK E 165 104.36 -21.37 -15.48
CA UNK E 165 105.78 -21.68 -15.49
C UNK E 165 106.32 -21.48 -14.09
N UNK E 166 106.96 -22.52 -13.52
CA UNK E 166 107.66 -22.47 -12.26
C UNK E 166 109.12 -22.76 -12.50
N UNK E 167 110.02 -22.42 -11.55
CA UNK E 167 111.43 -22.76 -11.65
C UNK E 167 111.84 -23.60 -10.46
N UNK E 168 112.51 -24.74 -10.73
CA UNK E 168 113.01 -25.72 -9.76
C UNK E 168 111.92 -26.21 -8.81
N UNK E 169 110.72 -26.48 -9.35
CA UNK E 169 109.52 -26.91 -8.63
C UNK E 169 109.03 -25.90 -7.62
N UNK E 170 109.28 -24.60 -7.88
CA UNK E 170 108.93 -23.49 -7.00
C UNK E 170 110.03 -23.09 -6.06
N UNK E 171 111.19 -23.75 -6.09
CA UNK E 171 112.32 -23.42 -5.24
C UNK E 171 113.08 -22.17 -5.68
N UNK E 172 112.91 -21.73 -6.94
CA UNK E 172 113.53 -20.51 -7.42
C UNK E 172 112.46 -19.52 -7.84
N UNK E 173 112.36 -18.41 -7.09
CA UNK E 173 111.33 -17.39 -7.31
C UNK E 173 111.93 -16.00 -7.43
N UNK E 174 113.14 -15.77 -6.90
CA UNK E 174 113.78 -14.47 -6.90
C UNK E 174 114.36 -14.13 -8.27
N UNK E 175 114.02 -12.95 -8.82
CA UNK E 175 114.51 -12.51 -10.13
C UNK E 175 113.79 -13.12 -11.31
N UNK E 176 112.72 -13.89 -11.06
CA UNK E 176 111.93 -14.54 -12.10
C UNK E 176 110.97 -13.58 -12.77
N UNK E 177 111.06 -13.48 -14.11
CA UNK E 177 110.09 -12.73 -14.88
C UNK E 177 109.44 -13.68 -15.87
N UNK E 178 108.16 -14.04 -15.63
CA UNK E 178 107.36 -14.77 -16.61
C UNK E 178 106.58 -13.73 -17.37
N UNK E 179 106.87 -13.60 -18.67
CA UNK E 179 106.25 -12.63 -19.53
C UNK E 179 104.78 -12.94 -19.83
N UNK E 180 103.87 -11.97 -19.99
CA UNK E 180 102.63 -12.16 -20.72
C UNK E 180 102.77 -12.86 -22.06
N UNK E 181 101.78 -13.67 -22.47
CA UNK E 181 101.80 -14.25 -23.77
C UNK E 181 101.64 -13.28 -24.93
N UNK E 182 102.30 -13.59 -26.06
CA UNK E 182 102.11 -12.85 -27.30
C UNK E 182 101.37 -13.74 -28.27
N UNK E 183 100.40 -13.17 -29.00
CA UNK E 183 99.69 -13.88 -30.04
C UNK E 183 100.48 -13.80 -31.32
N UNK E 184 101.04 -14.92 -31.81
CA UNK E 184 101.85 -14.93 -33.00
C UNK E 184 101.04 -14.89 -34.28
N UNK E 185 101.68 -14.60 -35.42
CA UNK E 185 101.07 -14.57 -36.75
C UNK E 185 100.56 -15.92 -37.22
N UNK E 186 100.92 -17.00 -36.51
CA UNK E 186 100.40 -18.34 -36.67
C UNK E 186 99.08 -18.57 -35.95
N UNK E 187 98.63 -17.61 -35.12
CA UNK E 187 97.42 -17.70 -34.31
C UNK E 187 97.61 -18.43 -33.01
N UNK E 188 98.87 -18.80 -32.70
CA UNK E 188 99.21 -19.54 -31.50
C UNK E 188 99.97 -18.65 -30.54
N UNK E 189 99.85 -18.92 -29.24
CA UNK E 189 100.50 -18.13 -28.21
C UNK E 189 101.93 -18.54 -27.98
N UNK E 190 102.76 -17.61 -27.49
CA UNK E 190 104.14 -17.88 -27.11
C UNK E 190 104.48 -16.98 -25.95
N UNK E 191 105.31 -17.47 -25.00
CA UNK E 191 105.86 -16.62 -23.97
C UNK E 191 107.21 -17.10 -23.57
N UNK E 192 107.97 -16.24 -22.87
CA UNK E 192 109.25 -16.62 -22.31
C UNK E 192 109.15 -16.47 -20.82
N UNK E 193 109.87 -17.31 -20.07
CA UNK E 193 110.08 -17.13 -18.65
C UNK E 193 111.56 -17.04 -18.47
N UNK E 194 112.04 -16.09 -17.67
CA UNK E 194 113.46 -15.87 -17.48
C UNK E 194 113.73 -15.71 -16.02
N UNK E 195 115.00 -15.88 -15.62
CA UNK E 195 115.44 -15.65 -14.27
C UNK E 195 116.90 -15.20 -14.32
N UNK E 196 117.29 -14.32 -13.38
CA UNK E 196 118.68 -13.91 -13.21
C UNK E 196 119.28 -14.58 -11.99
N UNK E 197 120.48 -15.16 -12.14
CA UNK E 197 121.13 -15.97 -11.13
C UNK E 197 122.59 -15.56 -11.04
N UNK E 198 123.34 -15.85 -9.97
CA UNK E 198 124.80 -15.73 -9.94
C UNK E 198 125.51 -16.50 -11.04
N UNK E 199 126.41 -15.87 -11.80
CA UNK E 199 127.16 -16.52 -12.87
C UNK E 199 128.03 -17.67 -12.39
N UNK E 200 128.52 -17.58 -11.14
CA UNK E 200 129.29 -18.60 -10.44
C UNK E 200 128.62 -19.94 -10.26
N UNK E 201 127.28 -20.02 -10.38
CA UNK E 201 126.55 -21.27 -10.20
C UNK E 201 126.24 -21.97 -11.50
N UNK E 202 126.62 -21.37 -12.64
CA UNK E 202 126.45 -21.98 -13.94
C UNK E 202 127.34 -23.20 -14.14
N UNK E 203 126.73 -24.35 -14.48
CA UNK E 203 127.45 -25.61 -14.63
C UNK E 203 127.72 -26.32 -13.34
N UNK E 204 127.28 -25.76 -12.20
CA UNK E 204 127.43 -26.40 -10.89
C UNK E 204 126.08 -26.61 -10.24
N UNK E 205 125.11 -25.73 -10.52
CA UNK E 205 123.75 -25.81 -10.03
C UNK E 205 122.82 -26.04 -11.20
N UNK E 206 121.76 -26.86 -10.98
CA UNK E 206 120.81 -27.21 -12.02
C UNK E 206 119.61 -26.29 -12.00
N UNK E 207 119.18 -25.82 -13.18
CA UNK E 207 118.02 -24.98 -13.31
C UNK E 207 117.03 -25.66 -14.20
N UNK E 208 115.78 -25.82 -13.73
CA UNK E 208 114.75 -26.55 -14.42
C UNK E 208 113.53 -25.67 -14.46
N UNK E 209 112.97 -25.38 -15.66
CA UNK E 209 111.65 -24.79 -15.72
C UNK E 209 110.62 -25.89 -15.65
N UNK E 210 109.47 -25.63 -15.02
CA UNK E 210 108.38 -26.58 -14.97
C UNK E 210 107.22 -25.91 -15.66
N UNK E 211 106.77 -26.43 -16.81
CA UNK E 211 105.75 -25.80 -17.63
C UNK E 211 104.51 -26.67 -17.64
N UNK E 212 103.35 -26.10 -17.28
CA UNK E 212 102.09 -26.80 -17.27
C UNK E 212 101.11 -26.10 -18.20
N UNK E 213 100.56 -26.84 -19.17
CA UNK E 213 99.46 -26.37 -19.99
C UNK E 213 98.30 -27.32 -19.77
N UNK E 214 97.31 -26.91 -18.96
CA UNK E 214 96.17 -27.76 -18.64
C UNK E 214 95.31 -28.17 -19.84
N UNK E 215 94.94 -27.36 -20.84
CA UNK E 215 94.04 -27.79 -21.91
C UNK E 215 94.56 -28.91 -22.79
N UNK E 216 95.89 -29.14 -22.85
CA UNK E 216 96.44 -30.25 -23.62
C UNK E 216 96.92 -31.37 -22.73
N UNK E 217 96.88 -31.17 -21.39
CA UNK E 217 97.46 -32.03 -20.36
C UNK E 217 98.98 -32.14 -20.42
N UNK E 218 99.66 -31.07 -20.90
CA UNK E 218 101.11 -31.07 -21.07
C UNK E 218 101.78 -30.58 -19.82
N UNK E 219 102.65 -31.43 -19.23
CA UNK E 219 103.53 -31.07 -18.14
C UNK E 219 104.94 -31.37 -18.62
N UNK E 220 105.82 -30.34 -18.66
CA UNK E 220 107.16 -30.47 -19.18
C UNK E 220 108.14 -29.83 -18.24
N UNK E 221 109.12 -30.62 -17.75
CA UNK E 221 110.24 -30.14 -16.98
C UNK E 221 111.45 -30.00 -17.88
N UNK E 222 112.04 -28.78 -17.96
CA UNK E 222 113.14 -28.54 -18.88
C UNK E 222 114.38 -28.03 -18.19
N UNK E 223 115.46 -28.83 -18.20
CA UNK E 223 116.77 -28.39 -17.78
C UNK E 223 117.34 -27.30 -18.67
N UNK E 224 117.97 -26.27 -18.05
CA UNK E 224 118.62 -25.19 -18.77
C UNK E 224 120.07 -25.22 -18.40
N UNK E 225 120.91 -25.48 -19.39
CA UNK E 225 122.36 -25.51 -19.15
C UNK E 225 122.98 -24.15 -19.40
N UNK E 226 124.26 -24.01 -19.04
CA UNK E 226 124.95 -22.74 -19.24
C UNK E 226 125.42 -22.59 -20.69
N ALA E 227 124.59 -23.02 -21.63
CA ALA E 227 124.95 -22.91 -23.03
C ALA E 227 124.96 -21.45 -23.44
N ALA E 228 126.14 -20.92 -23.76
CA ALA E 228 126.25 -19.52 -24.18
C ALA E 228 124.96 -18.99 -24.79
N ALA E 229 124.55 -19.57 -25.91
CA ALA E 229 123.34 -19.13 -26.59
C ALA E 229 123.27 -17.61 -26.65
N UNK F 1 68.13 -0.89 -12.58
CA UNK F 1 69.51 -1.18 -12.06
C UNK F 1 70.16 0.05 -11.46
N UNK F 2 71.38 -0.09 -10.91
CA UNK F 2 72.19 1.03 -10.43
C UNK F 2 73.47 0.99 -11.22
N UNK F 3 73.88 2.13 -11.80
CA UNK F 3 75.08 2.26 -12.58
C UNK F 3 76.18 2.75 -11.67
N UNK F 4 77.40 2.21 -11.78
CA UNK F 4 78.51 2.60 -10.94
C UNK F 4 79.64 3.10 -11.81
N UNK F 5 80.20 4.28 -11.48
CA UNK F 5 81.33 4.85 -12.19
C UNK F 5 82.40 5.20 -11.19
N UNK F 6 83.63 5.44 -11.65
CA UNK F 6 84.76 5.77 -10.80
C UNK F 6 85.55 6.85 -11.49
N UNK F 7 86.36 7.61 -10.75
CA UNK F 7 87.31 8.52 -11.38
C UNK F 7 88.55 8.66 -10.51
N UNK F 8 89.69 9.09 -11.07
CA UNK F 8 90.08 8.95 -12.47
C UNK F 8 90.13 7.50 -12.94
N UNK F 9 90.19 7.24 -14.26
CA UNK F 9 90.34 5.90 -14.81
C UNK F 9 91.65 5.24 -14.43
N UNK F 10 92.75 6.04 -14.47
CA UNK F 10 94.07 5.60 -14.07
C UNK F 10 94.72 6.78 -13.40
N UNK F 11 95.71 6.54 -12.52
CA UNK F 11 96.53 7.60 -11.97
C UNK F 11 97.94 7.12 -11.73
N UNK F 12 98.90 8.07 -11.78
CA UNK F 12 100.32 7.78 -11.68
C UNK F 12 100.86 8.40 -10.42
N UNK F 13 101.29 7.59 -9.45
CA UNK F 13 101.66 8.06 -8.13
C UNK F 13 102.97 7.43 -7.68
N UNK F 14 103.62 8.02 -6.68
CA UNK F 14 104.89 7.57 -6.11
C UNK F 14 104.68 6.83 -4.80
N UNK F 15 105.68 6.09 -4.32
CA UNK F 15 105.69 5.62 -2.93
C UNK F 15 105.73 6.79 -1.95
N UNK F 16 104.80 6.83 -0.98
CA UNK F 16 104.67 7.92 -0.03
C UNK F 16 103.63 8.95 -0.41
N UNK F 17 103.12 8.93 -1.66
CA UNK F 17 102.02 9.80 -2.06
C UNK F 17 100.74 9.48 -1.29
N UNK F 18 99.90 10.50 -1.02
CA UNK F 18 98.55 10.27 -0.57
C UNK F 18 97.64 10.15 -1.78
N UNK F 19 96.93 9.02 -1.91
CA UNK F 19 96.12 8.73 -3.08
C UNK F 19 94.67 8.73 -2.70
N UNK F 20 93.84 9.50 -3.43
CA UNK F 20 92.40 9.54 -3.24
C UNK F 20 91.78 9.15 -4.56
N UNK F 21 90.86 8.17 -4.59
CA UNK F 21 90.10 7.80 -5.78
C UNK F 21 88.64 7.82 -5.42
N UNK F 22 87.73 7.87 -6.41
CA UNK F 22 86.31 8.07 -6.15
C UNK F 22 85.46 6.96 -6.75
N UNK F 23 84.20 6.87 -6.29
CA UNK F 23 83.21 5.99 -6.86
C UNK F 23 81.89 6.72 -6.79
N UNK F 24 81.07 6.63 -7.85
CA UNK F 24 79.79 7.29 -7.95
C UNK F 24 78.70 6.31 -8.32
N UNK F 25 77.55 6.37 -7.64
CA UNK F 25 76.36 5.62 -7.98
C UNK F 25 75.35 6.52 -8.70
N UNK F 26 74.51 5.94 -9.58
CA UNK F 26 73.49 6.69 -10.32
C UNK F 26 72.25 7.06 -9.52
N UNK F 27 72.11 6.50 -8.31
CA UNK F 27 71.06 6.87 -7.38
C UNK F 27 71.58 6.50 -6.00
N UNK F 28 70.89 6.94 -4.92
CA UNK F 28 71.36 6.68 -3.56
C UNK F 28 71.44 5.21 -3.19
N UNK F 29 72.63 4.75 -2.76
CA UNK F 29 72.84 3.38 -2.32
C UNK F 29 73.09 3.37 -0.82
N UNK F 30 72.77 4.48 -0.13
CA UNK F 30 73.04 4.70 1.28
C UNK F 30 74.53 4.55 1.63
N UNK F 31 74.89 3.52 2.42
CA UNK F 31 76.29 3.23 2.75
C UNK F 31 76.67 1.87 2.18
N UNK F 32 75.85 1.26 1.32
CA UNK F 32 76.02 -0.12 0.91
C UNK F 32 76.99 -0.27 -0.26
N UNK F 33 78.28 0.03 -0.01
CA UNK F 33 79.34 -0.03 -1.00
C UNK F 33 80.53 -0.82 -0.47
N UNK F 34 81.10 -1.70 -1.31
CA UNK F 34 82.31 -2.45 -0.98
C UNK F 34 83.43 -2.00 -1.92
N UNK F 35 84.68 -1.99 -1.44
CA UNK F 35 85.85 -1.65 -2.24
C UNK F 35 86.82 -2.83 -2.30
N UNK F 36 87.33 -3.10 -3.50
CA UNK F 36 88.18 -4.24 -3.82
C UNK F 36 89.50 -3.79 -4.42
N UNK F 37 90.58 -4.54 -4.13
CA UNK F 37 91.88 -4.40 -4.77
C UNK F 37 92.08 -5.63 -5.64
N UNK F 38 92.46 -5.46 -6.92
CA UNK F 38 92.86 -6.60 -7.73
C UNK F 38 94.19 -6.32 -8.36
N UNK F 39 95.04 -7.35 -8.48
CA UNK F 39 96.30 -7.27 -9.18
C UNK F 39 96.23 -8.20 -10.37
N UNK F 40 96.90 -7.91 -11.49
CA UNK F 40 96.86 -8.71 -12.71
C UNK F 40 97.19 -10.18 -12.51
N UNK F 41 96.32 -11.09 -12.99
CA UNK F 41 96.54 -12.53 -12.88
C UNK F 41 96.15 -13.15 -11.56
N UNK F 42 95.49 -12.41 -10.64
CA UNK F 42 95.02 -12.99 -9.38
C UNK F 42 93.63 -12.48 -9.03
N UNK F 43 92.99 -13.13 -8.06
CA UNK F 43 91.68 -12.82 -7.55
C UNK F 43 91.56 -11.43 -6.90
N UNK F 44 90.44 -10.72 -6.99
CA UNK F 44 90.08 -9.63 -6.10
C UNK F 44 90.23 -9.88 -4.59
N UNK F 45 90.63 -8.83 -3.85
CA UNK F 45 90.74 -8.82 -2.41
C UNK F 45 89.93 -7.66 -1.87
N UNK F 46 88.91 -7.91 -1.01
CA UNK F 46 88.16 -6.86 -0.34
C UNK F 46 89.01 -5.99 0.60
N UNK F 47 88.73 -4.67 0.63
CA UNK F 47 89.46 -3.72 1.47
C UNK F 47 88.53 -3.08 2.48
N UNK F 48 87.35 -2.64 1.99
CA UNK F 48 86.40 -1.84 2.75
C UNK F 48 85.05 -2.44 2.43
N UNK F 49 84.20 -2.63 3.45
CA UNK F 49 82.82 -3.02 3.27
C UNK F 49 81.94 -1.96 3.94
N UNK F 50 80.69 -1.76 3.48
CA UNK F 50 79.81 -0.77 4.10
C UNK F 50 80.26 0.67 4.01
N UNK F 51 80.93 1.03 2.90
CA UNK F 51 81.51 2.33 2.57
C UNK F 51 82.69 2.80 3.40
N UNK F 52 82.86 2.33 4.66
CA UNK F 52 83.93 2.82 5.50
C UNK F 52 84.49 1.80 6.48
N UNK F 53 83.90 0.59 6.60
CA UNK F 53 84.40 -0.42 7.53
C UNK F 53 85.54 -1.20 6.93
N UNK F 54 86.74 -1.11 7.53
CA UNK F 54 87.93 -1.84 7.13
C UNK F 54 87.81 -3.36 7.28
N UNK F 55 88.18 -4.13 6.24
CA UNK F 55 88.29 -5.58 6.32
C UNK F 55 89.38 -6.04 7.28
N UNK F 56 89.10 -7.11 8.05
CA UNK F 56 90.11 -7.76 8.90
C UNK F 56 91.32 -8.26 8.10
N UNK F 57 92.55 -7.90 8.54
CA UNK F 57 93.78 -8.21 7.82
C UNK F 57 94.18 -7.22 6.75
N UNK F 58 93.50 -6.07 6.62
CA UNK F 58 93.90 -5.01 5.71
C UNK F 58 94.65 -3.92 6.49
N UNK F 59 95.83 -3.45 6.06
CA UNK F 59 96.50 -2.28 6.62
C UNK F 59 95.68 -1.03 6.87
N UNK F 60 96.02 -0.26 7.92
CA UNK F 60 95.27 0.90 8.38
C UNK F 60 95.66 2.18 7.66
N UNK F 61 96.39 2.07 6.54
CA UNK F 61 96.61 3.16 5.62
C UNK F 61 95.46 3.32 4.64
N UNK F 62 94.57 2.31 4.57
CA UNK F 62 93.37 2.34 3.75
C UNK F 62 92.18 2.89 4.52
N UNK F 63 91.42 3.80 3.91
CA UNK F 63 90.16 4.23 4.48
C UNK F 63 89.19 4.60 3.37
N UNK F 64 87.88 4.50 3.65
CA UNK F 64 86.85 4.88 2.69
C UNK F 64 85.89 5.82 3.38
N UNK F 65 85.20 6.67 2.60
CA UNK F 65 84.21 7.56 3.14
C UNK F 65 83.24 7.99 2.06
N UNK F 66 82.19 8.76 2.44
CA UNK F 66 81.12 9.15 1.54
C UNK F 66 79.88 8.35 1.77
N UNK F 67 78.75 8.83 1.22
CA UNK F 67 77.48 8.19 1.40
C UNK F 67 76.52 8.66 0.35
N UNK F 68 75.42 7.91 0.13
CA UNK F 68 74.42 8.26 -0.85
C UNK F 68 74.82 7.91 -2.25
N UNK F 69 75.30 8.92 -3.01
CA UNK F 69 75.72 8.76 -4.40
C UNK F 69 77.21 8.83 -4.58
N UNK F 70 77.96 9.45 -3.65
CA UNK F 70 79.34 9.83 -3.87
C UNK F 70 80.24 9.26 -2.78
N UNK F 71 81.29 8.51 -3.19
CA UNK F 71 82.14 7.74 -2.29
C UNK F 71 83.60 7.90 -2.64
N UNK F 72 84.50 7.62 -1.68
CA UNK F 72 85.94 7.68 -1.87
C UNK F 72 86.64 6.43 -1.37
N UNK F 73 87.87 6.19 -1.86
CA UNK F 73 88.83 5.29 -1.26
C UNK F 73 90.11 6.09 -1.15
N UNK F 74 90.68 6.18 0.06
CA UNK F 74 91.87 6.96 0.35
C UNK F 74 92.94 6.00 0.80
N UNK F 75 94.16 6.16 0.25
CA UNK F 75 95.36 5.50 0.75
C UNK F 75 96.22 6.60 1.33
N UNK F 76 96.45 6.61 2.65
CA UNK F 76 97.09 7.71 3.37
C UNK F 76 98.55 7.96 3.00
N UNK F 77 99.33 6.88 2.88
CA UNK F 77 100.67 6.89 2.35
C UNK F 77 100.80 5.65 1.49
N UNK F 78 101.02 5.80 0.18
CA UNK F 78 101.05 4.72 -0.78
C UNK F 78 102.29 3.83 -0.70
N UNK F 79 102.12 2.50 -0.56
CA UNK F 79 103.22 1.56 -0.41
C UNK F 79 103.51 0.82 -1.71
N UNK F 80 104.68 0.19 -1.91
CA UNK F 80 105.00 -0.64 -3.09
C UNK F 80 104.01 -1.76 -3.39
N UNK F 81 103.22 -2.19 -2.41
CA UNK F 81 102.23 -3.21 -2.61
C UNK F 81 100.85 -2.66 -2.98
N UNK F 82 100.68 -1.33 -3.13
CA UNK F 82 99.39 -0.74 -3.42
C UNK F 82 99.18 -0.48 -4.90
N UNK F 83 100.09 -0.97 -5.76
CA UNK F 83 99.96 -0.77 -7.19
C UNK F 83 99.13 -1.87 -7.79
N UNK F 84 97.88 -1.49 -8.10
CA UNK F 84 96.81 -2.41 -8.33
C UNK F 84 95.68 -1.68 -9.02
N UNK F 85 94.66 -2.42 -9.45
CA UNK F 85 93.43 -1.86 -9.97
C UNK F 85 92.39 -1.96 -8.87
N UNK F 86 91.71 -0.84 -8.57
CA UNK F 86 90.80 -0.73 -7.45
C UNK F 86 89.38 -0.62 -7.96
N UNK F 87 88.47 -1.48 -7.49
CA UNK F 87 87.11 -1.56 -7.96
C UNK F 87 86.15 -1.28 -6.83
N UNK F 88 85.07 -0.51 -7.07
CA UNK F 88 83.97 -0.42 -6.12
C UNK F 88 82.80 -1.28 -6.56
N UNK F 89 81.91 -1.65 -5.62
CA UNK F 89 80.73 -2.43 -5.89
C UNK F 89 79.61 -1.98 -4.97
N UNK F 90 78.37 -1.83 -5.46
CA UNK F 90 77.23 -1.57 -4.60
C UNK F 90 76.49 -2.85 -4.20
N UNK F 91 76.04 -2.94 -2.93
CA UNK F 91 75.31 -4.09 -2.40
C UNK F 91 73.86 -3.77 -2.06
N UNK F 92 73.40 -2.53 -2.31
CA UNK F 92 72.10 -2.00 -1.93
C UNK F 92 70.91 -2.72 -2.54
N UNK F 93 70.94 -2.95 -3.86
CA UNK F 93 69.78 -3.40 -4.57
C UNK F 93 70.27 -4.37 -5.60
N UNK F 94 69.33 -5.06 -6.26
CA UNK F 94 69.61 -6.17 -7.12
C UNK F 94 69.21 -5.78 -8.54
N UNK F 95 70.07 -5.92 -9.56
CA UNK F 95 71.41 -6.44 -9.68
C UNK F 95 72.48 -5.79 -8.81
N UNK F 96 73.41 -6.56 -8.21
CA UNK F 96 74.63 -5.99 -7.66
C UNK F 96 75.58 -5.57 -8.78
N UNK F 97 76.17 -4.37 -8.69
CA UNK F 97 76.94 -3.80 -9.81
C UNK F 97 78.28 -3.28 -9.34
N UNK F 98 79.33 -3.55 -10.14
CA UNK F 98 80.67 -3.04 -9.96
C UNK F 98 80.87 -1.76 -10.75
N UNK F 99 81.81 -0.90 -10.31
CA UNK F 99 82.37 0.15 -11.15
C UNK F 99 83.37 -0.38 -12.14
N UNK F 100 83.86 0.49 -13.05
CA UNK F 100 84.77 0.06 -14.11
C UNK F 100 86.22 -0.12 -13.70
N UNK F 101 86.55 0.25 -12.45
CA UNK F 101 87.93 0.20 -11.95
C UNK F 101 88.71 1.47 -12.11
N UNK F 102 89.58 1.73 -11.11
CA UNK F 102 90.55 2.82 -11.11
C UNK F 102 91.91 2.17 -11.04
N UNK F 103 92.79 2.36 -12.04
CA UNK F 103 94.11 1.74 -12.03
C UNK F 103 95.19 2.64 -11.46
N UNK F 104 95.83 2.24 -10.35
CA UNK F 104 96.95 2.95 -9.80
C UNK F 104 98.24 2.38 -10.41
N UNK F 105 99.22 3.23 -10.77
CA UNK F 105 100.46 2.79 -11.36
C UNK F 105 101.61 3.60 -10.77
N UNK F 106 102.82 3.01 -10.68
CA UNK F 106 103.90 3.60 -9.90
C UNK F 106 104.98 4.27 -10.68
N UNK F 107 105.26 5.48 -10.24
CA UNK F 107 106.37 6.33 -10.53
C UNK F 107 107.57 6.10 -9.63
N UNK F 108 108.78 6.22 -10.19
CA UNK F 108 110.00 6.12 -9.44
C UNK F 108 111.07 6.80 -10.28
N UNK F 109 112.30 6.86 -9.76
CA UNK F 109 113.47 7.25 -10.54
C UNK F 109 113.74 6.35 -11.73
N UNK F 110 114.36 6.89 -12.79
CA UNK F 110 114.81 6.11 -13.92
C UNK F 110 115.79 4.99 -13.53
N UNK F 111 115.69 3.81 -14.16
CA UNK F 111 116.59 2.71 -13.90
C UNK F 111 116.90 2.04 -15.21
N UNK F 112 118.20 1.78 -15.46
CA UNK F 112 118.70 1.12 -16.65
C UNK F 112 118.35 -0.37 -16.74
N UNK F 113 118.06 -0.93 -17.91
CA UNK F 113 117.84 -2.37 -18.04
C UNK F 113 119.13 -3.16 -18.07
N UNK F 114 119.16 -4.31 -17.36
CA UNK F 114 120.19 -5.31 -17.60
C UNK F 114 119.77 -6.17 -18.77
N UNK F 115 120.60 -6.23 -19.83
CA UNK F 115 120.21 -6.81 -21.10
C UNK F 115 120.89 -8.14 -21.32
N UNK F 116 120.13 -9.16 -21.75
CA UNK F 116 120.60 -10.51 -21.94
C UNK F 116 120.02 -11.06 -23.23
N UNK F 117 120.80 -11.84 -24.00
CA UNK F 117 120.36 -12.41 -25.26
C UNK F 117 120.52 -13.92 -25.22
N UNK F 118 119.57 -14.65 -25.81
CA UNK F 118 119.49 -16.08 -25.77
C UNK F 118 119.41 -16.63 -27.19
N UNK F 119 120.29 -17.52 -27.64
CA UNK F 119 120.10 -18.30 -28.86
C UNK F 119 118.84 -19.18 -28.83
N UNK F 120 118.26 -19.61 -29.95
CA UNK F 120 117.39 -20.79 -30.01
C UNK F 120 118.00 -22.03 -29.41
N UNK F 121 117.17 -22.95 -28.89
CA UNK F 121 117.67 -24.28 -28.50
C UNK F 121 117.83 -25.21 -29.69
N UNK F 122 118.77 -26.16 -29.61
CA UNK F 122 118.95 -27.22 -30.58
C UNK F 122 117.69 -28.06 -30.83
N UNK F 123 116.89 -28.30 -29.77
CA UNK F 123 115.61 -28.97 -29.87
C UNK F 123 114.58 -28.22 -30.70
N UNK F 124 114.51 -26.89 -30.56
CA UNK F 124 113.69 -26.07 -31.44
C UNK F 124 114.15 -26.10 -32.89
N UNK F 125 115.48 -26.03 -33.10
CA UNK F 125 116.11 -26.13 -34.39
C UNK F 125 115.91 -27.50 -35.06
N UNK F 126 115.68 -28.58 -34.28
CA UNK F 126 115.18 -29.85 -34.81
C UNK F 126 113.77 -29.76 -35.39
N UNK F 127 112.85 -28.94 -34.82
CA UNK F 127 111.46 -28.87 -35.30
C UNK F 127 111.24 -27.80 -36.35
N UNK F 128 112.31 -27.11 -36.79
CA UNK F 128 112.29 -26.30 -38.00
C UNK F 128 112.08 -24.83 -37.79
N UNK F 129 112.00 -24.37 -36.54
CA UNK F 129 111.77 -22.97 -36.21
C UNK F 129 112.94 -22.49 -35.39
N UNK F 130 113.25 -21.18 -35.42
CA UNK F 130 114.27 -20.62 -34.56
C UNK F 130 113.71 -19.40 -33.88
N UNK F 131 113.72 -19.38 -32.54
CA UNK F 131 113.27 -18.23 -31.78
C UNK F 131 114.43 -17.69 -30.98
N UNK F 132 114.74 -16.41 -31.16
CA UNK F 132 115.84 -15.75 -30.49
C UNK F 132 115.24 -14.77 -29.51
N UNK F 133 115.61 -14.86 -28.22
CA UNK F 133 114.95 -14.08 -27.18
C UNK F 133 115.95 -13.08 -26.65
N UNK F 134 115.52 -11.81 -26.48
CA UNK F 134 116.26 -10.83 -25.73
C UNK F 134 115.45 -10.46 -24.52
N UNK F 135 116.14 -10.28 -23.39
CA UNK F 135 115.57 -9.90 -22.13
C UNK F 135 116.15 -8.57 -21.72
N UNK F 136 115.28 -7.64 -21.32
CA UNK F 136 115.64 -6.40 -20.67
C UNK F 136 115.09 -6.52 -19.27
N UNK F 137 115.95 -6.48 -18.23
CA UNK F 137 115.55 -6.84 -16.90
C UNK F 137 115.64 -5.66 -15.94
N UNK F 138 114.56 -5.45 -15.16
CA UNK F 138 114.46 -4.56 -14.00
C UNK F 138 114.70 -3.08 -14.26
N UNK F 139 113.91 -2.45 -15.16
CA UNK F 139 114.10 -1.09 -15.59
C UNK F 139 112.91 -0.17 -15.35
N UNK F 140 113.14 1.16 -15.43
CA UNK F 140 112.07 2.13 -15.34
C UNK F 140 112.45 3.35 -16.19
N UNK F 141 111.60 4.02 -16.95
CA UNK F 141 110.17 3.76 -17.11
C UNK F 141 109.89 2.59 -18.03
N UNK F 142 108.60 2.25 -18.20
CA UNK F 142 108.11 1.14 -19.00
C UNK F 142 108.46 1.22 -20.48
N UNK F 143 108.54 2.45 -21.02
CA UNK F 143 109.01 2.71 -22.36
C UNK F 143 110.46 2.31 -22.61
N UNK F 144 110.68 1.56 -23.70
CA UNK F 144 111.98 1.11 -24.12
C UNK F 144 111.86 0.91 -25.62
N UNK F 145 112.99 0.91 -26.36
CA UNK F 145 112.98 0.52 -27.75
C UNK F 145 113.95 -0.63 -27.93
N UNK F 146 113.46 -1.73 -28.51
CA UNK F 146 114.27 -2.86 -28.88
C UNK F 146 114.38 -2.93 -30.39
N UNK F 147 115.62 -3.07 -30.92
CA UNK F 147 115.84 -3.28 -32.34
C UNK F 147 116.67 -4.52 -32.57
N UNK F 148 116.13 -5.48 -33.33
CA UNK F 148 116.87 -6.66 -33.75
C UNK F 148 117.67 -6.39 -35.01
N UNK F 149 118.93 -6.88 -35.04
CA UNK F 149 119.83 -6.77 -36.16
C UNK F 149 120.41 -8.14 -36.45
N UNK F 150 120.31 -8.60 -37.71
CA UNK F 150 120.81 -9.90 -38.14
C UNK F 150 121.82 -9.64 -39.23
N UNK F 151 123.12 -9.93 -38.99
CA UNK F 151 124.25 -9.52 -39.82
C UNK F 151 124.21 -8.05 -40.25
N UNK F 152 123.95 -7.17 -39.26
CA UNK F 152 123.73 -5.74 -39.39
C UNK F 152 122.45 -5.31 -40.11
N UNK F 153 121.65 -6.23 -40.66
CA UNK F 153 120.39 -5.91 -41.28
C UNK F 153 119.26 -5.77 -40.26
N UNK F 154 118.62 -4.59 -40.23
CA UNK F 154 117.48 -4.31 -39.38
C UNK F 154 116.27 -5.20 -39.69
N UNK F 155 115.65 -5.75 -38.63
CA UNK F 155 114.52 -6.64 -38.77
C UNK F 155 113.19 -5.92 -38.61
N UNK F 156 112.14 -6.43 -39.26
CA UNK F 156 110.80 -5.87 -39.18
C UNK F 156 109.79 -6.98 -39.33
N UNK F 157 108.70 -6.96 -38.54
CA UNK F 157 107.54 -7.84 -38.70
C UNK F 157 107.69 -9.25 -38.20
N UNK F 158 108.85 -9.61 -37.65
CA UNK F 158 109.16 -10.97 -37.23
C UNK F 158 109.49 -11.07 -35.75
N UNK F 159 109.18 -10.02 -34.98
CA UNK F 159 109.42 -9.98 -33.55
C UNK F 159 108.18 -9.56 -32.81
N UNK F 160 108.08 -9.98 -31.54
CA UNK F 160 107.01 -9.59 -30.67
C UNK F 160 107.57 -9.33 -29.30
N UNK F 161 107.00 -8.33 -28.61
CA UNK F 161 107.43 -7.92 -27.29
C UNK F 161 106.40 -8.25 -26.26
N UNK F 162 106.87 -8.38 -25.00
CA UNK F 162 106.02 -8.59 -23.88
C UNK F 162 106.64 -7.95 -22.67
N UNK F 163 105.84 -7.32 -21.81
CA UNK F 163 106.32 -6.51 -20.71
C UNK F 163 105.67 -7.01 -19.47
N UNK F 164 106.44 -7.30 -18.42
CA UNK F 164 105.90 -7.65 -17.11
C UNK F 164 105.05 -6.58 -16.49
N UNK F 165 104.12 -6.99 -15.64
CA UNK F 165 103.49 -6.10 -14.70
C UNK F 165 104.50 -5.55 -13.71
N UNK F 166 104.23 -4.32 -13.23
CA UNK F 166 105.15 -3.60 -12.39
C UNK F 166 105.47 -4.32 -11.09
N UNK F 167 106.77 -4.43 -10.73
CA UNK F 167 107.20 -5.13 -9.54
C UNK F 167 106.61 -4.54 -8.24
N UNK F 168 106.40 -5.40 -7.23
CA UNK F 168 105.76 -5.03 -6.00
C UNK F 168 106.74 -4.65 -4.91
N UNK F 169 108.04 -4.60 -5.24
CA UNK F 169 109.08 -4.22 -4.31
C UNK F 169 109.95 -3.08 -4.80
N UNK F 170 110.50 -3.15 -6.03
CA UNK F 170 111.38 -2.10 -6.51
C UNK F 170 110.68 -1.14 -7.46
N UNK F 171 109.54 -1.61 -7.99
CA UNK F 171 108.61 -0.89 -8.84
C UNK F 171 109.09 -0.79 -10.27
N UNK F 172 109.96 -1.70 -10.71
CA UNK F 172 110.51 -1.75 -12.05
C UNK F 172 109.67 -2.62 -13.00
N UNK F 173 110.05 -2.65 -14.28
CA UNK F 173 109.43 -3.46 -15.32
C UNK F 173 110.51 -4.30 -15.97
N UNK F 174 110.14 -5.41 -16.59
CA UNK F 174 111.07 -6.19 -17.40
C UNK F 174 110.38 -6.42 -18.73
N UNK F 175 111.15 -6.69 -19.80
CA UNK F 175 110.62 -6.78 -21.15
C UNK F 175 111.33 -7.91 -21.84
N UNK F 176 110.57 -8.75 -22.56
CA UNK F 176 111.12 -9.74 -23.45
C UNK F 176 110.77 -9.35 -24.86
N UNK F 177 111.70 -9.59 -25.78
CA UNK F 177 111.46 -9.45 -27.20
C UNK F 177 111.88 -10.75 -27.81
N UNK F 178 111.01 -11.38 -28.60
CA UNK F 178 111.27 -12.67 -29.20
C UNK F 178 111.26 -12.47 -30.70
N UNK F 179 112.39 -12.75 -31.36
CA UNK F 179 112.54 -12.74 -32.80
C UNK F 179 112.35 -14.15 -33.31
N UNK F 180 111.40 -14.39 -34.22
CA UNK F 180 111.08 -15.74 -34.67
C UNK F 180 111.37 -15.85 -36.15
N UNK F 181 112.17 -16.86 -36.55
CA UNK F 181 112.50 -17.12 -37.93
C UNK F 181 112.28 -18.61 -38.21
N UNK F 182 112.28 -19.02 -39.49
CA UNK F 182 112.46 -20.43 -39.82
C UNK F 182 113.87 -20.89 -39.50
N UNK F 183 114.11 -22.20 -39.29
CA UNK F 183 115.45 -22.73 -39.17
C UNK F 183 116.30 -22.45 -40.40
N UNK F 184 115.70 -22.59 -41.60
CA UNK F 184 116.37 -22.37 -42.86
C UNK F 184 116.90 -20.96 -43.04
N UNK F 185 116.10 -19.96 -42.62
CA UNK F 185 116.50 -18.56 -42.58
C UNK F 185 117.49 -18.26 -41.47
N UNK F 186 117.34 -18.88 -40.29
CA UNK F 186 118.29 -18.77 -39.19
C UNK F 186 119.69 -19.24 -39.56
N UNK F 187 119.80 -20.34 -40.33
CA UNK F 187 121.07 -20.89 -40.76
C UNK F 187 121.77 -20.10 -41.86
N UNK F 188 121.09 -19.12 -42.51
CA UNK F 188 121.71 -18.28 -43.53
C UNK F 188 122.60 -17.17 -42.99
N UNK F 189 122.45 -16.79 -41.72
CA UNK F 189 123.11 -15.62 -41.16
C UNK F 189 123.99 -16.02 -39.99
N UNK F 190 124.88 -15.13 -39.53
CA UNK F 190 125.86 -15.39 -38.49
C UNK F 190 125.61 -14.59 -37.23
N UNK F 191 125.55 -13.24 -37.32
CA UNK F 191 125.47 -12.37 -36.16
C UNK F 191 124.04 -12.07 -35.82
N UNK F 192 123.62 -12.44 -34.59
CA UNK F 192 122.30 -12.12 -34.10
C UNK F 192 122.46 -11.16 -32.95
N UNK F 193 121.96 -9.93 -33.11
CA UNK F 193 122.15 -8.88 -32.16
C UNK F 193 120.85 -8.19 -31.82
N UNK F 194 120.73 -7.74 -30.57
CA UNK F 194 119.64 -6.90 -30.13
C UNK F 194 120.24 -5.63 -29.58
N UNK F 195 119.73 -4.48 -30.05
CA UNK F 195 120.10 -3.15 -29.62
C UNK F 195 118.97 -2.60 -28.76
N UNK F 196 119.32 -2.13 -27.53
CA UNK F 196 118.35 -1.63 -26.56
C UNK F 196 118.59 -0.15 -26.33
N UNK F 197 117.56 0.66 -26.58
CA UNK F 197 117.58 2.10 -26.31
C UNK F 197 116.61 2.37 -25.18
N UNK F 198 117.05 3.07 -24.14
CA UNK F 198 116.24 3.34 -22.97
C UNK F 198 116.75 4.60 -22.33
N UNK F 199 115.91 5.31 -21.55
CA UNK F 199 116.26 6.59 -20.95
C UNK F 199 117.20 6.48 -19.76
N UNK F 200 117.37 5.27 -19.21
CA UNK F 200 118.38 4.97 -18.19
C UNK F 200 119.74 4.69 -18.74
N UNK F 201 119.91 4.72 -20.07
CA UNK F 201 121.15 4.41 -20.73
C UNK F 201 121.65 5.65 -21.46
N UNK F 202 122.95 5.98 -21.32
CA UNK F 202 123.59 7.09 -22.02
C UNK F 202 123.59 6.95 -23.54
N UNK F 203 123.74 5.70 -24.02
CA UNK F 203 123.77 5.35 -25.42
C UNK F 203 123.20 3.95 -25.53
N UNK F 204 122.67 3.49 -26.67
CA UNK F 204 122.20 2.13 -26.86
C UNK F 204 123.11 1.00 -26.40
N UNK F 205 122.53 -0.05 -25.77
CA UNK F 205 123.29 -1.21 -25.33
C UNK F 205 122.96 -2.37 -26.24
N UNK F 206 124.00 -2.95 -26.86
CA UNK F 206 123.84 -4.09 -27.76
C UNK F 206 124.29 -5.34 -27.06
N UNK F 207 123.53 -6.43 -27.21
CA UNK F 207 123.95 -7.77 -26.84
C UNK F 207 123.81 -8.64 -28.06
N UNK F 208 124.76 -9.56 -28.28
CA UNK F 208 124.82 -10.32 -29.51
C UNK F 208 125.44 -11.68 -29.29
N UNK F 209 125.23 -12.58 -30.25
CA UNK F 209 125.92 -13.85 -30.30
C UNK F 209 126.24 -14.19 -31.74
N UNK F 210 127.06 -15.24 -31.95
CA UNK F 210 127.35 -15.77 -33.25
C UNK F 210 126.64 -17.09 -33.33
N UNK F 211 125.95 -17.40 -34.43
CA UNK F 211 125.38 -18.71 -34.63
C UNK F 211 126.42 -19.79 -34.90
N UNK F 212 126.59 -20.70 -33.94
CA UNK F 212 127.58 -21.78 -34.02
C UNK F 212 128.83 -21.50 -33.17
N UNK G 1 -27.45 -60.50 18.69
CA UNK G 1 -26.68 -61.07 17.53
C UNK G 1 -25.81 -60.09 16.75
N UNK G 2 -25.26 -59.04 17.41
CA UNK G 2 -24.03 -58.40 16.98
C UNK G 2 -22.87 -59.38 17.13
N UNK G 3 -21.93 -59.43 16.17
CA UNK G 3 -20.86 -60.39 16.16
C UNK G 3 -19.60 -59.84 15.50
N UNK G 4 -18.43 -60.19 16.08
CA UNK G 4 -17.14 -60.08 15.44
C UNK G 4 -16.53 -61.47 15.49
N UNK G 5 -16.07 -62.01 14.35
CA UNK G 5 -15.45 -63.33 14.34
C UNK G 5 -14.12 -63.31 13.60
N UNK G 6 -13.01 -63.54 14.33
CA UNK G 6 -11.70 -63.77 13.78
C UNK G 6 -11.50 -65.09 13.02
N UNK G 7 -10.58 -65.08 12.04
CA UNK G 7 -10.06 -66.27 11.39
C UNK G 7 -8.63 -66.00 10.93
N UNK G 8 -7.95 -67.01 10.34
CA UNK G 8 -6.51 -66.97 10.08
C UNK G 8 -5.54 -67.37 11.19
N UNK G 9 -5.83 -68.09 12.28
CA UNK G 9 -4.78 -68.49 13.21
C UNK G 9 -3.82 -69.51 12.65
N UNK G 10 -2.74 -69.79 13.38
CA UNK G 10 -1.86 -70.86 12.99
C UNK G 10 -0.49 -70.72 13.56
N UNK G 11 0.36 -71.68 13.17
CA UNK G 11 1.75 -71.77 13.56
C UNK G 11 2.60 -71.38 12.38
N UNK G 12 3.38 -70.29 12.52
CA UNK G 12 4.09 -69.66 11.43
C UNK G 12 5.56 -69.58 11.79
N UNK G 13 6.49 -69.81 10.84
CA UNK G 13 7.91 -69.76 11.13
C UNK G 13 8.44 -68.34 11.23
N UNK G 14 9.45 -68.02 12.05
CA UNK G 14 10.16 -66.74 12.04
C UNK G 14 10.51 -66.16 10.68
N UNK G 15 10.30 -64.84 10.51
CA UNK G 15 10.60 -64.09 9.29
C UNK G 15 9.65 -64.38 8.14
N UNK G 16 8.55 -65.12 8.38
CA UNK G 16 7.52 -65.37 7.40
C UNK G 16 6.37 -64.40 7.58
N UNK G 17 5.21 -64.68 6.97
CA UNK G 17 4.06 -63.78 6.95
C UNK G 17 2.82 -64.52 7.37
N UNK G 18 1.76 -63.79 7.80
CA UNK G 18 0.48 -64.39 8.11
C UNK G 18 -0.57 -63.31 7.95
N UNK G 19 -1.85 -63.66 7.69
CA UNK G 19 -2.91 -62.69 7.54
C UNK G 19 -4.08 -63.10 8.38
N UNK G 20 -4.66 -62.15 9.13
CA UNK G 20 -5.77 -62.39 10.03
C UNK G 20 -6.98 -61.66 9.51
N UNK G 21 -8.14 -62.34 9.55
CA UNK G 21 -9.40 -61.83 9.03
C UNK G 21 -10.32 -61.68 10.20
N UNK G 22 -11.09 -60.58 10.30
CA UNK G 22 -12.16 -60.44 11.28
C UNK G 22 -13.42 -60.04 10.54
N UNK G 23 -14.44 -60.91 10.58
CA UNK G 23 -15.71 -60.71 9.90
C UNK G 23 -16.70 -60.08 10.84
N UNK G 24 -17.40 -59.02 10.37
CA UNK G 24 -18.32 -58.23 11.18
C UNK G 24 -19.75 -58.50 10.78
N UNK G 25 -20.66 -58.78 11.73
CA UNK G 25 -22.07 -58.94 11.39
C UNK G 25 -22.99 -58.48 12.51
N UNK G 26 -24.24 -58.12 12.13
CA UNK G 26 -25.24 -57.57 13.05
C UNK G 26 -25.02 -56.15 13.49
N UNK G 27 -26.11 -55.49 13.94
CA UNK G 27 -26.10 -54.08 14.30
C UNK G 27 -27.27 -53.39 13.71
N UNK G 28 -27.39 -52.08 13.98
CA UNK G 28 -28.49 -51.23 13.56
C UNK G 28 -27.99 -50.13 12.64
N UNK G 29 -26.77 -50.29 12.08
CA UNK G 29 -26.03 -49.24 11.42
C UNK G 29 -25.43 -49.80 10.14
N UNK G 30 -24.98 -48.93 9.23
CA UNK G 30 -24.24 -49.31 8.03
C UNK G 30 -22.84 -49.81 8.33
N UNK G 31 -22.32 -50.73 7.49
CA UNK G 31 -20.92 -51.11 7.55
C UNK G 31 -20.00 -49.96 7.13
N UNK G 32 -18.98 -49.69 7.97
CA UNK G 32 -18.17 -48.47 7.84
C UNK G 32 -18.41 -47.50 8.96
N UNK G 33 -19.52 -47.64 9.73
CA UNK G 33 -19.75 -46.82 10.91
C UNK G 33 -19.01 -47.32 12.15
N UNK G 34 -17.84 -47.97 12.01
CA UNK G 34 -17.09 -48.40 13.17
C UNK G 34 -15.63 -48.13 12.93
N UNK G 35 -14.91 -47.85 14.02
CA UNK G 35 -13.47 -47.90 14.08
C UNK G 35 -13.12 -49.27 14.57
N UNK G 36 -12.02 -49.84 14.10
CA UNK G 36 -11.64 -51.18 14.46
C UNK G 36 -10.21 -51.19 14.98
N UNK G 37 -10.01 -51.96 16.06
CA UNK G 37 -8.73 -52.17 16.69
C UNK G 37 -8.33 -53.61 16.47
N UNK G 38 -7.01 -53.88 16.38
CA UNK G 38 -6.48 -55.19 16.69
C UNK G 38 -5.71 -55.07 17.99
N UNK G 39 -5.93 -56.03 18.89
CA UNK G 39 -5.34 -56.10 20.21
C UNK G 39 -4.70 -57.48 20.28
N UNK G 40 -3.53 -57.65 20.92
CA UNK G 40 -3.04 -58.99 21.17
C UNK G 40 -2.73 -59.21 22.63
N UNK G 41 -2.94 -60.45 23.10
CA UNK G 41 -2.57 -60.87 24.42
C UNK G 41 -1.65 -62.06 24.32
N UNK G 42 -0.38 -61.86 24.70
CA UNK G 42 0.62 -62.92 24.76
C UNK G 42 0.32 -63.90 25.89
N UNK G 43 0.76 -65.16 25.86
CA UNK G 43 0.66 -66.07 27.00
C UNK G 43 1.22 -65.50 28.31
N UNK G 44 0.37 -65.46 29.35
CA UNK G 44 0.65 -64.95 30.67
C UNK G 44 1.01 -63.46 30.73
N UNK G 45 0.31 -62.61 29.96
CA UNK G 45 0.55 -61.18 29.91
C UNK G 45 -0.75 -60.39 29.80
N UNK G 46 -0.67 -59.05 29.96
CA UNK G 46 -1.76 -58.12 29.68
C UNK G 46 -2.03 -57.86 28.21
N UNK G 47 -2.89 -56.87 27.94
CA UNK G 47 -3.32 -56.52 26.60
C UNK G 47 -2.40 -55.53 25.90
N UNK G 48 -1.92 -55.87 24.69
CA UNK G 48 -1.11 -54.99 23.87
C UNK G 48 -1.95 -54.47 22.71
N UNK G 49 -2.03 -53.13 22.54
CA UNK G 49 -2.68 -52.52 21.40
C UNK G 49 -1.80 -52.57 20.16
N UNK G 50 -2.32 -53.09 19.03
CA UNK G 50 -1.54 -53.32 17.81
C UNK G 50 -1.73 -52.24 16.77
N UNK G 51 -2.98 -51.89 16.44
CA UNK G 51 -3.22 -50.95 15.35
C UNK G 51 -4.68 -50.63 15.19
N UNK G 52 -4.99 -49.56 14.42
CA UNK G 52 -6.37 -49.15 14.19
C UNK G 52 -6.66 -48.80 12.74
N UNK G 53 -7.96 -48.84 12.36
CA UNK G 53 -8.48 -48.32 11.10
C UNK G 53 -9.94 -47.96 11.30
N UNK G 54 -10.51 -47.02 10.51
CA UNK G 54 -11.92 -46.69 10.54
C UNK G 54 -12.47 -46.73 9.13
N UNK G 55 -12.58 -45.57 8.44
CA UNK G 55 -13.20 -45.49 7.13
C UNK G 55 -12.19 -45.75 6.02
N UNK G 56 -11.06 -46.35 6.39
CA UNK G 56 -10.02 -46.63 5.40
C UNK G 56 -9.07 -45.45 5.33
N UNK G 57 -8.68 -44.92 6.50
CA UNK G 57 -7.77 -43.79 6.53
C UNK G 57 -7.11 -43.64 7.90
N UNK G 58 -7.93 -43.47 8.93
CA UNK G 58 -7.39 -43.31 10.29
C UNK G 58 -6.66 -44.57 10.73
N UNK G 59 -5.37 -44.64 10.46
CA UNK G 59 -4.59 -45.81 10.83
C UNK G 59 -3.48 -45.48 11.82
N UNK G 60 -2.77 -46.50 12.28
CA UNK G 60 -1.68 -46.27 13.21
C UNK G 60 -1.28 -47.62 13.76
N UNK G 61 -0.03 -47.75 14.25
CA UNK G 61 0.57 -49.04 14.54
C UNK G 61 1.48 -48.89 15.74
N UNK G 62 1.52 -49.89 16.65
CA UNK G 62 2.50 -49.98 17.72
C UNK G 62 3.94 -50.13 17.18
N UNK G 63 5.01 -49.52 17.72
CA UNK G 63 6.40 -49.75 17.31
C UNK G 63 6.86 -51.19 17.28
N UNK G 64 6.22 -52.09 18.05
CA UNK G 64 6.46 -53.52 17.99
C UNK G 64 6.14 -54.13 16.62
N UNK G 65 5.08 -53.63 15.96
CA UNK G 65 4.59 -54.11 14.68
C UNK G 65 4.69 -53.07 13.58
N UNK G 66 5.20 -51.85 13.85
CA UNK G 66 5.32 -50.81 12.84
C UNK G 66 6.29 -51.18 11.74
N UNK G 67 5.84 -51.03 10.47
CA UNK G 67 6.56 -51.44 9.27
C UNK G 67 6.63 -52.95 9.11
N UNK G 68 5.75 -53.68 9.85
CA UNK G 68 5.66 -55.12 9.82
C UNK G 68 4.20 -55.57 9.74
N UNK G 69 3.26 -54.74 10.22
CA UNK G 69 1.86 -55.04 10.16
C UNK G 69 1.10 -53.97 9.39
N UNK G 70 0.20 -54.38 8.49
CA UNK G 70 -0.65 -53.50 7.72
C UNK G 70 -2.07 -53.89 8.03
N UNK G 71 -2.84 -52.96 8.60
CA UNK G 71 -4.25 -53.14 8.86
C UNK G 71 -5.03 -52.62 7.66
N UNK G 72 -6.12 -53.30 7.28
CA UNK G 72 -6.94 -52.86 6.19
C UNK G 72 -8.36 -53.26 6.46
N UNK G 73 -9.32 -52.72 5.70
CA UNK G 73 -10.72 -53.00 5.93
C UNK G 73 -11.41 -52.99 4.59
N UNK G 74 -12.38 -53.89 4.40
CA UNK G 74 -13.25 -53.91 3.26
C UNK G 74 -14.65 -53.69 3.77
N UNK G 75 -15.25 -52.55 3.41
CA UNK G 75 -16.57 -52.16 3.87
C UNK G 75 -17.67 -52.79 3.05
N UNK G 76 -17.38 -53.36 1.86
CA UNK G 76 -18.42 -54.00 1.05
C UNK G 76 -18.70 -55.43 1.49
N UNK G 77 -17.70 -56.05 2.13
CA UNK G 77 -17.78 -57.44 2.58
C UNK G 77 -17.91 -57.56 4.08
N UNK G 78 -17.89 -56.41 4.81
CA UNK G 78 -17.89 -56.34 6.26
C UNK G 78 -16.68 -57.02 6.91
N UNK G 79 -15.46 -56.80 6.36
CA UNK G 79 -14.28 -57.55 6.76
C UNK G 79 -13.18 -56.60 7.16
N UNK G 80 -12.62 -56.82 8.36
CA UNK G 80 -11.42 -56.18 8.85
C UNK G 80 -10.26 -57.14 8.67
N UNK G 81 -9.09 -56.66 8.22
CA UNK G 81 -7.94 -57.53 7.97
C UNK G 81 -6.70 -57.01 8.68
N UNK G 82 -5.82 -57.93 9.12
CA UNK G 82 -4.48 -57.59 9.54
C UNK G 82 -3.49 -58.44 8.78
N UNK G 83 -2.69 -57.83 7.90
CA UNK G 83 -1.60 -58.51 7.23
C UNK G 83 -0.35 -58.32 8.05
N UNK G 84 0.31 -59.40 8.47
CA UNK G 84 1.49 -59.36 9.32
C UNK G 84 2.65 -59.96 8.55
N UNK G 85 3.80 -59.25 8.51
CA UNK G 85 5.00 -59.66 7.80
C UNK G 85 6.18 -59.68 8.75
N UNK G 86 7.20 -60.51 8.45
CA UNK G 86 8.42 -60.63 9.24
C UNK G 86 8.17 -61.00 10.68
N UNK G 87 7.40 -62.07 10.93
CA UNK G 87 7.01 -62.52 12.26
C UNK G 87 8.16 -62.91 13.17
N UNK G 88 8.07 -62.58 14.48
CA UNK G 88 9.10 -62.87 15.47
C UNK G 88 8.48 -63.69 16.59
N UNK G 89 9.31 -64.33 17.44
CA UNK G 89 8.86 -65.11 18.57
C UNK G 89 8.04 -64.31 19.60
N UNK G 90 8.22 -62.97 19.61
CA UNK G 90 7.56 -62.07 20.53
C UNK G 90 6.27 -61.50 19.95
N UNK G 91 5.81 -61.99 18.78
CA UNK G 91 4.48 -61.71 18.30
C UNK G 91 3.49 -62.83 18.66
N UNK G 92 3.96 -63.93 19.26
CA UNK G 92 3.14 -65.10 19.63
C UNK G 92 2.05 -64.81 20.65
N UNK G 93 0.79 -64.73 20.20
CA UNK G 93 -0.26 -64.19 21.03
C UNK G 93 -1.65 -64.57 20.54
N UNK G 94 -2.65 -64.39 21.41
CA UNK G 94 -4.05 -64.39 21.02
C UNK G 94 -4.38 -63.00 20.52
N UNK G 95 -4.72 -62.86 19.23
CA UNK G 95 -5.10 -61.62 18.62
C UNK G 95 -6.61 -61.48 18.67
N UNK G 96 -7.11 -60.33 19.13
CA UNK G 96 -8.52 -60.01 19.19
C UNK G 96 -8.80 -58.86 18.26
N UNK G 97 -9.92 -58.89 17.52
CA UNK G 97 -10.46 -57.70 16.91
C UNK G 97 -11.47 -57.06 17.83
N UNK G 98 -11.56 -55.72 17.85
CA UNK G 98 -12.51 -55.01 18.69
C UNK G 98 -12.96 -53.77 17.97
N UNK G 99 -14.20 -53.33 18.19
CA UNK G 99 -14.79 -52.24 17.43
C UNK G 99 -15.12 -51.05 18.34
N UNK G 100 -14.83 -49.83 17.90
CA UNK G 100 -15.05 -48.65 18.69
C UNK G 100 -16.04 -47.74 17.97
N UNK G 101 -16.95 -47.13 18.74
CA UNK G 101 -17.93 -46.20 18.24
C UNK G 101 -17.54 -44.76 18.58
N UNK G 102 -16.43 -44.53 19.32
CA UNK G 102 -15.93 -43.20 19.65
C UNK G 102 -15.44 -42.45 18.41
N UNK G 103 -14.77 -43.18 17.50
CA UNK G 103 -14.09 -42.60 16.35
C UNK G 103 -14.85 -42.89 15.06
N UNK G 104 -16.13 -43.32 15.13
CA UNK G 104 -16.96 -43.45 13.93
C UNK G 104 -17.38 -42.12 13.32
N UNK G 105 -17.56 -42.05 11.99
CA UNK G 105 -17.93 -40.81 11.32
C UNK G 105 -19.30 -40.24 11.72
N UNK G 106 -20.31 -41.11 11.89
CA UNK G 106 -21.67 -40.67 12.20
C UNK G 106 -21.86 -40.21 13.65
N UNK G 107 -20.91 -40.50 14.57
CA UNK G 107 -20.79 -39.80 15.86
C UNK G 107 -21.95 -39.87 16.82
N UNK G 108 -22.73 -40.97 16.80
CA UNK G 108 -23.92 -41.13 17.63
C UNK G 108 -23.54 -41.52 19.07
N UNK G 109 -22.79 -40.66 19.77
CA UNK G 109 -22.08 -40.93 21.03
C UNK G 109 -22.96 -41.39 22.19
N UNK G 110 -24.22 -40.94 22.24
CA UNK G 110 -25.21 -41.33 23.23
C UNK G 110 -25.52 -42.83 23.25
N UNK G 111 -25.42 -43.51 22.10
CA UNK G 111 -25.81 -44.90 21.93
C UNK G 111 -24.57 -45.78 21.73
N UNK G 112 -23.44 -45.41 22.38
CA UNK G 112 -22.16 -46.10 22.33
C UNK G 112 -22.19 -47.58 22.71
N UNK G 113 -21.56 -48.42 21.85
CA UNK G 113 -21.24 -49.79 22.18
C UNK G 113 -19.90 -50.15 21.57
N UNK G 114 -18.95 -50.63 22.40
CA UNK G 114 -17.88 -51.54 22.01
C UNK G 114 -18.41 -52.88 21.45
N UNK G 115 -17.52 -53.87 21.27
CA UNK G 115 -17.73 -55.29 21.02
C UNK G 115 -16.39 -55.87 20.63
N UNK G 116 -16.01 -57.01 21.22
CA UNK G 116 -14.75 -57.69 20.99
C UNK G 116 -15.04 -59.04 20.38
N UNK G 117 -14.14 -59.53 19.50
CA UNK G 117 -14.18 -60.87 18.95
C UNK G 117 -13.84 -61.95 19.94
N UNK G 118 -13.65 -63.19 19.45
CA UNK G 118 -13.47 -64.35 20.31
C UNK G 118 -12.00 -64.69 20.47
N UNK G 119 -11.13 -64.06 19.66
CA UNK G 119 -9.69 -64.24 19.72
C UNK G 119 -9.16 -65.34 18.84
N UNK G 120 -7.99 -65.08 18.22
CA UNK G 120 -7.37 -65.99 17.27
C UNK G 120 -5.90 -66.15 17.59
N UNK G 121 -5.40 -67.40 17.69
CA UNK G 121 -4.06 -67.67 18.18
C UNK G 121 -3.01 -67.72 17.08
N UNK G 122 -1.99 -66.87 17.20
CA UNK G 122 -0.86 -66.85 16.29
C UNK G 122 0.35 -67.31 17.08
N UNK G 123 0.98 -68.41 16.66
CA UNK G 123 2.14 -68.96 17.35
C UNK G 123 3.31 -68.86 16.39
N UNK G 124 4.43 -68.25 16.80
CA UNK G 124 5.59 -68.09 15.95
C UNK G 124 6.70 -68.98 16.48
N UNK G 125 7.07 -70.04 15.72
CA UNK G 125 8.01 -71.06 16.15
C UNK G 125 8.32 -71.93 14.95
N UNK G 126 9.18 -72.96 15.05
CA UNK G 126 9.24 -73.97 14.01
C UNK G 126 8.03 -74.90 14.06
N UNK G 127 7.29 -74.98 12.94
CA UNK G 127 6.01 -75.65 12.83
C UNK G 127 5.87 -77.15 13.00
N UNK G 128 4.67 -77.60 13.45
CA UNK G 128 4.33 -78.96 13.81
C UNK G 128 2.89 -78.99 14.31
N UNK G 129 2.26 -80.18 14.42
CA UNK G 129 0.96 -80.34 15.06
C UNK G 129 0.90 -81.75 15.60
N UNK G 130 0.19 -82.00 16.73
CA UNK G 130 -0.10 -83.34 17.19
C UNK G 130 -1.44 -83.35 17.90
N UNK G 131 -2.35 -84.29 17.53
CA UNK G 131 -3.64 -84.43 18.19
C UNK G 131 -3.58 -85.17 19.49
N UNK G 132 -4.49 -84.92 20.43
CA UNK G 132 -4.49 -85.61 21.71
C UNK G 132 -5.06 -86.99 21.64
N UNK G 133 -4.54 -87.90 22.47
CA UNK G 133 -5.24 -89.11 22.80
C UNK G 133 -6.17 -88.84 23.96
N UNK G 134 -7.42 -89.34 23.92
CA UNK G 134 -8.44 -89.02 24.90
C UNK G 134 -8.86 -90.26 25.63
N UNK G 135 -8.77 -90.24 26.97
CA UNK G 135 -8.90 -91.41 27.80
C UNK G 135 -9.95 -91.20 28.88
N UNK G 136 -10.90 -92.11 29.15
CA UNK G 136 -11.85 -91.94 30.24
C UNK G 136 -11.22 -92.04 31.61
N UNK G 137 -11.67 -91.18 32.53
CA UNK G 137 -11.36 -91.27 33.94
C UNK G 137 -12.60 -91.83 34.61
N UNK G 138 -12.57 -93.12 34.96
CA UNK G 138 -13.77 -93.87 35.29
C UNK G 138 -14.20 -93.72 36.75
N UNK G 139 -15.48 -93.48 37.08
CA UNK G 139 -15.93 -93.41 38.46
C UNK G 139 -16.02 -94.78 39.11
N UNK G 140 -15.57 -94.91 40.37
CA UNK G 140 -15.63 -96.17 41.10
C UNK G 140 -16.78 -96.16 42.09
N UNK G 141 -17.48 -97.30 42.24
CA UNK G 141 -18.53 -97.50 43.22
C UNK G 141 -18.10 -97.29 44.65
N UNK G 142 -16.81 -97.56 44.95
CA UNK G 142 -16.21 -97.33 46.26
C UNK G 142 -15.86 -95.86 46.48
N UNK G 143 -15.87 -95.04 45.41
CA UNK G 143 -15.56 -93.62 45.47
C UNK G 143 -16.81 -92.78 45.54
N UNK G 144 -17.99 -93.41 45.77
CA UNK G 144 -19.25 -92.73 46.08
C UNK G 144 -19.13 -91.90 47.34
N UNK G 145 -19.11 -90.57 47.18
CA UNK G 145 -18.85 -89.64 48.27
C UNK G 145 -20.12 -88.87 48.53
N UNK G 146 -20.88 -89.25 49.58
CA UNK G 146 -22.15 -88.58 49.94
C UNK G 146 -23.22 -88.53 48.88
N UNK G 147 -23.30 -89.55 47.99
CA UNK G 147 -24.21 -89.56 46.85
C UNK G 147 -23.65 -88.92 45.60
N UNK G 148 -22.41 -88.42 45.66
CA UNK G 148 -21.74 -87.76 44.54
C UNK G 148 -20.60 -88.63 44.06
N UNK G 149 -20.51 -88.82 42.75
CA UNK G 149 -19.40 -89.49 42.10
C UNK G 149 -18.73 -88.49 41.18
N UNK G 150 -17.42 -88.63 40.94
CA UNK G 150 -16.75 -87.83 39.94
C UNK G 150 -16.34 -88.72 38.81
N UNK G 151 -16.36 -88.17 37.59
CA UNK G 151 -15.86 -88.86 36.42
C UNK G 151 -15.19 -87.82 35.56
N UNK G 152 -14.42 -88.24 34.55
CA UNK G 152 -13.79 -87.24 33.72
C UNK G 152 -13.20 -87.84 32.50
N UNK G 153 -12.36 -87.08 31.82
CA UNK G 153 -11.55 -87.56 30.74
C UNK G 153 -10.24 -86.81 30.74
N UNK G 154 -9.19 -87.53 30.32
CA UNK G 154 -7.85 -87.05 30.24
C UNK G 154 -7.53 -86.85 28.78
N UNK G 155 -7.00 -85.68 28.44
CA UNK G 155 -6.70 -85.27 27.08
C UNK G 155 -5.20 -85.11 27.01
N UNK G 156 -4.49 -86.05 26.36
CA UNK G 156 -3.07 -86.22 26.58
C UNK G 156 -2.24 -86.15 25.31
N UNK G 157 -1.06 -85.51 25.41
CA UNK G 157 0.03 -85.56 24.44
C UNK G 157 -0.24 -84.80 23.16
N UNK G 158 -0.77 -83.57 23.29
CA UNK G 158 -1.09 -82.72 22.15
C UNK G 158 -0.17 -81.52 21.99
N UNK G 159 -0.12 -80.95 20.78
CA UNK G 159 0.61 -79.73 20.53
C UNK G 159 0.00 -79.02 19.31
N UNK G 160 0.00 -77.70 19.21
CA UNK G 160 0.10 -76.73 20.29
C UNK G 160 -1.22 -76.60 21.03
N UNK G 161 -1.34 -75.66 21.98
CA UNK G 161 -2.60 -75.25 22.55
C UNK G 161 -3.56 -74.57 21.55
N UNK G 162 -4.89 -74.63 21.69
CA UNK G 162 -5.61 -75.17 22.84
C UNK G 162 -6.47 -76.34 22.41
N UNK G 163 -6.95 -77.12 23.38
CA UNK G 163 -8.05 -78.06 23.16
C UNK G 163 -9.27 -77.47 23.81
N UNK G 164 -10.48 -77.80 23.31
CA UNK G 164 -11.71 -77.45 24.00
C UNK G 164 -12.41 -78.74 24.37
N UNK G 165 -12.97 -78.79 25.60
CA UNK G 165 -13.65 -79.97 26.10
C UNK G 165 -15.06 -79.58 26.52
N UNK G 166 -16.06 -80.28 25.98
CA UNK G 166 -17.45 -80.14 26.38
C UNK G 166 -17.93 -81.46 26.93
N UNK G 167 -19.06 -81.48 27.67
CA UNK G 167 -19.66 -82.72 28.15
C UNK G 167 -21.08 -82.85 27.65
N UNK G 168 -21.40 -84.01 27.05
CA UNK G 168 -22.69 -84.38 26.48
C UNK G 168 -23.18 -83.36 25.45
N UNK G 169 -22.27 -82.90 24.57
CA UNK G 169 -22.50 -81.88 23.54
C UNK G 169 -22.92 -80.54 24.11
N UNK G 170 -22.47 -80.22 25.34
CA UNK G 170 -22.82 -79.00 26.05
C UNK G 170 -24.02 -79.13 26.97
N UNK G 171 -24.64 -80.32 27.04
CA UNK G 171 -25.78 -80.55 27.90
C UNK G 171 -25.42 -80.72 29.38
N UNK G 172 -24.14 -81.00 29.69
CA UNK G 172 -23.67 -81.08 31.06
C UNK G 172 -22.62 -80.03 31.33
N UNK G 173 -22.96 -79.05 32.18
CA UNK G 173 -22.09 -77.92 32.49
C UNK G 173 -21.90 -77.73 33.99
N UNK G 174 -22.82 -78.25 34.82
CA UNK G 174 -22.76 -78.07 36.26
C UNK G 174 -21.74 -79.00 36.90
N UNK G 175 -20.82 -78.44 37.72
CA UNK G 175 -19.78 -79.23 38.38
C UNK G 175 -18.59 -79.58 37.52
N UNK G 176 -18.54 -79.04 36.29
CA UNK G 176 -17.48 -79.30 35.35
C UNK G 176 -16.24 -78.47 35.64
N UNK G 177 -15.09 -79.13 35.82
CA UNK G 177 -13.82 -78.45 35.93
C UNK G 177 -12.91 -78.91 34.82
N UNK G 178 -12.67 -78.05 33.81
CA UNK G 178 -11.65 -78.29 32.80
C UNK G 178 -10.42 -77.60 33.26
N UNK G 179 -9.37 -78.38 33.57
CA UNK G 179 -8.11 -77.87 34.07
C UNK G 179 -7.31 -77.11 33.02
N UNK G 180 -6.55 -76.06 33.34
CA UNK G 180 -5.42 -75.60 32.53
C UNK G 180 -4.49 -76.70 32.06
N UNK G 181 -3.92 -76.57 30.86
CA UNK G 181 -2.92 -77.50 30.41
C UNK G 181 -1.61 -77.49 31.18
N UNK G 182 -0.97 -78.67 31.30
CA UNK G 182 0.36 -78.77 31.85
C UNK G 182 1.31 -79.14 30.74
N UNK G 183 2.49 -78.51 30.71
CA UNK G 183 3.53 -78.85 29.75
C UNK G 183 4.34 -80.01 30.29
N UNK G 184 4.25 -81.19 29.66
CA UNK G 184 4.95 -82.38 30.14
C UNK G 184 6.42 -82.38 29.77
N UNK G 185 7.21 -83.27 30.40
CA UNK G 185 8.63 -83.45 30.12
C UNK G 185 8.94 -83.98 28.73
N UNK G 186 7.89 -84.42 28.00
CA UNK G 186 7.92 -84.77 26.59
C UNK G 186 7.80 -83.57 25.67
N UNK G 187 7.49 -82.38 26.21
CA UNK G 187 7.28 -81.15 25.44
C UNK G 187 5.89 -81.02 24.89
N UNK G 188 4.99 -81.95 25.26
CA UNK G 188 3.63 -81.97 24.79
C UNK G 188 2.68 -81.62 25.92
N UNK G 189 1.53 -81.02 25.59
CA UNK G 189 0.56 -80.62 26.58
C UNK G 189 -0.37 -81.75 27.00
N UNK G 190 -0.90 -81.64 28.23
CA UNK G 190 -1.88 -82.59 28.73
C UNK G 190 -2.83 -81.84 29.64
N UNK G 191 -4.12 -82.21 29.66
CA UNK G 191 -5.05 -81.69 30.64
C UNK G 191 -6.10 -82.72 30.96
N UNK G 192 -6.81 -82.51 32.07
CA UNK G 192 -7.93 -83.35 32.43
C UNK G 192 -9.16 -82.47 32.47
N UNK G 193 -10.31 -83.04 32.13
CA UNK G 193 -11.60 -82.41 32.36
C UNK G 193 -12.36 -83.35 33.22
N UNK G 194 -13.03 -82.86 34.26
CA UNK G 194 -13.74 -83.69 35.21
C UNK G 194 -15.10 -83.09 35.46
N UNK G 195 -16.01 -83.90 35.99
CA UNK G 195 -17.33 -83.45 36.38
C UNK G 195 -17.79 -84.30 37.55
N UNK G 196 -18.57 -83.71 38.48
CA UNK G 196 -19.20 -84.43 39.57
C UNK G 196 -20.68 -84.59 39.30
N UNK G 197 -21.19 -85.83 39.46
CA UNK G 197 -22.56 -86.19 39.11
C UNK G 197 -23.15 -87.01 40.25
N UNK G 198 -24.47 -87.17 40.38
CA UNK G 198 -25.08 -88.15 41.27
C UNK G 198 -24.60 -89.58 41.04
N UNK G 199 -24.17 -90.30 42.09
CA UNK G 199 -23.71 -91.68 41.98
C UNK G 199 -24.78 -92.64 41.47
N UNK G 200 -26.06 -92.34 41.78
CA UNK G 200 -27.24 -93.05 41.33
C UNK G 200 -27.45 -93.13 39.82
N UNK G 201 -26.79 -92.25 39.03
CA UNK G 201 -26.96 -92.25 37.58
C UNK G 201 -25.85 -93.00 36.86
N UNK G 202 -24.88 -93.55 37.61
CA UNK G 202 -23.82 -94.35 37.03
C UNK G 202 -24.32 -95.68 36.50
N UNK G 203 -24.03 -95.96 35.22
CA UNK G 203 -24.52 -97.18 34.56
C UNK G 203 -25.94 -97.08 34.06
N UNK G 204 -26.61 -95.93 34.26
CA UNK G 204 -27.97 -95.71 33.78
C UNK G 204 -28.02 -94.53 32.84
N UNK G 205 -27.15 -93.53 33.06
CA UNK G 205 -27.03 -92.35 32.24
C UNK G 205 -25.66 -92.35 31.57
N UNK G 206 -25.61 -91.88 30.31
CA UNK G 206 -24.38 -91.86 29.54
C UNK G 206 -23.67 -90.53 29.66
N UNK G 207 -22.34 -90.58 29.84
CA UNK G 207 -21.53 -89.37 29.93
C UNK G 207 -20.50 -89.43 28.84
N UNK G 208 -20.44 -88.39 28.02
CA UNK G 208 -19.57 -88.32 26.86
C UNK G 208 -18.79 -87.03 26.93
N UNK G 209 -17.44 -87.07 26.91
CA UNK G 209 -16.68 -85.86 26.69
C UNK G 209 -16.58 -85.60 25.20
N UNK G 210 -16.58 -84.34 24.78
CA UNK G 210 -16.40 -83.98 23.40
C UNK G 210 -15.14 -83.15 23.34
N UNK G 211 -14.08 -83.64 22.69
CA UNK G 211 -12.77 -82.99 22.69
C UNK G 211 -12.46 -82.52 21.29
N UNK G 212 -12.13 -81.23 21.13
CA UNK G 212 -11.79 -80.64 19.85
C UNK G 212 -10.39 -80.06 19.94
N UNK G 213 -9.49 -80.48 19.04
CA UNK G 213 -8.20 -79.85 18.86
C UNK G 213 -8.12 -79.38 17.43
N UNK G 214 -8.31 -78.06 17.21
CA UNK G 214 -8.32 -77.50 15.87
C UNK G 214 -7.00 -77.65 15.09
N UNK G 215 -5.78 -77.48 15.61
CA UNK G 215 -4.56 -77.55 14.79
C UNK G 215 -4.29 -78.91 14.17
N UNK G 216 -4.86 -80.01 14.68
CA UNK G 216 -4.70 -81.32 14.07
C UNK G 216 -5.96 -81.79 13.37
N UNK G 217 -7.05 -81.01 13.47
CA UNK G 217 -8.41 -81.34 13.04
C UNK G 217 -9.02 -82.53 13.78
N UNK G 218 -8.63 -82.74 15.05
CA UNK G 218 -9.10 -83.87 15.86
C UNK G 218 -10.35 -83.51 16.60
N UNK G 219 -11.43 -84.25 16.33
CA UNK G 219 -12.67 -84.21 17.08
C UNK G 219 -12.93 -85.60 17.61
N UNK G 220 -13.01 -85.75 18.95
CA UNK G 220 -13.16 -87.05 19.59
C UNK G 220 -14.24 -86.99 20.63
N UNK G 221 -15.27 -87.84 20.48
CA UNK G 221 -16.30 -88.04 21.48
C UNK G 221 -15.98 -89.29 22.28
N UNK G 222 -15.87 -89.17 23.62
CA UNK G 222 -15.48 -90.29 24.45
C UNK G 222 -16.49 -90.60 25.52
N UNK G 223 -17.12 -91.79 25.45
CA UNK G 223 -17.94 -92.32 26.52
C UNK G 223 -17.13 -92.64 27.77
N UNK G 224 -17.69 -92.29 28.95
CA UNK G 224 -17.08 -92.58 30.23
C UNK G 224 -18.02 -93.47 30.98
N UNK G 225 -17.58 -94.70 31.26
CA UNK G 225 -18.40 -95.64 32.00
C UNK G 225 -18.12 -95.55 33.49
N UNK G 226 -18.93 -96.23 34.29
CA UNK G 226 -18.74 -96.21 35.74
C UNK G 226 -17.65 -97.18 36.16
N ALA G 227 -16.58 -97.26 35.38
CA ALA G 227 -15.47 -98.14 35.70
C ALA G 227 -14.77 -97.64 36.94
N ALA G 228 -14.85 -98.39 38.04
CA ALA G 228 -14.20 -97.99 39.30
C ALA G 228 -13.00 -97.11 39.05
N ALA G 229 -11.99 -97.63 38.37
CA ALA G 229 -10.77 -96.86 38.10
C ALA G 229 -10.31 -96.10 39.34
N UNK H 1 4.81 -41.13 23.01
CA UNK H 1 3.70 -42.01 23.49
C UNK H 1 3.21 -41.60 24.86
N UNK H 2 2.18 -42.28 25.40
CA UNK H 2 1.69 -42.10 26.75
C UNK H 2 1.83 -43.44 27.45
N UNK H 3 2.43 -43.45 28.63
CA UNK H 3 2.65 -44.65 29.42
C UNK H 3 1.51 -44.75 30.41
N UNK H 4 0.95 -45.96 30.62
CA UNK H 4 -0.16 -46.16 31.52
C UNK H 4 0.25 -47.16 32.58
N UNK H 5 0.00 -46.84 33.86
CA UNK H 5 0.30 -47.74 34.98
C UNK H 5 -0.95 -47.84 35.83
N UNK H 6 -1.01 -48.85 36.71
CA UNK H 6 -2.15 -49.08 37.57
C UNK H 6 -1.61 -49.47 38.93
N UNK H 7 -2.42 -49.33 39.99
CA UNK H 7 -2.05 -49.88 41.28
C UNK H 7 -3.30 -50.28 42.06
N UNK H 8 -3.20 -51.18 43.05
CA UNK H 8 -2.16 -52.21 43.19
C UNK H 8 -2.13 -53.18 42.00
N UNK H 9 -1.07 -54.00 41.86
CA UNK H 9 -0.97 -55.04 40.83
C UNK H 9 -2.02 -56.12 40.98
N UNK H 10 -2.27 -56.54 42.24
CA UNK H 10 -3.28 -57.51 42.58
C UNK H 10 -3.86 -57.09 43.91
N UNK H 11 -5.10 -57.49 44.22
CA UNK H 11 -5.65 -57.30 45.54
C UNK H 11 -6.58 -58.44 45.90
N UNK H 12 -6.71 -58.71 47.21
CA UNK H 12 -7.47 -59.82 47.74
C UNK H 12 -8.65 -59.31 48.52
N UNK H 13 -9.88 -59.53 48.04
CA UNK H 13 -11.07 -58.93 48.61
C UNK H 13 -12.18 -59.97 48.77
N UNK H 14 -13.18 -59.66 49.58
CA UNK H 14 -14.31 -60.52 49.89
C UNK H 14 -15.54 -60.08 49.12
N UNK H 15 -16.58 -60.95 49.02
CA UNK H 15 -17.91 -60.50 48.60
C UNK H 15 -18.49 -59.48 49.57
N UNK H 16 -18.94 -58.32 49.07
CA UNK H 16 -19.44 -57.22 49.88
C UNK H 16 -18.43 -56.16 50.21
N UNK H 17 -17.13 -56.40 49.94
CA UNK H 17 -16.09 -55.38 50.07
C UNK H 17 -16.30 -54.23 49.10
N UNK H 18 -15.94 -53.00 49.49
CA UNK H 18 -15.81 -51.91 48.54
C UNK H 18 -14.39 -51.91 47.99
N UNK H 19 -14.26 -52.00 46.65
CA UNK H 19 -12.97 -52.13 46.01
C UNK H 19 -12.69 -50.89 45.21
N UNK H 20 -11.51 -50.27 45.42
CA UNK H 20 -11.05 -49.10 44.67
C UNK H 20 -9.73 -49.50 44.04
N UNK H 21 -9.56 -49.31 42.73
CA UNK H 21 -8.30 -49.53 42.05
C UNK H 21 -7.99 -48.29 41.24
N UNK H 22 -6.72 -48.08 40.83
CA UNK H 22 -6.29 -46.82 40.21
C UNK H 22 -5.69 -47.04 38.84
N UNK H 23 -5.58 -45.95 38.07
CA UNK H 23 -4.87 -45.93 36.81
C UNK H 23 -4.20 -44.58 36.69
N UNK H 24 -2.94 -44.56 36.20
CA UNK H 24 -2.16 -43.36 36.07
C UNK H 24 -1.61 -43.23 34.67
N UNK H 25 -1.71 -42.03 34.07
CA UNK H 25 -1.09 -41.70 32.81
C UNK H 25 0.18 -40.88 33.02
N UNK H 26 1.17 -40.99 32.10
CA UNK H 26 2.42 -40.24 32.21
C UNK H 26 2.33 -38.77 31.82
N UNK H 27 1.21 -38.34 31.24
CA UNK H 27 0.92 -36.96 30.95
C UNK H 27 -0.58 -36.84 30.89
N UNK H 28 -1.13 -35.61 30.85
CA UNK H 28 -2.57 -35.40 30.84
C UNK H 28 -3.29 -35.99 29.64
N UNK H 29 -4.27 -36.87 29.89
CA UNK H 29 -5.10 -37.47 28.86
C UNK H 29 -6.51 -36.93 28.93
N UNK H 30 -6.70 -35.82 29.67
CA UNK H 30 -8.01 -35.23 29.96
C UNK H 30 -8.97 -36.20 30.63
N UNK H 31 -10.06 -36.58 29.94
CA UNK H 31 -11.00 -37.58 30.45
C UNK H 31 -11.01 -38.79 29.53
N UNK H 32 -10.06 -38.91 28.59
CA UNK H 32 -10.10 -39.92 27.55
C UNK H 32 -9.53 -41.26 27.98
N UNK H 33 -10.22 -41.92 28.93
CA UNK H 33 -9.83 -43.19 29.48
C UNK H 33 -10.98 -44.19 29.45
N UNK H 34 -10.72 -45.44 29.05
CA UNK H 34 -11.68 -46.53 29.07
C UNK H 34 -11.22 -47.58 30.08
N UNK H 35 -12.17 -48.25 30.76
CA UNK H 35 -11.89 -49.32 31.70
C UNK H 35 -12.54 -50.62 31.24
N UNK H 36 -11.77 -51.71 31.32
CA UNK H 36 -12.12 -53.03 30.84
C UNK H 36 -12.05 -54.06 31.95
N UNK H 37 -12.94 -55.07 31.91
CA UNK H 37 -12.91 -56.26 32.74
C UNK H 37 -12.53 -57.42 31.83
N UNK H 38 -11.54 -58.24 32.21
CA UNK H 38 -11.27 -59.48 31.50
C UNK H 38 -11.21 -60.63 32.49
N UNK H 39 -11.72 -61.80 32.08
CA UNK H 39 -11.62 -63.01 32.85
C UNK H 39 -10.78 -64.01 32.08
N UNK H 40 -10.02 -64.88 32.72
CA UNK H 40 -9.13 -65.83 32.06
C UNK H 40 -9.81 -66.69 31.00
N UNK H 41 -9.24 -66.74 29.78
CA UNK H 41 -9.79 -67.54 28.69
C UNK H 41 -10.92 -66.92 27.91
N UNK H 42 -11.26 -65.64 28.15
CA UNK H 42 -12.30 -64.97 27.37
C UNK H 42 -11.90 -63.54 27.04
N UNK H 43 -12.64 -62.91 26.11
CA UNK H 43 -12.45 -61.57 25.65
C UNK H 43 -12.63 -60.49 26.74
N UNK H 44 -11.90 -59.38 26.72
CA UNK H 44 -12.26 -58.14 27.41
C UNK H 44 -13.70 -57.63 27.24
N UNK H 45 -14.26 -57.06 28.32
CA UNK H 45 -15.56 -56.43 28.35
C UNK H 45 -15.40 -55.01 28.86
N UNK H 46 -15.78 -53.98 28.07
CA UNK H 46 -15.79 -52.60 28.53
C UNK H 46 -16.76 -52.33 29.70
N UNK H 47 -16.36 -51.48 30.64
CA UNK H 47 -17.16 -51.13 31.80
C UNK H 47 -17.49 -49.65 31.82
N UNK H 48 -16.47 -48.81 31.56
CA UNK H 48 -16.52 -47.38 31.69
C UNK H 48 -15.82 -46.85 30.46
N UNK H 49 -16.40 -45.83 29.81
CA UNK H 49 -15.75 -45.09 28.74
C UNK H 49 -15.71 -43.62 29.13
N UNK H 50 -14.73 -42.84 28.64
CA UNK H 50 -14.65 -41.41 28.97
C UNK H 50 -14.41 -41.09 30.43
N UNK H 51 -13.64 -41.94 31.13
CA UNK H 51 -13.28 -41.89 32.53
C UNK H 51 -14.40 -42.12 33.55
N UNK H 52 -15.67 -41.85 33.21
CA UNK H 52 -16.75 -41.97 34.18
C UNK H 52 -18.08 -42.39 33.59
N UNK H 53 -18.24 -42.50 32.26
CA UNK H 53 -19.50 -42.91 31.67
C UNK H 53 -19.66 -44.41 31.65
N UNK H 54 -20.66 -44.94 32.36
CA UNK H 54 -20.99 -46.35 32.40
C UNK H 54 -21.43 -46.92 31.06
N UNK H 55 -20.88 -48.07 30.63
CA UNK H 55 -21.35 -48.82 29.49
C UNK H 55 -22.77 -49.37 29.66
N UNK H 56 -23.58 -49.32 28.59
CA UNK H 56 -24.90 -49.95 28.56
C UNK H 56 -24.84 -51.46 28.82
N UNK H 57 -25.65 -51.95 29.78
CA UNK H 57 -25.63 -53.35 30.21
C UNK H 57 -24.62 -53.69 31.30
N UNK H 58 -23.94 -52.69 31.89
CA UNK H 58 -23.05 -52.92 33.02
C UNK H 58 -23.78 -52.55 34.32
N UNK H 59 -23.79 -53.38 35.37
CA UNK H 59 -24.29 -53.03 36.70
C UNK H 59 -23.85 -51.70 37.29
N UNK H 60 -24.72 -51.06 38.10
CA UNK H 60 -24.52 -49.73 38.64
C UNK H 60 -23.75 -49.73 39.95
N UNK H 61 -23.11 -50.87 40.29
CA UNK H 61 -22.13 -50.95 41.35
C UNK H 61 -20.75 -50.52 40.88
N UNK H 62 -20.56 -50.39 39.56
CA UNK H 62 -19.33 -49.91 38.96
C UNK H 62 -19.36 -48.41 38.75
N UNK H 63 -18.29 -47.70 39.12
CA UNK H 63 -18.14 -46.30 38.78
C UNK H 63 -16.69 -45.96 38.59
N UNK H 64 -16.38 -44.92 37.79
CA UNK H 64 -15.03 -44.45 37.58
C UNK H 64 -14.99 -42.97 37.83
N UNK H 65 -13.81 -42.44 38.18
CA UNK H 65 -13.65 -41.01 38.38
C UNK H 65 -12.19 -40.63 38.24
N UNK H 66 -11.89 -39.32 38.30
CA UNK H 66 -10.55 -38.79 38.08
C UNK H 66 -10.42 -38.17 36.73
N UNK H 67 -9.36 -37.39 36.53
CA UNK H 67 -9.13 -36.68 35.29
C UNK H 67 -7.68 -36.27 35.20
N UNK H 68 -7.22 -35.95 33.98
CA UNK H 68 -5.85 -35.52 33.75
C UNK H 68 -4.89 -36.67 33.72
N UNK H 69 -4.18 -36.90 34.85
CA UNK H 69 -3.18 -37.95 34.99
C UNK H 69 -3.64 -39.09 35.86
N UNK H 70 -4.61 -38.88 36.76
CA UNK H 70 -4.91 -39.81 37.83
C UNK H 70 -6.39 -40.21 37.81
N UNK H 71 -6.65 -41.53 37.77
CA UNK H 71 -7.98 -42.08 37.57
C UNK H 71 -8.25 -43.24 38.49
N UNK H 72 -9.54 -43.56 38.72
CA UNK H 72 -9.97 -44.67 39.56
C UNK H 72 -11.01 -45.53 38.87
N UNK H 73 -11.16 -46.78 39.36
CA UNK H 73 -12.31 -47.62 39.11
C UNK H 73 -12.75 -48.10 40.47
N UNK H 74 -14.02 -47.89 40.81
CA UNK H 74 -14.60 -48.23 42.12
C UNK H 74 -15.67 -49.25 41.89
N UNK H 75 -15.68 -50.33 42.68
CA UNK H 75 -16.78 -51.27 42.77
C UNK H 75 -17.38 -51.08 44.15
N UNK H 76 -18.63 -50.59 44.24
CA UNK H 76 -19.26 -50.18 45.49
C UNK H 76 -19.48 -51.29 46.50
N UNK H 77 -19.98 -52.44 46.03
CA UNK H 77 -20.08 -53.68 46.78
C UNK H 77 -19.69 -54.78 45.83
N UNK H 78 -18.61 -55.52 46.12
CA UNK H 78 -18.05 -56.52 45.26
C UNK H 78 -18.86 -57.81 45.19
N UNK H 79 -19.22 -58.27 43.98
CA UNK H 79 -20.05 -59.46 43.78
C UNK H 79 -19.22 -60.66 43.35
N UNK H 80 -19.70 -61.91 43.47
CA UNK H 80 -19.01 -63.12 42.98
C UNK H 80 -18.60 -63.09 41.51
N UNK H 81 -19.23 -62.25 40.68
CA UNK H 81 -18.87 -62.13 39.30
C UNK H 81 -17.83 -61.05 39.02
N UNK H 82 -17.31 -60.35 40.05
CA UNK H 82 -16.37 -59.27 39.85
C UNK H 82 -14.92 -59.71 39.99
N UNK H 83 -14.68 -61.02 40.12
CA UNK H 83 -13.33 -61.54 40.25
C UNK H 83 -12.72 -61.76 38.89
N UNK H 84 -11.83 -60.83 38.54
CA UNK H 84 -11.40 -60.61 37.19
C UNK H 84 -10.14 -59.76 37.20
N UNK H 85 -9.52 -59.59 36.03
CA UNK H 85 -8.41 -58.67 35.86
C UNK H 85 -8.94 -57.43 35.19
N UNK H 86 -8.65 -56.25 35.74
CA UNK H 86 -9.21 -55.00 35.30
C UNK H 86 -8.13 -54.16 34.65
N UNK H 87 -8.38 -53.69 33.42
CA UNK H 87 -7.40 -52.97 32.61
C UNK H 87 -7.92 -51.59 32.30
N UNK H 88 -7.07 -50.56 32.36
CA UNK H 88 -7.40 -49.25 31.81
C UNK H 88 -6.74 -49.03 30.47
N UNK H 89 -7.28 -48.12 29.65
CA UNK H 89 -6.73 -47.76 28.35
C UNK H 89 -6.95 -46.28 28.12
N UNK H 90 -5.97 -45.54 27.57
CA UNK H 90 -6.17 -44.17 27.14
C UNK H 90 -6.51 -44.07 25.66
N UNK H 91 -7.45 -43.16 25.30
CA UNK H 91 -7.88 -42.94 23.93
C UNK H 91 -7.49 -41.57 23.39
N UNK H 92 -6.78 -40.74 24.20
CA UNK H 92 -6.42 -39.35 23.92
C UNK H 92 -5.57 -39.14 22.69
N UNK H 93 -4.49 -39.92 22.56
CA UNK H 93 -3.48 -39.66 21.56
C UNK H 93 -3.03 -40.98 21.04
N UNK H 94 -2.22 -40.95 19.97
CA UNK H 94 -1.85 -42.12 19.21
C UNK H 94 -0.36 -42.33 19.37
N UNK H 95 0.14 -43.51 19.75
CA UNK H 95 -0.47 -44.80 20.04
C UNK H 95 -1.51 -44.83 21.15
N UNK H 96 -2.61 -45.60 20.98
CA UNK H 96 -3.47 -45.94 22.12
C UNK H 96 -2.79 -46.96 23.01
N UNK H 97 -2.83 -46.76 24.35
CA UNK H 97 -2.05 -47.58 25.27
C UNK H 97 -2.89 -48.08 26.42
N UNK H 98 -2.69 -49.37 26.79
CA UNK H 98 -3.31 -50.00 27.94
C UNK H 98 -2.39 -49.91 29.14
N UNK H 99 -2.95 -49.96 30.36
CA UNK H 99 -2.21 -50.26 31.57
C UNK H 99 -1.89 -51.73 31.70
N UNK H 100 -1.10 -52.10 32.72
CA UNK H 100 -0.65 -53.49 32.89
C UNK H 100 -1.66 -54.42 33.51
N UNK H 101 -2.81 -53.88 33.97
CA UNK H 101 -3.84 -54.66 34.65
C UNK H 101 -3.73 -54.68 36.15
N UNK H 102 -4.90 -54.70 36.82
CA UNK H 102 -5.04 -54.88 38.26
C UNK H 102 -5.84 -56.14 38.45
N UNK H 103 -5.29 -57.18 39.11
CA UNK H 103 -6.02 -58.42 39.31
C UNK H 103 -6.74 -58.50 40.64
N UNK H 104 -8.08 -58.62 40.62
CA UNK H 104 -8.88 -58.81 41.81
C UNK H 104 -9.01 -60.32 42.04
N UNK H 105 -8.90 -60.78 43.29
CA UNK H 105 -9.03 -62.19 43.63
C UNK H 105 -9.83 -62.34 44.90
N UNK H 106 -10.57 -63.47 45.07
CA UNK H 106 -11.55 -63.59 46.13
C UNK H 106 -11.17 -64.43 47.30
N UNK H 107 -11.38 -63.81 48.46
CA UNK H 107 -11.40 -64.35 49.78
C UNK H 107 -12.75 -64.89 50.21
N UNK H 108 -12.73 -65.98 50.98
CA UNK H 108 -13.92 -66.56 51.55
C UNK H 108 -13.48 -67.41 52.72
N UNK H 109 -14.44 -68.03 53.43
CA UNK H 109 -14.16 -69.05 54.41
C UNK H 109 -13.46 -70.27 53.83
N UNK H 110 -12.66 -70.97 54.66
CA UNK H 110 -12.06 -72.24 54.28
C UNK H 110 -13.09 -73.30 53.87
N UNK H 111 -12.78 -74.11 52.84
CA UNK H 111 -13.66 -75.17 52.40
C UNK H 111 -12.80 -76.37 52.04
N UNK H 112 -13.19 -77.55 52.54
CA UNK H 112 -12.54 -78.81 52.29
C UNK H 112 -12.66 -79.32 50.85
N UNK H 113 -11.67 -79.97 50.26
CA UNK H 113 -11.81 -80.56 48.94
C UNK H 113 -12.52 -81.90 48.96
N UNK H 114 -13.44 -82.13 48.01
CA UNK H 114 -13.91 -83.48 47.73
C UNK H 114 -12.92 -84.17 46.81
N UNK H 115 -12.37 -85.31 47.24
CA UNK H 115 -11.22 -85.94 46.59
C UNK H 115 -11.65 -87.19 45.84
N UNK H 116 -11.20 -87.33 44.58
CA UNK H 116 -11.57 -88.43 43.72
C UNK H 116 -10.33 -88.90 42.97
N UNK H 117 -10.18 -90.22 42.77
CA UNK H 117 -9.03 -90.79 42.08
C UNK H 117 -9.50 -91.63 40.91
N UNK H 118 -8.76 -91.57 39.80
CA UNK H 118 -9.11 -92.20 38.55
C UNK H 118 -7.97 -93.09 38.09
N UNK H 119 -8.17 -94.38 37.84
CA UNK H 119 -7.21 -95.22 37.11
C UNK H 119 -6.93 -94.73 35.68
N UNK H 120 -5.80 -95.06 35.04
CA UNK H 120 -5.67 -95.03 33.58
C UNK H 120 -6.76 -95.79 32.85
N UNK H 121 -7.10 -95.39 31.61
CA UNK H 121 -7.96 -96.19 30.76
C UNK H 121 -7.22 -97.35 30.11
N UNK H 122 -7.92 -98.45 29.81
CA UNK H 122 -7.40 -99.57 29.04
C UNK H 122 -6.87 -99.19 27.67
N UNK H 123 -7.50 -98.21 27.00
CA UNK H 123 -7.03 -97.65 25.74
C UNK H 123 -5.70 -96.95 25.84
N UNK H 124 -5.45 -96.18 26.91
CA UNK H 124 -4.14 -95.61 27.18
C UNK H 124 -3.08 -96.67 27.45
N UNK H 125 -3.44 -97.69 28.23
CA UNK H 125 -2.61 -98.84 28.53
C UNK H 125 -2.28 -99.68 27.29
N UNK H 126 -3.12 -99.66 26.23
CA UNK H 126 -2.75 -100.17 24.91
C UNK H 126 -1.63 -99.39 24.24
N UNK H 127 -1.54 -98.05 24.40
CA UNK H 127 -0.53 -97.25 23.72
C UNK H 127 0.76 -97.08 24.53
N UNK H 128 0.85 -97.73 25.70
CA UNK H 128 2.11 -97.91 26.42
C UNK H 128 2.38 -96.94 27.53
N UNK H 129 1.43 -96.06 27.83
CA UNK H 129 1.58 -95.04 28.87
C UNK H 129 0.49 -95.25 29.90
N UNK H 130 0.70 -94.87 31.16
CA UNK H 130 -0.33 -94.91 32.16
C UNK H 130 -0.40 -93.57 32.86
N UNK H 131 -1.57 -92.91 32.84
CA UNK H 131 -1.76 -91.66 33.54
C UNK H 131 -2.81 -91.86 34.59
N UNK H 132 -2.48 -91.53 35.84
CA UNK H 132 -3.37 -91.69 36.98
C UNK H 132 -3.74 -90.30 37.44
N UNK H 133 -5.04 -89.99 37.54
CA UNK H 133 -5.48 -88.62 37.81
C UNK H 133 -6.12 -88.59 39.18
N UNK H 134 -5.76 -87.59 39.99
CA UNK H 134 -6.49 -87.28 41.20
C UNK H 134 -7.12 -85.92 41.03
N UNK H 135 -8.35 -85.79 41.52
CA UNK H 135 -9.12 -84.58 41.50
C UNK H 135 -9.40 -84.15 42.91
N UNK H 136 -9.15 -82.86 43.21
CA UNK H 136 -9.56 -82.20 44.43
C UNK H 136 -10.59 -81.18 43.99
N UNK H 137 -11.84 -81.28 44.47
CA UNK H 137 -12.93 -80.52 43.90
C UNK H 137 -13.52 -79.54 44.92
N UNK H 138 -13.69 -78.28 44.48
CA UNK H 138 -14.43 -77.21 45.14
C UNK H 138 -13.95 -76.78 46.52
N UNK H 139 -12.68 -76.35 46.64
CA UNK H 139 -12.06 -76.04 47.91
C UNK H 139 -11.54 -74.61 48.02
N UNK H 140 -11.23 -74.17 49.26
CA UNK H 140 -10.63 -72.88 49.50
C UNK H 140 -9.75 -72.98 50.75
N UNK H 141 -8.57 -72.39 50.86
CA UNK H 141 -7.88 -71.56 49.89
C UNK H 141 -7.25 -72.38 48.78
N UNK H 142 -6.64 -71.70 47.79
CA UNK H 142 -6.00 -72.27 46.62
C UNK H 142 -4.84 -73.20 46.92
N UNK H 143 -4.11 -72.94 48.01
CA UNK H 143 -3.06 -73.79 48.52
C UNK H 143 -3.56 -75.16 48.98
N UNK H 144 -2.89 -76.22 48.50
CA UNK H 144 -3.17 -77.59 48.84
C UNK H 144 -1.87 -78.33 48.65
N UNK H 145 -1.70 -79.50 49.28
CA UNK H 145 -0.58 -80.37 48.99
C UNK H 145 -1.11 -81.71 48.57
N UNK H 146 -0.66 -82.18 47.39
CA UNK H 146 -0.97 -83.50 46.89
C UNK H 146 0.30 -84.35 46.93
N UNK H 147 0.19 -85.58 47.51
CA UNK H 147 1.29 -86.52 47.50
C UNK H 147 0.83 -87.84 46.92
N UNK H 148 1.50 -88.30 45.83
CA UNK H 148 1.26 -89.60 45.26
C UNK H 148 2.08 -90.67 45.96
N UNK H 149 1.45 -91.82 46.23
CA UNK H 149 2.08 -92.98 46.84
C UNK H 149 1.76 -94.21 46.01
N UNK H 150 2.79 -94.98 45.61
CA UNK H 150 2.63 -96.18 44.80
C UNK H 150 3.22 -97.31 45.62
N UNK H 151 2.39 -98.28 46.06
CA UNK H 151 2.73 -99.31 47.04
C UNK H 151 3.49 -98.77 48.27
N UNK H 152 2.95 -97.67 48.83
CA UNK H 152 3.50 -96.88 49.92
C UNK H 152 4.78 -96.08 49.61
N UNK H 153 5.38 -96.23 48.42
CA UNK H 153 6.53 -95.46 48.02
C UNK H 153 6.14 -94.08 47.49
N UNK H 154 6.68 -93.03 48.13
CA UNK H 154 6.49 -91.65 47.72
C UNK H 154 7.05 -91.36 46.33
N UNK H 155 6.27 -90.65 45.50
CA UNK H 155 6.64 -90.33 44.14
C UNK H 155 7.23 -88.94 44.03
N UNK H 156 8.13 -88.74 43.04
CA UNK H 156 8.76 -87.47 42.79
C UNK H 156 9.04 -87.36 41.31
N UNK H 157 8.82 -86.16 40.70
CA UNK H 157 9.24 -85.83 39.35
C UNK H 157 8.40 -86.37 38.22
N UNK H 158 7.33 -87.13 38.53
CA UNK H 158 6.51 -87.82 37.55
C UNK H 158 5.05 -87.38 37.61
N UNK H 159 4.77 -86.26 38.30
CA UNK H 159 3.43 -85.73 38.42
C UNK H 159 3.41 -84.26 38.08
N UNK H 160 2.24 -83.77 37.63
CA UNK H 160 2.03 -82.37 37.35
C UNK H 160 0.65 -81.99 37.84
N UNK H 161 0.54 -80.75 38.35
CA UNK H 161 -0.69 -80.22 38.89
C UNK H 161 -1.24 -79.13 38.02
N UNK H 162 -2.56 -78.93 38.13
CA UNK H 162 -3.24 -77.86 37.45
C UNK H 162 -4.40 -77.41 38.30
N UNK H 163 -4.65 -76.11 38.35
CA UNK H 163 -5.62 -75.53 39.27
C UNK H 163 -6.55 -74.69 38.46
N UNK H 164 -7.87 -74.89 38.61
CA UNK H 164 -8.86 -74.03 37.98
C UNK H 164 -8.78 -72.58 38.41
N UNK H 165 -9.22 -71.69 37.52
CA UNK H 165 -9.57 -70.35 37.92
C UNK H 165 -10.72 -70.32 38.89
N UNK H 166 -10.73 -69.30 39.76
CA UNK H 166 -11.68 -69.21 40.84
C UNK H 166 -13.12 -69.15 40.37
N UNK H 167 -14.01 -69.98 40.98
CA UNK H 167 -15.40 -70.05 40.59
C UNK H 167 -16.13 -68.70 40.73
N UNK H 168 -17.15 -68.48 39.86
CA UNK H 168 -17.85 -67.21 39.79
C UNK H 168 -19.13 -67.22 40.61
N UNK H 169 -19.38 -68.30 41.37
CA UNK H 169 -20.55 -68.41 42.22
C UNK H 169 -20.21 -68.73 43.66
N UNK H 170 -19.38 -69.77 43.95
CA UNK H 170 -19.07 -70.13 45.32
C UNK H 170 -17.72 -69.62 45.76
N UNK H 171 -16.89 -69.27 44.77
CA UNK H 171 -15.58 -68.67 44.90
C UNK H 171 -14.51 -69.67 45.29
N UNK H 172 -14.72 -70.96 45.00
CA UNK H 172 -13.78 -72.02 45.29
C UNK H 172 -12.82 -72.31 44.14
N UNK H 173 -11.87 -73.23 44.36
CA UNK H 173 -10.90 -73.67 43.36
C UNK H 173 -10.99 -75.18 43.27
N UNK H 174 -10.56 -75.76 42.14
CA UNK H 174 -10.43 -77.20 42.03
C UNK H 174 -9.05 -77.46 41.50
N UNK H 175 -8.50 -78.66 41.73
CA UNK H 175 -7.12 -78.98 41.40
C UNK H 175 -7.09 -80.38 40.85
N UNK H 176 -6.35 -80.60 39.76
CA UNK H 176 -6.04 -81.92 39.25
C UNK H 176 -4.58 -82.15 39.43
N UNK H 177 -4.23 -83.40 39.76
CA UNK H 177 -2.85 -83.84 39.79
C UNK H 177 -2.82 -85.08 38.94
N UNK H 178 -1.91 -85.14 37.96
CA UNK H 178 -1.80 -86.26 37.04
C UNK H 178 -0.45 -86.87 37.24
N UNK H 179 -0.41 -88.15 37.64
CA UNK H 179 0.78 -88.96 37.78
C UNK H 179 0.96 -89.76 36.51
N UNK H 180 2.10 -89.62 35.81
CA UNK H 180 2.30 -90.28 34.52
C UNK H 180 3.44 -91.26 34.62
N UNK H 181 3.20 -92.51 34.23
CA UNK H 181 4.20 -93.57 34.23
C UNK H 181 4.18 -94.25 32.87
N UNK H 182 5.19 -95.09 32.55
CA UNK H 182 5.07 -96.07 31.49
C UNK H 182 4.08 -97.16 31.85
N UNK H 183 3.48 -97.86 30.87
CA UNK H 183 2.67 -99.03 31.15
C UNK H 183 3.45 -100.12 31.89
N UNK H 184 4.72 -100.33 31.49
CA UNK H 184 5.59 -101.33 32.06
C UNK H 184 5.86 -101.11 33.53
N UNK H 185 6.08 -99.84 33.94
CA UNK H 185 6.22 -99.43 35.32
C UNK H 185 4.91 -99.46 36.09
N UNK H 186 3.78 -99.07 35.46
CA UNK H 186 2.46 -99.17 36.03
C UNK H 186 2.06 -100.61 36.40
N UNK H 187 2.42 -101.59 35.57
CA UNK H 187 2.13 -102.99 35.80
C UNK H 187 2.99 -103.64 36.88
N UNK H 188 4.07 -103.00 37.36
CA UNK H 188 4.90 -103.53 38.42
C UNK H 188 4.33 -103.38 39.82
N UNK H 189 3.37 -102.46 40.02
CA UNK H 189 2.90 -102.10 41.34
C UNK H 189 1.41 -102.36 41.46
N UNK H 190 0.85 -102.35 42.68
CA UNK H 190 -0.53 -102.68 42.97
C UNK H 190 -1.33 -101.49 43.46
N UNK H 191 -0.90 -100.83 44.56
CA UNK H 191 -1.67 -99.80 45.21
C UNK H 191 -1.29 -98.44 44.67
N UNK H 192 -2.27 -97.72 44.11
CA UNK H 192 -2.08 -96.37 43.64
C UNK H 192 -2.91 -95.45 44.50
N UNK H 193 -2.24 -94.58 45.27
CA UNK H 193 -2.90 -93.73 46.23
C UNK H 193 -2.47 -92.30 46.08
N UNK H 194 -3.42 -91.38 46.35
CA UNK H 194 -3.13 -89.97 46.47
C UNK H 194 -3.56 -89.51 47.84
N UNK H 195 -2.65 -88.81 48.53
CA UNK H 195 -2.85 -88.22 49.84
C UNK H 195 -3.00 -86.71 49.67
N UNK H 196 -4.09 -86.15 50.21
CA UNK H 196 -4.41 -84.73 50.08
C UNK H 196 -4.35 -84.07 51.43
N UNK H 197 -3.51 -83.04 51.57
CA UNK H 197 -3.39 -82.24 52.77
C UNK H 197 -3.90 -80.86 52.45
N UNK H 198 -4.83 -80.31 53.25
CA UNK H 198 -5.44 -79.02 52.99
C UNK H 198 -5.91 -78.46 54.31
N UNK H 199 -6.06 -77.13 54.44
CA UNK H 199 -6.41 -76.47 55.68
C UNK H 199 -7.88 -76.63 56.07
N UNK H 200 -8.73 -77.08 55.12
CA UNK H 200 -10.11 -77.45 55.39
C UNK H 200 -10.29 -78.85 55.91
N UNK H 201 -9.18 -79.61 56.06
CA UNK H 201 -9.20 -80.98 56.50
C UNK H 201 -8.48 -81.10 57.83
N UNK H 202 -9.07 -81.81 58.81
CA UNK H 202 -8.46 -82.08 60.10
C UNK H 202 -7.17 -82.88 60.02
N UNK H 203 -7.12 -83.83 59.08
CA UNK H 203 -5.99 -84.70 58.85
C UNK H 203 -6.01 -85.03 57.36
N UNK H 204 -4.89 -85.42 56.73
CA UNK H 204 -4.87 -85.83 55.32
C UNK H 204 -5.92 -86.81 54.86
N UNK H 205 -6.48 -86.61 53.65
CA UNK H 205 -7.47 -87.50 53.07
C UNK H 205 -6.83 -88.28 51.95
N UNK H 206 -6.86 -89.61 52.05
CA UNK H 206 -6.29 -90.49 51.04
C UNK H 206 -7.40 -91.09 50.21
N UNK H 207 -7.22 -91.13 48.88
CA UNK H 207 -8.04 -91.91 47.97
C UNK H 207 -7.12 -92.82 47.20
N UNK H 208 -7.56 -94.07 46.95
CA UNK H 208 -6.70 -95.08 46.38
C UNK H 208 -7.48 -96.08 45.58
N UNK H 209 -6.77 -96.84 44.73
CA UNK H 209 -7.33 -97.98 44.05
C UNK H 209 -6.29 -99.09 43.98
N UNK H 210 -6.71 -100.28 43.56
CA UNK H 210 -5.83 -101.40 43.30
C UNK H 210 -5.79 -101.55 41.80
N UNK H 211 -4.61 -101.74 41.21
CA UNK H 211 -4.52 -102.06 39.80
C UNK H 211 -4.99 -103.47 39.48
N UNK H 212 -6.12 -103.58 38.77
CA UNK H 212 -6.73 -104.85 38.40
C UNK H 212 -7.92 -105.21 39.30
N UNK I 1 5.89 18.55 -80.07
CA UNK I 1 6.47 17.18 -80.14
C UNK I 1 7.02 16.61 -78.83
N UNK I 2 6.43 16.97 -77.67
CA UNK I 2 6.46 16.13 -76.48
C UNK I 2 5.64 14.87 -76.75
N UNK I 3 6.11 13.69 -76.29
CA UNK I 3 5.47 12.43 -76.57
C UNK I 3 5.65 11.42 -75.43
N UNK I 4 4.60 10.64 -75.16
CA UNK I 4 4.66 9.42 -74.39
C UNK I 4 4.07 8.35 -75.28
N UNK I 5 4.77 7.21 -75.49
CA UNK I 5 4.24 6.13 -76.31
C UNK I 5 4.35 4.79 -75.59
N UNK I 6 3.21 4.18 -75.25
CA UNK I 6 3.12 2.82 -74.77
C UNK I 6 3.42 1.72 -75.78
N UNK I 7 3.93 0.57 -75.30
CA UNK I 7 4.03 -0.67 -76.03
C UNK I 7 3.92 -1.84 -75.06
N UNK I 8 3.95 -3.10 -75.57
CA UNK I 8 3.60 -4.29 -74.80
C UNK I 8 2.14 -4.70 -74.67
N UNK I 9 1.12 -4.31 -75.47
CA UNK I 9 -0.22 -4.86 -75.30
C UNK I 9 -0.32 -6.32 -75.67
N UNK I 10 -1.48 -6.93 -75.39
CA UNK I 10 -1.73 -8.27 -75.86
C UNK I 10 -2.76 -8.98 -75.05
N UNK I 11 -2.96 -10.25 -75.43
CA UNK I 11 -3.89 -11.16 -74.83
C UNK I 11 -3.10 -12.18 -74.02
N UNK I 12 -3.32 -12.19 -72.70
CA UNK I 12 -2.50 -12.95 -71.76
C UNK I 12 -3.40 -13.86 -70.95
N UNK I 13 -2.97 -15.11 -70.66
CA UNK I 13 -3.81 -16.03 -69.90
C UNK I 13 -3.80 -15.73 -68.41
N UNK I 14 -4.87 -15.98 -67.64
CA UNK I 14 -4.88 -15.92 -66.18
C UNK I 14 -3.68 -16.55 -65.47
N UNK I 15 -3.17 -15.87 -64.44
CA UNK I 15 -2.04 -16.32 -63.61
C UNK I 15 -0.69 -16.26 -64.32
N UNK I 16 -0.63 -15.65 -65.52
CA UNK I 16 0.61 -15.44 -66.24
C UNK I 16 1.13 -14.03 -65.99
N UNK I 17 2.09 -13.56 -66.81
CA UNK I 17 2.77 -12.29 -66.61
C UNK I 17 2.74 -11.49 -67.90
N UNK I 18 2.94 -10.16 -67.82
CA UNK I 18 3.06 -9.31 -68.99
C UNK I 18 3.86 -8.09 -68.59
N UNK I 19 4.54 -7.41 -69.54
CA UNK I 19 5.32 -6.23 -69.22
C UNK I 19 4.95 -5.13 -70.20
N UNK I 20 4.72 -3.92 -69.69
CA UNK I 20 4.33 -2.77 -70.48
C UNK I 20 5.44 -1.75 -70.47
N UNK I 21 5.73 -1.16 -71.63
CA UNK I 21 6.82 -0.22 -71.83
C UNK I 21 6.18 1.10 -72.19
N UNK I 22 6.65 2.23 -71.65
CA UNK I 22 6.25 3.56 -72.08
C UNK I 22 7.50 4.36 -72.36
N UNK I 23 7.68 4.76 -73.63
CA UNK I 23 8.86 5.49 -74.09
C UNK I 23 8.56 6.96 -74.07
N UNK I 24 9.50 7.78 -73.51
CA UNK I 24 9.31 9.21 -73.30
C UNK I 24 10.20 9.98 -74.26
N UNK I 25 9.66 10.98 -74.99
CA UNK I 25 10.50 11.82 -75.83
C UNK I 25 9.99 13.24 -75.92
N UNK I 26 10.90 14.19 -76.24
CA UNK I 26 10.62 15.61 -76.30
C UNK I 26 10.45 16.31 -74.97
N UNK I 27 10.64 17.64 -74.97
CA UNK I 27 10.62 18.44 -73.76
C UNK I 27 11.77 19.39 -73.74
N UNK I 28 11.85 20.21 -72.69
CA UNK I 28 12.87 21.23 -72.50
C UNK I 28 13.73 20.94 -71.28
N UNK I 29 13.68 19.69 -70.79
CA UNK I 29 14.19 19.30 -69.49
C UNK I 29 14.96 18.00 -69.63
N UNK I 30 15.78 17.64 -68.64
CA UNK I 30 16.46 16.35 -68.56
C UNK I 30 15.52 15.19 -68.29
N UNK I 31 15.85 13.99 -68.80
CA UNK I 31 15.15 12.78 -68.41
C UNK I 31 15.39 12.42 -66.96
N UNK I 32 14.29 12.15 -66.21
CA UNK I 32 14.34 12.04 -64.76
C UNK I 32 13.66 13.18 -64.06
N UNK I 33 13.39 14.31 -64.76
CA UNK I 33 12.62 15.42 -64.22
C UNK I 33 11.11 15.19 -64.29
N UNK I 34 10.62 13.94 -64.25
CA UNK I 34 9.19 13.70 -64.26
C UNK I 34 8.87 12.61 -63.28
N UNK I 35 7.67 12.70 -62.70
CA UNK I 35 7.02 11.61 -62.01
C UNK I 35 6.14 10.94 -63.03
N UNK I 36 5.99 9.62 -62.95
CA UNK I 36 5.22 8.88 -63.91
C UNK I 36 4.18 8.04 -63.22
N UNK I 37 2.97 8.03 -63.78
CA UNK I 37 1.85 7.25 -63.34
C UNK I 37 1.55 6.18 -64.37
N UNK I 38 1.05 5.02 -63.92
CA UNK I 38 0.27 4.15 -64.80
C UNK I 38 -1.17 4.22 -64.33
N UNK I 39 -2.08 4.36 -65.29
CA UNK I 39 -3.51 4.49 -65.09
C UNK I 39 -4.13 3.40 -65.93
N UNK I 40 -5.22 2.73 -65.51
CA UNK I 40 -5.93 1.86 -66.42
C UNK I 40 -7.40 2.19 -66.49
N UNK I 41 -8.00 2.00 -67.67
CA UNK I 41 -9.41 2.14 -67.87
C UNK I 41 -9.96 0.84 -68.42
N UNK I 42 -10.76 0.14 -67.62
CA UNK I 42 -11.45 -1.07 -68.02
C UNK I 42 -12.55 -0.79 -69.05
N UNK I 43 -12.97 -1.71 -69.90
CA UNK I 43 -14.14 -1.52 -70.76
C UNK I 43 -15.40 -1.09 -70.02
N UNK I 44 -15.98 0.06 -70.45
CA UNK I 44 -17.16 0.69 -69.89
C UNK I 44 -17.03 1.12 -68.43
N UNK I 45 -15.87 1.71 -68.02
CA UNK I 45 -15.62 2.15 -66.67
C UNK I 45 -14.82 3.45 -66.66
N UNK I 46 -14.71 4.08 -65.47
CA UNK I 46 -13.81 5.21 -65.21
C UNK I 46 -12.35 4.84 -65.09
N UNK I 47 -11.53 5.83 -64.66
CA UNK I 47 -10.10 5.71 -64.56
C UNK I 47 -9.63 5.14 -63.22
N UNK I 48 -8.83 4.06 -63.25
CA UNK I 48 -8.23 3.47 -62.05
C UNK I 48 -6.75 3.81 -62.00
N UNK I 49 -6.28 4.41 -60.89
CA UNK I 49 -4.87 4.68 -60.67
C UNK I 49 -4.15 3.40 -60.24
N UNK I 50 -3.04 3.04 -60.92
CA UNK I 50 -2.33 1.78 -60.70
C UNK I 50 -1.10 1.93 -59.84
N UNK I 51 -0.21 2.89 -60.16
CA UNK I 51 1.05 3.02 -59.45
C UNK I 51 1.86 4.20 -59.92
N UNK I 52 2.90 4.57 -59.15
CA UNK I 52 3.77 5.69 -59.49
C UNK I 52 5.25 5.41 -59.29
N UNK I 53 6.10 6.20 -59.98
CA UNK I 53 7.54 6.25 -59.77
C UNK I 53 8.03 7.63 -60.21
N UNK I 54 9.16 8.12 -59.67
CA UNK I 54 9.78 9.36 -60.11
C UNK I 54 11.25 9.10 -60.39
N UNK I 55 12.16 9.41 -59.43
CA UNK I 55 13.60 9.32 -59.64
C UNK I 55 14.11 7.92 -59.33
N UNK I 56 13.20 6.96 -59.28
CA UNK I 56 13.59 5.58 -58.97
C UNK I 56 13.51 5.37 -57.46
N UNK I 57 12.45 5.85 -56.85
CA UNK I 57 12.29 5.70 -55.41
C UNK I 57 10.84 5.90 -54.98
N UNK I 58 10.28 7.06 -55.27
CA UNK I 58 8.90 7.35 -54.88
C UNK I 58 7.93 6.43 -55.60
N UNK I 59 7.64 5.29 -55.01
CA UNK I 59 6.73 4.33 -55.63
C UNK I 59 5.48 4.10 -54.81
N UNK I 60 4.55 3.30 -55.32
CA UNK I 60 3.34 3.01 -54.60
C UNK I 60 2.40 2.34 -55.57
N UNK I 61 1.43 1.54 -55.07
CA UNK I 61 0.64 0.64 -55.87
C UNK I 61 -0.76 0.56 -55.31
N UNK I 62 -1.80 0.49 -56.17
CA UNK I 62 -3.16 0.20 -55.77
C UNK I 62 -3.30 -1.21 -55.15
N UNK I 63 -4.09 -1.49 -54.11
CA UNK I 63 -4.33 -2.84 -53.57
C UNK I 63 -4.81 -3.86 -54.59
N UNK I 64 -5.43 -3.44 -55.71
CA UNK I 64 -5.78 -4.31 -56.81
C UNK I 64 -4.57 -4.98 -57.47
N UNK I 65 -3.44 -4.24 -57.56
CA UNK I 65 -2.21 -4.68 -58.19
C UNK I 65 -1.04 -4.78 -57.22
N UNK I 66 -1.23 -4.48 -55.93
CA UNK I 66 -0.16 -4.56 -54.94
C UNK I 66 0.34 -5.97 -54.74
N UNK I 67 1.69 -6.14 -54.82
CA UNK I 67 2.36 -7.44 -54.78
C UNK I 67 2.14 -8.26 -56.04
N UNK I 68 1.70 -7.59 -57.12
CA UNK I 68 1.45 -8.19 -58.42
C UNK I 68 2.02 -7.33 -59.53
N UNK I 69 2.15 -6.01 -59.31
CA UNK I 69 2.71 -5.11 -60.29
C UNK I 69 3.93 -4.41 -59.72
N UNK I 70 5.00 -4.34 -60.52
CA UNK I 70 6.23 -3.62 -60.17
C UNK I 70 6.44 -2.59 -61.24
N UNK I 71 6.44 -1.31 -60.84
CA UNK I 71 6.76 -0.20 -61.73
C UNK I 71 8.26 0.07 -61.65
N UNK I 72 8.88 0.42 -62.77
CA UNK I 72 10.29 0.74 -62.78
C UNK I 72 10.53 1.77 -63.86
N UNK I 73 11.72 2.39 -63.86
CA UNK I 73 12.02 3.42 -64.83
C UNK I 73 13.49 3.33 -65.13
N UNK I 74 13.86 3.56 -66.39
CA UNK I 74 15.23 3.69 -66.82
C UNK I 74 15.38 5.10 -67.37
N UNK I 75 16.20 5.91 -66.68
CA UNK I 75 16.41 7.29 -67.02
C UNK I 75 17.45 7.47 -68.10
N UNK I 76 18.26 6.43 -68.43
CA UNK I 76 19.27 6.56 -69.49
C UNK I 76 18.68 6.31 -70.86
N UNK I 77 17.57 5.56 -70.92
CA UNK I 77 16.91 5.19 -72.15
C UNK I 77 15.60 5.94 -72.36
N UNK I 78 15.20 6.77 -71.38
CA UNK I 78 13.92 7.48 -71.35
C UNK I 78 12.71 6.55 -71.33
N UNK I 79 12.75 5.47 -70.52
CA UNK I 79 11.75 4.42 -70.57
C UNK I 79 11.15 4.19 -69.20
N UNK I 80 9.81 4.22 -69.13
CA UNK I 80 9.03 3.83 -67.98
C UNK I 80 8.51 2.43 -68.22
N UNK I 81 8.53 1.55 -67.20
CA UNK I 81 8.10 0.17 -67.36
C UNK I 81 7.08 -0.21 -66.30
N UNK I 82 6.13 -1.09 -66.65
CA UNK I 82 5.27 -1.76 -65.69
C UNK I 82 5.37 -3.26 -65.90
N UNK I 83 5.96 -4.00 -64.94
CA UNK I 83 5.95 -5.44 -64.97
C UNK I 83 4.76 -5.92 -64.18
N UNK I 84 3.89 -6.72 -64.79
CA UNK I 84 2.68 -7.21 -64.18
C UNK I 84 2.76 -8.72 -64.07
N UNK I 85 2.47 -9.28 -62.89
CA UNK I 85 2.52 -10.71 -62.61
C UNK I 85 1.20 -11.18 -62.05
N UNK I 86 0.86 -12.47 -62.25
CA UNK I 86 -0.36 -13.10 -61.74
C UNK I 86 -1.62 -12.41 -62.21
N UNK I 87 -1.76 -12.21 -63.53
CA UNK I 87 -2.88 -11.50 -64.15
C UNK I 87 -4.24 -12.13 -63.92
N UNK I 88 -5.29 -11.31 -63.70
CA UNK I 88 -6.65 -11.77 -63.47
C UNK I 88 -7.57 -11.16 -64.50
N UNK I 89 -8.80 -11.69 -64.65
CA UNK I 89 -9.78 -11.18 -65.59
C UNK I 89 -10.20 -9.73 -65.34
N UNK I 90 -9.99 -9.23 -64.09
CA UNK I 90 -10.34 -7.90 -63.67
C UNK I 90 -9.18 -6.93 -63.82
N UNK I 91 -8.06 -7.35 -64.46
CA UNK I 91 -7.03 -6.42 -64.87
C UNK I 91 -7.18 -6.02 -66.34
N UNK I 92 -8.16 -6.61 -67.08
CA UNK I 92 -8.40 -6.35 -68.50
C UNK I 92 -8.80 -4.92 -68.84
N UNK I 93 -7.87 -4.14 -69.39
CA UNK I 93 -8.06 -2.72 -69.49
C UNK I 93 -7.15 -2.06 -70.51
N UNK I 94 -7.47 -0.81 -70.87
CA UNK I 94 -6.55 0.06 -71.58
C UNK I 94 -5.67 0.72 -70.54
N UNK I 95 -4.36 0.45 -70.57
CA UNK I 95 -3.40 1.05 -69.67
C UNK I 95 -2.80 2.27 -70.32
N UNK I 96 -2.74 3.40 -69.59
CA UNK I 96 -2.16 4.64 -70.04
C UNK I 96 -0.98 4.95 -69.17
N UNK I 97 0.13 5.43 -69.75
CA UNK I 97 1.15 6.12 -68.98
C UNK I 97 0.88 7.61 -68.97
N UNK I 98 1.20 8.30 -67.86
CA UNK I 98 0.99 9.72 -67.75
C UNK I 98 2.08 10.31 -66.90
N UNK I 99 2.49 11.57 -67.15
CA UNK I 99 3.64 12.17 -66.49
C UNK I 99 3.22 13.37 -65.67
N UNK I 100 3.75 13.51 -64.45
CA UNK I 100 3.40 14.59 -63.56
C UNK I 100 4.64 15.42 -63.26
N UNK I 101 4.46 16.76 -63.22
CA UNK I 101 5.51 17.71 -62.91
C UNK I 101 5.36 18.22 -61.47
N UNK I 102 4.29 17.82 -60.74
CA UNK I 102 4.10 18.21 -59.34
C UNK I 102 5.15 17.61 -58.42
N UNK I 103 5.52 16.34 -58.68
CA UNK I 103 6.40 15.56 -57.82
C UNK I 103 7.80 15.42 -58.42
N UNK I 104 8.16 16.22 -59.45
CA UNK I 104 9.53 16.24 -59.95
C UNK I 104 10.53 16.89 -59.00
N UNK I 105 11.81 16.44 -59.01
CA UNK I 105 12.83 16.98 -58.11
C UNK I 105 13.14 18.47 -58.32
N UNK I 106 13.22 18.92 -59.59
CA UNK I 106 13.59 20.29 -59.91
C UNK I 106 12.49 21.32 -59.65
N UNK I 107 11.22 20.89 -59.43
CA UNK I 107 10.17 21.71 -58.80
C UNK I 107 9.78 23.01 -59.47
N UNK I 108 9.87 23.09 -60.81
CA UNK I 108 9.59 24.29 -61.57
C UNK I 108 8.06 24.48 -61.75
N UNK I 109 7.33 24.64 -60.64
CA UNK I 109 5.87 24.55 -60.55
C UNK I 109 5.10 25.54 -61.42
N UNK I 110 5.66 26.73 -61.67
CA UNK I 110 5.10 27.76 -62.53
C UNK I 110 4.88 27.32 -63.98
N UNK I 111 5.72 26.40 -64.49
CA UNK I 111 5.73 25.97 -65.88
C UNK I 111 5.20 24.54 -66.00
N UNK I 112 4.26 24.15 -65.11
CA UNK I 112 3.62 22.84 -65.06
C UNK I 112 2.98 22.34 -66.36
N UNK I 113 3.31 21.09 -66.75
CA UNK I 113 2.58 20.37 -67.77
C UNK I 113 2.50 18.90 -67.39
N UNK I 114 1.28 18.34 -67.34
CA UNK I 114 0.98 16.94 -67.57
C UNK I 114 1.40 16.47 -68.98
N UNK I 115 0.98 15.25 -69.37
CA UNK I 115 0.99 14.64 -70.70
C UNK I 115 0.66 13.17 -70.50
N UNK I 116 -0.27 12.63 -71.31
CA UNK I 116 -0.71 11.26 -71.25
C UNK I 116 -0.36 10.57 -72.54
N UNK I 117 -0.04 9.26 -72.47
CA UNK I 117 0.16 8.43 -73.65
C UNK I 117 -1.09 8.12 -74.43
N UNK I 118 -1.00 7.19 -75.38
CA UNK I 118 -2.08 6.91 -76.30
C UNK I 118 -2.90 5.71 -75.85
N UNK I 119 -2.39 4.97 -74.86
CA UNK I 119 -3.08 3.83 -74.29
C UNK I 119 -2.76 2.50 -74.94
N UNK I 120 -2.62 1.46 -74.12
CA UNK I 120 -2.22 0.13 -74.55
C UNK I 120 -3.14 -0.92 -73.96
N UNK I 121 -3.70 -1.82 -74.78
CA UNK I 121 -4.74 -2.74 -74.36
C UNK I 121 -4.20 -4.06 -73.83
N UNK I 122 -4.54 -4.40 -72.58
CA UNK I 122 -4.19 -5.67 -71.96
C UNK I 122 -5.47 -6.43 -71.77
N UNK I 123 -5.61 -7.61 -72.38
CA UNK I 123 -6.80 -8.43 -72.27
C UNK I 123 -6.41 -9.71 -71.59
N UNK I 124 -7.10 -10.09 -70.50
CA UNK I 124 -6.79 -11.29 -69.75
C UNK I 124 -7.90 -12.30 -69.96
N UNK I 125 -7.61 -13.40 -70.67
CA UNK I 125 -8.59 -14.39 -71.09
C UNK I 125 -7.84 -15.59 -71.65
N UNK I 126 -8.50 -16.66 -72.10
CA UNK I 126 -7.83 -17.66 -72.91
C UNK I 126 -7.57 -17.14 -74.33
N UNK I 127 -6.29 -17.13 -74.76
CA UNK I 127 -5.81 -16.52 -75.97
C UNK I 127 -6.25 -17.02 -77.35
N UNK I 128 -6.26 -16.11 -78.34
CA UNK I 128 -6.72 -16.32 -79.71
C UNK I 128 -6.59 -15.00 -80.47
N UNK I 129 -6.69 -15.02 -81.82
CA UNK I 129 -6.77 -13.82 -82.64
C UNK I 129 -7.53 -14.17 -83.90
N UNK I 130 -8.29 -13.23 -84.49
CA UNK I 130 -8.88 -13.41 -85.80
C UNK I 130 -8.97 -12.07 -86.51
N UNK I 131 -8.47 -11.98 -87.76
CA UNK I 131 -8.55 -10.77 -88.56
C UNK I 131 -9.90 -10.55 -89.20
N UNK I 132 -10.31 -9.31 -89.47
CA UNK I 132 -11.59 -9.04 -90.08
C UNK I 132 -11.59 -9.28 -91.57
N UNK I 133 -12.74 -9.71 -92.10
CA UNK I 133 -13.01 -9.59 -93.52
C UNK I 133 -13.61 -8.21 -93.77
N UNK I 134 -13.17 -7.52 -94.84
CA UNK I 134 -13.55 -6.13 -95.10
C UNK I 134 -14.31 -6.06 -96.40
N UNK I 135 -15.53 -5.50 -96.37
CA UNK I 135 -16.46 -5.55 -97.46
C UNK I 135 -16.95 -4.17 -97.84
N UNK I 136 -17.00 -3.74 -99.11
CA UNK I 136 -17.54 -2.44 -99.47
C UNK I 136 -19.03 -2.34 -99.26
N UNK I 137 -19.48 -1.17 -98.77
CA UNK I 137 -20.87 -0.80 -98.73
C UNK I 137 -21.09 0.20 -99.85
N UNK I 138 -21.69 -0.26 -100.96
CA UNK I 138 -21.65 0.46 -102.22
C UNK I 138 -22.75 1.53 -102.35
N UNK I 139 -22.46 2.75 -102.79
CA UNK I 139 -23.49 3.77 -102.99
C UNK I 139 -24.33 3.51 -104.23
N UNK I 140 -25.66 3.68 -104.14
CA UNK I 140 -26.55 3.49 -105.27
C UNK I 140 -26.96 4.82 -105.87
N UNK I 141 -27.06 4.90 -107.22
CA UNK I 141 -27.54 6.06 -107.96
C UNK I 141 -28.95 6.49 -107.58
N UNK I 142 -29.79 5.52 -107.16
CA UNK I 142 -31.14 5.78 -106.69
C UNK I 142 -31.17 6.27 -105.24
N UNK I 143 -30.03 6.17 -104.53
CA UNK I 143 -29.91 6.62 -103.14
C UNK I 143 -29.27 7.99 -103.06
N UNK I 144 -29.13 8.71 -104.20
CA UNK I 144 -28.75 10.12 -104.27
C UNK I 144 -29.74 10.98 -103.51
N UNK I 145 -29.32 11.51 -102.35
CA UNK I 145 -30.20 12.24 -101.46
C UNK I 145 -29.74 13.68 -101.44
N UNK I 146 -30.44 14.57 -102.17
CA UNK I 146 -30.10 15.99 -102.25
C UNK I 146 -28.70 16.35 -102.74
N UNK I 147 -28.12 15.53 -103.63
CA UNK I 147 -26.73 15.69 -104.07
C UNK I 147 -25.71 14.98 -103.21
N UNK I 148 -26.16 14.30 -102.15
CA UNK I 148 -25.30 13.58 -101.22
C UNK I 148 -25.53 12.09 -101.38
N UNK I 149 -24.44 11.33 -101.46
CA UNK I 149 -24.46 9.89 -101.46
C UNK I 149 -23.69 9.42 -100.25
N UNK I 150 -24.04 8.23 -99.69
CA UNK I 150 -23.27 7.64 -98.63
C UNK I 150 -22.61 6.40 -99.17
N UNK I 151 -21.41 6.10 -98.68
CA UNK I 151 -20.72 4.87 -98.99
C UNK I 151 -20.01 4.45 -97.74
N UNK I 152 -19.52 3.21 -97.67
CA UNK I 152 -18.82 2.80 -96.49
C UNK I 152 -18.10 1.51 -96.68
N UNK I 153 -17.67 0.91 -95.57
CA UNK I 153 -17.15 -0.43 -95.55
C UNK I 153 -17.53 -1.07 -94.25
N UNK I 154 -17.74 -2.38 -94.33
CA UNK I 154 -18.11 -3.23 -93.23
C UNK I 154 -16.90 -4.05 -92.87
N UNK I 155 -16.56 -4.07 -91.57
CA UNK I 155 -15.38 -4.73 -91.05
C UNK I 155 -15.89 -5.83 -90.14
N UNK I 156 -15.82 -7.10 -90.58
CA UNK I 156 -16.63 -8.15 -90.00
C UNK I 156 -15.82 -9.34 -89.49
N UNK I 157 -16.24 -9.90 -88.34
CA UNK I 157 -15.85 -11.19 -87.82
C UNK I 157 -14.44 -11.22 -87.26
N UNK I 158 -14.06 -10.20 -86.48
CA UNK I 158 -12.73 -10.09 -85.88
C UNK I 158 -12.72 -10.31 -84.38
N UNK I 159 -11.53 -10.64 -83.84
CA UNK I 159 -11.33 -10.75 -82.41
C UNK I 159 -9.86 -10.53 -82.08
N UNK I 160 -9.48 -9.96 -80.94
CA UNK I 160 -10.28 -9.09 -80.07
C UNK I 160 -10.36 -7.69 -80.66
N UNK I 161 -10.95 -6.74 -79.93
CA UNK I 161 -10.86 -5.33 -80.23
C UNK I 161 -9.44 -4.74 -80.12
N UNK I 162 -9.02 -3.69 -80.83
CA UNK I 162 -9.87 -2.87 -81.69
C UNK I 162 -9.39 -2.94 -83.13
N UNK I 163 -10.23 -2.50 -84.08
CA UNK I 163 -9.79 -2.20 -85.42
C UNK I 163 -9.75 -0.69 -85.55
N UNK I 164 -8.88 -0.17 -86.44
CA UNK I 164 -8.90 1.25 -86.78
C UNK I 164 -9.24 1.36 -88.25
N UNK I 165 -10.10 2.33 -88.61
CA UNK I 165 -10.54 2.53 -89.98
C UNK I 165 -10.25 3.96 -90.38
N UNK I 166 -9.52 4.17 -91.48
CA UNK I 166 -9.27 5.47 -92.07
C UNK I 166 -9.86 5.48 -93.46
N UNK I 167 -10.06 6.67 -94.07
CA UNK I 167 -10.51 6.77 -95.45
C UNK I 167 -9.50 7.55 -96.27
N UNK I 168 -9.11 6.99 -97.43
CA UNK I 168 -8.15 7.53 -98.38
C UNK I 168 -6.82 7.90 -97.73
N UNK I 169 -6.31 7.02 -96.85
CA UNK I 169 -5.09 7.19 -96.07
C UNK I 169 -5.12 8.39 -95.14
N UNK I 170 -6.33 8.76 -94.66
CA UNK I 170 -6.55 9.92 -93.81
C UNK I 170 -6.90 11.19 -94.55
N UNK I 171 -6.97 11.14 -95.89
CA UNK I 171 -7.32 12.30 -96.70
C UNK I 171 -8.82 12.63 -96.68
N UNK I 172 -9.68 11.67 -96.28
CA UNK I 172 -11.10 11.91 -96.15
C UNK I 172 -11.53 11.72 -94.71
N UNK I 173 -11.95 12.83 -94.06
CA UNK I 173 -12.32 12.82 -92.65
C UNK I 173 -13.69 13.44 -92.42
N UNK I 174 -14.16 14.30 -93.35
CA UNK I 174 -15.43 15.00 -93.21
C UNK I 174 -16.61 14.09 -93.50
N UNK I 175 -17.60 14.02 -92.58
CA UNK I 175 -18.78 13.18 -92.73
C UNK I 175 -18.57 11.73 -92.42
N UNK I 176 -17.38 11.36 -91.90
CA UNK I 176 -17.04 9.99 -91.56
C UNK I 176 -17.62 9.59 -90.23
N UNK I 177 -18.39 8.48 -90.21
CA UNK I 177 -18.86 7.89 -88.98
C UNK I 177 -18.35 6.47 -88.90
N UNK I 178 -17.36 6.22 -88.00
CA UNK I 178 -16.93 4.86 -87.68
C UNK I 178 -17.70 4.47 -86.46
N UNK I 179 -18.56 3.45 -86.60
CA UNK I 179 -19.40 2.96 -85.55
C UNK I 179 -18.64 2.22 -84.46
N UNK I 180 -19.01 2.27 -83.17
CA UNK I 180 -18.64 1.25 -82.19
C UNK I 180 -18.84 -0.17 -82.65
N UNK I 181 -17.99 -1.10 -82.22
CA UNK I 181 -18.19 -2.49 -82.51
C UNK I 181 -19.40 -3.13 -81.84
N UNK I 182 -20.03 -4.10 -82.53
CA UNK I 182 -21.09 -4.90 -81.97
C UNK I 182 -20.56 -6.31 -81.78
N UNK I 183 -20.89 -6.93 -80.63
CA UNK I 183 -20.53 -8.31 -80.38
C UNK I 183 -21.58 -9.22 -80.98
N UNK I 184 -21.24 -9.98 -82.03
CA UNK I 184 -22.21 -10.83 -82.70
C UNK I 184 -22.48 -12.12 -81.95
N UNK I 185 -23.55 -12.84 -82.33
CA UNK I 185 -23.93 -14.14 -81.76
C UNK I 185 -22.93 -15.25 -82.01
N UNK I 186 -21.95 -14.99 -82.91
CA UNK I 186 -20.79 -15.83 -83.16
C UNK I 186 -19.66 -15.61 -82.17
N UNK I 187 -19.76 -14.58 -81.31
CA UNK I 187 -18.72 -14.21 -80.35
C UNK I 187 -17.64 -13.34 -80.93
N UNK I 188 -17.80 -12.92 -82.20
CA UNK I 188 -16.84 -12.11 -82.91
C UNK I 188 -17.38 -10.71 -83.11
N UNK I 189 -16.49 -9.72 -83.17
CA UNK I 189 -16.88 -8.33 -83.33
C UNK I 189 -17.13 -7.96 -84.78
N UNK I 190 -17.98 -6.94 -85.00
CA UNK I 190 -18.23 -6.39 -86.32
C UNK I 190 -18.49 -4.92 -86.18
N UNK I 191 -18.06 -4.10 -87.15
CA UNK I 191 -18.43 -2.70 -87.20
C UNK I 191 -18.52 -2.23 -88.62
N UNK I 192 -19.17 -1.08 -88.83
CA UNK I 192 -19.21 -0.45 -90.13
C UNK I 192 -18.56 0.90 -90.00
N UNK I 193 -17.91 1.36 -91.06
CA UNK I 193 -17.45 2.72 -91.18
C UNK I 193 -18.13 3.28 -92.40
N UNK I 194 -18.66 4.50 -92.34
CA UNK I 194 -19.39 5.09 -93.43
C UNK I 194 -18.93 6.50 -93.62
N UNK I 195 -19.21 7.07 -94.79
CA UNK I 195 -18.92 8.46 -95.09
C UNK I 195 -19.94 8.96 -96.08
N UNK I 196 -20.33 10.24 -95.98
CA UNK I 196 -21.19 10.89 -96.95
C UNK I 196 -20.39 11.81 -97.83
N UNK I 197 -20.59 11.72 -99.16
CA UNK I 197 -19.81 12.42 -100.16
C UNK I 197 -20.75 13.02 -101.19
N UNK I 198 -20.37 14.01 -102.00
CA UNK I 198 -21.12 14.43 -103.18
C UNK I 198 -21.41 13.31 -104.16
N UNK I 199 -22.68 13.13 -104.59
CA UNK I 199 -23.07 12.09 -105.54
C UNK I 199 -22.39 12.24 -106.90
N UNK I 200 -22.09 13.49 -107.29
CA UNK I 200 -21.36 13.84 -108.50
C UNK I 200 -19.96 13.27 -108.64
N UNK I 201 -19.33 12.81 -107.53
CA UNK I 201 -17.97 12.27 -107.58
C UNK I 201 -17.94 10.76 -107.64
N UNK I 202 -19.13 10.11 -107.64
CA UNK I 202 -19.22 8.67 -107.77
C UNK I 202 -18.84 8.19 -109.16
N UNK I 203 -17.87 7.26 -109.24
CA UNK I 203 -17.35 6.76 -110.51
C UNK I 203 -16.32 7.65 -111.14
N UNK I 204 -15.96 8.78 -110.50
CA UNK I 204 -14.93 9.69 -111.00
C UNK I 204 -13.83 9.84 -109.98
N UNK I 205 -14.17 9.75 -108.67
CA UNK I 205 -13.23 9.82 -107.57
C UNK I 205 -13.19 8.47 -106.87
N UNK I 206 -11.99 8.07 -106.41
CA UNK I 206 -11.80 6.78 -105.76
C UNK I 206 -11.91 6.91 -104.26
N UNK I 207 -12.62 5.97 -103.62
CA UNK I 207 -12.77 5.95 -102.18
C UNK I 207 -12.24 4.63 -101.68
N UNK I 208 -11.30 4.69 -100.72
CA UNK I 208 -10.61 3.53 -100.20
C UNK I 208 -10.72 3.57 -98.70
N UNK I 209 -11.25 2.52 -98.05
CA UNK I 209 -11.10 2.39 -96.61
C UNK I 209 -9.77 1.75 -96.30
N UNK I 210 -9.12 2.14 -95.20
CA UNK I 210 -7.88 1.52 -94.78
C UNK I 210 -8.18 0.93 -93.41
N UNK I 211 -8.14 -0.42 -93.28
CA UNK I 211 -8.52 -1.10 -92.06
C UNK I 211 -7.30 -1.77 -91.47
N UNK I 212 -7.02 -1.49 -90.19
CA UNK I 212 -5.90 -2.08 -89.48
C UNK I 212 -6.41 -2.83 -88.27
N UNK I 213 -6.08 -4.12 -88.15
CA UNK I 213 -6.30 -4.90 -86.95
C UNK I 213 -4.96 -5.39 -86.47
N UNK I 214 -4.40 -4.74 -85.43
CA UNK I 214 -3.09 -5.10 -84.92
C UNK I 214 -2.97 -6.52 -84.37
N UNK I 215 -3.89 -7.13 -83.61
CA UNK I 215 -3.68 -8.47 -83.04
C UNK I 215 -3.53 -9.58 -84.05
N UNK I 216 -3.99 -9.43 -85.30
CA UNK I 216 -3.80 -10.44 -86.33
C UNK I 216 -2.77 -10.01 -87.36
N UNK I 217 -2.24 -8.77 -87.24
CA UNK I 217 -1.37 -8.10 -88.21
C UNK I 217 -2.05 -7.84 -89.56
N UNK I 218 -3.38 -7.65 -89.57
CA UNK I 218 -4.15 -7.44 -90.80
C UNK I 218 -4.21 -5.97 -91.14
N UNK I 219 -3.70 -5.62 -92.33
CA UNK I 219 -3.85 -4.31 -92.93
C UNK I 219 -4.52 -4.51 -94.28
N UNK I 220 -5.70 -3.91 -94.48
CA UNK I 220 -6.49 -4.10 -95.69
C UNK I 220 -6.97 -2.77 -96.20
N UNK I 221 -6.59 -2.45 -97.46
CA UNK I 221 -7.11 -1.31 -98.17
C UNK I 221 -8.22 -1.75 -99.11
N UNK I 222 -9.42 -1.16 -98.99
CA UNK I 222 -10.57 -1.59 -99.77
C UNK I 222 -11.18 -0.48 -100.57
N UNK I 223 -11.11 -0.58 -101.91
CA UNK I 223 -11.84 0.29 -102.81
C UNK I 223 -13.34 0.12 -102.69
N UNK I 224 -14.09 1.23 -102.71
CA UNK I 224 -15.54 1.23 -102.68
C UNK I 224 -16.03 1.88 -103.94
N UNK I 225 -16.71 1.11 -104.78
CA UNK I 225 -17.23 1.65 -106.02
C UNK I 225 -18.66 2.16 -105.84
N UNK I 226 -19.18 2.84 -106.85
CA UNK I 226 -20.54 3.36 -106.77
C UNK I 226 -21.57 2.28 -107.06
N ALA I 227 -21.33 1.07 -106.56
CA ALA I 227 -22.27 -0.02 -106.78
C ALA I 227 -23.54 0.25 -106.01
N ALA I 228 -24.64 0.46 -106.72
CA ALA I 228 -25.92 0.73 -106.08
C ALA I 228 -26.02 0.12 -104.69
N ALA I 229 -25.94 -1.21 -104.62
CA ALA I 229 -26.03 -1.91 -103.33
C ALA I 229 -27.15 -1.33 -102.47
N UNK J 1 -6.87 4.96 -47.09
CA UNK J 1 -7.05 5.61 -48.43
C UNK J 1 -7.98 6.82 -48.36
N UNK J 2 -8.18 7.52 -49.49
CA UNK J 2 -9.14 8.61 -49.60
C UNK J 2 -10.10 8.20 -50.70
N UNK J 3 -11.41 8.29 -50.43
CA UNK J 3 -12.45 7.94 -51.38
C UNK J 3 -12.88 9.21 -52.06
N UNK J 4 -13.11 9.17 -53.39
CA UNK J 4 -13.50 10.34 -54.14
C UNK J 4 -14.82 10.06 -54.82
N UNK J 5 -15.79 10.99 -54.70
CA UNK J 5 -17.10 10.86 -55.35
C UNK J 5 -17.37 12.14 -56.09
N UNK J 6 -18.34 12.14 -57.00
CA UNK J 6 -18.69 13.29 -57.81
C UNK J 6 -20.19 13.34 -57.90
N UNK J 7 -20.79 14.50 -58.22
CA UNK J 7 -22.20 14.56 -58.52
C UNK J 7 -22.47 15.68 -59.53
N UNK J 8 -23.58 15.64 -60.27
CA UNK J 8 -24.35 14.45 -60.64
C UNK J 8 -23.52 13.44 -61.43
N UNK J 9 -24.01 12.19 -61.59
CA UNK J 9 -23.36 11.17 -62.40
C UNK J 9 -23.30 11.53 -63.88
N UNK J 10 -24.40 12.10 -64.39
CA UNK J 10 -24.51 12.58 -65.75
C UNK J 10 -25.36 13.83 -65.70
N UNK J 11 -25.21 14.72 -66.69
CA UNK J 11 -26.13 15.85 -66.85
C UNK J 11 -26.31 16.20 -68.30
N UNK J 12 -27.48 16.77 -68.63
CA UNK J 12 -27.88 17.07 -69.99
C UNK J 12 -27.98 18.57 -70.15
N UNK J 13 -27.10 19.18 -70.95
CA UNK J 13 -26.99 20.62 -71.07
C UNK J 13 -26.91 21.05 -72.52
N UNK J 14 -27.16 22.33 -72.79
CA UNK J 14 -27.15 22.93 -74.12
C UNK J 14 -25.88 23.72 -74.35
N UNK J 15 -25.55 24.07 -75.61
CA UNK J 15 -24.54 25.09 -75.89
C UNK J 15 -24.95 26.44 -75.33
N UNK J 16 -24.06 27.09 -74.55
CA UNK J 16 -24.35 28.34 -73.88
C UNK J 16 -24.81 28.21 -72.45
N UNK J 17 -25.17 26.99 -71.99
CA UNK J 17 -25.49 26.74 -70.60
C UNK J 17 -24.28 26.97 -69.69
N UNK J 18 -24.51 27.45 -68.45
CA UNK J 18 -23.48 27.42 -67.42
C UNK J 18 -23.57 26.08 -66.70
N UNK J 19 -22.45 25.32 -66.68
CA UNK J 19 -22.44 23.99 -66.11
C UNK J 19 -21.58 23.98 -64.88
N UNK J 20 -22.10 23.47 -63.76
CA UNK J 20 -21.37 23.31 -62.51
C UNK J 20 -21.44 21.84 -62.16
N UNK J 21 -20.30 21.19 -61.88
CA UNK J 21 -20.25 19.82 -61.41
C UNK J 21 -19.40 19.78 -60.17
N UNK J 22 -19.50 18.73 -59.34
CA UNK J 22 -18.86 18.69 -58.03
C UNK J 22 -17.94 17.50 -57.88
N UNK J 23 -17.06 17.56 -56.87
CA UNK J 23 -16.22 16.46 -56.46
C UNK J 23 -16.10 16.51 -54.95
N UNK J 24 -16.17 15.34 -54.29
CA UNK J 24 -16.11 15.25 -52.84
C UNK J 24 -15.07 14.24 -52.42
N UNK J 25 -14.24 14.59 -51.43
CA UNK J 25 -13.30 13.69 -50.80
C UNK J 25 -13.82 13.20 -49.46
N UNK J 26 -13.43 11.99 -49.02
CA UNK J 26 -13.88 11.42 -47.75
C UNK J 26 -13.18 11.98 -46.52
N UNK J 27 -12.11 12.76 -46.71
CA UNK J 27 -11.44 13.48 -45.65
C UNK J 27 -10.75 14.65 -46.31
N UNK J 28 -10.21 15.62 -45.53
CA UNK J 28 -9.58 16.82 -46.09
C UNK J 28 -8.35 16.53 -46.93
N UNK J 29 -8.37 16.99 -48.20
CA UNK J 29 -7.25 16.85 -49.12
C UNK J 29 -6.61 18.21 -49.36
N UNK J 30 -6.96 19.21 -48.53
CA UNK J 30 -6.56 20.61 -48.68
C UNK J 30 -6.97 21.20 -50.02
N UNK J 31 -5.99 21.54 -50.89
CA UNK J 31 -6.28 22.03 -52.24
C UNK J 31 -5.72 21.05 -53.27
N UNK J 32 -5.30 19.84 -52.87
CA UNK J 32 -4.57 18.93 -53.72
C UNK J 32 -5.48 18.08 -54.60
N UNK J 33 -6.18 18.73 -55.54
CA UNK J 33 -7.11 18.10 -56.46
C UNK J 33 -6.83 18.51 -57.91
N UNK J 34 -6.85 17.54 -58.84
CA UNK J 34 -6.71 17.78 -60.26
C UNK J 34 -8.02 17.42 -60.95
N UNK J 35 -8.38 18.15 -62.03
CA UNK J 35 -9.56 17.87 -62.83
C UNK J 35 -9.17 17.55 -64.26
N UNK J 36 -9.80 16.51 -64.82
CA UNK J 36 -9.52 15.95 -66.13
C UNK J 36 -10.76 15.93 -67.00
N UNK J 37 -10.57 16.13 -68.32
CA UNK J 37 -11.57 15.93 -69.34
C UNK J 37 -11.19 14.69 -70.13
N UNK J 38 -12.11 13.74 -70.34
CA UNK J 38 -11.85 12.64 -71.26
C UNK J 38 -13.00 12.52 -72.23
N UNK J 39 -12.69 12.17 -73.49
CA UNK J 39 -13.67 11.91 -74.50
C UNK J 39 -13.54 10.45 -74.91
N UNK J 40 -14.62 9.77 -75.29
CA UNK J 40 -14.59 8.35 -75.65
C UNK J 40 -13.57 7.97 -76.71
N UNK J 41 -12.71 6.96 -76.44
CA UNK J 41 -11.70 6.51 -77.38
C UNK J 41 -10.42 7.30 -77.40
N UNK J 42 -10.22 8.26 -76.48
CA UNK J 42 -8.96 8.99 -76.41
C UNK J 42 -8.52 9.19 -74.97
N UNK J 43 -7.26 9.61 -74.79
CA UNK J 43 -6.64 9.87 -73.51
C UNK J 43 -7.28 11.01 -72.71
N UNK J 44 -7.33 10.96 -71.38
CA UNK J 44 -7.53 12.13 -70.52
C UNK J 44 -6.69 13.36 -70.81
N UNK J 45 -7.28 14.55 -70.62
CA UNK J 45 -6.64 15.84 -70.74
C UNK J 45 -6.85 16.61 -69.45
N UNK J 46 -5.78 17.01 -68.74
CA UNK J 46 -5.88 17.88 -67.56
C UNK J 46 -6.46 19.26 -67.85
N UNK J 47 -7.29 19.79 -66.93
CA UNK J 47 -7.91 21.08 -67.06
C UNK J 47 -7.47 22.02 -65.96
N UNK J 48 -7.47 21.51 -64.71
CA UNK J 48 -7.25 22.28 -63.51
C UNK J 48 -6.33 21.43 -62.67
N UNK J 49 -5.30 22.04 -62.06
CA UNK J 49 -4.45 21.39 -61.09
C UNK J 49 -4.49 22.20 -59.81
N UNK J 50 -4.29 21.60 -58.62
CA UNK J 50 -4.31 22.35 -57.37
C UNK J 50 -5.63 22.99 -57.00
N UNK J 51 -6.75 22.33 -57.35
CA UNK J 51 -8.13 22.72 -57.15
C UNK J 51 -8.62 23.94 -57.94
N UNK J 52 -7.74 24.88 -58.34
CA UNK J 52 -8.19 26.08 -59.03
C UNK J 52 -7.23 26.64 -60.06
N UNK J 53 -6.00 26.09 -60.19
CA UNK J 53 -5.05 26.59 -61.18
C UNK J 53 -5.29 26.00 -62.54
N UNK J 54 -5.64 26.85 -63.52
CA UNK J 54 -5.83 26.47 -64.91
C UNK J 54 -4.58 25.93 -65.60
N UNK J 55 -4.70 24.78 -66.30
CA UNK J 55 -3.65 24.26 -67.15
C UNK J 55 -3.35 25.16 -68.35
N UNK J 56 -2.05 25.32 -68.70
CA UNK J 56 -1.63 26.01 -69.91
C UNK J 56 -2.21 25.40 -71.18
N UNK J 57 -2.84 26.22 -72.05
CA UNK J 57 -3.54 25.76 -73.24
C UNK J 57 -4.98 25.34 -73.05
N UNK J 58 -5.57 25.55 -71.85
CA UNK J 58 -6.98 25.30 -71.63
C UNK J 58 -7.75 26.62 -71.71
N UNK J 59 -8.86 26.73 -72.46
CA UNK J 59 -9.77 27.88 -72.43
C UNK J 59 -10.19 28.43 -71.08
N UNK J 60 -10.41 29.76 -70.99
CA UNK J 60 -10.68 30.47 -69.76
C UNK J 60 -12.15 30.49 -69.39
N UNK J 61 -12.97 29.63 -70.06
CA UNK J 61 -14.32 29.35 -69.65
C UNK J 61 -14.37 28.27 -68.57
N UNK J 62 -13.25 27.58 -68.33
CA UNK J 62 -13.11 26.59 -67.28
C UNK J 62 -12.58 27.21 -66.00
N UNK J 63 -13.20 26.89 -64.85
CA UNK J 63 -12.66 27.27 -63.56
C UNK J 63 -13.00 26.23 -62.52
N UNK J 64 -12.19 26.11 -61.46
CA UNK J 64 -12.45 25.20 -60.36
C UNK J 64 -12.37 25.96 -59.08
N UNK J 65 -13.04 25.47 -58.02
CA UNK J 65 -12.99 26.10 -56.72
C UNK J 65 -13.37 25.11 -55.65
N UNK J 66 -13.25 25.52 -54.37
CA UNK J 66 -13.49 24.64 -53.22
C UNK J 66 -12.21 24.21 -52.59
N UNK J 67 -12.30 23.66 -51.37
CA UNK J 67 -11.14 23.25 -50.62
C UNK J 67 -11.55 22.29 -49.54
N UNK J 68 -10.59 21.53 -48.99
CA UNK J 68 -10.86 20.57 -47.93
C UNK J 68 -11.47 19.30 -48.42
N UNK J 69 -12.80 19.19 -48.29
CA UNK J 69 -13.56 18.01 -48.69
C UNK J 69 -14.40 18.23 -49.93
N UNK J 70 -14.76 19.48 -50.25
CA UNK J 70 -15.79 19.78 -51.23
C UNK J 70 -15.26 20.70 -52.32
N UNK J 71 -15.39 20.28 -53.60
CA UNK J 71 -14.79 20.94 -54.74
C UNK J 71 -15.76 21.04 -55.90
N UNK J 72 -15.51 21.97 -56.83
CA UNK J 72 -16.32 22.17 -58.02
C UNK J 72 -15.47 22.25 -59.28
N UNK J 73 -16.11 22.02 -60.44
CA UNK J 73 -15.60 22.39 -61.75
C UNK J 73 -16.74 23.13 -62.42
N UNK J 74 -16.48 24.35 -62.89
CA UNK J 74 -17.47 25.22 -63.49
C UNK J 74 -17.05 25.47 -64.92
N UNK J 75 -18.00 25.35 -65.88
CA UNK J 75 -17.82 25.79 -67.25
C UNK J 75 -18.77 26.97 -67.41
N UNK J 76 -18.23 28.18 -67.62
CA UNK J 76 -19.00 29.42 -67.62
C UNK J 76 -20.04 29.55 -68.71
N UNK J 77 -19.67 29.17 -69.95
CA UNK J 77 -20.56 29.04 -71.08
C UNK J 77 -20.11 27.79 -71.81
N UNK J 78 -20.98 26.77 -71.90
CA UNK J 78 -20.66 25.47 -72.46
C UNK J 78 -20.54 25.47 -73.98
N UNK J 79 -19.42 24.98 -74.54
CA UNK J 79 -19.17 24.96 -75.97
C UNK J 79 -19.39 23.59 -76.58
N UNK J 80 -19.56 23.42 -77.90
CA UNK J 80 -19.67 22.12 -78.58
C UNK J 80 -18.54 21.14 -78.32
N UNK J 81 -17.36 21.63 -77.89
CA UNK J 81 -16.25 20.77 -77.58
C UNK J 81 -16.18 20.36 -76.11
N UNK J 82 -17.16 20.76 -75.27
CA UNK J 82 -17.14 20.45 -73.85
C UNK J 82 -17.95 19.21 -73.50
N UNK J 83 -18.44 18.48 -74.50
CA UNK J 83 -19.22 17.28 -74.28
C UNK J 83 -18.31 16.09 -74.11
N UNK J 84 -18.17 15.68 -72.85
CA UNK J 84 -17.10 14.84 -72.42
C UNK J 84 -17.43 14.28 -71.06
N UNK J 85 -16.61 13.34 -70.57
CA UNK J 85 -16.70 12.84 -69.21
C UNK J 85 -15.63 13.51 -68.39
N UNK J 86 -15.98 14.08 -67.23
CA UNK J 86 -15.09 14.89 -66.44
C UNK J 86 -14.76 14.16 -65.15
N UNK J 87 -13.47 13.99 -64.85
CA UNK J 87 -13.00 13.21 -63.72
C UNK J 87 -12.21 14.10 -62.78
N UNK J 88 -12.38 13.95 -61.46
CA UNK J 88 -11.49 14.56 -60.49
C UNK J 88 -10.51 13.53 -59.93
N UNK J 89 -9.36 13.99 -59.41
CA UNK J 89 -8.36 13.14 -58.79
C UNK J 89 -7.73 13.87 -57.62
N UNK J 90 -7.49 13.20 -56.47
CA UNK J 90 -6.73 13.80 -55.38
C UNK J 90 -5.26 13.42 -55.44
N UNK J 91 -4.37 14.39 -55.13
CA UNK J 91 -2.93 14.19 -55.12
C UNK J 91 -2.30 14.27 -53.73
N UNK J 92 -3.14 14.48 -52.68
CA UNK J 92 -2.73 14.72 -51.30
C UNK J 92 -1.93 13.61 -50.66
N UNK J 93 -2.42 12.37 -50.77
CA UNK J 93 -1.90 11.26 -50.01
C UNK J 93 -1.91 10.06 -50.90
N UNK J 94 -1.29 8.98 -50.45
CA UNK J 94 -1.01 7.82 -51.25
C UNK J 94 -1.79 6.66 -50.68
N UNK J 95 -2.60 5.91 -51.45
CA UNK J 95 -2.89 5.91 -52.87
C UNK J 95 -3.46 7.20 -53.45
N UNK J 96 -3.03 7.61 -54.67
CA UNK J 96 -3.76 8.62 -55.42
C UNK J 96 -5.06 8.05 -55.98
N UNK J 97 -6.17 8.79 -55.86
CA UNK J 97 -7.49 8.23 -56.19
C UNK J 97 -8.28 9.18 -57.07
N UNK J 98 -8.96 8.60 -58.09
CA UNK J 98 -9.87 9.31 -58.97
C UNK J 98 -11.29 9.21 -58.45
N UNK J 99 -12.15 10.18 -58.81
CA UNK J 99 -13.60 10.03 -58.71
C UNK J 99 -14.16 9.17 -59.82
N UNK J 100 -15.48 8.87 -59.76
CA UNK J 100 -16.10 7.98 -60.74
C UNK J 100 -16.44 8.60 -62.06
N UNK J 101 -16.27 9.92 -62.19
CA UNK J 101 -16.61 10.67 -63.40
C UNK J 101 -18.00 11.27 -63.40
N UNK J 102 -18.12 12.45 -64.02
CA UNK J 102 -19.38 13.14 -64.29
C UNK J 102 -19.49 13.26 -65.78
N UNK J 103 -20.54 12.67 -66.41
CA UNK J 103 -20.68 12.73 -67.85
C UNK J 103 -21.59 13.87 -68.32
N UNK J 104 -21.05 14.82 -69.10
CA UNK J 104 -21.83 15.88 -69.70
C UNK J 104 -22.30 15.39 -71.07
N UNK J 105 -23.57 15.67 -71.44
CA UNK J 105 -24.12 15.27 -72.73
C UNK J 105 -24.95 16.41 -73.29
N UNK J 106 -25.04 16.52 -74.64
CA UNK J 106 -25.60 17.70 -75.27
C UNK J 106 -26.98 17.57 -75.82
N UNK J 107 -27.79 18.54 -75.42
CA UNK J 107 -29.08 18.91 -75.92
C UNK J 107 -29.02 19.89 -77.09
N UNK J 108 -29.95 19.73 -78.03
CA UNK J 108 -30.10 20.63 -79.15
C UNK J 108 -31.50 20.44 -79.68
N UNK J 109 -31.87 21.21 -80.72
CA UNK J 109 -33.08 20.98 -81.48
C UNK J 109 -33.12 19.62 -82.16
N UNK J 110 -34.32 19.07 -82.38
CA UNK J 110 -34.51 17.86 -83.15
C UNK J 110 -33.95 17.97 -84.58
N UNK J 111 -33.34 16.89 -85.10
CA UNK J 111 -32.82 16.86 -86.45
C UNK J 111 -33.11 15.49 -87.04
N UNK J 112 -33.66 15.47 -88.27
CA UNK J 112 -33.98 14.28 -89.01
C UNK J 112 -32.75 13.48 -89.48
N UNK J 113 -32.78 12.15 -89.52
CA UNK J 113 -31.68 11.38 -90.07
C UNK J 113 -31.70 11.32 -91.59
N UNK J 114 -30.53 11.47 -92.23
CA UNK J 114 -30.39 11.07 -93.63
C UNK J 114 -30.12 9.58 -93.70
N UNK J 115 -30.97 8.83 -94.41
CA UNK J 115 -31.00 7.38 -94.35
C UNK J 115 -30.43 6.79 -95.62
N UNK J 116 -29.53 5.80 -95.49
CA UNK J 116 -28.85 5.16 -96.61
C UNK J 116 -28.79 3.67 -96.37
N UNK J 117 -28.96 2.86 -97.42
CA UNK J 117 -28.95 1.41 -97.31
C UNK J 117 -27.89 0.85 -98.24
N UNK J 118 -27.20 -0.21 -97.79
CA UNK J 118 -26.09 -0.80 -98.49
C UNK J 118 -26.32 -2.30 -98.67
N UNK J 119 -26.31 -2.86 -99.88
CA UNK J 119 -26.23 -4.30 -100.09
C UNK J 119 -24.98 -4.95 -99.49
N UNK J 120 -24.93 -6.26 -99.20
CA UNK J 120 -23.70 -7.01 -99.06
C UNK J 120 -22.76 -6.87 -100.25
N UNK J 121 -21.44 -7.00 -100.05
CA UNK J 121 -20.51 -7.11 -101.17
C UNK J 121 -20.49 -8.50 -101.77
N UNK J 122 -20.17 -8.61 -103.07
CA UNK J 122 -19.95 -9.88 -103.75
C UNK J 122 -18.86 -10.74 -103.12
N UNK J 123 -17.79 -10.11 -102.58
CA UNK J 123 -16.74 -10.79 -101.84
C UNK J 123 -17.22 -11.44 -100.56
N UNK J 124 -18.11 -10.77 -99.79
CA UNK J 124 -18.76 -11.39 -98.65
C UNK J 124 -19.66 -12.56 -99.02
N UNK J 125 -20.43 -12.39 -100.11
CA UNK J 125 -21.27 -13.42 -100.67
C UNK J 125 -20.49 -14.63 -101.20
N UNK J 126 -19.21 -14.46 -101.60
CA UNK J 126 -18.31 -15.58 -101.81
C UNK J 126 -17.99 -16.39 -100.56
N UNK J 127 -17.89 -15.77 -99.36
CA UNK J 127 -17.52 -16.48 -98.14
C UNK J 127 -18.72 -17.00 -97.35
N UNK J 128 -19.94 -16.83 -97.90
CA UNK J 128 -21.13 -17.55 -97.43
C UNK J 128 -22.02 -16.78 -96.48
N UNK J 129 -21.70 -15.52 -96.21
CA UNK J 129 -22.46 -14.70 -95.28
C UNK J 129 -22.97 -13.50 -96.04
N UNK J 130 -24.10 -12.89 -95.63
CA UNK J 130 -24.57 -11.65 -96.22
C UNK J 130 -24.87 -10.67 -95.12
N UNK J 131 -24.24 -9.49 -95.14
CA UNK J 131 -24.51 -8.44 -94.18
C UNK J 131 -25.06 -7.26 -94.90
N UNK J 132 -26.24 -6.78 -94.48
CA UNK J 132 -26.91 -5.66 -95.09
C UNK J 132 -26.88 -4.53 -94.10
N UNK J 133 -26.36 -3.35 -94.49
CA UNK J 133 -26.13 -2.26 -93.54
C UNK J 133 -27.07 -1.14 -93.88
N UNK J 134 -27.72 -0.57 -92.85
CA UNK J 134 -28.43 0.69 -92.98
C UNK J 134 -27.74 1.71 -92.13
N UNK J 135 -27.64 2.94 -92.64
CA UNK J 135 -27.05 4.07 -92.00
C UNK J 135 -28.09 5.12 -91.80
N UNK J 136 -28.19 5.66 -90.58
CA UNK J 136 -28.95 6.84 -90.25
C UNK J 136 -27.92 7.89 -89.88
N UNK J 137 -27.86 9.02 -90.61
CA UNK J 137 -26.74 9.93 -90.49
C UNK J 137 -27.18 11.30 -89.97
N UNK J 138 -26.46 11.80 -88.96
CA UNK J 138 -26.51 13.17 -88.44
C UNK J 138 -27.84 13.63 -87.86
N UNK J 139 -28.37 12.92 -86.84
CA UNK J 139 -29.68 13.17 -86.27
C UNK J 139 -29.69 13.49 -84.78
N UNK J 140 -30.81 14.04 -84.29
CA UNK J 140 -30.98 14.27 -82.86
C UNK J 140 -32.47 14.14 -82.54
N UNK J 141 -32.94 13.56 -81.44
CA UNK J 141 -32.16 12.96 -80.35
C UNK J 141 -31.62 11.61 -80.71
N UNK J 142 -30.85 11.00 -79.79
CA UNK J 142 -30.18 9.72 -79.93
C UNK J 142 -31.12 8.55 -80.16
N UNK J 143 -32.33 8.61 -79.57
CA UNK J 143 -33.40 7.66 -79.79
C UNK J 143 -33.91 7.62 -81.23
N UNK J 144 -33.98 6.40 -81.79
CA UNK J 144 -34.46 6.15 -83.12
C UNK J 144 -34.99 4.73 -83.09
N UNK J 145 -35.87 4.36 -84.03
CA UNK J 145 -36.25 2.97 -84.19
C UNK J 145 -35.95 2.56 -85.61
N UNK J 146 -35.20 1.46 -85.77
CA UNK J 146 -34.91 0.84 -87.04
C UNK J 146 -35.65 -0.47 -87.15
N UNK J 147 -36.39 -0.70 -88.25
CA UNK J 147 -37.03 -1.97 -88.52
C UNK J 147 -36.60 -2.50 -89.87
N UNK J 148 -36.02 -3.71 -89.90
CA UNK J 148 -35.70 -4.39 -91.13
C UNK J 148 -36.89 -5.18 -91.65
N UNK J 149 -37.12 -5.12 -92.97
CA UNK J 149 -38.16 -5.84 -93.66
C UNK J 149 -37.56 -6.54 -94.86
N UNK J 150 -37.80 -7.86 -94.99
CA UNK J 150 -37.28 -8.68 -96.09
C UNK J 150 -38.48 -9.27 -96.79
N UNK J 151 -38.76 -8.88 -98.05
CA UNK J 151 -39.99 -9.16 -98.78
C UNK J 151 -41.26 -8.93 -97.95
N UNK J 152 -41.30 -7.75 -97.30
CA UNK J 152 -42.32 -7.29 -96.36
C UNK J 152 -42.40 -8.04 -95.03
N UNK J 153 -41.61 -9.12 -94.82
CA UNK J 153 -41.56 -9.82 -93.56
C UNK J 153 -40.63 -9.14 -92.56
N UNK J 154 -41.19 -8.76 -91.39
CA UNK J 154 -40.45 -8.17 -90.30
C UNK J 154 -39.38 -9.10 -89.72
N UNK J 155 -38.17 -8.56 -89.50
CA UNK J 155 -37.05 -9.33 -89.01
C UNK J 155 -36.89 -9.20 -87.50
N UNK J 156 -36.33 -10.24 -86.86
CA UNK J 156 -36.10 -10.24 -85.43
C UNK J 156 -34.86 -11.09 -85.15
N UNK J 157 -33.99 -10.64 -84.22
CA UNK J 157 -32.88 -11.44 -83.70
C UNK J 157 -31.65 -11.57 -84.57
N UNK J 158 -31.66 -10.96 -85.76
CA UNK J 158 -30.60 -11.11 -86.75
C UNK J 158 -29.96 -9.77 -87.12
N UNK J 159 -30.22 -8.73 -86.32
CA UNK J 159 -29.66 -7.41 -86.53
C UNK J 159 -29.03 -6.88 -85.28
N UNK J 160 -28.06 -5.97 -85.44
CA UNK J 160 -27.43 -5.29 -84.34
C UNK J 160 -27.21 -3.86 -84.72
N UNK J 161 -27.35 -2.96 -83.73
CA UNK J 161 -27.22 -1.54 -83.90
C UNK J 161 -25.98 -1.01 -83.23
N UNK J 162 -25.50 0.13 -83.72
CA UNK J 162 -24.38 0.82 -83.13
C UNK J 162 -24.57 2.30 -83.35
N UNK J 163 -24.23 3.13 -82.36
CA UNK J 163 -24.53 4.54 -82.37
C UNK J 163 -23.25 5.26 -82.11
N UNK J 164 -22.89 6.23 -82.95
CA UNK J 164 -21.74 7.10 -82.69
C UNK J 164 -21.84 7.90 -81.42
N UNK J 165 -20.68 8.25 -80.86
CA UNK J 165 -20.59 9.30 -79.90
C UNK J 165 -20.98 10.63 -80.47
N UNK J 166 -21.53 11.51 -79.62
CA UNK J 166 -22.08 12.78 -80.05
C UNK J 166 -21.06 13.68 -80.73
N UNK J 167 -21.42 14.26 -81.90
CA UNK J 167 -20.53 15.10 -82.66
C UNK J 167 -20.06 16.34 -81.88
N UNK J 168 -18.84 16.81 -82.17
CA UNK J 168 -18.20 17.89 -81.45
C UNK J 168 -18.41 19.23 -82.13
N UNK J 169 -19.23 19.28 -83.20
CA UNK J 169 -19.53 20.50 -83.91
C UNK J 169 -21.02 20.77 -84.03
N UNK J 170 -21.82 19.79 -84.52
CA UNK J 170 -23.25 20.03 -84.70
C UNK J 170 -24.08 19.44 -83.58
N UNK J 171 -23.46 18.51 -82.84
CA UNK J 171 -23.98 17.85 -81.66
C UNK J 171 -24.97 16.76 -81.98
N UNK J 172 -24.92 16.19 -83.19
CA UNK J 172 -25.78 15.13 -83.64
C UNK J 172 -25.22 13.73 -83.37
N UNK J 173 -25.99 12.68 -83.68
CA UNK J 173 -25.60 11.30 -83.55
C UNK J 173 -25.82 10.62 -84.89
N UNK J 174 -25.12 9.51 -85.16
CA UNK J 174 -25.37 8.70 -86.32
C UNK J 174 -25.53 7.28 -85.83
N UNK J 175 -26.21 6.41 -86.59
CA UNK J 175 -26.56 5.07 -86.16
C UNK J 175 -26.38 4.16 -87.34
N UNK J 176 -25.76 2.99 -87.12
CA UNK J 176 -25.72 1.91 -88.09
C UNK J 176 -26.53 0.78 -87.56
N UNK J 177 -27.23 0.09 -88.45
CA UNK J 177 -27.91 -1.15 -88.14
C UNK J 177 -27.44 -2.13 -89.17
N UNK J 178 -26.97 -3.30 -88.73
CA UNK J 178 -26.43 -4.32 -89.62
C UNK J 178 -27.29 -5.53 -89.46
N UNK J 179 -27.94 -5.97 -90.56
CA UNK J 179 -28.73 -7.18 -90.66
C UNK J 179 -27.84 -8.27 -91.23
N UNK J 180 -27.66 -9.39 -90.51
CA UNK J 180 -26.73 -10.44 -90.94
C UNK J 180 -27.50 -11.71 -91.21
N UNK J 181 -27.33 -12.30 -92.41
CA UNK J 181 -27.97 -13.54 -92.81
C UNK J 181 -26.90 -14.46 -93.38
N UNK J 182 -27.21 -15.75 -93.57
CA UNK J 182 -26.42 -16.60 -94.45
C UNK J 182 -26.59 -16.18 -95.90
N UNK J 183 -25.62 -16.50 -96.79
CA UNK J 183 -25.80 -16.30 -98.22
C UNK J 183 -27.01 -17.05 -98.77
N UNK J 184 -27.21 -18.30 -98.30
CA UNK J 184 -28.29 -19.15 -98.73
C UNK J 184 -29.67 -18.58 -98.43
N UNK J 185 -29.84 -17.99 -97.24
CA UNK J 185 -31.03 -17.26 -96.85
C UNK J 185 -31.19 -15.92 -97.56
N UNK J 186 -30.08 -15.18 -97.79
CA UNK J 186 -30.06 -13.96 -98.56
C UNK J 186 -30.55 -14.15 -99.99
N UNK J 187 -30.16 -15.26 -100.64
CA UNK J 187 -30.56 -15.57 -102.00
C UNK J 187 -32.01 -16.02 -102.16
N UNK J 188 -32.73 -16.33 -101.05
CA UNK J 188 -34.13 -16.72 -101.12
C UNK J 188 -35.10 -15.57 -101.30
N UNK J 189 -34.70 -14.33 -101.01
CA UNK J 189 -35.60 -13.19 -100.98
C UNK J 189 -35.15 -12.13 -101.96
N UNK J 190 -36.00 -11.14 -102.26
CA UNK J 190 -35.77 -10.11 -103.25
C UNK J 190 -35.62 -8.73 -102.64
N UNK J 191 -36.62 -8.25 -101.89
CA UNK J 191 -36.68 -6.88 -101.40
C UNK J 191 -36.05 -6.80 -100.03
N UNK J 192 -35.00 -5.98 -99.88
CA UNK J 192 -34.37 -5.72 -98.62
C UNK J 192 -34.59 -4.28 -98.28
N UNK J 193 -35.35 -4.01 -97.20
CA UNK J 193 -35.75 -2.69 -96.82
C UNK J 193 -35.49 -2.42 -95.37
N UNK J 194 -35.14 -1.16 -95.06
CA UNK J 194 -35.05 -0.68 -93.70
C UNK J 194 -36.00 0.49 -93.56
N UNK J 195 -36.84 0.44 -92.51
CA UNK J 195 -37.78 1.46 -92.14
C UNK J 195 -37.26 2.20 -90.92
N UNK J 196 -37.16 3.54 -90.99
CA UNK J 196 -36.61 4.37 -89.93
C UNK J 196 -37.69 5.25 -89.36
N UNK J 197 -37.93 5.14 -88.04
CA UNK J 197 -38.87 5.99 -87.32
C UNK J 197 -38.08 6.86 -86.38
N UNK J 198 -38.29 8.18 -86.42
CA UNK J 198 -37.53 9.12 -85.61
C UNK J 198 -38.39 10.34 -85.39
N UNK J 199 -38.15 11.11 -84.32
CA UNK J 199 -38.97 12.27 -83.96
C UNK J 199 -38.75 13.49 -84.86
N UNK J 200 -37.66 13.49 -85.65
CA UNK J 200 -37.41 14.50 -86.68
C UNK J 200 -38.11 14.22 -87.98
N UNK J 201 -38.85 13.11 -88.08
CA UNK J 201 -39.54 12.70 -89.28
C UNK J 201 -41.04 12.71 -89.04
N UNK J 202 -41.82 13.27 -89.98
CA UNK J 202 -43.29 13.27 -89.93
C UNK J 202 -43.91 11.90 -89.96
N UNK J 203 -43.29 10.99 -90.73
CA UNK J 203 -43.74 9.63 -90.90
C UNK J 203 -42.49 8.80 -91.16
N UNK J 204 -42.46 7.49 -90.91
CA UNK J 204 -41.31 6.63 -91.23
C UNK J 204 -40.68 6.77 -92.60
N UNK J 205 -39.34 6.73 -92.67
CA UNK J 205 -38.61 6.80 -93.93
C UNK J 205 -38.05 5.44 -94.24
N UNK J 206 -38.41 4.89 -95.42
CA UNK J 206 -37.94 3.59 -95.87
C UNK J 206 -36.89 3.77 -96.92
N UNK J 207 -35.79 3.00 -96.84
CA UNK J 207 -34.82 2.85 -97.91
C UNK J 207 -34.70 1.37 -98.21
N UNK J 208 -34.58 1.02 -99.49
CA UNK J 208 -34.64 -0.36 -99.92
C UNK J 208 -33.83 -0.60 -101.16
N UNK J 209 -33.53 -1.88 -101.43
CA UNK J 209 -32.94 -2.28 -102.68
C UNK J 209 -33.54 -3.62 -103.10
N UNK J 210 -33.25 -4.04 -104.35
CA UNK J 210 -33.63 -5.35 -104.85
C UNK J 210 -32.35 -6.14 -104.92
N UNK J 211 -32.35 -7.39 -104.47
CA UNK J 211 -31.20 -8.26 -104.67
C UNK J 211 -31.03 -8.70 -106.12
N UNK J 212 -29.96 -8.21 -106.77
CA UNK J 212 -29.67 -8.51 -108.16
C UNK J 212 -30.06 -7.36 -109.10
N UNK K 1 -71.07 -62.26 26.09
CA UNK K 1 -71.53 -62.80 24.76
C UNK K 1 -72.09 -61.78 23.79
N UNK K 2 -71.61 -60.52 23.81
CA UNK K 2 -71.62 -59.65 22.64
C UNK K 2 -70.68 -60.22 21.58
N UNK K 3 -71.06 -60.17 20.29
CA UNK K 3 -70.30 -60.77 19.23
C UNK K 3 -70.45 -60.02 17.91
N UNK K 4 -69.35 -59.92 17.15
CA UNK K 4 -69.34 -59.57 15.75
C UNK K 4 -68.60 -60.69 15.05
N UNK K 5 -69.19 -61.28 13.99
CA UNK K 5 -68.53 -62.35 13.25
C UNK K 5 -68.56 -62.10 11.76
N UNK K 6 -67.38 -61.86 11.15
CA UNK K 6 -67.20 -61.81 9.72
C UNK K 6 -67.36 -63.14 8.97
N UNK K 7 -67.78 -63.06 7.70
CA UNK K 7 -67.74 -64.15 6.73
C UNK K 7 -67.57 -63.58 5.33
N UNK K 8 -67.45 -64.45 4.30
CA UNK K 8 -67.05 -64.05 2.95
C UNK K 8 -65.56 -63.94 2.63
N UNK K 9 -64.54 -64.49 3.30
CA UNK K 9 -63.17 -64.40 2.82
C UNK K 9 -62.92 -65.19 1.57
N UNK K 10 -61.73 -65.01 0.98
CA UNK K 10 -61.34 -65.86 -0.13
C UNK K 10 -60.29 -65.22 -0.99
N UNK K 11 -59.95 -65.95 -2.05
CA UNK K 11 -58.99 -65.58 -3.05
C UNK K 11 -59.71 -65.19 -4.32
N UNK K 12 -59.57 -63.92 -4.73
CA UNK K 12 -60.37 -63.33 -5.78
C UNK K 12 -59.43 -62.77 -6.84
N UNK K 13 -59.77 -62.90 -8.14
CA UNK K 13 -58.89 -62.41 -9.20
C UNK K 13 -59.00 -60.89 -9.37
N UNK K 14 -57.96 -60.16 -9.77
CA UNK K 14 -58.04 -58.76 -10.17
C UNK K 14 -59.21 -58.37 -11.08
N UNK K 15 -59.84 -57.21 -10.78
CA UNK K 15 -60.96 -56.66 -11.54
C UNK K 15 -62.26 -57.41 -11.36
N UNK K 16 -62.32 -58.37 -10.41
CA UNK K 16 -63.54 -59.08 -10.07
C UNK K 16 -64.18 -58.46 -8.85
N UNK K 17 -65.14 -59.16 -8.21
CA UNK K 17 -65.94 -58.65 -7.11
C UNK K 17 -65.91 -59.62 -5.95
N UNK K 18 -66.24 -59.16 -4.73
CA UNK K 18 -66.37 -60.02 -3.58
C UNK K 18 -67.30 -59.33 -2.60
N UNK K 19 -67.98 -60.07 -1.71
CA UNK K 19 -68.88 -59.48 -0.73
C UNK K 19 -68.56 -60.05 0.63
N UNK K 20 -68.47 -59.17 1.65
CA UNK K 20 -68.14 -59.54 3.00
C UNK K 20 -69.33 -59.31 3.89
N UNK K 21 -69.60 -60.25 4.79
CA UNK K 21 -70.76 -60.23 5.67
C UNK K 21 -70.24 -60.13 7.08
N UNK K 22 -70.82 -59.30 7.95
CA UNK K 22 -70.53 -59.29 9.37
C UNK K 22 -71.84 -59.40 10.13
N UNK K 23 -71.98 -60.50 10.89
CA UNK K 23 -73.18 -60.80 11.64
C UNK K 23 -73.02 -60.31 13.06
N UNK K 24 -74.05 -59.60 13.59
CA UNK K 24 -74.01 -58.96 14.89
C UNK K 24 -74.91 -59.70 15.87
N UNK K 25 -74.42 -60.04 17.07
CA UNK K 25 -75.29 -60.65 18.07
C UNK K 25 -74.90 -60.27 19.49
N UNK K 26 -75.88 -60.35 20.42
CA UNK K 26 -75.72 -59.95 21.81
C UNK K 26 -75.67 -58.46 22.07
N UNK K 27 -75.99 -58.08 23.32
CA UNK K 27 -76.10 -56.67 23.71
C UNK K 27 -77.34 -56.46 24.53
N UNK K 28 -77.55 -55.22 24.96
CA UNK K 28 -78.66 -54.80 25.81
C UNK K 28 -79.55 -53.80 25.10
N UNK K 29 -79.41 -53.72 23.76
CA UNK K 29 -79.96 -52.64 22.95
C UNK K 29 -80.60 -53.24 21.72
N UNK K 30 -81.44 -52.46 21.01
CA UNK K 30 -82.00 -52.84 19.72
C UNK K 30 -80.98 -52.85 18.59
N UNK K 31 -81.18 -53.73 17.60
CA UNK K 31 -80.39 -53.67 16.38
C UNK K 31 -80.67 -52.43 15.55
N UNK K 32 -79.60 -51.71 15.16
CA UNK K 32 -79.71 -50.37 14.59
C UNK K 32 -79.16 -49.31 15.51
N UNK K 33 -78.97 -49.62 16.81
CA UNK K 33 -78.33 -48.69 17.75
C UNK K 33 -76.80 -48.72 17.65
N UNK K 34 -76.20 -49.01 16.49
CA UNK K 34 -74.76 -49.00 16.37
C UNK K 34 -74.39 -48.37 15.05
N UNK K 35 -73.24 -47.70 15.03
CA UNK K 35 -72.54 -47.33 13.84
C UNK K 35 -71.54 -48.43 13.58
N UNK K 36 -71.28 -48.74 12.31
CA UNK K 36 -70.40 -49.83 11.96
C UNK K 36 -69.34 -49.34 11.01
N UNK K 37 -68.10 -49.79 11.26
CA UNK K 37 -66.94 -49.52 10.46
C UNK K 37 -66.50 -50.80 9.78
N UNK K 38 -65.91 -50.69 8.58
CA UNK K 38 -65.02 -51.72 8.08
C UNK K 38 -63.61 -51.14 8.10
N UNK K 39 -62.67 -51.94 8.59
CA UNK K 39 -61.27 -51.60 8.75
C UNK K 39 -60.51 -52.69 8.02
N UNK K 40 -59.40 -52.40 7.34
CA UNK K 40 -58.56 -53.48 6.84
C UNK K 40 -57.13 -53.33 7.28
N UNK K 41 -56.45 -54.47 7.50
CA UNK K 41 -55.04 -54.51 7.79
C UNK K 41 -54.36 -55.39 6.77
N UNK K 42 -53.54 -54.77 5.91
CA UNK K 42 -52.72 -55.46 4.93
C UNK K 42 -51.60 -56.27 5.59
N UNK K 43 -51.06 -57.32 5.01
CA UNK K 43 -49.86 -57.99 5.53
C UNK K 43 -48.69 -57.06 5.81
N UNK K 44 -48.19 -57.07 7.06
CA UNK K 44 -47.11 -56.26 7.57
C UNK K 44 -47.35 -54.75 7.51
N UNK K 45 -48.57 -54.28 7.86
CA UNK K 45 -48.93 -52.88 7.86
C UNK K 45 -49.84 -52.54 9.03
N UNK K 46 -50.08 -51.22 9.25
CA UNK K 46 -51.08 -50.71 10.17
C UNK K 46 -52.51 -50.81 9.70
N UNK K 47 -53.43 -50.17 10.44
CA UNK K 47 -54.86 -50.22 10.20
C UNK K 47 -55.33 -49.16 9.20
N UNK K 48 -56.03 -49.57 8.13
CA UNK K 48 -56.64 -48.67 7.17
C UNK K 48 -58.14 -48.64 7.38
N UNK K 49 -58.72 -47.43 7.57
CA UNK K 49 -60.17 -47.25 7.65
C UNK K 49 -60.80 -47.28 6.26
N UNK K 50 -61.83 -48.13 6.06
CA UNK K 50 -62.43 -48.36 4.74
C UNK K 50 -63.72 -47.59 4.54
N UNK K 51 -64.67 -47.67 5.49
CA UNK K 51 -65.97 -47.06 5.30
C UNK K 51 -66.85 -47.21 6.50
N UNK K 52 -67.96 -46.43 6.55
CA UNK K 52 -68.91 -46.47 7.66
C UNK K 52 -70.37 -46.51 7.23
N UNK K 53 -71.24 -46.98 8.14
CA UNK K 53 -72.69 -46.87 8.02
C UNK K 53 -73.28 -46.91 9.42
N UNK K 54 -74.49 -46.33 9.65
CA UNK K 54 -75.19 -46.42 10.92
C UNK K 54 -76.61 -46.87 10.66
N UNK K 55 -77.59 -45.95 10.59
CA UNK K 55 -79.00 -46.29 10.48
C UNK K 55 -79.40 -46.46 9.02
N UNK K 56 -78.42 -46.64 8.15
CA UNK K 56 -78.69 -46.79 6.72
C UNK K 56 -78.68 -45.42 6.06
N UNK K 57 -77.69 -44.60 6.40
CA UNK K 57 -77.59 -43.27 5.81
C UNK K 57 -76.20 -42.68 5.97
N UNK K 58 -75.73 -42.56 7.21
CA UNK K 58 -74.41 -42.00 7.46
C UNK K 58 -73.33 -42.89 6.88
N UNK K 59 -72.96 -42.65 5.62
CA UNK K 59 -71.94 -43.47 4.97
C UNK K 59 -70.72 -42.65 4.58
N UNK K 60 -69.70 -43.32 4.05
CA UNK K 60 -68.50 -42.63 3.63
C UNK K 60 -67.46 -43.68 3.36
N UNK K 61 -66.45 -43.37 2.52
CA UNK K 61 -65.54 -44.35 1.96
C UNK K 61 -64.17 -43.73 1.81
N UNK K 62 -63.09 -44.49 2.08
CA UNK K 62 -61.72 -44.09 1.78
C UNK K 62 -61.49 -43.92 0.26
N UNK K 63 -60.74 -42.95 -0.29
CA UNK K 63 -60.41 -42.85 -1.72
C UNK K 63 -59.78 -44.08 -2.33
N UNK K 64 -59.15 -44.95 -1.54
CA UNK K 64 -58.67 -46.25 -2.00
C UNK K 64 -59.78 -47.17 -2.50
N UNK K 65 -60.96 -47.12 -1.87
CA UNK K 65 -62.11 -47.95 -2.17
C UNK K 65 -63.31 -47.15 -2.65
N UNK K 66 -63.22 -45.81 -2.75
CA UNK K 66 -64.33 -44.99 -3.19
C UNK K 66 -64.71 -45.27 -4.64
N UNK K 67 -66.02 -45.50 -4.87
CA UNK K 67 -66.59 -45.90 -6.16
C UNK K 67 -66.24 -47.33 -6.52
N UNK K 68 -65.80 -48.13 -5.52
CA UNK K 68 -65.42 -49.52 -5.68
C UNK K 68 -66.01 -50.36 -4.55
N UNK K 69 -66.27 -49.75 -3.38
CA UNK K 69 -66.86 -50.45 -2.27
C UNK K 69 -68.16 -49.79 -1.85
N UNK K 70 -69.19 -50.62 -1.61
CA UNK K 70 -70.49 -50.17 -1.13
C UNK K 70 -70.74 -50.87 0.17
N UNK K 71 -70.89 -50.11 1.26
CA UNK K 71 -71.25 -50.64 2.56
C UNK K 71 -72.75 -50.59 2.69
N UNK K 72 -73.35 -51.61 3.33
CA UNK K 72 -74.79 -51.63 3.54
C UNK K 72 -75.06 -52.35 4.82
N UNK K 73 -76.30 -52.26 5.34
CA UNK K 73 -76.63 -52.88 6.59
C UNK K 73 -78.08 -53.32 6.50
N UNK K 74 -78.40 -54.47 7.10
CA UNK K 74 -79.74 -54.95 7.25
C UNK K 74 -80.00 -55.04 8.75
N UNK K 75 -80.92 -54.20 9.25
CA UNK K 75 -81.23 -54.12 10.65
C UNK K 75 -82.22 -55.18 11.08
N UNK K 76 -82.92 -55.87 10.15
CA UNK K 76 -83.88 -56.91 10.53
C UNK K 76 -83.20 -58.25 10.76
N UNK K 77 -82.02 -58.44 10.14
CA UNK K 77 -81.27 -59.67 10.21
C UNK K 77 -80.02 -59.54 11.08
N UNK K 78 -79.74 -58.33 11.59
CA UNK K 78 -78.54 -57.99 12.33
C UNK K 78 -77.25 -58.17 11.53
N UNK K 79 -77.24 -57.72 10.26
CA UNK K 79 -76.15 -58.00 9.34
C UNK K 79 -75.61 -56.74 8.75
N UNK K 80 -74.28 -56.55 8.84
CA UNK K 80 -73.53 -55.53 8.18
C UNK K 80 -72.87 -56.13 6.95
N UNK K 81 -72.88 -55.43 5.80
CA UNK K 81 -72.32 -55.97 4.57
C UNK K 81 -71.32 -55.01 3.95
N UNK K 82 -70.27 -55.53 3.29
CA UNK K 82 -69.42 -54.76 2.41
C UNK K 82 -69.36 -55.42 1.05
N UNK K 83 -69.94 -54.78 0.01
CA UNK K 83 -69.80 -55.25 -1.35
C UNK K 83 -68.62 -54.55 -1.96
N UNK K 84 -67.64 -55.31 -2.48
CA UNK K 84 -66.43 -54.78 -3.05
C UNK K 84 -66.37 -55.15 -4.51
N UNK K 85 -66.11 -54.18 -5.40
CA UNK K 85 -66.04 -54.35 -6.84
C UNK K 85 -64.71 -53.85 -7.37
N UNK K 86 -64.26 -54.41 -8.51
CA UNK K 86 -63.02 -54.03 -9.17
C UNK K 86 -61.79 -54.17 -8.29
N UNK K 87 -61.61 -55.35 -7.68
CA UNK K 87 -60.53 -55.64 -6.74
C UNK K 87 -59.13 -55.50 -7.32
N UNK K 88 -58.16 -54.97 -6.53
CA UNK K 88 -56.78 -54.77 -6.95
C UNK K 88 -55.87 -55.51 -5.99
N UNK K 89 -54.59 -55.71 -6.36
CA UNK K 89 -53.61 -56.36 -5.52
C UNK K 89 -53.34 -55.66 -4.20
N UNK K 90 -53.65 -54.35 -4.13
CA UNK K 90 -53.46 -53.51 -2.98
C UNK K 90 -54.68 -53.45 -2.07
N UNK K 91 -55.72 -54.26 -2.35
CA UNK K 91 -56.81 -54.46 -1.42
C UNK K 91 -56.61 -55.71 -0.58
N UNK K 92 -55.55 -56.51 -0.84
CA UNK K 92 -55.26 -57.76 -0.14
C UNK K 92 -54.97 -57.61 1.35
N UNK K 93 -55.94 -57.98 2.21
CA UNK K 93 -55.87 -57.62 3.60
C UNK K 93 -56.79 -58.46 4.46
N UNK K 94 -56.55 -58.41 5.79
CA UNK K 94 -57.51 -58.87 6.77
C UNK K 94 -58.49 -57.76 7.02
N UNK K 95 -59.77 -57.97 6.69
CA UNK K 95 -60.83 -57.02 6.90
C UNK K 95 -61.50 -57.29 8.22
N UNK K 96 -61.70 -56.27 9.06
CA UNK K 96 -62.35 -56.37 10.34
C UNK K 96 -63.62 -55.53 10.28
N UNK K 97 -64.72 -56.02 10.85
CA UNK K 97 -65.85 -55.16 11.19
C UNK K 97 -65.71 -54.67 12.62
N UNK K 98 -66.14 -53.44 12.90
CA UNK K 98 -66.07 -52.88 14.24
C UNK K 98 -67.25 -51.98 14.45
N UNK K 99 -67.75 -51.86 15.69
CA UNK K 99 -68.98 -51.15 15.98
C UNK K 99 -68.72 -49.97 16.90
N UNK K 100 -69.33 -48.81 16.61
CA UNK K 100 -69.12 -47.61 17.39
C UNK K 100 -70.44 -47.17 18.00
N UNK K 101 -70.39 -46.71 19.26
CA UNK K 101 -71.53 -46.20 19.99
C UNK K 101 -71.50 -44.67 20.04
N UNK K 102 -70.45 -44.02 19.52
CA UNK K 102 -70.35 -42.56 19.46
C UNK K 102 -71.40 -41.95 18.53
N UNK K 103 -71.65 -42.62 17.39
CA UNK K 103 -72.49 -42.10 16.32
C UNK K 103 -73.84 -42.82 16.27
N UNK K 104 -74.21 -43.58 17.33
CA UNK K 104 -75.55 -44.16 17.41
C UNK K 104 -76.66 -43.14 17.67
N UNK K 105 -77.89 -43.38 17.15
CA UNK K 105 -78.99 -42.43 17.33
C UNK K 105 -79.43 -42.22 18.78
N UNK K 106 -79.48 -43.28 19.59
CA UNK K 106 -79.95 -43.20 20.97
C UNK K 106 -78.96 -42.55 21.93
N UNK K 107 -77.68 -42.37 21.54
CA UNK K 107 -76.75 -41.44 22.20
C UNK K 107 -76.43 -41.66 23.67
N UNK K 108 -76.45 -42.91 24.15
CA UNK K 108 -76.24 -43.25 25.55
C UNK K 108 -74.74 -43.24 25.89
N UNK K 109 -74.07 -42.08 25.74
CA UNK K 109 -72.62 -41.91 25.73
C UNK K 109 -71.89 -42.37 26.99
N UNK K 110 -72.54 -42.29 28.15
CA UNK K 110 -72.03 -42.76 29.43
C UNK K 110 -71.69 -44.24 29.48
N UNK K 111 -72.42 -45.07 28.71
CA UNK K 111 -72.32 -46.52 28.73
C UNK K 111 -71.66 -47.03 27.46
N UNK K 112 -70.74 -46.24 26.87
CA UNK K 112 -70.00 -46.54 25.66
C UNK K 112 -69.24 -47.87 25.64
N UNK K 113 -69.44 -48.65 24.55
CA UNK K 113 -68.60 -49.77 24.23
C UNK K 113 -68.40 -49.86 22.73
N UNK K 114 -67.14 -49.88 22.26
CA UNK K 114 -66.71 -50.51 21.02
C UNK K 114 -67.01 -52.03 20.98
N UNK K 115 -66.47 -52.74 19.97
CA UNK K 115 -66.35 -54.18 19.81
C UNK K 115 -65.91 -54.43 18.38
N UNK K 116 -64.89 -55.28 18.18
CA UNK K 116 -64.32 -55.60 16.90
C UNK K 116 -64.56 -57.07 16.61
N UNK K 117 -64.76 -57.43 15.34
CA UNK K 117 -64.83 -58.82 14.89
C UNK K 117 -63.50 -59.56 14.93
N UNK K 118 -63.47 -60.75 14.33
CA UNK K 118 -62.31 -61.62 14.43
C UNK K 118 -61.42 -61.50 13.21
N UNK K 119 -61.91 -60.83 12.15
CA UNK K 119 -61.16 -60.57 10.94
C UNK K 119 -61.33 -61.62 9.88
N UNK K 120 -61.41 -61.17 8.61
CA UNK K 120 -61.66 -62.01 7.46
C UNK K 120 -60.69 -61.70 6.35
N UNK K 121 -60.01 -62.71 5.78
CA UNK K 121 -58.91 -62.50 4.85
C UNK K 121 -59.37 -62.45 3.41
N UNK K 122 -59.07 -61.33 2.72
CA UNK K 122 -59.33 -61.18 1.30
C UNK K 122 -57.99 -61.12 0.61
N UNK K 123 -57.73 -62.05 -0.32
CA UNK K 123 -56.46 -62.11 -1.04
C UNK K 123 -56.78 -61.87 -2.49
N UNK K 124 -56.12 -60.90 -3.14
CA UNK K 124 -56.36 -60.58 -4.54
C UNK K 124 -55.15 -61.00 -5.36
N UNK K 125 -55.31 -62.03 -6.21
CA UNK K 125 -54.22 -62.66 -6.95
C UNK K 125 -54.84 -63.61 -7.96
N UNK K 126 -54.05 -64.32 -8.78
CA UNK K 126 -54.60 -65.45 -9.53
C UNK K 126 -54.82 -66.65 -8.62
N UNK K 127 -56.07 -67.16 -8.56
CA UNK K 127 -56.53 -68.16 -7.63
C UNK K 127 -55.98 -69.59 -7.67
N UNK K 128 -56.00 -70.26 -6.48
CA UNK K 128 -55.45 -71.57 -6.22
C UNK K 128 -55.66 -71.90 -4.75
N UNK K 129 -55.48 -73.18 -4.35
CA UNK K 129 -55.47 -73.59 -2.94
C UNK K 129 -54.62 -74.83 -2.83
N UNK K 130 -53.92 -75.05 -1.70
CA UNK K 130 -53.24 -76.30 -1.44
C UNK K 130 -53.25 -76.55 0.06
N UNK K 131 -53.67 -77.76 0.49
CA UNK K 131 -53.66 -78.14 1.91
C UNK K 131 -52.31 -78.58 2.40
N UNK K 132 -51.99 -78.43 3.68
CA UNK K 132 -50.71 -78.83 4.22
C UNK K 132 -50.61 -80.31 4.46
N UNK K 133 -49.40 -80.85 4.29
CA UNK K 133 -49.07 -82.14 4.87
C UNK K 133 -48.58 -81.92 6.29
N UNK K 134 -49.03 -82.76 7.24
CA UNK K 134 -48.75 -82.55 8.67
C UNK K 134 -47.94 -83.70 9.19
N UNK K 135 -46.78 -83.41 9.80
CA UNK K 135 -45.79 -84.40 10.15
C UNK K 135 -45.40 -84.29 11.62
N UNK K 136 -45.33 -85.36 12.41
CA UNK K 136 -44.88 -85.26 13.80
C UNK K 136 -43.42 -84.92 13.93
N UNK K 137 -43.11 -84.06 14.91
CA UNK K 137 -41.76 -83.79 15.35
C UNK K 137 -41.57 -84.55 16.66
N UNK K 138 -40.87 -85.70 16.60
CA UNK K 138 -40.90 -86.67 17.68
C UNK K 138 -39.91 -86.38 18.81
N UNK K 139 -40.27 -86.45 20.09
CA UNK K 139 -39.33 -86.25 21.19
C UNK K 139 -38.40 -87.44 21.38
N UNK K 140 -37.11 -87.20 21.61
CA UNK K 140 -36.14 -88.27 21.83
C UNK K 140 -35.82 -88.40 23.31
N UNK K 141 -35.67 -89.64 23.81
CA UNK K 141 -35.24 -89.95 25.17
C UNK K 141 -33.91 -89.35 25.56
N UNK K 142 -33.00 -89.19 24.57
CA UNK K 142 -31.70 -88.55 24.75
C UNK K 142 -31.80 -87.04 24.79
N UNK K 143 -32.95 -86.47 24.39
CA UNK K 143 -33.19 -85.03 24.37
C UNK K 143 -33.95 -84.58 25.60
N UNK K 144 -34.09 -85.47 26.63
CA UNK K 144 -34.59 -85.13 27.96
C UNK K 144 -33.73 -84.07 28.62
N UNK K 145 -34.26 -82.84 28.73
CA UNK K 145 -33.50 -81.69 29.20
C UNK K 145 -34.08 -81.27 30.52
N UNK K 146 -33.43 -81.65 31.64
CA UNK K 146 -33.88 -81.31 33.00
C UNK K 146 -35.28 -81.77 33.39
N UNK K 147 -35.74 -82.91 32.84
CA UNK K 147 -37.11 -83.40 33.04
C UNK K 147 -38.12 -82.87 32.04
N UNK K 148 -37.66 -82.04 31.09
CA UNK K 148 -38.50 -81.44 30.06
C UNK K 148 -38.13 -82.03 28.73
N UNK K 149 -39.15 -82.43 27.94
CA UNK K 149 -39.00 -82.86 26.57
C UNK K 149 -39.78 -81.91 25.70
N UNK K 150 -39.36 -81.72 24.44
CA UNK K 150 -40.13 -80.95 23.50
C UNK K 150 -40.64 -81.89 22.44
N UNK K 151 -41.84 -81.62 21.91
CA UNK K 151 -42.40 -82.33 20.79
C UNK K 151 -43.13 -81.33 19.96
N UNK K 152 -43.52 -81.69 18.73
CA UNK K 152 -44.24 -80.74 17.92
C UNK K 152 -44.82 -81.37 16.72
N UNK K 153 -45.26 -80.53 15.79
CA UNK K 153 -45.65 -80.96 14.47
C UNK K 153 -45.30 -79.90 13.48
N UNK K 154 -44.96 -80.35 12.27
CA UNK K 154 -44.58 -79.53 11.16
C UNK K 154 -45.73 -79.53 10.18
N UNK K 155 -46.14 -78.34 9.74
CA UNK K 155 -47.26 -78.13 8.86
C UNK K 155 -46.71 -77.56 7.57
N UNK K 156 -46.65 -78.37 6.51
CA UNK K 156 -45.79 -78.08 5.39
C UNK K 156 -46.51 -78.03 4.05
N UNK K 157 -46.10 -77.07 3.19
CA UNK K 157 -46.41 -77.00 1.77
C UNK K 157 -47.84 -76.59 1.47
N UNK K 158 -48.35 -75.56 2.17
CA UNK K 158 -49.70 -75.07 2.01
C UNK K 158 -49.78 -73.71 1.33
N UNK K 159 -50.96 -73.39 0.77
CA UNK K 159 -51.21 -72.08 0.21
C UNK K 159 -52.72 -71.82 0.22
N UNK K 160 -53.21 -70.59 0.37
CA UNK K 160 -52.54 -69.44 0.98
C UNK K 160 -52.56 -69.56 2.50
N UNK K 161 -52.08 -68.53 3.22
CA UNK K 161 -52.30 -68.40 4.64
C UNK K 161 -53.76 -68.23 5.06
N UNK K 162 -54.22 -68.62 6.25
CA UNK K 162 -53.41 -69.11 7.35
C UNK K 162 -53.80 -70.54 7.70
N UNK K 163 -52.96 -71.22 8.47
CA UNK K 163 -53.35 -72.46 9.14
C UNK K 163 -53.53 -72.13 10.61
N UNK K 164 -54.38 -72.87 11.32
CA UNK K 164 -54.47 -72.76 12.77
C UNK K 164 -54.07 -74.09 13.35
N UNK K 165 -53.28 -74.08 14.45
CA UNK K 165 -52.79 -75.29 15.10
C UNK K 165 -53.18 -75.24 16.55
N UNK K 166 -53.87 -76.29 17.04
CA UNK K 166 -54.21 -76.47 18.44
C UNK K 166 -53.55 -77.74 18.92
N UNK K 167 -53.42 -77.95 20.25
CA UNK K 167 -52.91 -79.19 20.80
C UNK K 167 -53.93 -79.81 21.73
N UNK K 168 -54.22 -81.11 21.53
CA UNK K 168 -55.17 -81.92 22.28
C UNK K 168 -56.56 -81.29 22.34
N UNK K 169 -57.03 -80.76 21.19
CA UNK K 169 -58.30 -80.06 21.03
C UNK K 169 -58.43 -78.82 21.88
N UNK K 170 -57.29 -78.16 22.16
CA UNK K 170 -57.21 -76.98 23.01
C UNK K 170 -56.93 -77.27 24.47
N UNK K 171 -56.80 -78.55 24.84
CA UNK K 171 -56.50 -78.93 26.22
C UNK K 171 -55.04 -78.71 26.62
N UNK K 172 -54.12 -78.55 25.65
CA UNK K 172 -52.74 -78.24 25.94
C UNK K 172 -52.37 -76.90 25.34
N UNK K 173 -52.08 -75.91 26.21
CA UNK K 173 -51.79 -74.54 25.80
C UNK K 173 -50.49 -74.03 26.42
N UNK K 174 -50.05 -74.62 27.55
CA UNK K 174 -48.86 -74.17 28.25
C UNK K 174 -47.59 -74.63 27.56
N UNK K 175 -46.66 -73.70 27.28
CA UNK K 175 -45.39 -74.02 26.60
C UNK K 175 -45.49 -74.17 25.12
N UNK K 176 -46.67 -73.89 24.53
CA UNK K 176 -46.91 -74.00 23.10
C UNK K 176 -46.36 -72.82 22.34
N UNK K 177 -45.50 -73.08 21.34
CA UNK K 177 -45.04 -72.05 20.42
C UNK K 177 -45.43 -72.44 19.03
N UNK K 178 -46.44 -71.76 18.44
CA UNK K 178 -46.76 -71.90 17.03
C UNK K 178 -46.03 -70.79 16.32
N UNK K 179 -45.07 -71.18 15.46
CA UNK K 179 -44.24 -70.26 14.73
C UNK K 179 -45.00 -69.51 13.64
N UNK K 180 -44.71 -68.24 13.32
CA UNK K 180 -45.03 -67.65 12.02
C UNK K 180 -44.68 -68.50 10.82
N UNK K 181 -45.48 -68.45 9.75
CA UNK K 181 -45.13 -69.13 8.52
C UNK K 181 -43.89 -68.59 7.81
N UNK K 182 -43.16 -69.50 7.15
CA UNK K 182 -42.06 -69.13 6.29
C UNK K 182 -42.47 -69.42 4.86
N UNK K 183 -42.15 -68.49 3.92
CA UNK K 183 -42.40 -68.69 2.51
C UNK K 183 -41.24 -69.46 1.91
N UNK K 184 -41.45 -70.72 1.50
CA UNK K 184 -40.38 -71.54 0.96
C UNK K 184 -40.04 -71.20 -0.47
N UNK K 185 -38.88 -71.69 -0.97
CA UNK K 185 -38.42 -71.52 -2.34
C UNK K 185 -39.31 -72.19 -3.39
N UNK K 186 -40.25 -73.03 -2.95
CA UNK K 186 -41.32 -73.61 -3.73
C UNK K 186 -42.51 -72.70 -3.90
N UNK K 187 -42.56 -71.55 -3.19
CA UNK K 187 -43.67 -70.61 -3.21
C UNK K 187 -44.79 -70.98 -2.27
N UNK K 188 -44.60 -72.04 -1.48
CA UNK K 188 -45.59 -72.53 -0.56
C UNK K 188 -45.17 -72.25 0.87
N UNK K 189 -46.14 -72.09 1.77
CA UNK K 189 -45.87 -71.79 3.17
C UNK K 189 -45.57 -73.03 3.99
N UNK K 190 -44.81 -72.87 5.08
CA UNK K 190 -44.55 -73.93 6.02
C UNK K 190 -44.42 -73.33 7.40
N UNK K 191 -44.87 -74.03 8.44
CA UNK K 191 -44.62 -73.63 9.81
C UNK K 191 -44.50 -74.83 10.69
N UNK K 192 -43.94 -74.63 11.90
CA UNK K 192 -43.89 -75.66 12.91
C UNK K 192 -44.67 -75.17 14.10
N UNK K 193 -45.30 -76.10 14.82
CA UNK K 193 -45.87 -75.83 16.13
C UNK K 193 -45.19 -76.78 17.07
N UNK K 194 -44.77 -76.30 18.24
CA UNK K 194 -44.03 -77.09 19.19
C UNK K 194 -44.61 -76.87 20.56
N UNK K 195 -44.32 -77.80 21.48
CA UNK K 195 -44.72 -77.67 22.86
C UNK K 195 -43.68 -78.38 23.72
N UNK K 196 -43.42 -77.88 24.93
CA UNK K 196 -42.56 -78.52 25.91
C UNK K 196 -43.41 -79.15 27.00
N UNK K 197 -43.12 -80.42 27.33
CA UNK K 197 -43.91 -81.22 28.26
C UNK K 197 -42.97 -81.95 29.21
N UNK K 198 -43.39 -82.44 30.37
CA UNK K 198 -42.63 -83.37 31.19
C UNK K 198 -42.18 -84.62 30.45
N UNK K 199 -40.88 -84.98 30.50
CA UNK K 199 -40.36 -86.17 29.84
C UNK K 199 -40.96 -87.47 30.35
N UNK K 200 -41.37 -87.49 31.63
CA UNK K 200 -42.07 -88.58 32.30
C UNK K 200 -43.40 -88.99 31.70
N UNK K 201 -44.04 -88.13 30.88
CA UNK K 201 -45.33 -88.44 30.29
C UNK K 201 -45.22 -88.98 28.88
N UNK K 202 -44.00 -89.06 28.33
CA UNK K 202 -43.76 -89.63 27.02
C UNK K 202 -44.03 -91.12 26.97
N UNK K 203 -44.90 -91.56 26.05
CA UNK K 203 -45.31 -92.96 25.93
C UNK K 203 -46.38 -93.37 26.90
N UNK K 204 -46.86 -92.44 27.76
CA UNK K 204 -47.95 -92.71 28.70
C UNK K 204 -49.12 -91.79 28.45
N UNK K 205 -48.84 -90.56 27.98
CA UNK K 205 -49.83 -89.56 27.64
C UNK K 205 -49.79 -89.30 26.14
N UNK K 206 -50.97 -89.08 25.54
CA UNK K 206 -51.09 -88.87 24.11
C UNK K 206 -51.07 -87.40 23.76
N UNK K 207 -50.30 -87.02 22.72
CA UNK K 207 -50.24 -85.65 22.27
C UNK K 207 -50.67 -85.61 20.83
N UNK K 208 -51.66 -84.76 20.52
CA UNK K 208 -52.26 -84.67 19.21
C UNK K 208 -52.25 -83.23 18.79
N UNK K 209 -51.66 -82.89 17.63
CA UNK K 209 -51.87 -81.57 17.05
C UNK K 209 -53.15 -81.58 16.26
N UNK K 210 -53.89 -80.47 16.25
CA UNK K 210 -55.09 -80.34 15.44
C UNK K 210 -54.82 -79.22 14.47
N UNK K 211 -54.75 -79.50 13.17
CA UNK K 211 -54.37 -78.52 12.16
C UNK K 211 -55.55 -78.25 11.26
N UNK K 212 -55.92 -76.98 11.10
CA UNK K 212 -57.02 -76.57 10.25
C UNK K 212 -56.50 -75.61 9.20
N UNK K 213 -56.74 -75.92 7.91
CA UNK K 213 -56.50 -75.00 6.82
C UNK K 213 -57.82 -74.79 6.11
N UNK K 214 -58.48 -73.66 6.37
CA UNK K 214 -59.79 -73.38 5.78
C UNK K 214 -59.81 -73.30 4.25
N UNK K 215 -58.88 -72.69 3.50
CA UNK K 215 -59.01 -72.58 2.05
C UNK K 215 -59.01 -73.89 1.28
N UNK K 216 -58.49 -74.99 1.86
CA UNK K 216 -58.53 -76.29 1.21
C UNK K 216 -59.55 -77.21 1.85
N UNK K 217 -60.19 -76.77 2.96
CA UNK K 217 -61.05 -77.55 3.83
C UNK K 217 -60.34 -78.70 4.55
N UNK K 218 -59.03 -78.54 4.83
CA UNK K 218 -58.22 -79.59 5.45
C UNK K 218 -58.26 -79.47 6.95
N UNK K 219 -58.75 -80.53 7.62
CA UNK K 219 -58.69 -80.70 9.06
C UNK K 219 -57.93 -81.97 9.33
N UNK K 220 -56.79 -81.89 10.04
CA UNK K 220 -55.92 -83.03 10.29
C UNK K 220 -55.54 -83.09 11.75
N UNK K 221 -55.88 -84.20 12.42
CA UNK K 221 -55.43 -84.49 13.76
C UNK K 221 -54.24 -85.43 13.71
N UNK K 222 -53.09 -85.04 14.30
CA UNK K 222 -51.88 -85.82 14.21
C UNK K 222 -51.33 -86.20 15.57
N UNK K 223 -51.32 -87.51 15.88
CA UNK K 223 -50.62 -88.04 17.03
C UNK K 223 -49.11 -87.88 16.93
N UNK K 224 -48.47 -87.48 18.05
CA UNK K 224 -47.03 -87.34 18.13
C UNK K 224 -46.54 -88.31 19.18
N UNK K 225 -45.74 -89.28 18.75
CA UNK K 225 -45.21 -90.26 19.69
C UNK K 225 -43.84 -89.82 20.21
N UNK K 226 -43.32 -90.53 21.20
CA UNK K 226 -42.02 -90.19 21.76
C UNK K 226 -40.89 -90.72 20.90
N ALA K 227 -41.05 -90.63 19.59
CA ALA K 227 -40.02 -91.10 18.68
C ALA K 227 -38.81 -90.19 18.78
N ALA K 228 -37.70 -90.71 19.28
CA ALA K 228 -36.48 -89.92 19.43
C ALA K 228 -36.41 -88.78 18.42
N ALA K 229 -36.37 -89.13 17.13
CA ALA K 229 -36.29 -88.12 16.09
C ALA K 229 -35.27 -87.04 16.44
N UNK L 1 -58.91 -34.12 3.85
CA UNK L 1 -58.73 -35.18 4.90
C UNK L 1 -57.91 -34.67 6.08
N UNK L 2 -57.72 -35.50 7.11
CA UNK L 2 -56.85 -35.21 8.24
C UNK L 2 -55.80 -36.30 8.27
N UNK L 3 -54.52 -35.91 8.35
CA UNK L 3 -53.40 -36.84 8.38
C UNK L 3 -53.05 -37.07 9.83
N UNK L 4 -52.75 -38.32 10.22
CA UNK L 4 -52.43 -38.65 11.58
C UNK L 4 -51.05 -39.29 11.63
N UNK L 5 -50.18 -38.81 12.53
CA UNK L 5 -48.84 -39.36 12.71
C UNK L 5 -48.64 -39.65 14.16
N UNK L 6 -47.62 -40.44 14.51
CA UNK L 6 -47.34 -40.83 15.88
C UNK L 6 -45.84 -40.79 16.05
N UNK L 7 -45.33 -40.70 17.29
CA UNK L 7 -43.93 -40.86 17.54
C UNK L 7 -43.70 -41.44 18.93
N UNK L 8 -42.55 -42.07 19.20
CA UNK L 8 -41.66 -42.73 18.23
C UNK L 8 -42.35 -43.84 17.47
N UNK L 9 -41.75 -44.34 16.37
CA UNK L 9 -42.27 -45.48 15.61
C UNK L 9 -42.28 -46.77 16.41
N UNK L 10 -41.20 -47.00 17.18
CA UNK L 10 -41.06 -48.14 18.06
C UNK L 10 -40.33 -47.65 19.29
N UNK L 11 -40.50 -48.32 20.44
CA UNK L 11 -39.69 -48.06 21.61
C UNK L 11 -39.46 -49.32 22.41
N UNK L 12 -38.33 -49.36 23.14
CA UNK L 12 -37.88 -50.53 23.87
C UNK L 12 -37.91 -50.22 25.35
N UNK L 13 -38.80 -50.87 26.11
CA UNK L 13 -39.03 -50.54 27.50
C UNK L 13 -39.07 -51.79 28.36
N UNK L 14 -38.93 -51.65 29.68
CA UNK L 14 -38.91 -52.72 30.65
C UNK L 14 -40.25 -52.80 31.38
N UNK L 15 -40.53 -53.92 32.09
CA UNK L 15 -41.62 -53.96 33.07
C UNK L 15 -41.35 -52.97 34.21
N UNK L 16 -42.33 -52.10 34.52
CA UNK L 16 -42.20 -51.06 35.53
C UNK L 16 -41.79 -49.71 34.99
N UNK L 17 -41.37 -49.63 33.71
CA UNK L 17 -41.10 -48.35 33.06
C UNK L 17 -42.36 -47.50 32.92
N UNK L 18 -42.24 -46.16 33.01
CA UNK L 18 -43.32 -45.29 32.58
C UNK L 18 -43.16 -44.99 31.10
N UNK L 19 -44.19 -45.28 30.29
CA UNK L 19 -44.12 -45.16 28.85
C UNK L 19 -45.05 -44.07 28.40
N UNK L 20 -44.53 -43.12 27.61
CA UNK L 20 -45.32 -42.04 27.02
C UNK L 20 -45.13 -42.15 25.53
N UNK L 21 -46.23 -42.17 24.74
CA UNK L 21 -46.17 -42.15 23.29
C UNK L 21 -47.09 -41.04 22.82
N UNK L 22 -46.93 -40.56 21.57
CA UNK L 22 -47.63 -39.38 21.09
C UNK L 22 -48.45 -39.67 19.85
N UNK L 23 -49.39 -38.76 19.53
CA UNK L 23 -50.14 -38.78 18.30
C UNK L 23 -50.34 -37.34 17.87
N UNK L 24 -50.21 -37.06 16.57
CA UNK L 24 -50.33 -35.73 16.03
C UNK L 24 -51.31 -35.71 14.86
N UNK L 25 -52.22 -34.73 14.83
CA UNK L 25 -53.10 -34.48 13.72
C UNK L 25 -52.61 -33.31 12.87
N UNK L 26 -52.91 -33.30 11.56
CA UNK L 26 -52.49 -32.22 10.66
C UNK L 26 -53.30 -30.95 10.77
N UNK L 27 -54.42 -30.96 11.49
CA UNK L 27 -55.21 -29.80 11.80
C UNK L 27 -55.96 -30.12 13.06
N UNK L 28 -56.62 -29.13 13.70
CA UNK L 28 -57.32 -29.34 14.96
C UNK L 28 -58.47 -30.32 14.88
N UNK L 29 -58.44 -31.38 15.70
CA UNK L 29 -59.49 -32.38 15.78
C UNK L 29 -60.23 -32.26 17.11
N UNK L 30 -60.03 -31.13 17.81
CA UNK L 30 -60.54 -30.88 19.16
C UNK L 30 -60.11 -31.95 20.16
N UNK L 31 -61.06 -32.75 20.69
CA UNK L 31 -60.76 -33.84 21.58
C UNK L 31 -61.16 -35.17 20.95
N UNK L 32 -61.50 -35.18 19.64
CA UNK L 32 -62.10 -36.33 19.00
C UNK L 32 -61.07 -37.35 18.53
N UNK L 33 -60.37 -38.00 19.49
CA UNK L 33 -59.35 -38.98 19.24
C UNK L 33 -59.59 -40.25 20.05
N UNK L 34 -59.44 -41.42 19.42
CA UNK L 34 -59.52 -42.72 20.08
C UNK L 34 -58.15 -43.39 20.04
N UNK L 35 -57.80 -44.16 21.08
CA UNK L 35 -56.56 -44.91 21.16
C UNK L 35 -56.84 -46.39 21.27
N UNK L 36 -56.09 -47.20 20.50
CA UNK L 36 -56.25 -48.63 20.35
C UNK L 36 -54.98 -49.37 20.69
N UNK L 37 -55.11 -50.58 21.27
CA UNK L 37 -54.04 -51.53 21.47
C UNK L 37 -54.27 -52.68 20.52
N UNK L 38 -53.26 -53.10 19.74
CA UNK L 38 -53.37 -54.32 18.96
C UNK L 38 -52.17 -55.20 19.23
N UNK L 39 -52.39 -56.53 19.28
CA UNK L 39 -51.32 -57.49 19.40
C UNK L 39 -51.30 -58.34 18.13
N UNK L 40 -50.16 -58.82 17.68
CA UNK L 40 -50.03 -59.59 16.44
C UNK L 40 -50.96 -60.80 16.35
N UNK L 41 -51.73 -60.90 15.24
CA UNK L 41 -52.65 -62.02 15.04
C UNK L 41 -53.99 -61.90 15.71
N UNK L 42 -54.33 -60.75 16.31
CA UNK L 42 -55.65 -60.56 16.91
C UNK L 42 -56.18 -59.16 16.62
N UNK L 43 -57.48 -58.95 16.87
CA UNK L 43 -58.20 -57.71 16.69
C UNK L 43 -57.70 -56.56 17.56
N UNK L 44 -57.72 -55.31 17.10
CA UNK L 44 -57.66 -54.12 17.95
C UNK L 44 -58.60 -54.08 19.16
N UNK L 45 -58.12 -53.50 20.27
CA UNK L 45 -58.87 -53.27 21.49
C UNK L 45 -58.79 -51.79 21.83
N UNK L 46 -59.94 -51.08 21.92
CA UNK L 46 -59.97 -49.69 22.37
C UNK L 46 -59.49 -49.50 23.82
N UNK L 47 -58.77 -48.39 24.08
CA UNK L 47 -58.26 -48.08 25.40
C UNK L 47 -58.84 -46.78 25.93
N UNK L 48 -58.85 -45.76 25.05
CA UNK L 48 -59.20 -44.39 25.39
C UNK L 48 -60.10 -43.92 24.26
N UNK L 49 -61.21 -43.25 24.58
CA UNK L 49 -62.04 -42.58 23.60
C UNK L 49 -62.14 -41.11 23.98
N UNK L 50 -62.35 -40.19 23.02
CA UNK L 50 -62.47 -38.77 23.35
C UNK L 50 -61.23 -38.12 23.94
N UNK L 51 -60.05 -38.58 23.49
CA UNK L 51 -58.71 -38.15 23.90
C UNK L 51 -58.28 -38.49 25.33
N UNK L 52 -59.22 -38.66 26.28
CA UNK L 52 -58.85 -38.91 27.67
C UNK L 52 -59.80 -39.79 28.45
N UNK L 53 -60.97 -40.18 27.89
CA UNK L 53 -61.91 -41.02 28.60
C UNK L 53 -61.54 -42.49 28.48
N UNK L 54 -61.22 -43.14 29.62
CA UNK L 54 -60.92 -44.56 29.70
C UNK L 54 -62.08 -45.47 29.31
N UNK L 55 -61.82 -46.48 28.44
CA UNK L 55 -62.78 -47.54 28.16
C UNK L 55 -63.10 -48.41 29.36
N UNK L 56 -64.38 -48.80 29.52
CA UNK L 56 -64.80 -49.77 30.53
C UNK L 56 -64.10 -51.12 30.38
N UNK L 57 -63.50 -51.63 31.47
CA UNK L 57 -62.70 -52.85 31.45
C UNK L 57 -61.24 -52.69 31.09
N UNK L 58 -60.74 -51.44 30.96
CA UNK L 58 -59.32 -51.20 30.75
C UNK L 58 -58.67 -50.81 32.08
N UNK L 59 -57.53 -51.40 32.49
CA UNK L 59 -56.74 -50.96 33.64
C UNK L 59 -56.44 -49.48 33.78
N UNK L 60 -56.34 -48.97 35.02
CA UNK L 60 -56.20 -47.55 35.33
C UNK L 60 -54.75 -47.09 35.33
N UNK L 61 -53.83 -47.93 34.78
CA UNK L 61 -52.48 -47.52 34.48
C UNK L 61 -52.39 -46.82 33.13
N UNK L 62 -53.46 -46.88 32.32
CA UNK L 62 -53.57 -46.20 31.04
C UNK L 62 -54.22 -44.84 31.20
N UNK L 63 -53.63 -43.80 30.58
CA UNK L 63 -54.28 -42.50 30.51
C UNK L 63 -53.89 -41.81 29.22
N UNK L 64 -54.74 -40.90 28.73
CA UNK L 64 -54.46 -40.11 27.54
C UNK L 64 -54.69 -38.67 27.85
N UNK L 65 -54.02 -37.76 27.11
CA UNK L 65 -54.21 -36.33 27.30
C UNK L 65 -53.80 -35.59 26.05
N UNK L 66 -54.01 -34.26 26.04
CA UNK L 66 -53.76 -33.43 24.87
C UNK L 66 -55.02 -33.06 24.17
N UNK L 67 -54.95 -32.05 23.29
CA UNK L 67 -56.11 -31.56 22.57
C UNK L 67 -55.67 -30.79 21.36
N UNK L 68 -56.59 -30.58 20.40
CA UNK L 68 -56.30 -29.84 19.19
C UNK L 68 -55.54 -30.65 18.18
N UNK L 69 -54.22 -30.45 18.11
CA UNK L 69 -53.33 -31.14 17.17
C UNK L 69 -52.45 -32.17 17.82
N UNK L 70 -52.19 -32.08 19.13
CA UNK L 70 -51.15 -32.83 19.79
C UNK L 70 -51.70 -33.63 20.97
N UNK L 71 -51.46 -34.96 20.97
CA UNK L 71 -52.06 -35.89 21.91
C UNK L 71 -51.04 -36.88 22.43
N UNK L 72 -51.32 -37.50 23.59
CA UNK L 72 -50.46 -38.52 24.21
C UNK L 72 -51.25 -39.75 24.61
N UNK L 73 -50.54 -40.87 24.79
CA UNK L 73 -51.01 -42.04 25.51
C UNK L 73 -49.91 -42.37 26.50
N UNK L 74 -50.24 -42.45 27.80
CA UNK L 74 -49.31 -42.69 28.88
C UNK L 74 -49.67 -44.00 29.51
N UNK L 75 -48.67 -44.87 29.76
CA UNK L 75 -48.80 -46.05 30.59
C UNK L 75 -47.96 -45.77 31.82
N UNK L 76 -48.60 -45.65 33.00
CA UNK L 76 -47.95 -45.21 34.24
C UNK L 76 -46.86 -46.12 34.77
N UNK L 77 -47.14 -47.44 34.77
CA UNK L 77 -46.18 -48.50 35.05
C UNK L 77 -46.47 -49.60 34.06
N UNK L 78 -45.52 -49.92 33.18
CA UNK L 78 -45.68 -50.88 32.12
C UNK L 78 -45.72 -52.33 32.57
N UNK L 79 -46.77 -53.10 32.20
CA UNK L 79 -46.94 -54.47 32.62
C UNK L 79 -46.56 -55.46 31.50
N UNK L 80 -46.31 -56.75 31.77
CA UNK L 80 -46.05 -57.79 30.76
C UNK L 80 -47.11 -57.92 29.67
N UNK L 81 -48.34 -57.46 29.92
CA UNK L 81 -49.39 -57.51 28.93
C UNK L 81 -49.48 -56.25 28.08
N UNK L 82 -48.60 -55.25 28.27
CA UNK L 82 -48.67 -54.00 27.54
C UNK L 82 -47.77 -53.98 26.31
N UNK L 83 -47.16 -55.13 25.96
CA UNK L 83 -46.29 -55.20 24.81
C UNK L 83 -47.10 -55.49 23.57
N UNK L 84 -47.27 -54.43 22.77
CA UNK L 84 -48.29 -54.35 21.76
C UNK L 84 -47.97 -53.20 20.84
N UNK L 85 -48.74 -53.09 19.74
CA UNK L 85 -48.67 -51.94 18.85
C UNK L 85 -49.85 -51.05 19.16
N UNK L 86 -49.60 -49.76 19.37
CA UNK L 86 -50.61 -48.81 19.82
C UNK L 86 -50.93 -47.84 18.71
N UNK L 87 -52.22 -47.70 18.37
CA UNK L 87 -52.68 -46.91 17.24
C UNK L 87 -53.60 -45.81 17.74
N UNK L 88 -53.47 -44.59 17.20
CA UNK L 88 -54.48 -43.55 17.42
C UNK L 88 -55.38 -43.41 16.20
N UNK L 89 -56.59 -42.85 16.40
CA UNK L 89 -57.54 -42.61 15.33
C UNK L 89 -58.29 -41.33 15.62
N UNK L 90 -58.53 -40.46 14.61
CA UNK L 90 -59.40 -39.30 14.79
C UNK L 90 -60.83 -39.58 14.35
N UNK L 91 -61.83 -39.06 15.11
CA UNK L 91 -63.24 -39.23 14.82
C UNK L 91 -63.94 -37.93 14.43
N UNK L 92 -63.18 -36.80 14.35
CA UNK L 92 -63.68 -35.45 14.13
C UNK L 92 -64.41 -35.24 12.82
N UNK L 93 -63.80 -35.70 11.71
CA UNK L 93 -64.27 -35.35 10.40
C UNK L 93 -64.10 -36.55 9.54
N UNK L 94 -64.65 -36.51 8.32
CA UNK L 94 -64.78 -37.65 7.44
C UNK L 94 -63.92 -37.39 6.23
N UNK L 95 -63.02 -38.30 5.81
CA UNK L 95 -62.66 -39.63 6.27
C UNK L 95 -62.17 -39.74 7.72
N UNK L 96 -62.58 -40.79 8.45
CA UNK L 96 -61.90 -41.14 9.70
C UNK L 96 -60.52 -41.75 9.41
N UNK L 97 -59.49 -41.32 10.15
CA UNK L 97 -58.11 -41.70 9.82
C UNK L 97 -57.37 -42.20 11.03
N UNK L 98 -56.58 -43.28 10.86
CA UNK L 98 -55.69 -43.83 11.86
C UNK L 98 -54.30 -43.26 11.70
N UNK L 99 -53.51 -43.24 12.79
CA UNK L 99 -52.06 -43.08 12.72
C UNK L 99 -51.37 -44.34 12.28
N UNK L 100 -50.04 -44.28 12.08
CA UNK L 100 -49.28 -45.43 11.57
C UNK L 100 -48.93 -46.48 12.60
N UNK L 101 -49.21 -46.21 13.88
CA UNK L 101 -48.88 -47.10 14.98
C UNK L 101 -47.55 -46.81 15.65
N UNK L 102 -47.51 -47.02 16.97
CA UNK L 102 -46.29 -46.97 17.79
C UNK L 102 -46.11 -48.35 18.37
N UNK L 103 -44.99 -49.05 18.08
CA UNK L 103 -44.78 -50.38 18.60
C UNK L 103 -43.95 -50.40 19.88
N UNK L 104 -44.54 -50.90 20.99
CA UNK L 104 -43.82 -51.09 22.23
C UNK L 104 -43.23 -52.49 22.23
N UNK L 105 -41.98 -52.68 22.69
CA UNK L 105 -41.33 -53.98 22.76
C UNK L 105 -40.57 -54.10 24.06
N UNK L 106 -40.43 -55.33 24.59
CA UNK L 106 -39.93 -55.53 25.95
C UNK L 106 -38.52 -55.98 26.09
N UNK L 107 -37.82 -55.25 26.94
CA UNK L 107 -36.55 -55.51 27.54
C UNK L 107 -36.62 -56.32 28.82
N UNK L 108 -35.63 -57.19 29.03
CA UNK L 108 -35.51 -57.97 30.23
C UNK L 108 -34.08 -58.43 30.32
N UNK L 109 -33.72 -59.14 31.40
CA UNK L 109 -32.46 -59.85 31.50
C UNK L 109 -32.26 -60.90 30.42
N UNK L 110 -31.00 -61.18 30.04
CA UNK L 110 -30.67 -62.27 29.14
C UNK L 110 -31.16 -63.64 29.65
N UNK L 111 -31.64 -64.51 28.75
CA UNK L 111 -32.08 -65.84 29.11
C UNK L 111 -31.65 -66.79 28.01
N UNK L 112 -31.04 -67.93 28.42
CA UNK L 112 -30.57 -68.96 27.54
C UNK L 112 -31.70 -69.75 26.84
N UNK L 113 -31.55 -70.19 25.59
CA UNK L 113 -32.54 -71.04 24.96
C UNK L 113 -32.43 -72.49 25.37
N UNK L 114 -33.57 -73.15 25.62
CA UNK L 114 -33.61 -74.60 25.68
C UNK L 114 -33.74 -75.14 24.27
N UNK L 115 -32.79 -75.99 23.84
CA UNK L 115 -32.64 -76.37 22.44
C UNK L 115 -33.09 -77.80 22.23
N UNK L 116 -33.90 -78.05 21.19
CA UNK L 116 -34.46 -79.35 20.90
C UNK L 116 -34.40 -79.59 19.40
N UNK L 117 -34.09 -80.82 18.96
CA UNK L 117 -33.99 -81.16 17.55
C UNK L 117 -34.95 -82.29 17.24
N UNK L 118 -35.56 -82.24 16.05
CA UNK L 118 -36.58 -83.16 15.62
C UNK L 118 -36.20 -83.78 14.28
N UNK L 119 -36.11 -85.10 14.13
CA UNK L 119 -36.04 -85.74 12.82
C UNK L 119 -37.26 -85.47 11.94
N UNK L 120 -37.20 -85.59 10.60
CA UNK L 120 -38.38 -85.80 9.75
C UNK L 120 -39.26 -86.95 10.20
N UNK L 121 -40.57 -86.90 9.91
CA UNK L 121 -41.43 -88.06 10.11
C UNK L 121 -41.30 -89.06 8.96
N UNK L 122 -41.53 -90.37 9.24
CA UNK L 122 -41.60 -91.41 8.24
C UNK L 122 -42.65 -91.15 7.15
N UNK L 123 -43.79 -90.54 7.50
CA UNK L 123 -44.81 -90.11 6.56
C UNK L 123 -44.34 -89.06 5.58
N UNK L 124 -43.56 -88.06 6.04
CA UNK L 124 -42.92 -87.12 5.14
C UNK L 124 -41.90 -87.76 4.21
N UNK L 125 -41.09 -88.68 4.75
CA UNK L 125 -40.13 -89.46 4.01
C UNK L 125 -40.78 -90.40 2.98
N UNK L 126 -42.04 -90.82 3.18
CA UNK L 126 -42.83 -91.43 2.12
C UNK L 126 -43.14 -90.51 0.94
N UNK L 127 -43.36 -89.19 1.16
CA UNK L 127 -43.73 -88.28 0.07
C UNK L 127 -42.53 -87.60 -0.58
N UNK L 128 -41.30 -87.97 -0.18
CA UNK L 128 -40.08 -87.65 -0.91
C UNK L 128 -39.31 -86.46 -0.43
N UNK L 129 -39.75 -85.83 0.67
CA UNK L 129 -39.12 -84.64 1.22
C UNK L 129 -38.68 -84.96 2.63
N UNK L 130 -37.63 -84.29 3.15
CA UNK L 130 -37.24 -84.44 4.52
C UNK L 130 -37.08 -83.07 5.15
N UNK L 131 -37.82 -82.78 6.23
CA UNK L 131 -37.69 -81.52 6.94
C UNK L 131 -37.21 -81.81 8.33
N UNK L 132 -36.11 -81.18 8.73
CA UNK L 132 -35.50 -81.36 10.03
C UNK L 132 -35.70 -80.07 10.79
N UNK L 133 -36.29 -80.12 11.99
CA UNK L 133 -36.66 -78.92 12.72
C UNK L 133 -35.81 -78.82 13.95
N UNK L 134 -35.28 -77.62 14.22
CA UNK L 134 -34.68 -77.31 15.50
C UNK L 134 -35.50 -76.23 16.16
N UNK L 135 -35.68 -76.36 17.47
CA UNK L 135 -36.40 -75.45 18.30
C UNK L 135 -35.46 -74.86 19.32
N UNK L 136 -35.49 -73.53 19.45
CA UNK L 136 -34.85 -72.79 20.52
C UNK L 136 -35.98 -72.21 21.33
N UNK L 137 -36.11 -72.56 22.62
CA UNK L 137 -37.31 -72.26 23.38
C UNK L 137 -37.02 -71.32 24.54
N UNK L 138 -37.82 -70.26 24.66
CA UNK L 138 -37.93 -69.34 25.79
C UNK L 138 -36.67 -68.55 26.14
N UNK L 139 -36.14 -67.75 25.19
CA UNK L 139 -34.89 -67.03 25.34
C UNK L 139 -34.99 -65.53 25.18
N UNK L 140 -33.95 -64.80 25.63
CA UNK L 140 -33.86 -63.37 25.42
C UNK L 140 -32.40 -62.98 25.29
N UNK L 141 -31.95 -62.07 24.44
CA UNK L 141 -32.72 -61.28 23.48
C UNK L 141 -33.12 -62.08 22.26
N UNK L 142 -33.89 -61.46 21.36
CA UNK L 142 -34.43 -62.02 20.13
C UNK L 142 -33.37 -62.53 19.16
N UNK L 143 -32.20 -61.86 19.12
CA UNK L 143 -31.04 -62.27 18.36
C UNK L 143 -30.46 -63.62 18.79
N UNK L 144 -30.25 -64.51 17.82
CA UNK L 144 -29.69 -65.81 18.03
C UNK L 144 -29.04 -66.18 16.71
N UNK L 145 -28.08 -67.12 16.71
CA UNK L 145 -27.56 -67.67 15.47
C UNK L 145 -27.74 -69.16 15.50
N UNK L 146 -28.39 -69.70 14.45
CA UNK L 146 -28.55 -71.12 14.25
C UNK L 146 -27.69 -71.55 13.08
N UNK L 147 -26.89 -72.62 13.26
CA UNK L 147 -26.12 -73.22 12.18
C UNK L 147 -26.42 -74.69 12.06
N UNK L 148 -26.90 -75.13 10.88
CA UNK L 148 -27.09 -76.54 10.60
C UNK L 148 -25.82 -77.17 10.09
N UNK L 149 -25.51 -78.40 10.58
CA UNK L 149 -24.38 -79.18 10.17
C UNK L 149 -24.85 -80.59 9.84
N UNK L 150 -24.49 -81.10 8.65
CA UNK L 150 -24.88 -82.42 8.19
C UNK L 150 -23.59 -83.17 7.92
N UNK L 151 -23.28 -84.23 8.70
CA UNK L 151 -22.00 -84.92 8.75
C UNK L 151 -20.79 -83.97 8.80
N UNK L 152 -20.89 -82.97 9.72
CA UNK L 152 -19.97 -81.87 9.93
C UNK L 152 -19.90 -80.82 8.81
N UNK L 153 -20.60 -81.01 7.67
CA UNK L 153 -20.66 -80.04 6.61
C UNK L 153 -21.69 -78.96 6.88
N UNK L 154 -21.23 -77.69 6.91
CA UNK L 154 -22.07 -76.52 7.09
C UNK L 154 -23.08 -76.35 5.95
N UNK L 155 -24.35 -76.06 6.31
CA UNK L 155 -25.42 -75.92 5.36
C UNK L 155 -25.67 -74.46 5.00
N UNK L 156 -26.17 -74.21 3.78
CA UNK L 156 -26.48 -72.87 3.31
C UNK L 156 -27.64 -72.97 2.34
N UNK L 157 -28.61 -72.02 2.41
CA UNK L 157 -29.66 -71.85 1.42
C UNK L 157 -30.82 -72.81 1.48
N UNK L 158 -30.80 -73.75 2.43
CA UNK L 158 -31.80 -74.82 2.53
C UNK L 158 -32.53 -74.81 3.86
N UNK L 159 -32.41 -73.72 4.62
CA UNK L 159 -33.07 -73.56 5.91
C UNK L 159 -33.81 -72.25 5.98
N UNK L 160 -34.85 -72.21 6.81
CA UNK L 160 -35.60 -71.00 7.08
C UNK L 160 -35.92 -70.94 8.55
N UNK L 161 -35.91 -69.72 9.10
CA UNK L 161 -36.16 -69.46 10.49
C UNK L 161 -37.47 -68.76 10.70
N UNK L 162 -38.03 -68.91 11.89
CA UNK L 162 -39.23 -68.22 12.30
C UNK L 162 -39.16 -67.98 13.78
N UNK L 163 -39.62 -66.81 14.23
CA UNK L 163 -39.45 -66.37 15.60
C UNK L 163 -40.82 -65.99 16.11
N UNK L 164 -41.22 -66.52 17.27
CA UNK L 164 -42.44 -66.11 17.94
C UNK L 164 -42.47 -64.65 18.30
N UNK L 165 -43.70 -64.10 18.38
CA UNK L 165 -43.93 -62.87 19.08
C UNK L 165 -43.62 -62.98 20.55
N UNK L 166 -43.20 -61.86 21.15
CA UNK L 166 -42.74 -61.83 22.51
C UNK L 166 -43.80 -62.29 23.51
N UNK L 167 -43.44 -63.19 24.45
CA UNK L 167 -44.36 -63.73 25.43
C UNK L 167 -44.97 -62.64 26.32
N UNK L 168 -46.23 -62.88 26.77
CA UNK L 168 -46.98 -61.91 27.54
C UNK L 168 -46.86 -62.12 29.03
N UNK L 169 -46.00 -63.07 29.47
CA UNK L 169 -45.76 -63.34 30.87
C UNK L 169 -44.30 -63.27 31.26
N UNK L 170 -43.39 -63.96 30.54
CA UNK L 170 -41.98 -63.95 30.92
C UNK L 170 -41.16 -63.00 30.07
N UNK L 171 -41.73 -62.63 28.91
CA UNK L 171 -41.23 -61.67 27.96
C UNK L 171 -40.12 -62.24 27.09
N UNK L 172 -40.07 -63.56 26.93
CA UNK L 172 -39.07 -64.25 26.11
C UNK L 172 -39.53 -64.46 24.67
N UNK L 173 -38.65 -65.01 23.82
CA UNK L 173 -38.93 -65.34 22.43
C UNK L 173 -38.58 -66.80 22.23
N UNK L 174 -39.17 -67.44 21.22
CA UNK L 174 -38.77 -68.78 20.81
C UNK L 174 -38.52 -68.73 19.33
N UNK L 175 -37.72 -69.67 18.80
CA UNK L 175 -37.28 -69.64 17.41
C UNK L 175 -37.32 -71.05 16.90
N UNK L 176 -37.84 -71.26 15.68
CA UNK L 176 -37.73 -72.50 14.95
C UNK L 176 -36.86 -72.28 13.78
N UNK L 177 -36.04 -73.29 13.44
CA UNK L 177 -35.28 -73.30 12.21
C UNK L 177 -35.59 -74.62 11.58
N UNK L 178 -36.00 -74.60 10.30
CA UNK L 178 -36.39 -75.80 9.56
C UNK L 178 -35.44 -75.95 8.43
N UNK L 179 -34.69 -77.07 8.40
CA UNK L 179 -33.81 -77.48 7.33
C UNK L 179 -34.56 -78.41 6.42
N UNK L 180 -34.67 -78.10 5.12
CA UNK L 180 -35.48 -78.89 4.20
C UNK L 180 -34.58 -79.47 3.12
N UNK L 181 -34.64 -80.80 2.93
CA UNK L 181 -33.89 -81.51 1.93
C UNK L 181 -34.83 -82.41 1.15
N UNK L 182 -34.39 -82.97 0.01
CA UNK L 182 -35.06 -84.13 -0.59
C UNK L 182 -34.85 -85.36 0.28
N UNK L 183 -35.74 -86.38 0.18
CA UNK L 183 -35.50 -87.67 0.82
C UNK L 183 -34.20 -88.31 0.36
N UNK L 184 -33.92 -88.25 -0.95
CA UNK L 184 -32.75 -88.82 -1.55
C UNK L 184 -31.45 -88.25 -1.00
N UNK L 185 -31.39 -86.93 -0.79
CA UNK L 185 -30.29 -86.25 -0.14
C UNK L 185 -30.22 -86.50 1.35
N UNK L 186 -31.37 -86.58 2.05
CA UNK L 186 -31.45 -86.94 3.45
C UNK L 186 -30.87 -88.32 3.74
N UNK L 187 -31.12 -89.31 2.87
CA UNK L 187 -30.63 -90.66 3.02
C UNK L 187 -29.14 -90.83 2.74
N UNK L 188 -28.46 -89.82 2.15
CA UNK L 188 -27.02 -89.90 1.89
C UNK L 188 -26.15 -89.64 3.11
N UNK L 189 -26.69 -89.01 4.17
CA UNK L 189 -25.89 -88.57 5.30
C UNK L 189 -26.38 -89.21 6.59
N UNK L 190 -25.60 -89.13 7.67
CA UNK L 190 -25.87 -89.78 8.95
C UNK L 190 -26.17 -88.79 10.06
N UNK L 191 -25.26 -87.85 10.34
CA UNK L 191 -25.35 -86.97 11.49
C UNK L 191 -26.05 -85.69 11.11
N UNK L 192 -27.18 -85.39 11.77
CA UNK L 192 -27.90 -84.15 11.57
C UNK L 192 -27.83 -83.37 12.85
N UNK L 193 -27.15 -82.21 12.81
CA UNK L 193 -26.88 -81.42 13.99
C UNK L 193 -27.25 -79.97 13.77
N UNK L 194 -27.72 -79.32 14.85
CA UNK L 194 -27.92 -77.89 14.88
C UNK L 194 -27.10 -77.33 16.01
N UNK L 195 -26.32 -76.28 15.69
CA UNK L 195 -25.48 -75.54 16.61
C UNK L 195 -26.15 -74.20 16.89
N UNK L 196 -26.35 -73.87 18.18
CA UNK L 196 -27.03 -72.66 18.61
C UNK L 196 -26.06 -71.76 19.34
N UNK L 197 -25.88 -70.53 18.84
CA UNK L 197 -25.05 -69.51 19.48
C UNK L 197 -25.98 -68.42 19.96
N UNK L 198 -25.87 -68.02 21.24
CA UNK L 198 -26.75 -67.03 21.83
C UNK L 198 -26.02 -66.39 22.98
N UNK L 199 -26.39 -65.15 23.37
CA UNK L 199 -25.69 -64.39 24.39
C UNK L 199 -25.98 -64.89 25.82
N UNK L 200 -27.02 -65.73 26.00
CA UNK L 200 -27.30 -66.42 27.25
C UNK L 200 -26.51 -67.68 27.44
N UNK L 201 -25.67 -68.06 26.47
CA UNK L 201 -24.89 -69.27 26.50
C UNK L 201 -23.41 -68.93 26.53
N UNK L 202 -22.63 -69.58 27.42
CA UNK L 202 -21.18 -69.42 27.51
C UNK L 202 -20.43 -69.83 26.25
N UNK L 203 -20.92 -70.88 25.58
CA UNK L 203 -20.36 -71.42 24.37
C UNK L 203 -21.51 -72.01 23.59
N UNK L 204 -21.44 -72.19 22.26
CA UNK L 204 -22.48 -72.82 21.46
C UNK L 204 -23.05 -74.14 21.98
N UNK L 205 -24.37 -74.33 21.87
CA UNK L 205 -25.03 -75.56 22.28
C UNK L 205 -25.46 -76.32 21.04
N UNK L 206 -24.99 -77.57 20.92
CA UNK L 206 -25.32 -78.42 19.79
C UNK L 206 -26.34 -79.46 20.22
N UNK L 207 -27.36 -79.69 19.38
CA UNK L 207 -28.26 -80.82 19.51
C UNK L 207 -28.22 -81.57 18.20
N UNK L 208 -28.24 -82.91 18.25
CA UNK L 208 -28.04 -83.72 17.08
C UNK L 208 -28.75 -85.04 17.18
N UNK L 209 -28.92 -85.71 16.03
CA UNK L 209 -29.41 -87.07 15.99
C UNK L 209 -28.67 -87.83 14.90
N UNK L 210 -28.86 -89.16 14.87
CA UNK L 210 -28.34 -90.00 13.81
C UNK L 210 -29.54 -90.42 12.99
N UNK L 211 -29.46 -90.37 11.66
CA UNK L 211 -30.51 -90.91 10.83
C UNK L 211 -30.56 -92.43 10.85
N UNK L 212 -31.63 -92.99 11.43
CA UNK L 212 -31.83 -94.43 11.57
C UNK L 212 -31.50 -94.93 12.98
N ASP M 1 -55.72 -3.79 -22.25
CA ASP M 1 -55.15 -4.53 -21.10
C ASP M 1 -56.08 -4.50 -19.91
N LEU M 2 -57.19 -5.23 -20.02
CA LEU M 2 -58.05 -5.52 -18.88
C LEU M 2 -57.55 -6.70 -18.06
N ASP M 3 -56.33 -7.17 -18.31
CA ASP M 3 -55.81 -8.43 -17.81
C ASP M 3 -54.57 -8.21 -16.96
N THR M 4 -54.54 -7.10 -16.23
CA THR M 4 -53.40 -6.66 -15.44
C THR M 4 -53.72 -6.56 -13.95
N HIS M 5 -54.92 -6.95 -13.53
CA HIS M 5 -55.34 -6.86 -12.14
C HIS M 5 -56.03 -8.16 -11.74
N PHE M 6 -55.41 -9.27 -12.09
CA PHE M 6 -55.84 -10.55 -11.55
C PHE M 6 -55.46 -10.71 -10.10
N THR M 7 -54.76 -9.74 -9.52
CA THR M 7 -54.66 -9.62 -8.08
C THR M 7 -56.03 -9.71 -7.45
N GLN M 8 -56.94 -8.82 -7.84
CA GLN M 8 -58.29 -8.86 -7.31
C GLN M 8 -59.10 -9.96 -7.98
N TYR M 9 -59.10 -9.95 -9.32
CA TYR M 9 -60.11 -10.67 -10.09
C TYR M 9 -60.13 -12.16 -9.76
N LYS M 10 -59.00 -12.83 -9.96
CA LYS M 10 -58.93 -14.27 -9.68
C LYS M 10 -59.20 -14.55 -8.22
N LEU M 11 -58.73 -13.69 -7.34
CA LEU M 11 -58.53 -14.05 -5.95
C LEU M 11 -59.59 -13.49 -5.02
N ALA M 12 -60.34 -12.49 -5.47
CA ALA M 12 -61.45 -11.92 -4.71
C ALA M 12 -62.78 -12.39 -5.27
N ARG M 13 -63.77 -12.46 -4.39
CA ARG M 13 -65.11 -12.92 -4.71
C ARG M 13 -66.11 -11.80 -4.47
N PRO M 14 -67.31 -11.87 -5.06
CA PRO M 14 -68.32 -10.84 -4.77
C PRO M 14 -68.87 -10.98 -3.37
N TYR M 15 -68.44 -10.11 -2.47
CA TYR M 15 -68.85 -10.26 -1.09
C TYR M 15 -70.31 -9.90 -0.93
N ILE M 16 -70.94 -10.46 0.11
CA ILE M 16 -72.31 -10.14 0.47
C ILE M 16 -72.38 -9.69 1.91
N ALA M 17 -73.05 -8.56 2.14
CA ALA M 17 -73.16 -7.94 3.44
C ALA M 17 -74.58 -7.45 3.63
N ASP M 18 -74.79 -6.69 4.71
CA ASP M 18 -76.12 -6.32 5.16
C ASP M 18 -76.43 -4.89 4.72
N CYS M 19 -77.18 -4.77 3.65
CA CYS M 19 -77.62 -3.45 3.19
C CYS M 19 -78.58 -2.86 4.22
N PRO M 20 -78.54 -1.53 4.45
CA PRO M 20 -79.31 -0.98 5.57
C PRO M 20 -80.79 -0.72 5.34
N ASN M 21 -81.17 -0.31 4.13
CA ASN M 21 -82.57 -0.02 3.81
C ASN M 21 -82.88 -0.59 2.43
N CYS M 22 -82.64 -1.89 2.32
CA CYS M 22 -82.63 -2.63 1.06
C CYS M 22 -84.03 -2.73 0.48
N GLY M 23 -84.55 -1.60 -0.01
CA GLY M 23 -85.88 -1.54 -0.54
C GLY M 23 -86.91 -1.46 0.56
N HIS M 24 -87.13 -2.59 1.23
CA HIS M 24 -87.98 -2.62 2.41
C HIS M 24 -87.21 -2.10 3.62
N SER M 25 -86.19 -2.86 4.00
CA SER M 25 -85.50 -2.71 5.26
C SER M 25 -84.15 -3.39 5.10
N ARG M 26 -83.51 -3.71 6.22
CA ARG M 26 -82.18 -4.31 6.20
C ARG M 26 -82.22 -5.71 5.63
N CYS M 27 -81.86 -5.86 4.35
CA CYS M 27 -81.63 -7.17 3.78
C CYS M 27 -80.14 -7.51 3.89
N ASP M 28 -79.73 -8.56 3.19
CA ASP M 28 -78.32 -8.87 2.94
C ASP M 28 -78.13 -8.85 1.44
N SER M 29 -77.74 -7.69 0.90
CA SER M 29 -77.52 -7.58 -0.54
C SER M 29 -76.06 -7.87 -0.88
N PRO M 30 -75.77 -8.50 -2.01
CA PRO M 30 -74.38 -8.57 -2.46
C PRO M 30 -73.81 -7.23 -2.83
N ILE M 31 -74.65 -6.23 -3.11
CA ILE M 31 -74.19 -4.92 -3.53
C ILE M 31 -74.24 -3.96 -2.34
N ALA M 32 -74.12 -4.52 -1.14
CA ALA M 32 -74.15 -3.73 0.07
C ALA M 32 -73.10 -2.63 0.03
N ILE M 33 -73.56 -1.39 0.19
CA ILE M 33 -72.75 -0.22 -0.05
C ILE M 33 -72.00 0.16 1.21
N GLU M 34 -70.68 0.17 1.12
CA GLU M 34 -69.81 0.74 2.12
C GLU M 34 -68.97 1.81 1.43
N GLU M 35 -68.30 2.63 2.24
CA GLU M 35 -67.30 3.62 1.80
C GLU M 35 -67.80 4.44 0.61
N VAL M 36 -68.83 5.19 0.86
CA VAL M 36 -69.25 6.23 -0.06
C VAL M 36 -68.29 7.40 0.09
N ARG M 37 -67.87 7.96 -1.03
CA ARG M 37 -66.87 9.02 -1.04
C ARG M 37 -67.31 10.15 -1.96
N GLY M 38 -68.11 11.06 -1.42
CA GLY M 38 -68.52 12.25 -2.13
C GLY M 38 -67.57 13.38 -1.81
N ASP M 39 -66.29 13.07 -1.90
CA ASP M 39 -65.23 13.94 -1.43
C ASP M 39 -64.51 14.65 -2.56
N ALA M 40 -64.72 14.23 -3.79
CA ALA M 40 -64.14 14.89 -4.95
C ALA M 40 -65.06 16.05 -5.35
N HIS M 41 -64.83 16.59 -6.56
CA HIS M 41 -65.48 17.79 -7.04
C HIS M 41 -66.27 17.61 -8.31
N ALA M 42 -65.99 16.58 -9.10
CA ALA M 42 -66.39 16.55 -10.50
C ALA M 42 -67.75 15.92 -10.72
N GLY M 43 -68.65 16.00 -9.74
CA GLY M 43 -69.90 15.29 -9.85
C GLY M 43 -69.78 13.80 -9.63
N VAL M 44 -68.62 13.32 -9.16
CA VAL M 44 -68.29 11.91 -9.16
C VAL M 44 -68.28 11.38 -7.73
N ILE M 45 -68.69 10.13 -7.59
CA ILE M 45 -68.50 9.38 -6.36
C ILE M 45 -67.86 8.06 -6.71
N ARG M 46 -66.87 7.68 -5.93
CA ARG M 46 -66.33 6.34 -5.90
C ARG M 46 -67.05 5.56 -4.81
N ILE M 47 -67.56 4.38 -5.17
CA ILE M 47 -68.35 3.56 -4.28
C ILE M 47 -67.71 2.17 -4.25
N GLN M 48 -67.91 1.47 -3.13
CA GLN M 48 -67.65 0.04 -3.08
C GLN M 48 -68.95 -0.70 -2.81
N THR M 49 -69.36 -1.51 -3.76
CA THR M 49 -70.25 -2.60 -3.47
C THR M 49 -69.47 -3.72 -2.81
N SER M 50 -70.16 -4.52 -2.02
CA SER M 50 -69.56 -5.78 -1.62
C SER M 50 -69.53 -6.76 -2.79
N ALA M 51 -70.29 -6.49 -3.85
CA ALA M 51 -70.23 -7.30 -5.05
C ALA M 51 -69.03 -6.89 -5.91
N MET M 52 -68.41 -7.89 -6.50
CA MET M 52 -67.24 -7.74 -7.36
C MET M 52 -67.72 -7.97 -8.78
N PHE M 53 -68.15 -6.89 -9.42
CA PHE M 53 -68.40 -6.92 -10.85
C PHE M 53 -67.07 -6.67 -11.56
N GLY M 54 -67.08 -6.81 -12.88
CA GLY M 54 -65.86 -6.73 -13.65
C GLY M 54 -65.76 -7.88 -14.62
N LEU M 55 -64.63 -8.57 -14.64
CA LEU M 55 -64.56 -9.81 -15.38
C LEU M 55 -65.53 -10.81 -14.75
N LYS M 56 -65.67 -11.95 -15.40
CA LYS M 56 -66.52 -13.00 -14.87
C LYS M 56 -65.78 -13.68 -13.72
N THR M 57 -66.28 -14.84 -13.30
CA THR M 57 -65.54 -15.69 -12.39
C THR M 57 -64.13 -15.95 -12.90
N ASP M 58 -63.98 -16.13 -14.21
CA ASP M 58 -62.73 -16.65 -14.75
C ASP M 58 -61.84 -15.60 -15.43
N GLY M 59 -62.24 -15.02 -16.56
CA GLY M 59 -61.29 -14.26 -17.35
C GLY M 59 -61.67 -13.16 -18.32
N VAL M 60 -62.94 -12.76 -18.47
CA VAL M 60 -63.35 -12.01 -19.65
C VAL M 60 -64.24 -10.82 -19.28
N ASP M 61 -64.01 -9.70 -19.97
CA ASP M 61 -65.01 -8.65 -20.15
C ASP M 61 -65.44 -7.94 -18.87
N LEU M 62 -64.67 -6.94 -18.46
CA LEU M 62 -65.00 -5.97 -17.41
C LEU M 62 -66.49 -5.65 -17.34
N ALA M 63 -67.14 -5.51 -18.49
CA ALA M 63 -68.53 -5.10 -18.54
C ALA M 63 -69.53 -6.21 -18.22
N TYR M 64 -69.10 -7.31 -17.61
CA TYR M 64 -70.00 -8.31 -17.08
C TYR M 64 -70.12 -8.12 -15.57
N MET M 65 -70.87 -9.02 -14.93
CA MET M 65 -71.51 -8.72 -13.66
C MET M 65 -71.55 -9.98 -12.81
N SER M 66 -70.73 -10.03 -11.77
CA SER M 66 -70.67 -11.14 -10.84
C SER M 66 -71.02 -10.65 -9.44
N PHE M 67 -72.22 -10.97 -8.97
CA PHE M 67 -72.58 -10.86 -7.57
C PHE M 67 -72.76 -12.25 -7.00
N MET M 68 -73.07 -12.30 -5.71
CA MET M 68 -73.32 -13.55 -5.01
C MET M 68 -74.81 -13.80 -4.95
N ASN M 69 -75.23 -14.96 -5.45
CA ASN M 69 -76.57 -15.50 -5.26
C ASN M 69 -76.41 -16.87 -4.64
N GLY M 70 -76.94 -17.05 -3.45
CA GLY M 70 -76.66 -18.25 -2.68
C GLY M 70 -75.31 -18.10 -1.99
N LYS M 71 -74.66 -19.24 -1.79
CA LYS M 71 -73.22 -19.26 -1.58
C LYS M 71 -72.44 -18.92 -2.84
N THR M 72 -73.12 -18.88 -3.99
CA THR M 72 -72.50 -18.92 -5.30
C THR M 72 -72.46 -17.53 -5.92
N GLN M 73 -71.53 -17.37 -6.86
CA GLN M 73 -71.49 -16.18 -7.69
C GLN M 73 -72.62 -16.22 -8.72
N LYS M 74 -72.71 -15.16 -9.51
CA LYS M 74 -73.49 -15.20 -10.75
C LYS M 74 -72.82 -14.22 -11.73
N SER M 75 -71.86 -14.73 -12.50
CA SER M 75 -71.02 -13.89 -13.36
C SER M 75 -71.69 -13.77 -14.72
N ILE M 76 -72.51 -12.73 -14.85
CA ILE M 76 -73.36 -12.51 -16.02
C ILE M 76 -73.31 -11.04 -16.40
N LYS M 77 -74.18 -10.61 -17.32
CA LYS M 77 -74.10 -9.28 -17.91
C LYS M 77 -74.60 -8.19 -16.95
N ILE M 78 -74.06 -6.98 -17.14
CA ILE M 78 -74.27 -5.81 -16.28
C ILE M 78 -75.56 -5.07 -16.59
N ASP M 79 -76.43 -5.68 -17.40
CA ASP M 79 -77.39 -5.01 -18.27
C ASP M 79 -78.00 -3.69 -17.77
N ASN M 80 -78.44 -3.64 -16.52
CA ASN M 80 -79.29 -2.54 -16.05
C ASN M 80 -78.85 -2.05 -14.66
N LEU M 81 -77.57 -1.76 -14.52
CA LEU M 81 -77.07 -1.10 -13.33
C LEU M 81 -77.80 0.22 -13.11
N HIS M 82 -78.02 0.56 -11.84
CA HIS M 82 -78.47 1.90 -11.47
C HIS M 82 -77.84 2.30 -10.14
N VAL M 83 -76.84 3.18 -10.20
CA VAL M 83 -76.54 4.05 -9.08
C VAL M 83 -77.49 5.22 -9.15
N ARG M 84 -77.91 5.71 -7.99
CA ARG M 84 -78.66 6.96 -8.00
C ARG M 84 -78.64 7.58 -6.63
N THR M 85 -79.09 8.83 -6.61
CA THR M 85 -79.14 9.71 -5.46
C THR M 85 -80.45 10.44 -5.62
N SER M 86 -80.54 11.67 -5.11
CA SER M 86 -81.64 12.58 -5.40
C SER M 86 -82.10 12.51 -6.85
N ALA M 87 -81.18 12.34 -7.79
CA ALA M 87 -81.49 11.99 -9.17
C ALA M 87 -80.73 10.75 -9.58
N PRO M 88 -81.08 10.15 -10.71
CA PRO M 88 -80.26 9.05 -11.23
C PRO M 88 -78.88 9.52 -11.63
N CYS M 89 -77.88 8.79 -11.16
CA CYS M 89 -76.49 9.11 -11.44
C CYS M 89 -76.14 8.65 -12.85
N SER M 90 -74.87 8.87 -13.20
CA SER M 90 -74.28 8.33 -14.41
C SER M 90 -73.08 7.50 -14.00
N LEU M 91 -73.08 6.24 -14.39
CA LEU M 91 -71.91 5.40 -14.25
C LEU M 91 -70.71 6.05 -14.93
N VAL M 92 -69.53 5.84 -14.37
CA VAL M 92 -68.27 6.23 -14.99
C VAL M 92 -67.44 5.01 -15.36
N SER M 93 -67.20 4.13 -14.39
CA SER M 93 -66.50 2.88 -14.66
C SER M 93 -66.54 2.03 -13.42
N HIS M 94 -66.45 0.72 -13.62
CA HIS M 94 -66.33 -0.24 -12.56
C HIS M 94 -65.01 -1.00 -12.68
N HIS M 95 -64.47 -1.39 -11.53
CA HIS M 95 -63.31 -2.27 -11.48
C HIS M 95 -63.28 -2.93 -10.11
N GLY M 96 -63.39 -4.25 -10.09
CA GLY M 96 -63.30 -4.98 -8.84
C GLY M 96 -64.60 -4.90 -8.07
N TYR M 97 -64.49 -4.60 -6.78
CA TYR M 97 -65.65 -4.33 -5.95
C TYR M 97 -66.23 -2.94 -6.18
N TYR M 98 -65.59 -2.13 -7.01
CA TYR M 98 -65.65 -0.70 -6.88
C TYR M 98 -66.18 -0.09 -8.17
N ILE M 99 -67.03 0.92 -8.01
CA ILE M 99 -67.61 1.64 -9.13
C ILE M 99 -67.40 3.13 -8.93
N LEU M 100 -67.13 3.81 -10.03
CA LEU M 100 -67.14 5.26 -10.10
C LEU M 100 -68.34 5.70 -10.91
N ALA M 101 -69.04 6.72 -10.42
CA ALA M 101 -70.26 7.17 -11.05
C ALA M 101 -70.41 8.67 -10.83
N GLN M 102 -70.85 9.35 -11.88
CA GLN M 102 -71.09 10.78 -11.81
C GLN M 102 -72.49 11.00 -11.26
N CYS M 103 -72.56 11.55 -10.05
CA CYS M 103 -73.81 11.80 -9.35
C CYS M 103 -74.02 13.29 -9.10
N PRO M 104 -75.26 13.73 -8.94
CA PRO M 104 -75.51 15.02 -8.36
C PRO M 104 -75.44 14.95 -6.84
N PRO M 105 -75.60 16.08 -6.16
CA PRO M 105 -75.71 16.04 -4.71
C PRO M 105 -76.92 15.24 -4.28
N GLY M 106 -76.83 14.72 -3.07
CA GLY M 106 -77.91 13.94 -2.51
C GLY M 106 -77.69 13.63 -1.05
N ASP M 107 -78.76 13.70 -0.27
CA ASP M 107 -78.66 13.35 1.12
C ASP M 107 -78.23 11.91 1.32
N THR M 108 -78.59 11.04 0.38
CA THR M 108 -78.32 9.62 0.46
C THR M 108 -77.54 9.16 -0.76
N VAL M 109 -77.31 7.85 -0.81
CA VAL M 109 -76.84 7.18 -2.01
C VAL M 109 -77.62 5.89 -2.13
N THR M 110 -78.01 5.57 -3.36
CA THR M 110 -79.00 4.53 -3.62
C THR M 110 -78.57 3.80 -4.88
N VAL M 111 -78.20 2.53 -4.73
CA VAL M 111 -77.55 1.75 -5.77
C VAL M 111 -78.43 0.56 -6.11
N GLY M 112 -78.29 0.09 -7.34
CA GLY M 112 -79.00 -1.11 -7.70
C GLY M 112 -78.94 -1.48 -9.17
N PHE M 113 -78.80 -2.76 -9.44
CA PHE M 113 -78.90 -3.30 -10.78
C PHE M 113 -80.26 -3.95 -10.94
N HIS M 114 -80.44 -4.68 -12.04
CA HIS M 114 -81.63 -5.51 -12.24
C HIS M 114 -81.14 -6.83 -12.80
N ASP M 115 -81.19 -7.87 -11.95
CA ASP M 115 -80.85 -9.20 -12.41
C ASP M 115 -81.74 -9.64 -13.56
N GLY M 116 -83.01 -9.22 -13.55
CA GLY M 116 -83.98 -9.57 -14.55
C GLY M 116 -85.26 -10.13 -13.98
N PRO M 117 -85.17 -11.02 -12.98
CA PRO M 117 -86.39 -11.40 -12.25
C PRO M 117 -86.76 -10.44 -11.14
N ASN M 118 -85.82 -9.63 -10.66
CA ASN M 118 -86.04 -8.83 -9.47
C ASN M 118 -85.23 -7.54 -9.56
N ARG M 119 -85.71 -6.52 -8.85
CA ARG M 119 -85.00 -5.25 -8.82
C ARG M 119 -83.69 -5.39 -8.07
N HIS M 120 -83.77 -5.75 -6.79
CA HIS M 120 -82.60 -6.24 -6.06
C HIS M 120 -81.53 -5.14 -5.94
N THR M 121 -81.91 -4.07 -5.25
CA THR M 121 -81.14 -2.85 -5.12
C THR M 121 -80.54 -2.75 -3.73
N CYS M 122 -79.74 -1.71 -3.51
CA CYS M 122 -79.25 -1.40 -2.18
C CYS M 122 -79.01 0.09 -2.02
N THR M 123 -79.29 0.59 -0.82
CA THR M 123 -79.38 2.00 -0.58
C THR M 123 -78.73 2.30 0.76
N VAL M 124 -78.32 3.57 0.95
CA VAL M 124 -77.50 3.93 2.08
C VAL M 124 -77.58 5.44 2.29
N ALA M 125 -77.30 5.85 3.52
CA ALA M 125 -77.13 7.26 3.84
C ALA M 125 -75.71 7.70 3.57
N HIS M 126 -75.57 8.87 2.96
CA HIS M 126 -74.29 9.56 2.91
C HIS M 126 -74.48 10.99 2.43
N LYS M 127 -73.94 11.93 3.19
CA LYS M 127 -73.99 13.33 2.81
C LYS M 127 -73.13 13.54 1.58
N VAL M 128 -73.75 14.00 0.50
CA VAL M 128 -73.07 14.24 -0.76
C VAL M 128 -73.24 15.69 -1.14
N GLU M 129 -72.18 16.26 -1.70
CA GLU M 129 -72.24 17.57 -2.35
C GLU M 129 -71.26 17.57 -3.49
N PHE M 130 -71.40 18.56 -4.37
CA PHE M 130 -70.40 18.82 -5.38
C PHE M 130 -70.21 20.32 -5.53
N ARG M 131 -69.33 20.85 -4.72
CA ARG M 131 -68.69 22.10 -5.02
C ARG M 131 -67.69 21.87 -6.14
N PRO M 132 -67.74 22.63 -7.23
CA PRO M 132 -66.58 22.71 -8.10
C PRO M 132 -65.51 23.56 -7.46
N VAL M 133 -64.27 23.27 -7.82
CA VAL M 133 -63.17 24.10 -7.36
C VAL M 133 -63.26 25.45 -8.05
N GLY M 134 -63.26 26.50 -7.26
CA GLY M 134 -63.42 27.84 -7.75
C GLY M 134 -64.23 28.63 -6.75
N ARG M 135 -64.15 29.94 -6.88
CA ARG M 135 -64.93 30.81 -6.02
C ARG M 135 -66.39 30.87 -6.42
N GLU M 136 -66.79 30.15 -7.47
CA GLU M 136 -68.20 29.97 -7.80
C GLU M 136 -68.73 28.71 -7.14
N LYS M 137 -69.85 28.85 -6.45
CA LYS M 137 -70.50 27.72 -5.79
C LYS M 137 -71.65 27.24 -6.67
N TYR M 138 -71.29 26.57 -7.75
CA TYR M 138 -72.30 25.96 -8.59
C TYR M 138 -72.97 24.79 -7.87
N ARG M 139 -73.90 24.17 -8.56
CA ARG M 139 -74.47 22.89 -8.19
C ARG M 139 -74.12 21.80 -9.18
N HIS M 140 -73.38 22.11 -10.24
CA HIS M 140 -73.25 21.21 -11.37
C HIS M 140 -72.15 21.69 -12.31
N PRO M 141 -71.42 20.82 -12.99
CA PRO M 141 -70.36 21.31 -13.89
C PRO M 141 -70.95 21.84 -15.19
N PRO M 142 -70.47 22.97 -15.69
CA PRO M 142 -70.97 23.48 -16.97
C PRO M 142 -70.24 22.85 -18.16
N GLU M 143 -70.59 23.35 -19.34
CA GLU M 143 -69.94 22.96 -20.58
C GLU M 143 -68.68 23.76 -20.86
N HIS M 144 -68.56 24.95 -20.29
CA HIS M 144 -67.51 25.89 -20.61
C HIS M 144 -66.92 26.45 -19.34
N GLY M 145 -66.11 27.47 -19.46
CA GLY M 145 -65.40 28.06 -18.35
C GLY M 145 -63.95 27.63 -18.32
N VAL M 146 -63.24 28.22 -17.35
CA VAL M 146 -61.82 27.96 -17.22
C VAL M 146 -61.59 26.58 -16.64
N GLU M 147 -60.44 26.00 -16.94
CA GLU M 147 -59.97 24.78 -16.30
C GLU M 147 -59.01 25.14 -15.19
N LEU M 148 -59.10 24.41 -14.08
CA LEU M 148 -58.28 24.68 -12.91
C LEU M 148 -58.26 23.43 -12.05
N PRO M 149 -57.31 23.32 -11.13
CA PRO M 149 -56.95 22.01 -10.58
C PRO M 149 -57.94 21.41 -9.61
N CYS M 150 -58.89 20.64 -10.12
CA CYS M 150 -59.84 19.96 -9.28
C CYS M 150 -59.29 18.62 -8.78
N ASN M 151 -60.03 18.03 -7.85
CA ASN M 151 -59.78 16.69 -7.36
C ASN M 151 -60.88 15.77 -7.88
N ARG M 152 -60.48 14.60 -8.32
CA ARG M 152 -61.35 13.78 -9.15
C ARG M 152 -60.73 12.40 -9.27
N TYR M 153 -61.57 11.42 -9.56
CA TYR M 153 -61.15 10.04 -9.73
C TYR M 153 -61.02 9.69 -11.20
N THR M 154 -60.23 8.66 -11.47
CA THR M 154 -59.87 8.32 -12.83
C THR M 154 -60.97 7.49 -13.48
N HIS M 155 -60.86 7.36 -14.80
CA HIS M 155 -61.66 6.38 -15.52
C HIS M 155 -61.09 4.98 -15.40
N LYS M 156 -59.80 4.86 -15.10
CA LYS M 156 -59.04 3.69 -15.50
C LYS M 156 -58.85 2.71 -14.35
N ARG M 157 -58.19 1.61 -14.68
CA ARG M 157 -57.92 0.49 -13.80
C ARG M 157 -56.45 0.27 -13.54
N ALA M 158 -55.58 0.64 -14.49
CA ALA M 158 -54.15 0.37 -14.40
C ALA M 158 -53.60 1.28 -13.30
N ASP M 159 -53.81 0.85 -12.06
CA ASP M 159 -53.79 1.75 -10.92
C ASP M 159 -53.24 1.01 -9.72
N GLN M 160 -52.28 1.63 -9.06
CA GLN M 160 -51.60 1.06 -7.91
C GLN M 160 -51.37 2.07 -6.81
N GLY M 161 -51.80 3.33 -6.98
CA GLY M 161 -51.43 4.40 -6.07
C GLY M 161 -51.76 4.12 -4.62
N HIS M 162 -52.74 3.27 -4.37
CA HIS M 162 -53.00 2.76 -3.04
C HIS M 162 -53.47 1.32 -3.15
N TYR M 163 -53.50 0.64 -2.01
CA TYR M 163 -54.05 -0.68 -1.93
C TYR M 163 -54.64 -0.87 -0.54
N VAL M 164 -55.80 -1.50 -0.51
CA VAL M 164 -56.49 -1.80 0.74
C VAL M 164 -56.28 -3.27 1.06
N GLU M 165 -56.22 -3.57 2.35
CA GLU M 165 -56.15 -4.95 2.80
C GLU M 165 -57.39 -5.68 2.33
N MET M 166 -57.20 -6.85 1.74
CA MET M 166 -58.32 -7.73 1.40
C MET M 166 -57.92 -9.17 1.72
N HIS M 167 -58.08 -9.55 2.98
CA HIS M 167 -57.85 -10.92 3.41
C HIS M 167 -59.17 -11.68 3.40
N GLN M 168 -59.19 -12.84 4.06
CA GLN M 168 -60.17 -13.86 3.77
C GLN M 168 -61.55 -13.40 4.20
N PRO M 169 -62.57 -14.16 3.81
CA PRO M 169 -63.83 -14.07 4.53
C PRO M 169 -63.80 -14.94 5.77
N GLY M 170 -64.57 -14.53 6.75
CA GLY M 170 -64.97 -15.45 7.78
C GLY M 170 -65.99 -16.42 7.21
N LEU M 171 -66.55 -17.22 8.10
CA LEU M 171 -67.61 -18.11 7.70
C LEU M 171 -68.83 -17.30 7.28
N VAL M 172 -69.86 -18.01 6.80
CA VAL M 172 -71.16 -17.42 6.55
C VAL M 172 -72.20 -18.47 6.90
N ALA M 173 -73.41 -18.00 7.20
CA ALA M 173 -74.52 -18.89 7.47
C ALA M 173 -75.05 -19.46 6.16
N ASP M 174 -75.49 -20.71 6.20
CA ASP M 174 -76.28 -21.24 5.09
C ASP M 174 -77.10 -22.41 5.64
N HIS M 175 -78.33 -22.11 6.05
CA HIS M 175 -79.21 -23.14 6.58
C HIS M 175 -79.92 -23.93 5.50
N SER M 176 -79.69 -23.62 4.23
CA SER M 176 -80.06 -24.54 3.18
C SER M 176 -79.30 -25.85 3.33
N LEU M 177 -78.10 -25.80 3.91
CA LEU M 177 -77.35 -27.01 4.20
C LEU M 177 -78.12 -27.93 5.13
N LEU M 178 -78.54 -27.40 6.28
CA LEU M 178 -79.05 -28.22 7.36
C LEU M 178 -80.43 -28.76 6.99
N SER M 179 -80.41 -29.79 6.15
CA SER M 179 -81.61 -30.54 5.81
C SER M 179 -81.90 -31.52 6.95
N ILE M 180 -82.77 -32.49 6.70
CA ILE M 180 -83.14 -33.50 7.68
C ILE M 180 -82.87 -34.87 7.09
N HIS M 181 -82.23 -35.74 7.86
CA HIS M 181 -82.01 -37.15 7.52
C HIS M 181 -83.17 -38.02 8.02
N SER M 182 -84.39 -37.57 7.74
CA SER M 182 -85.65 -38.23 8.03
C SER M 182 -86.00 -38.36 9.51
N ALA M 183 -85.02 -38.21 10.40
CA ALA M 183 -85.26 -37.84 11.80
C ALA M 183 -84.22 -36.90 12.37
N LYS M 184 -83.04 -36.81 11.76
CA LYS M 184 -81.92 -36.06 12.28
C LYS M 184 -81.62 -34.91 11.34
N VAL M 185 -81.02 -33.85 11.87
CA VAL M 185 -80.70 -32.71 11.04
C VAL M 185 -79.41 -33.00 10.27
N LYS M 186 -79.46 -32.75 8.97
CA LYS M 186 -78.50 -33.25 8.00
C LYS M 186 -77.81 -32.06 7.35
N ILE M 187 -76.52 -31.94 7.60
CA ILE M 187 -75.70 -30.94 6.95
C ILE M 187 -75.12 -31.54 5.67
N THR M 188 -74.83 -30.68 4.70
CA THR M 188 -74.12 -31.08 3.49
C THR M 188 -72.97 -30.10 3.26
N VAL M 189 -72.35 -30.18 2.08
CA VAL M 189 -71.20 -29.32 1.76
C VAL M 189 -71.35 -28.79 0.35
N PRO M 190 -70.79 -27.59 0.07
CA PRO M 190 -70.83 -27.07 -1.31
C PRO M 190 -70.12 -27.94 -2.32
N SER M 191 -68.82 -28.10 -2.15
CA SER M 191 -67.95 -28.77 -3.11
C SER M 191 -66.86 -29.55 -2.39
N GLY M 192 -67.12 -29.94 -1.16
CA GLY M 192 -66.08 -30.32 -0.23
C GLY M 192 -65.57 -29.17 0.61
N ALA M 193 -66.27 -28.04 0.62
CA ALA M 193 -65.86 -26.93 1.45
C ALA M 193 -65.94 -27.31 2.93
N GLN M 194 -65.42 -26.42 3.75
CA GLN M 194 -65.17 -26.68 5.16
C GLN M 194 -66.34 -26.14 5.98
N VAL M 195 -67.16 -27.05 6.50
CA VAL M 195 -68.40 -26.70 7.18
C VAL M 195 -68.19 -26.92 8.68
N LYS M 196 -68.40 -25.87 9.45
CA LYS M 196 -68.00 -25.79 10.85
C LYS M 196 -69.26 -26.03 11.69
N TYR M 197 -69.32 -27.16 12.38
CA TYR M 197 -70.60 -27.74 12.79
C TYR M 197 -70.60 -28.34 14.20
N TYR M 198 -71.74 -28.17 14.89
CA TYR M 198 -72.17 -28.77 16.17
C TYR M 198 -73.55 -28.17 16.40
N CYS M 199 -74.26 -28.67 17.41
CA CYS M 199 -75.57 -28.15 17.75
C CYS M 199 -75.57 -27.85 19.25
N LYS M 200 -76.65 -27.27 19.75
CA LYS M 200 -76.72 -26.98 21.18
C LYS M 200 -76.53 -28.26 22.00
N CYS M 201 -77.07 -29.37 21.50
CA CYS M 201 -76.87 -30.65 22.14
C CYS M 201 -75.41 -31.05 21.96
N PRO M 202 -74.97 -32.13 22.61
CA PRO M 202 -73.63 -32.68 22.30
C PRO M 202 -73.58 -33.66 21.13
N ASP M 203 -72.92 -33.26 20.05
CA ASP M 203 -72.60 -34.07 18.87
C ASP M 203 -71.25 -33.60 18.32
N VAL M 204 -70.97 -33.83 17.03
CA VAL M 204 -69.69 -33.44 16.41
C VAL M 204 -69.39 -31.97 16.67
N ARG M 205 -68.20 -31.67 17.20
CA ARG M 205 -67.96 -30.35 17.79
C ARG M 205 -67.18 -29.37 16.92
N GLU M 206 -66.32 -29.81 15.99
CA GLU M 206 -65.72 -28.85 15.08
C GLU M 206 -66.49 -28.76 13.78
N GLY M 207 -66.42 -29.82 12.99
CA GLY M 207 -66.95 -29.84 11.64
C GLY M 207 -65.86 -29.40 10.70
N ILE M 208 -65.13 -30.35 10.14
CA ILE M 208 -64.29 -30.12 8.97
C ILE M 208 -64.48 -31.37 8.13
N THR M 209 -65.49 -31.37 7.26
CA THR M 209 -66.08 -32.62 6.82
C THR M 209 -66.69 -32.48 5.44
N SER M 210 -67.04 -33.64 4.89
CA SER M 210 -68.05 -33.75 3.85
C SER M 210 -69.42 -33.70 4.51
N SER M 211 -70.46 -34.10 3.78
CA SER M 211 -71.81 -34.09 4.33
C SER M 211 -71.93 -34.99 5.55
N ASP M 212 -72.09 -34.39 6.72
CA ASP M 212 -72.33 -35.12 7.96
C ASP M 212 -73.83 -35.21 8.23
N HIS M 213 -74.17 -36.07 9.17
CA HIS M 213 -75.45 -36.10 9.83
C HIS M 213 -75.27 -35.49 11.21
N THR M 214 -76.31 -35.61 12.04
CA THR M 214 -76.28 -35.13 13.42
C THR M 214 -76.94 -36.18 14.28
N THR M 215 -76.16 -36.90 15.08
CA THR M 215 -76.74 -37.93 15.93
C THR M 215 -77.69 -37.33 16.94
N THR M 216 -77.27 -36.26 17.62
CA THR M 216 -77.95 -35.83 18.84
C THR M 216 -79.14 -34.92 18.59
N CYS M 217 -78.88 -33.70 18.12
CA CYS M 217 -79.97 -32.74 17.95
C CYS M 217 -80.80 -33.10 16.72
N THR M 218 -81.98 -32.47 16.64
CA THR M 218 -82.95 -32.69 15.58
C THR M 218 -83.35 -31.40 14.90
N ASP M 219 -83.47 -30.32 15.65
CA ASP M 219 -83.99 -29.08 15.11
C ASP M 219 -82.92 -28.36 14.31
N VAL M 220 -83.32 -27.89 13.12
CA VAL M 220 -82.44 -27.08 12.30
C VAL M 220 -82.01 -25.81 13.01
N LYS M 221 -82.85 -25.31 13.92
CA LYS M 221 -82.69 -23.99 14.52
C LYS M 221 -81.76 -23.99 15.72
N GLN M 222 -80.97 -25.04 15.92
CA GLN M 222 -80.07 -25.11 17.05
C GLN M 222 -78.72 -25.68 16.63
N CYS M 223 -78.27 -25.34 15.42
CA CYS M 223 -77.10 -25.96 14.84
C CYS M 223 -76.27 -24.92 14.09
N ARG M 224 -75.04 -25.32 13.78
CA ARG M 224 -74.01 -24.42 13.24
C ARG M 224 -73.87 -24.67 11.74
N ALA M 225 -74.69 -23.97 10.95
CA ALA M 225 -74.60 -24.00 9.50
C ALA M 225 -73.56 -22.97 9.08
N TYR M 226 -72.33 -23.41 8.85
CA TYR M 226 -71.21 -22.53 8.58
C TYR M 226 -70.52 -22.94 7.29
N LEU M 227 -69.86 -21.97 6.66
CA LEU M 227 -69.12 -22.17 5.41
C LEU M 227 -67.78 -21.48 5.51
N ILE M 228 -66.77 -22.22 5.98
CA ILE M 228 -65.39 -21.79 5.82
C ILE M 228 -65.02 -22.14 4.39
N ASP M 229 -65.10 -21.15 3.50
CA ASP M 229 -64.94 -21.33 2.06
C ASP M 229 -63.89 -20.36 1.55
N ASN M 230 -62.75 -20.34 2.22
CA ASN M 230 -61.72 -19.34 1.98
C ASN M 230 -60.82 -19.72 0.81
N LYS M 231 -61.41 -20.05 -0.32
CA LYS M 231 -60.68 -20.19 -1.56
C LYS M 231 -60.54 -18.85 -2.29
N LYS M 232 -61.32 -17.85 -1.92
CA LYS M 232 -61.24 -16.52 -2.49
C LYS M 232 -61.41 -15.50 -1.39
N TRP M 233 -60.49 -14.54 -1.33
CA TRP M 233 -60.51 -13.52 -0.29
C TRP M 233 -61.66 -12.55 -0.54
N VAL M 234 -61.79 -11.55 0.34
CA VAL M 234 -62.85 -10.56 0.27
C VAL M 234 -62.31 -9.18 0.60
N TYR M 235 -63.17 -8.19 0.41
CA TYR M 235 -62.95 -6.90 1.01
C TYR M 235 -63.24 -6.99 2.50
N ASN M 236 -62.50 -6.20 3.27
CA ASN M 236 -62.58 -6.24 4.71
C ASN M 236 -63.63 -5.24 5.20
N SER M 237 -64.86 -5.53 4.77
CA SER M 237 -66.00 -4.72 5.16
C SER M 237 -66.19 -4.76 6.66
N GLY M 238 -66.71 -3.66 7.20
CA GLY M 238 -67.21 -3.68 8.55
C GLY M 238 -68.36 -4.65 8.71
N ARG M 239 -69.08 -4.92 7.63
CA ARG M 239 -70.19 -5.86 7.66
C ARG M 239 -69.75 -7.27 7.29
N LEU M 240 -68.50 -7.61 7.57
CA LEU M 240 -67.92 -8.92 7.46
C LEU M 240 -67.70 -9.51 8.85
N PRO M 241 -68.00 -10.79 9.07
CA PRO M 241 -67.45 -11.46 10.26
C PRO M 241 -66.03 -11.92 10.00
N ARG M 242 -65.18 -11.69 11.01
CA ARG M 242 -63.77 -12.03 10.91
C ARG M 242 -63.57 -13.49 10.60
N GLY M 243 -62.62 -13.77 9.74
CA GLY M 243 -62.06 -15.11 9.65
C GLY M 243 -61.10 -15.28 10.81
N GLU M 244 -61.55 -16.01 11.83
CA GLU M 244 -60.89 -15.99 13.13
C GLU M 244 -59.48 -16.55 13.08
N GLY M 245 -59.15 -17.33 12.05
CA GLY M 245 -57.91 -18.07 12.08
C GLY M 245 -56.68 -17.17 11.98
N ASP M 246 -56.70 -16.22 11.06
CA ASP M 246 -55.46 -15.58 10.65
C ASP M 246 -55.76 -14.36 9.80
N THR M 247 -54.78 -13.46 9.76
CA THR M 247 -54.69 -12.43 8.73
C THR M 247 -54.04 -13.04 7.49
N PHE M 248 -54.85 -13.72 6.67
CA PHE M 248 -54.30 -14.18 5.40
C PHE M 248 -53.88 -13.01 4.53
N LYS M 249 -53.08 -13.32 3.50
CA LYS M 249 -52.62 -12.40 2.48
C LYS M 249 -53.81 -11.96 1.63
N GLY M 250 -53.53 -11.15 0.62
CA GLY M 250 -54.54 -10.54 -0.23
C GLY M 250 -54.53 -9.03 -0.19
N LYS M 251 -53.34 -8.44 -0.10
CA LYS M 251 -53.21 -7.01 -0.33
C LYS M 251 -53.61 -6.71 -1.77
N LEU M 252 -54.56 -5.79 -1.95
CA LEU M 252 -55.17 -5.57 -3.24
C LEU M 252 -55.42 -4.09 -3.47
N HIS M 253 -55.10 -3.66 -4.69
CA HIS M 253 -55.06 -2.24 -5.04
C HIS M 253 -56.42 -1.59 -4.94
N VAL M 254 -56.44 -0.29 -5.17
CA VAL M 254 -57.65 0.46 -5.50
C VAL M 254 -57.51 0.98 -6.92
N PRO M 255 -58.52 0.81 -7.77
CA PRO M 255 -58.46 1.46 -9.09
C PRO M 255 -58.57 2.96 -9.04
N PHE M 256 -59.65 3.44 -8.43
CA PHE M 256 -60.08 4.81 -8.59
C PHE M 256 -59.36 5.67 -7.57
N VAL M 257 -58.13 6.00 -7.92
CA VAL M 257 -57.30 6.88 -7.09
C VAL M 257 -57.85 8.28 -7.30
N PRO M 258 -57.84 9.15 -6.28
CA PRO M 258 -58.11 10.56 -6.54
C PRO M 258 -56.90 11.21 -7.20
N VAL M 259 -57.14 11.84 -8.34
CA VAL M 259 -56.07 12.40 -9.16
C VAL M 259 -56.31 13.89 -9.38
N LYS M 260 -55.27 14.56 -9.83
CA LYS M 260 -55.28 16.00 -10.02
C LYS M 260 -55.68 16.32 -11.45
N ALA M 261 -56.91 15.92 -11.76
CA ALA M 261 -57.50 16.35 -13.02
C ALA M 261 -57.79 17.82 -12.95
N LYS M 262 -57.72 18.48 -14.11
CA LYS M 262 -58.24 19.82 -14.27
C LYS M 262 -59.66 19.65 -14.79
N CYS M 263 -60.62 19.74 -13.88
CA CYS M 263 -62.01 19.69 -14.31
C CYS M 263 -62.28 20.81 -15.29
N ILE M 264 -63.03 20.48 -16.33
CA ILE M 264 -63.80 21.52 -17.00
C ILE M 264 -64.60 22.18 -15.90
N ALA M 265 -64.53 23.50 -15.79
CA ALA M 265 -64.89 24.09 -14.51
C ALA M 265 -65.59 25.42 -14.70
N THR M 266 -65.72 26.14 -13.60
CA THR M 266 -66.69 27.20 -13.44
C THR M 266 -66.18 28.48 -14.07
N LEU M 267 -67.08 29.44 -14.16
CA LEU M 267 -66.78 30.78 -14.62
C LEU M 267 -68.02 31.60 -14.37
N ALA M 268 -67.84 32.76 -13.80
CA ALA M 268 -68.95 33.64 -13.49
C ALA M 268 -69.01 34.78 -14.51
N PRO M 269 -70.21 35.25 -14.86
CA PRO M 269 -70.31 36.30 -15.87
C PRO M 269 -69.51 37.54 -15.52
N GLU M 270 -69.02 38.22 -16.54
CA GLU M 270 -68.10 39.31 -16.33
C GLU M 270 -68.77 40.43 -15.55
N PRO M 271 -68.01 41.23 -14.82
CA PRO M 271 -68.60 42.35 -14.09
C PRO M 271 -68.85 43.54 -15.00
N LEU M 272 -69.62 44.49 -14.46
CA LEU M 272 -69.84 45.78 -15.10
C LEU M 272 -69.02 46.79 -14.33
N VAL M 273 -67.89 47.17 -14.89
CA VAL M 273 -67.03 48.13 -14.22
C VAL M 273 -67.59 49.51 -14.43
N GLU M 274 -67.63 50.27 -13.34
CA GLU M 274 -68.15 51.63 -13.36
C GLU M 274 -67.19 52.48 -12.55
N HIS M 275 -66.79 53.60 -13.13
CA HIS M 275 -65.85 54.50 -12.47
C HIS M 275 -66.55 55.42 -11.49
N LYS M 276 -65.88 55.70 -10.38
CA LYS M 276 -66.12 56.88 -9.59
C LYS M 276 -64.80 57.34 -9.01
N HIS M 277 -64.83 58.42 -8.24
CA HIS M 277 -63.65 59.02 -7.65
C HIS M 277 -63.07 58.08 -6.60
N ARG M 278 -61.97 57.41 -6.96
CA ARG M 278 -61.29 56.48 -6.07
C ARG M 278 -62.25 55.42 -5.55
N THR M 279 -63.22 55.04 -6.38
CA THR M 279 -64.29 54.15 -5.96
C THR M 279 -64.78 53.38 -7.16
N LEU M 280 -64.86 52.06 -7.01
CA LEU M 280 -65.45 51.18 -8.01
C LEU M 280 -66.87 50.88 -7.61
N ILE M 281 -67.83 51.55 -8.24
CA ILE M 281 -69.16 50.96 -8.30
C ILE M 281 -69.08 49.79 -9.25
N LEU M 282 -69.73 48.70 -8.88
CA LEU M 282 -69.77 47.51 -9.70
C LEU M 282 -71.18 46.95 -9.62
N HIS M 283 -71.99 47.27 -10.62
CA HIS M 283 -73.21 46.52 -10.81
C HIS M 283 -72.84 45.11 -11.22
N LEU M 284 -73.37 44.12 -10.51
CA LEU M 284 -72.87 42.76 -10.64
C LEU M 284 -74.03 41.80 -10.63
N HIS M 285 -73.86 40.72 -11.37
CA HIS M 285 -74.97 39.88 -11.75
C HIS M 285 -74.47 38.48 -12.08
N PRO M 286 -74.34 37.60 -11.09
CA PRO M 286 -73.78 36.28 -11.33
C PRO M 286 -74.79 35.25 -11.81
N ASP M 287 -74.28 34.07 -12.10
CA ASP M 287 -75.08 32.89 -12.39
C ASP M 287 -75.40 32.12 -11.12
N HIS M 288 -74.43 32.03 -10.24
CA HIS M 288 -74.49 31.21 -9.05
C HIS M 288 -73.79 31.95 -7.92
N PRO M 289 -73.86 31.45 -6.68
CA PRO M 289 -73.15 32.13 -5.59
C PRO M 289 -71.66 32.17 -5.84
N THR M 290 -71.13 33.39 -5.94
CA THR M 290 -69.75 33.64 -6.29
C THR M 290 -69.07 34.33 -5.12
N LEU M 291 -67.96 33.76 -4.65
CA LEU M 291 -67.18 34.39 -3.61
C LEU M 291 -66.31 35.46 -4.26
N LEU M 292 -66.69 36.70 -4.05
CA LEU M 292 -65.86 37.82 -4.44
C LEU M 292 -64.94 38.20 -3.30
N THR M 293 -63.75 38.68 -3.64
CA THR M 293 -62.87 39.21 -2.61
C THR M 293 -61.77 40.05 -3.25
N THR M 294 -61.17 40.89 -2.41
CA THR M 294 -60.24 41.92 -2.84
C THR M 294 -59.08 42.03 -1.86
N ARG M 295 -58.11 42.87 -2.22
CA ARG M 295 -56.94 43.12 -1.38
C ARG M 295 -56.46 44.55 -1.62
N SER M 296 -56.84 45.48 -0.76
CA SER M 296 -56.30 46.82 -0.90
C SER M 296 -54.81 46.75 -0.62
N LEU M 297 -54.02 46.97 -1.65
CA LEU M 297 -52.62 46.62 -1.64
C LEU M 297 -51.76 47.47 -0.74
N GLY M 298 -52.31 48.41 0.00
CA GLY M 298 -51.55 49.02 1.06
C GLY M 298 -51.11 47.98 2.06
N SER M 299 -50.12 48.35 2.87
CA SER M 299 -49.77 47.50 4.00
C SER M 299 -50.95 47.35 4.94
N ASP M 300 -51.89 48.29 4.91
CA ASP M 300 -53.25 48.02 5.35
C ASP M 300 -53.94 47.21 4.27
N ALA M 301 -54.15 45.92 4.56
CA ALA M 301 -54.75 45.04 3.57
C ALA M 301 -56.19 45.43 3.29
N ASN M 302 -57.00 45.54 4.34
CA ASN M 302 -58.43 45.78 4.28
C ASN M 302 -59.14 44.94 3.21
N PRO M 303 -59.09 43.62 3.31
CA PRO M 303 -59.78 42.77 2.35
C PRO M 303 -61.27 42.66 2.66
N THR M 304 -61.97 42.03 1.72
CA THR M 304 -63.40 41.81 1.81
C THR M 304 -63.71 40.46 1.22
N ARG M 305 -64.72 39.80 1.77
CA ARG M 305 -65.22 38.54 1.25
C ARG M 305 -66.74 38.59 1.31
N GLN M 306 -67.39 38.16 0.25
CA GLN M 306 -68.81 37.91 0.32
C GLN M 306 -69.23 37.05 -0.85
N TRP M 307 -69.85 35.91 -0.54
CA TRP M 307 -70.54 35.14 -1.56
C TRP M 307 -71.66 35.98 -2.12
N ILE M 308 -71.70 36.08 -3.44
CA ILE M 308 -72.74 36.84 -4.12
C ILE M 308 -73.47 35.86 -5.04
N GLU M 309 -74.74 35.65 -4.74
CA GLU M 309 -75.66 34.97 -5.64
C GLU M 309 -76.76 35.90 -6.13
N ARG M 310 -77.17 36.81 -5.31
CA ARG M 310 -78.14 37.80 -5.71
C ARG M 310 -77.42 38.95 -6.40
N PRO M 311 -77.87 39.39 -7.57
CA PRO M 311 -77.20 40.51 -8.24
C PRO M 311 -77.20 41.75 -7.37
N THR M 312 -76.05 42.41 -7.32
CA THR M 312 -75.83 43.46 -6.34
C THR M 312 -74.85 44.47 -6.90
N THR M 313 -75.24 45.74 -6.81
CA THR M 313 -74.30 46.82 -7.02
C THR M 313 -73.51 47.03 -5.73
N VAL M 314 -72.20 46.87 -5.81
CA VAL M 314 -71.32 46.95 -4.66
C VAL M 314 -70.40 48.15 -4.81
N ASN M 315 -69.54 48.35 -3.83
CA ASN M 315 -68.63 49.48 -3.83
C ASN M 315 -67.31 49.06 -3.18
N PHE M 316 -66.25 49.74 -3.60
CA PHE M 316 -64.91 49.46 -3.10
C PHE M 316 -64.13 50.76 -3.06
N THR M 317 -63.79 51.19 -1.85
CA THR M 317 -62.95 52.37 -1.71
C THR M 317 -61.55 52.03 -2.14
N VAL M 318 -61.25 52.25 -3.40
CA VAL M 318 -59.90 52.01 -3.89
C VAL M 318 -59.02 53.15 -3.41
N THR M 319 -57.78 52.81 -3.13
CA THR M 319 -56.79 53.74 -2.63
C THR M 319 -55.96 54.26 -3.79
N GLY M 320 -54.88 54.96 -3.44
CA GLY M 320 -54.02 55.53 -4.47
C GLY M 320 -53.21 54.47 -5.19
N GLU M 321 -52.66 53.52 -4.44
CA GLU M 321 -51.68 52.62 -5.02
C GLU M 321 -52.31 51.48 -5.81
N GLY M 322 -53.47 51.00 -5.39
CA GLY M 322 -54.18 50.02 -6.20
C GLY M 322 -55.05 49.11 -5.36
N LEU M 323 -55.92 48.39 -6.07
CA LEU M 323 -56.74 47.33 -5.52
C LEU M 323 -56.78 46.20 -6.54
N GLU M 324 -57.11 45.00 -6.08
CA GLU M 324 -57.35 43.89 -6.99
C GLU M 324 -58.70 43.27 -6.67
N TYR M 325 -59.19 42.52 -7.65
CA TYR M 325 -60.60 42.20 -7.77
C TYR M 325 -60.76 40.83 -8.40
N THR M 326 -61.56 39.97 -7.78
CA THR M 326 -61.56 38.53 -8.08
C THR M 326 -62.99 38.02 -8.31
N TRP M 327 -63.48 38.21 -9.52
CA TRP M 327 -64.85 37.82 -9.86
C TRP M 327 -64.93 36.30 -10.00
N GLY M 328 -64.98 35.63 -8.87
CA GLY M 328 -64.99 34.20 -8.95
C GLY M 328 -63.64 33.71 -9.44
N ASN M 329 -63.63 32.48 -9.92
CA ASN M 329 -62.40 31.93 -10.48
C ASN M 329 -62.00 32.56 -11.80
N HIS M 330 -62.79 33.49 -12.31
CA HIS M 330 -62.28 34.42 -13.30
C HIS M 330 -61.00 35.06 -12.76
N PRO M 331 -60.01 35.35 -13.59
CA PRO M 331 -58.71 35.74 -13.06
C PRO M 331 -58.79 37.04 -12.26
N PRO M 332 -57.81 37.30 -11.41
CA PRO M 332 -57.84 38.53 -10.61
C PRO M 332 -57.54 39.74 -11.46
N LYS M 333 -58.37 40.77 -11.30
CA LYS M 333 -58.14 42.05 -11.93
C LYS M 333 -57.32 42.95 -11.01
N ARG M 334 -56.97 44.11 -11.51
CA ARG M 334 -56.18 45.09 -10.78
C ARG M 334 -56.60 46.45 -11.30
N VAL M 335 -56.40 47.49 -10.48
CA VAL M 335 -56.93 48.81 -10.83
C VAL M 335 -56.07 49.95 -10.27
N TRP M 336 -55.67 50.88 -11.15
CA TRP M 336 -55.12 52.16 -10.72
C TRP M 336 -56.29 53.07 -10.46
N ALA M 337 -56.43 53.49 -9.22
CA ALA M 337 -57.29 54.61 -8.86
C ALA M 337 -56.39 55.63 -8.22
N GLN M 338 -55.82 56.48 -9.06
CA GLN M 338 -55.33 57.75 -8.60
C GLN M 338 -56.52 58.68 -8.52
N GLU M 339 -56.26 59.97 -8.44
CA GLU M 339 -57.29 60.99 -8.36
C GLU M 339 -58.36 60.83 -9.43
N SER M 340 -59.51 61.42 -9.18
CA SER M 340 -60.35 61.90 -10.27
C SER M 340 -61.09 63.18 -9.89
N GLY M 341 -60.76 63.80 -8.77
CA GLY M 341 -61.43 64.98 -8.26
C GLY M 341 -60.80 66.27 -8.70
N GLU M 342 -59.90 66.23 -9.67
CA GLU M 342 -59.41 67.40 -10.39
C GLU M 342 -58.49 68.29 -9.55
N ASP N 1 -10.62 -10.84 -10.38
CA ASP N 1 -11.21 -10.02 -11.48
C ASP N 1 -10.36 -8.79 -11.77
N LEU N 2 -9.20 -9.02 -12.37
CA LEU N 2 -8.40 -7.95 -12.95
C LEU N 2 -8.86 -7.58 -14.35
N ASP N 3 -10.02 -8.08 -14.78
CA ASP N 3 -10.47 -8.03 -16.16
C ASP N 3 -11.79 -7.27 -16.27
N THR N 4 -11.95 -6.25 -15.45
CA THR N 4 -13.17 -5.45 -15.35
C THR N 4 -12.97 -3.98 -15.69
N HIS N 5 -11.77 -3.60 -16.13
CA HIS N 5 -11.45 -2.22 -16.46
C HIS N 5 -10.68 -2.17 -17.76
N PHE N 6 -11.19 -2.90 -18.75
CA PHE N 6 -10.70 -2.74 -20.11
C PHE N 6 -11.17 -1.44 -20.74
N THR N 7 -11.99 -0.66 -20.03
CA THR N 7 -12.20 0.73 -20.36
C THR N 7 -10.86 1.43 -20.58
N GLN N 8 -10.01 1.41 -19.55
CA GLN N 8 -8.69 2.01 -19.69
C GLN N 8 -7.76 1.11 -20.49
N TYR N 9 -7.66 -0.15 -20.07
CA TYR N 9 -6.54 -1.01 -20.45
C TYR N 9 -6.44 -1.14 -21.97
N LYS N 10 -7.50 -1.64 -22.60
CA LYS N 10 -7.47 -1.82 -24.05
C LYS N 10 -7.28 -0.50 -24.76
N LEU N 11 -7.88 0.56 -24.25
CA LEU N 11 -8.14 1.75 -25.03
C LEU N 11 -7.19 2.89 -24.73
N ALA N 12 -6.49 2.84 -23.60
CA ALA N 12 -5.49 3.84 -23.24
C ALA N 12 -4.09 3.28 -23.44
N ARG N 13 -3.16 4.17 -23.73
CA ARG N 13 -1.77 3.86 -24.00
C ARG N 13 -0.87 4.51 -22.95
N PRO N 14 0.37 4.04 -22.77
CA PRO N 14 1.26 4.71 -21.84
C PRO N 14 1.73 6.05 -22.36
N TYR N 15 1.17 7.13 -21.85
CA TYR N 15 1.50 8.43 -22.39
C TYR N 15 2.91 8.82 -22.03
N ILE N 16 3.51 9.69 -22.85
CA ILE N 16 4.82 10.25 -22.57
C ILE N 16 4.76 11.76 -22.60
N ALA N 17 5.32 12.38 -21.55
CA ALA N 17 5.29 13.82 -21.36
C ALA N 17 6.66 14.27 -20.89
N ASP N 18 6.73 15.54 -20.50
CA ASP N 18 8.00 16.20 -20.20
C ASP N 18 8.22 16.25 -18.70
N CYS N 19 9.04 15.34 -18.20
CA CYS N 19 9.40 15.34 -16.81
C CYS N 19 10.25 16.59 -16.50
N PRO N 20 10.08 17.21 -15.32
CA PRO N 20 10.73 18.50 -15.10
C PRO N 20 12.20 18.49 -14.70
N ASN N 21 12.63 17.51 -13.92
CA ASN N 21 14.01 17.42 -13.48
C ASN N 21 14.46 15.96 -13.57
N CYS N 22 14.33 15.44 -14.78
CA CYS N 22 14.47 14.02 -15.09
C CYS N 22 15.90 13.56 -14.92
N GLY N 23 16.36 13.49 -13.67
CA GLY N 23 17.72 13.12 -13.38
C GLY N 23 18.67 14.28 -13.61
N HIS N 24 18.92 14.58 -14.87
CA HIS N 24 19.70 15.77 -15.21
C HIS N 24 18.80 17.01 -15.15
N SER N 25 17.83 17.05 -16.02
CA SER N 25 17.04 18.23 -16.31
C SER N 25 15.76 17.76 -16.98
N ARG N 26 15.07 18.66 -17.66
CA ARG N 26 13.80 18.34 -18.29
C ARG N 26 13.99 17.37 -19.45
N CYS N 27 13.72 16.08 -19.22
CA CYS N 27 13.63 15.12 -20.30
C CYS N 27 12.18 14.99 -20.73
N ASP N 28 11.89 13.97 -21.53
CA ASP N 28 10.54 13.52 -21.82
C ASP N 28 10.45 12.08 -21.34
N SER N 29 10.00 11.89 -20.10
CA SER N 29 9.87 10.54 -19.56
C SER N 29 8.48 10.00 -19.81
N PRO N 30 8.31 8.70 -20.07
CA PRO N 30 6.96 8.14 -20.07
C PRO N 30 6.31 8.14 -18.71
N ILE N 31 7.09 8.26 -17.63
CA ILE N 31 6.56 8.21 -16.29
C ILE N 31 6.46 9.63 -15.75
N ALA N 32 6.30 10.59 -16.65
CA ALA N 32 6.19 11.99 -16.27
C ALA N 32 5.06 12.19 -15.27
N ILE N 33 5.41 12.76 -14.12
CA ILE N 33 4.52 12.82 -12.97
C ILE N 33 3.66 14.06 -13.06
N GLU N 34 2.36 13.86 -13.08
CA GLU N 34 1.38 14.91 -12.90
C GLU N 34 0.51 14.51 -11.71
N GLU N 35 -0.28 15.47 -11.22
CA GLU N 35 -1.31 15.26 -10.21
C GLU N 35 -0.81 14.42 -9.02
N VAL N 36 0.14 14.99 -8.33
CA VAL N 36 0.54 14.46 -7.04
C VAL N 36 -0.51 14.88 -6.03
N ARG N 37 -0.89 13.95 -5.16
CA ARG N 37 -1.98 14.18 -4.21
C ARG N 37 -1.55 13.68 -2.83
N GLY N 38 -0.88 14.55 -2.09
CA GLY N 38 -0.51 14.26 -0.72
C GLY N 38 -1.56 14.84 0.21
N ASP N 39 -2.80 14.54 -0.13
CA ASP N 39 -3.96 15.15 0.49
C ASP N 39 -4.65 14.24 1.48
N ALA N 40 -4.33 12.95 1.47
CA ALA N 40 -4.87 12.01 2.43
C ALA N 40 -4.02 12.06 3.70
N HIS N 41 -4.22 11.06 4.57
CA HIS N 41 -3.62 11.04 5.90
C HIS N 41 -2.73 9.85 6.18
N ALA N 42 -2.88 8.75 5.43
CA ALA N 42 -2.38 7.44 5.85
C ALA N 42 -0.96 7.17 5.38
N GLY N 43 -0.14 8.21 5.22
CA GLY N 43 1.16 8.00 4.63
C GLY N 43 1.15 7.73 3.15
N VAL N 44 0.00 7.94 2.49
CA VAL N 44 -0.23 7.48 1.12
C VAL N 44 -0.29 8.68 0.19
N ILE N 45 0.20 8.47 -1.03
CA ILE N 45 -0.01 9.39 -2.13
C ILE N 45 -0.52 8.59 -3.32
N ARG N 46 -1.53 9.14 -3.97
CA ARG N 46 -1.96 8.69 -5.28
C ARG N 46 -1.26 9.56 -6.31
N ILE N 47 -0.65 8.91 -7.30
CA ILE N 47 0.15 9.57 -8.32
C ILE N 47 -0.37 9.12 -9.67
N GLN N 48 -0.21 9.98 -10.67
CA GLN N 48 -0.36 9.56 -12.06
C GLN N 48 0.97 9.72 -12.77
N THR N 49 1.50 8.60 -13.24
CA THR N 49 2.47 8.62 -14.31
C THR N 49 1.72 8.84 -15.61
N SER N 50 2.41 9.41 -16.58
CA SER N 50 1.90 9.35 -17.94
C SER N 50 2.01 7.94 -18.50
N ALA N 51 2.82 7.09 -17.89
CA ALA N 51 2.90 5.69 -18.27
C ALA N 51 1.75 4.90 -17.68
N MET N 52 1.24 3.98 -18.49
CA MET N 52 0.12 3.11 -18.14
C MET N 52 0.73 1.73 -17.89
N PHE N 53 1.11 1.49 -16.65
CA PHE N 53 1.45 0.15 -16.22
C PHE N 53 0.16 -0.57 -15.84
N GLY N 54 0.28 -1.86 -15.56
CA GLY N 54 -0.89 -2.68 -15.30
C GLY N 54 -0.83 -3.96 -16.10
N LEU N 55 -1.91 -4.29 -16.80
CA LEU N 55 -1.83 -5.37 -17.77
C LEU N 55 -0.83 -4.98 -18.85
N LYS N 56 -0.56 -5.94 -19.72
CA LYS N 56 0.32 -5.69 -20.85
C LYS N 56 -0.43 -4.86 -21.89
N THR N 57 0.14 -4.78 -23.09
CA THR N 57 -0.60 -4.23 -24.22
C THR N 57 -1.95 -4.93 -24.39
N ASP N 58 -1.99 -6.24 -24.15
CA ASP N 58 -3.16 -7.01 -24.53
C ASP N 58 -4.09 -7.42 -23.38
N GLY N 59 -3.65 -8.28 -22.46
CA GLY N 59 -4.61 -8.88 -21.55
C GLY N 59 -4.24 -9.44 -20.19
N VAL N 60 -3.00 -9.34 -19.70
CA VAL N 60 -2.57 -10.19 -18.59
C VAL N 60 -1.80 -9.40 -17.53
N ASP N 61 -2.07 -9.73 -16.26
CA ASP N 61 -1.14 -9.49 -15.16
C ASP N 61 -0.86 -8.03 -14.86
N LEU N 62 -1.74 -7.41 -14.07
CA LEU N 62 -1.55 -6.08 -13.47
C LEU N 62 -0.10 -5.79 -13.11
N ALA N 63 0.62 -6.77 -12.58
CA ALA N 63 1.97 -6.57 -12.10
C ALA N 63 3.03 -6.52 -13.20
N TYR N 64 2.64 -6.32 -14.46
CA TYR N 64 3.58 -6.03 -15.53
C TYR N 64 3.59 -4.54 -15.80
N MET N 65 4.35 -4.14 -16.82
CA MET N 65 4.88 -2.78 -16.89
C MET N 65 4.97 -2.37 -18.35
N SER N 66 4.08 -1.47 -18.75
CA SER N 66 4.04 -0.93 -20.11
C SER N 66 4.25 0.59 -20.06
N PHE N 67 5.44 1.03 -20.44
CA PHE N 67 5.69 2.43 -20.76
C PHE N 67 5.95 2.57 -22.25
N MET N 68 6.17 3.80 -22.67
CA MET N 68 6.47 4.10 -24.06
C MET N 68 7.97 4.21 -24.24
N ASN N 69 8.51 3.43 -25.17
CA ASN N 69 9.87 3.57 -25.66
C ASN N 69 9.77 3.71 -27.18
N GLY N 70 10.23 4.84 -27.69
CA GLY N 70 9.99 5.18 -29.07
C GLY N 70 8.59 5.76 -29.22
N LYS N 71 8.02 5.55 -30.40
CA LYS N 71 6.57 5.61 -30.56
C LYS N 71 5.87 4.44 -29.89
N THR N 72 6.61 3.43 -29.45
CA THR N 72 6.08 2.13 -29.11
C THR N 72 5.99 1.95 -27.61
N GLN N 73 5.12 1.03 -27.21
CA GLN N 73 5.03 0.60 -25.83
C GLN N 73 6.23 -0.28 -25.48
N LYS N 74 6.29 -0.71 -24.22
CA LYS N 74 7.14 -1.83 -23.84
C LYS N 74 6.49 -2.51 -22.64
N SER N 75 5.62 -3.48 -22.94
CA SER N 75 4.79 -4.12 -21.93
C SER N 75 5.53 -5.32 -21.35
N ILE N 76 6.28 -5.05 -20.28
CA ILE N 76 7.18 -6.02 -19.67
C ILE N 76 7.04 -5.93 -18.14
N LYS N 77 7.93 -6.59 -17.41
CA LYS N 77 7.79 -6.74 -15.97
C LYS N 77 8.13 -5.47 -15.20
N ILE N 78 7.53 -5.33 -14.03
CA ILE N 78 7.58 -4.14 -13.17
C ILE N 78 8.83 -4.10 -12.31
N ASP N 79 9.79 -4.97 -12.59
CA ASP N 79 10.77 -5.51 -11.63
C ASP N 79 11.23 -4.58 -10.51
N ASN N 80 11.58 -3.33 -10.82
CA ASN N 80 12.30 -2.47 -9.88
C ASN N 80 11.74 -1.06 -9.87
N LEU N 81 10.43 -0.95 -9.70
CA LEU N 81 9.81 0.34 -9.47
C LEU N 81 10.41 1.02 -8.25
N HIS N 82 10.51 2.35 -8.31
CA HIS N 82 10.83 3.14 -7.12
C HIS N 82 10.07 4.47 -7.20
N VAL N 83 9.03 4.59 -6.40
CA VAL N 83 8.57 5.90 -5.93
C VAL N 83 9.44 6.27 -4.75
N ARG N 84 9.74 7.56 -4.61
CA ARG N 84 10.39 7.98 -3.39
C ARG N 84 10.23 9.49 -3.22
N THR N 85 10.58 9.92 -2.02
CA THR N 85 10.48 11.28 -1.53
C THR N 85 11.73 11.47 -0.72
N SER N 86 11.70 12.34 0.28
CA SER N 86 12.73 12.43 1.30
C SER N 86 13.31 11.08 1.71
N ALA N 87 12.47 10.06 1.79
CA ALA N 87 12.90 8.67 1.91
C ALA N 87 12.26 7.84 0.80
N PRO N 88 12.74 6.61 0.61
CA PRO N 88 12.04 5.71 -0.31
C PRO N 88 10.65 5.35 0.19
N CYS N 89 9.69 5.48 -0.71
CA CYS N 89 8.31 5.19 -0.39
C CYS N 89 8.08 3.69 -0.41
N SER N 90 6.84 3.31 -0.16
CA SER N 90 6.36 1.95 -0.33
C SER N 90 5.20 1.98 -1.31
N LEU N 91 5.34 1.22 -2.39
CA LEU N 91 4.23 0.99 -3.29
C LEU N 91 3.04 0.43 -2.52
N VAL N 92 1.84 0.81 -2.95
CA VAL N 92 0.59 0.22 -2.46
C VAL N 92 -0.11 -0.58 -3.55
N SER N 93 -0.35 0.05 -4.70
CA SER N 93 -0.93 -0.64 -5.83
C SER N 93 -0.91 0.27 -7.03
N HIS N 94 -0.88 -0.33 -8.21
CA HIS N 94 -1.01 0.39 -9.47
C HIS N 94 -2.24 -0.08 -10.22
N HIS N 95 -2.83 0.84 -10.97
CA HIS N 95 -3.93 0.52 -11.88
C HIS N 95 -3.99 1.61 -12.93
N GLY N 96 -3.78 1.24 -14.18
CA GLY N 96 -3.90 2.20 -15.27
C GLY N 96 -2.67 3.07 -15.36
N TYR N 97 -2.88 4.37 -15.49
CA TYR N 97 -1.81 5.34 -15.42
C TYR N 97 -1.32 5.60 -14.01
N TYR N 98 -1.97 5.01 -13.02
CA TYR N 98 -2.04 5.56 -11.68
C TYR N 98 -1.46 4.58 -10.68
N ILE N 99 -0.71 5.11 -9.73
CA ILE N 99 -0.11 4.32 -8.67
C ILE N 99 -0.45 4.94 -7.33
N LEU N 100 -0.68 4.07 -6.34
CA LEU N 100 -0.79 4.46 -4.95
C LEU N 100 0.44 3.94 -4.22
N ALA N 101 1.00 4.77 -3.37
CA ALA N 101 2.23 4.42 -2.68
C ALA N 101 2.26 5.09 -1.32
N GLN N 102 2.70 4.35 -0.32
CA GLN N 102 2.82 4.88 1.03
C GLN N 102 4.17 5.59 1.14
N CYS N 103 4.11 6.91 1.29
CA CYS N 103 5.28 7.76 1.37
C CYS N 103 5.36 8.46 2.71
N PRO N 104 6.55 8.86 3.15
CA PRO N 104 6.66 9.83 4.21
C PRO N 104 6.49 11.24 3.68
N PRO N 105 6.52 12.24 4.54
CA PRO N 105 6.53 13.62 4.06
C PRO N 105 7.76 13.90 3.22
N GLY N 106 7.64 14.87 2.35
CA GLY N 106 8.73 15.26 1.50
C GLY N 106 8.43 16.53 0.74
N ASP N 107 9.44 17.38 0.63
CA ASP N 107 9.28 18.61 -0.14
C ASP N 107 8.95 18.31 -1.60
N THR N 108 9.43 17.18 -2.12
CA THR N 108 9.28 16.79 -3.50
C THR N 108 8.61 15.44 -3.60
N VAL N 109 8.49 14.97 -4.84
CA VAL N 109 8.16 13.58 -5.13
C VAL N 109 9.05 13.15 -6.28
N THR N 110 9.53 11.92 -6.19
CA THR N 110 10.62 11.44 -7.03
C THR N 110 10.34 9.98 -7.36
N VAL N 111 10.06 9.71 -8.63
CA VAL N 111 9.54 8.43 -9.08
C VAL N 111 10.53 7.81 -10.05
N GLY N 112 10.52 6.49 -10.13
CA GLY N 112 11.34 5.85 -11.13
C GLY N 112 11.40 4.34 -11.02
N PHE N 113 11.38 3.68 -12.17
CA PHE N 113 11.61 2.25 -12.25
C PHE N 113 13.03 2.02 -12.75
N HIS N 114 13.34 0.78 -13.09
CA HIS N 114 14.60 0.43 -13.74
C HIS N 114 14.26 -0.53 -14.86
N ASP N 115 14.33 -0.04 -16.10
CA ASP N 115 14.13 -0.91 -17.25
C ASP N 115 15.12 -2.06 -17.26
N GLY N 116 16.35 -1.81 -16.79
CA GLY N 116 17.40 -2.79 -16.77
C GLY N 116 18.69 -2.30 -17.41
N PRO N 117 18.61 -1.62 -18.56
CA PRO N 117 19.80 -0.95 -19.08
C PRO N 117 20.01 0.44 -18.50
N ASN N 118 18.98 1.05 -17.93
CA ASN N 118 19.06 2.45 -17.53
C ASN N 118 18.16 2.69 -16.33
N ARG N 119 18.50 3.71 -15.54
CA ARG N 119 17.70 4.05 -14.39
C ARG N 119 16.36 4.61 -14.83
N HIS N 120 16.38 5.73 -15.56
CA HIS N 120 15.20 6.17 -16.30
C HIS N 120 14.04 6.52 -15.36
N THR N 121 14.30 7.53 -14.53
CA THR N 121 13.41 7.95 -13.46
C THR N 121 12.73 9.26 -13.83
N CYS N 122 11.84 9.71 -12.95
CA CYS N 122 11.23 11.02 -13.09
C CYS N 122 10.86 11.60 -11.74
N THR N 123 11.03 12.91 -11.63
CA THR N 123 10.98 13.59 -10.36
C THR N 123 10.22 14.89 -10.52
N VAL N 124 9.72 15.42 -9.40
CA VAL N 124 8.79 16.53 -9.45
C VAL N 124 8.74 17.20 -8.09
N ALA N 125 8.34 18.46 -8.08
CA ALA N 125 8.05 19.18 -6.84
C ALA N 125 6.61 18.93 -6.43
N HIS N 126 6.42 18.69 -5.13
CA HIS N 126 5.10 18.74 -4.53
C HIS N 126 5.21 18.74 -3.01
N LYS N 127 4.55 19.70 -2.38
CA LYS N 127 4.52 19.78 -0.94
C LYS N 127 3.73 18.60 -0.40
N VAL N 128 4.38 17.76 0.40
CA VAL N 128 3.77 16.58 0.98
C VAL N 128 3.85 16.68 2.50
N GLU N 129 2.80 16.23 3.16
CA GLU N 129 2.80 16.01 4.59
C GLU N 129 1.90 14.85 4.89
N PHE N 130 2.02 14.33 6.12
CA PHE N 130 1.07 13.36 6.63
C PHE N 130 0.79 13.66 8.09
N ARG N 131 -0.18 14.51 8.29
CA ARG N 131 -0.91 14.55 9.54
C ARG N 131 -1.80 13.32 9.61
N PRO N 132 -1.73 12.53 10.68
CA PRO N 132 -2.84 11.63 10.96
C PRO N 132 -4.01 12.39 11.52
N VAL N 133 -5.20 11.85 11.29
CA VAL N 133 -6.39 12.45 11.87
C VAL N 133 -6.35 12.21 13.36
N GLY N 134 -6.50 13.28 14.12
CA GLY N 134 -6.40 13.23 15.56
C GLY N 134 -5.72 14.49 16.04
N ARG N 135 -5.90 14.78 17.31
CA ARG N 135 -5.25 15.92 17.92
C ARG N 135 -3.77 15.68 18.18
N GLU N 136 -3.24 14.51 17.83
CA GLU N 136 -1.81 14.26 17.84
C GLU N 136 -1.24 14.55 16.47
N LYS N 137 -0.18 15.35 16.44
CA LYS N 137 0.50 15.69 15.20
C LYS N 137 1.75 14.82 15.08
N TYR N 138 1.53 13.56 14.76
CA TYR N 138 2.64 12.65 14.49
C TYR N 138 3.34 13.05 13.20
N ARG N 139 4.36 12.28 12.87
CA ARG N 139 5.00 12.30 11.57
C ARG N 139 4.81 10.99 10.83
N HIS N 140 4.11 10.02 11.42
CA HIS N 140 4.13 8.67 10.89
C HIS N 140 3.07 7.82 11.59
N PRO N 141 2.45 6.84 10.94
CA PRO N 141 1.42 6.05 11.62
C PRO N 141 2.05 5.03 12.55
N PRO N 142 1.53 4.86 13.76
CA PRO N 142 2.07 3.84 14.67
C PRO N 142 1.48 2.46 14.41
N GLU N 143 1.87 1.51 15.26
CA GLU N 143 1.33 0.17 15.24
C GLU N 143 0.03 0.03 16.02
N HIS N 144 -0.21 0.93 16.97
CA HIS N 144 -1.31 0.80 17.90
C HIS N 144 -2.02 2.14 18.00
N GLY N 145 -2.90 2.26 18.98
CA GLY N 145 -3.73 3.44 19.15
C GLY N 145 -5.13 3.20 18.66
N VAL N 146 -5.95 4.23 18.87
CA VAL N 146 -7.36 4.16 18.53
C VAL N 146 -7.52 4.26 17.02
N GLU N 147 -8.60 3.70 16.50
CA GLU N 147 -9.00 3.90 15.12
C GLU N 147 -10.07 4.98 15.06
N LEU N 148 -9.99 5.81 14.03
CA LEU N 148 -10.92 6.92 13.88
C LEU N 148 -10.89 7.37 12.42
N PRO N 149 -11.89 8.11 11.99
CA PRO N 149 -12.20 8.20 10.56
C PRO N 149 -11.23 9.03 9.73
N CYS N 150 -10.18 8.39 9.22
CA CYS N 150 -9.25 9.08 8.35
C CYS N 150 -9.73 9.09 6.91
N ASN N 151 -9.01 9.85 6.09
CA ASN N 151 -9.19 9.89 4.65
C ASN N 151 -7.99 9.22 4.01
N ARG N 152 -8.27 8.40 3.00
CA ARG N 152 -7.28 7.44 2.53
C ARG N 152 -7.78 6.85 1.22
N TYR N 153 -6.85 6.36 0.43
CA TYR N 153 -7.15 5.73 -0.85
C TYR N 153 -7.15 4.22 -0.73
N THR N 154 -7.84 3.58 -1.67
CA THR N 154 -8.07 2.16 -1.60
C THR N 154 -6.88 1.38 -2.12
N HIS N 155 -6.88 0.09 -1.84
CA HIS N 155 -5.96 -0.82 -2.50
C HIS N 155 -6.43 -1.18 -3.89
N LYS N 156 -7.72 -1.06 -4.17
CA LYS N 156 -8.35 -1.86 -5.20
C LYS N 156 -8.55 -1.09 -6.50
N ARG N 157 -9.10 -1.79 -7.47
CA ARG N 157 -9.33 -1.32 -8.82
C ARG N 157 -10.80 -1.28 -9.19
N ALA N 158 -11.63 -2.13 -8.60
CA ALA N 158 -13.04 -2.26 -8.95
C ALA N 158 -13.73 -1.00 -8.45
N ASP N 159 -13.56 0.07 -9.23
CA ASP N 159 -13.74 1.42 -8.74
C ASP N 159 -14.31 2.30 -9.84
N GLN N 160 -15.36 3.02 -9.50
CA GLN N 160 -16.07 3.87 -10.44
C GLN N 160 -16.45 5.22 -9.84
N GLY N 161 -16.12 5.47 -8.56
CA GLY N 161 -16.62 6.63 -7.85
C GLY N 161 -16.37 7.95 -8.54
N HIS N 162 -15.35 8.01 -9.38
CA HIS N 162 -15.14 9.14 -10.26
C HIS N 162 -14.56 8.63 -11.57
N TYR N 163 -14.56 9.51 -12.56
CA TYR N 163 -13.90 9.23 -13.82
C TYR N 163 -13.40 10.55 -14.40
N VAL N 164 -12.20 10.50 -14.94
CA VAL N 164 -11.58 11.64 -15.57
C VAL N 164 -11.69 11.48 -17.08
N GLU N 165 -11.82 12.60 -17.77
CA GLU N 165 -11.81 12.60 -19.22
C GLU N 165 -10.49 12.05 -19.72
N MET N 166 -10.55 11.10 -20.65
CA MET N 166 -9.34 10.62 -21.32
C MET N 166 -9.65 10.45 -22.81
N HIS N 167 -9.54 11.54 -23.55
CA HIS N 167 -9.70 11.52 -25.00
C HIS N 167 -8.33 11.39 -25.64
N GLN N 168 -8.26 11.66 -26.95
CA GLN N 168 -7.19 11.18 -27.78
C GLN N 168 -5.88 11.83 -27.40
N PRO N 169 -4.78 11.34 -27.94
CA PRO N 169 -3.58 12.15 -28.02
C PRO N 169 -3.63 13.05 -29.22
N GLY N 170 -2.97 14.19 -29.11
CA GLY N 170 -2.56 14.91 -30.27
C GLY N 170 -1.44 14.18 -30.96
N LEU N 171 -0.88 14.82 -31.97
CA LEU N 171 0.28 14.26 -32.63
C LEU N 171 1.45 14.22 -31.67
N VAL N 172 2.56 13.64 -32.15
CA VAL N 172 3.83 13.70 -31.44
C VAL N 172 4.92 13.81 -32.48
N ALA N 173 6.06 14.34 -32.06
CA ALA N 173 7.22 14.41 -32.94
C ALA N 173 7.89 13.06 -33.05
N ASP N 174 8.41 12.74 -34.22
CA ASP N 174 9.32 11.60 -34.35
C ASP N 174 10.19 11.84 -35.59
N HIS N 175 11.36 12.42 -35.36
CA HIS N 175 12.28 12.71 -36.45
C HIS N 175 13.12 11.50 -36.84
N SER N 176 12.96 10.37 -36.15
CA SER N 176 13.46 9.12 -36.68
C SER N 176 12.79 8.79 -38.01
N LEU N 177 11.57 9.26 -38.21
CA LEU N 177 10.89 9.10 -39.48
C LEU N 177 11.66 9.77 -40.60
N LEU N 178 11.96 11.05 -40.44
CA LEU N 178 12.46 11.88 -41.52
C LEU N 178 13.89 11.48 -41.86
N SER N 179 14.01 10.37 -42.57
CA SER N 179 15.30 9.92 -43.11
C SER N 179 15.57 10.72 -44.38
N ILE N 180 16.53 10.27 -45.17
CA ILE N 180 16.92 10.94 -46.43
C ILE N 180 16.80 9.92 -47.55
N HIS N 181 16.16 10.34 -48.65
CA HIS N 181 16.08 9.56 -49.89
C HIS N 181 17.27 9.88 -50.82
N SER N 182 18.46 9.85 -50.23
CA SER N 182 19.76 10.03 -50.89
C SER N 182 20.01 11.45 -51.44
N ALA N 183 18.96 12.25 -51.64
CA ALA N 183 19.08 13.70 -51.71
C ALA N 183 17.93 14.44 -51.05
N LYS N 184 16.79 13.79 -50.82
CA LYS N 184 15.58 14.41 -50.34
C LYS N 184 15.25 13.84 -48.98
N VAL N 185 14.55 14.61 -48.17
CA VAL N 185 14.20 14.15 -46.84
C VAL N 185 12.99 13.21 -46.95
N LYS N 186 13.10 12.06 -46.30
CA LYS N 186 12.25 10.90 -46.53
C LYS N 186 11.52 10.58 -45.24
N ILE N 187 10.22 10.74 -45.26
CA ILE N 187 9.36 10.35 -44.14
C ILE N 187 8.92 8.91 -44.36
N THR N 188 8.63 8.22 -43.25
CA THR N 188 8.04 6.90 -43.30
C THR N 188 6.84 6.87 -42.36
N VAL N 189 6.31 5.68 -42.10
CA VAL N 189 5.12 5.53 -41.25
C VAL N 189 5.32 4.37 -40.29
N PRO N 190 4.69 4.42 -39.10
CA PRO N 190 4.79 3.27 -38.19
C PRO N 190 4.22 1.98 -38.73
N SER N 191 2.92 1.98 -39.00
CA SER N 191 2.18 0.79 -39.39
C SER N 191 1.10 1.14 -40.40
N GLY N 192 1.31 2.22 -41.15
CA GLY N 192 0.23 2.88 -41.85
C GLY N 192 -0.42 3.99 -41.05
N ALA N 193 0.20 4.41 -39.94
CA ALA N 193 -0.36 5.49 -39.16
C ALA N 193 -0.35 6.79 -39.97
N GLN N 194 -0.98 7.79 -39.40
CA GLN N 194 -1.32 9.02 -40.12
C GLN N 194 -0.25 10.07 -39.79
N VAL N 195 0.60 10.36 -40.77
CA VAL N 195 1.77 11.23 -40.60
C VAL N 195 1.47 12.55 -41.27
N LYS N 196 1.54 13.62 -40.49
CA LYS N 196 1.04 14.94 -40.89
C LYS N 196 2.26 15.78 -41.29
N TYR N 197 2.36 16.10 -42.59
CA TYR N 197 3.65 16.43 -43.19
C TYR N 197 3.60 17.58 -44.21
N TYR N 198 4.67 18.38 -44.19
CA TYR N 198 5.05 19.45 -45.13
C TYR N 198 6.37 19.97 -44.56
N CYS N 199 7.04 20.83 -45.32
CA CYS N 199 8.29 21.45 -44.86
C CYS N 199 8.16 22.95 -45.04
N LYS N 200 9.16 23.70 -44.58
CA LYS N 200 9.10 25.15 -44.75
C LYS N 200 8.97 25.52 -46.23
N CYS N 201 9.62 24.75 -47.10
CA CYS N 201 9.47 24.96 -48.53
C CYS N 201 8.06 24.54 -48.93
N PRO N 202 7.66 24.78 -50.18
CA PRO N 202 6.39 24.20 -50.68
C PRO N 202 6.51 22.78 -51.25
N ASP N 203 5.88 21.83 -50.56
CA ASP N 203 5.71 20.43 -50.99
C ASP N 203 4.36 19.94 -50.44
N VAL N 204 4.19 18.62 -50.27
CA VAL N 204 2.94 18.03 -49.78
C VAL N 204 2.52 18.71 -48.48
N ARG N 205 1.26 19.19 -48.42
CA ARG N 205 0.87 20.13 -47.37
C ARG N 205 0.09 19.54 -46.21
N GLU N 206 -0.66 18.45 -46.37
CA GLU N 206 -1.29 17.82 -45.21
C GLU N 206 -0.43 16.67 -44.68
N GLY N 207 -0.36 15.60 -45.44
CA GLY N 207 0.26 14.37 -45.03
C GLY N 207 -0.79 13.51 -44.37
N ILE N 208 -1.41 12.63 -45.14
CA ILE N 208 -2.19 11.51 -44.61
C ILE N 208 -1.84 10.35 -45.52
N THR N 209 -0.78 9.62 -45.19
CA THR N 209 -0.07 8.87 -46.22
C THR N 209 0.62 7.66 -45.63
N SER N 210 1.11 6.81 -46.54
CA SER N 210 2.18 5.88 -46.27
C SER N 210 3.50 6.64 -46.35
N SER N 211 4.61 5.93 -46.44
CA SER N 211 5.91 6.57 -46.54
C SER N 211 6.02 7.46 -47.77
N ASP N 212 6.06 8.77 -47.54
CA ASP N 212 6.28 9.73 -48.60
C ASP N 212 7.75 10.11 -48.70
N HIS N 213 8.09 10.76 -49.80
CA HIS N 213 9.32 11.49 -49.96
C HIS N 213 9.01 12.98 -49.82
N THR N 214 9.99 13.81 -50.13
CA THR N 214 9.83 15.27 -50.11
C THR N 214 10.51 15.82 -51.35
N THR N 215 9.73 16.28 -52.30
CA THR N 215 10.32 16.83 -53.52
C THR N 215 11.16 18.07 -53.22
N THR N 216 10.61 19.00 -52.43
CA THR N 216 11.17 20.35 -52.38
C THR N 216 12.31 20.49 -51.36
N CYS N 217 11.99 20.39 -50.07
CA CYS N 217 13.00 20.61 -49.05
C CYS N 217 13.94 19.42 -48.95
N THR N 218 15.06 19.64 -48.29
CA THR N 218 16.12 18.66 -48.11
C THR N 218 16.47 18.44 -46.65
N ASP N 219 16.45 19.50 -45.85
CA ASP N 219 16.91 19.40 -44.47
C ASP N 219 15.85 18.76 -43.60
N VAL N 220 16.29 17.83 -42.77
CA VAL N 220 15.40 17.20 -41.79
C VAL N 220 14.84 18.23 -40.83
N LYS N 221 15.57 19.32 -40.59
CA LYS N 221 15.26 20.27 -39.55
C LYS N 221 14.25 21.33 -39.96
N GLN N 222 13.54 21.13 -41.06
CA GLN N 222 12.56 22.10 -41.52
C GLN N 222 11.31 21.41 -42.01
N CYS N 223 10.91 20.33 -41.33
CA CYS N 223 9.82 19.49 -41.79
C CYS N 223 8.98 19.01 -40.62
N ARG N 224 7.80 18.49 -40.97
CA ARG N 224 6.75 18.16 -40.00
C ARG N 224 6.74 16.65 -39.78
N ALA N 225 7.56 16.19 -38.83
CA ALA N 225 7.55 14.79 -38.41
C ALA N 225 6.48 14.62 -37.35
N TYR N 226 5.30 14.15 -37.78
CA TYR N 226 4.14 14.06 -36.90
C TYR N 226 3.57 12.66 -36.93
N LEU N 227 2.88 12.30 -35.85
CA LEU N 227 2.25 10.98 -35.70
C LEU N 227 0.85 11.17 -35.15
N ILE N 228 -0.12 11.30 -36.04
CA ILE N 228 -1.52 11.16 -35.65
C ILE N 228 -1.76 9.66 -35.57
N ASP N 229 -1.69 9.13 -34.35
CA ASP N 229 -1.75 7.70 -34.09
C ASP N 229 -2.83 7.41 -33.06
N ASN N 230 -4.01 7.95 -33.31
CA ASN N 230 -5.10 7.94 -32.34
C ASN N 230 -5.89 6.63 -32.38
N LYS N 231 -5.19 5.51 -32.31
CA LYS N 231 -5.82 4.23 -32.09
C LYS N 231 -6.02 3.93 -30.61
N LYS N 232 -5.34 4.67 -29.74
CA LYS N 232 -5.49 4.51 -28.30
C LYS N 232 -5.48 5.89 -27.66
N TRP N 233 -6.47 6.16 -26.82
CA TRP N 233 -6.59 7.45 -26.18
C TRP N 233 -5.51 7.60 -25.11
N VAL N 234 -5.52 8.76 -24.44
CA VAL N 234 -4.54 9.09 -23.41
C VAL N 234 -5.20 9.77 -22.24
N TYR N 235 -4.41 9.97 -21.19
CA TYR N 235 -4.77 10.93 -20.16
C TYR N 235 -4.58 12.33 -20.69
N ASN N 236 -5.43 13.23 -20.22
CA ASN N 236 -5.45 14.60 -20.70
C ASN N 236 -4.51 15.45 -19.86
N SER N 237 -3.24 15.07 -19.93
CA SER N 237 -2.19 15.78 -19.22
C SER N 237 -2.10 17.21 -19.71
N GLY N 238 -1.71 18.10 -18.80
CA GLY N 238 -1.30 19.43 -19.23
C GLY N 238 -0.10 19.39 -20.13
N ARG N 239 0.72 18.34 -20.02
CA ARG N 239 1.89 18.19 -20.87
C ARG N 239 1.59 17.37 -22.10
N LEU N 240 0.36 17.42 -22.57
CA LEU N 240 -0.12 16.87 -23.82
C LEU N 240 -0.39 17.98 -24.83
N PRO N 241 -0.01 17.82 -26.09
CA PRO N 241 -0.58 18.69 -27.12
C PRO N 241 -1.94 18.19 -27.56
N ARG N 242 -2.87 19.14 -27.69
CA ARG N 242 -4.24 18.82 -28.05
C ARG N 242 -4.30 18.06 -29.36
N GLY N 243 -5.17 17.07 -29.41
CA GLY N 243 -5.60 16.54 -30.69
C GLY N 243 -6.63 17.48 -31.26
N GLU N 244 -6.20 18.28 -32.24
CA GLU N 244 -6.95 19.45 -32.65
C GLU N 244 -8.30 19.12 -33.25
N GLY N 245 -8.50 17.87 -33.69
CA GLY N 245 -9.68 17.56 -34.47
C GLY N 245 -10.95 17.63 -33.65
N ASP N 246 -10.95 17.05 -32.46
CA ASP N 246 -12.21 16.74 -31.79
C ASP N 246 -11.95 16.35 -30.35
N THR N 247 -12.99 16.48 -29.54
CA THR N 247 -13.09 15.82 -28.24
C THR N 247 -13.61 14.39 -28.47
N PHE N 248 -12.70 13.49 -28.82
CA PHE N 248 -13.11 12.10 -28.89
C PHE N 248 -13.57 11.59 -27.52
N LYS N 249 -14.26 10.45 -27.56
CA LYS N 249 -14.72 9.72 -26.38
C LYS N 249 -13.52 9.15 -25.65
N GLY N 250 -13.79 8.41 -24.58
CA GLY N 250 -12.77 7.88 -23.68
C GLY N 250 -12.91 8.37 -22.26
N LYS N 251 -14.13 8.55 -21.79
CA LYS N 251 -14.36 8.74 -20.37
C LYS N 251 -13.89 7.51 -19.62
N LEU N 252 -13.02 7.70 -18.64
CA LEU N 252 -12.32 6.60 -18.00
C LEU N 252 -12.19 6.86 -16.50
N HIS N 253 -12.44 5.81 -15.73
CA HIS N 253 -12.56 5.89 -14.28
C HIS N 253 -11.27 6.31 -13.62
N VAL N 254 -11.35 6.49 -12.32
CA VAL N 254 -10.18 6.53 -11.44
C VAL N 254 -10.25 5.32 -10.51
N PRO N 255 -9.19 4.54 -10.35
CA PRO N 255 -9.20 3.49 -9.33
C PRO N 255 -9.21 4.00 -7.92
N PHE N 256 -8.22 4.83 -7.60
CA PHE N 256 -7.87 5.12 -6.22
C PHE N 256 -8.73 6.29 -5.75
N VAL N 257 -9.97 5.96 -5.40
CA VAL N 257 -10.91 6.94 -4.87
C VAL N 257 -10.46 7.22 -3.44
N PRO N 258 -10.61 8.44 -2.94
CA PRO N 258 -10.43 8.65 -1.51
C PRO N 258 -11.63 8.12 -0.75
N VAL N 259 -11.37 7.24 0.22
CA VAL N 259 -12.42 6.54 0.95
C VAL N 259 -12.27 6.82 2.44
N LYS N 260 -13.34 6.49 3.16
CA LYS N 260 -13.42 6.76 4.60
C LYS N 260 -12.95 5.53 5.36
N ALA N 261 -11.68 5.22 5.14
CA ALA N 261 -11.04 4.22 5.96
C ALA N 261 -10.86 4.76 7.36
N LYS N 262 -10.92 3.85 8.33
CA LYS N 262 -10.48 4.15 9.68
C LYS N 262 -9.03 3.74 9.76
N CYS N 263 -8.13 4.71 9.61
CA CYS N 263 -6.72 4.41 9.78
C CYS N 263 -6.48 3.86 11.16
N ILE N 264 -5.63 2.83 11.22
CA ILE N 264 -4.90 2.57 12.44
C ILE N 264 -4.23 3.90 12.77
N ALA N 265 -4.41 4.39 13.98
CA ALA N 265 -4.19 5.81 14.17
C ALA N 265 -3.58 6.11 15.53
N THR N 266 -3.58 7.38 15.88
CA THR N 266 -2.71 7.94 16.88
C THR N 266 -3.28 7.69 18.26
N LEU N 267 -2.44 7.97 19.26
CA LEU N 267 -2.82 7.92 20.66
C LEU N 267 -1.67 8.51 21.43
N ALA N 268 -1.97 9.39 22.33
CA ALA N 268 -0.96 10.06 23.13
C ALA N 268 -0.93 9.45 24.53
N PRO N 269 0.25 9.36 25.16
CA PRO N 269 0.34 8.72 26.47
C PRO N 269 -0.56 9.37 27.50
N GLU N 270 -1.03 8.56 28.43
CA GLU N 270 -2.06 9.02 29.35
C GLU N 270 -1.52 10.16 30.21
N PRO N 271 -2.39 11.03 30.70
CA PRO N 271 -1.95 12.11 31.57
C PRO N 271 -1.72 11.64 32.99
N LEU N 272 -1.07 12.50 33.76
CA LEU N 272 -0.90 12.31 35.21
C LEU N 272 -1.86 13.27 35.87
N VAL N 273 -2.97 12.75 36.36
CA VAL N 273 -3.95 13.59 37.01
C VAL N 273 -3.48 13.88 38.42
N GLU N 274 -3.57 15.15 38.81
CA GLU N 274 -3.17 15.59 40.13
C GLU N 274 -4.24 16.54 40.63
N HIS N 275 -4.68 16.30 41.85
CA HIS N 275 -5.73 17.10 42.46
C HIS N 275 -5.17 18.37 43.07
N LYS N 276 -5.94 19.45 42.94
CA LYS N 276 -5.84 20.59 43.83
C LYS N 276 -7.24 21.16 44.02
N HIS N 277 -7.33 22.21 44.81
CA HIS N 277 -8.60 22.86 45.13
C HIS N 277 -9.17 23.51 43.88
N ARG N 278 -10.18 22.87 43.31
CA ARG N 278 -10.85 23.37 42.10
C ARG N 278 -9.85 23.62 40.98
N THR N 279 -8.81 22.81 40.94
CA THR N 279 -7.71 23.03 40.01
C THR N 279 -7.07 21.70 39.68
N LEU N 280 -6.90 21.45 38.39
CA LEU N 280 -6.18 20.29 37.90
C LEU N 280 -4.77 20.70 37.56
N ILE N 281 -3.82 20.40 38.44
CA ILE N 281 -2.45 20.28 37.98
C ILE N 281 -2.38 19.01 37.15
N LEU N 282 -1.67 19.09 36.05
CA LEU N 282 -1.48 17.95 35.16
C LEU N 282 -0.04 17.98 34.69
N HIS N 283 0.81 17.19 35.33
CA HIS N 283 2.10 16.90 34.75
C HIS N 283 1.87 16.04 33.51
N LEU N 284 2.41 16.47 32.39
CA LEU N 284 2.04 15.88 31.11
C LEU N 284 3.27 15.71 30.25
N HIS N 285 3.23 14.66 29.45
CA HIS N 285 4.43 14.14 28.83
C HIS N 285 4.06 13.36 27.58
N PRO N 286 3.93 14.02 26.44
CA PRO N 286 3.50 13.33 25.22
C PRO N 286 4.61 12.67 24.45
N ASP N 287 4.22 11.97 23.38
CA ASP N 287 5.13 11.42 22.40
C ASP N 287 5.41 12.41 21.30
N HIS N 288 4.40 13.15 20.88
CA HIS N 288 4.44 14.02 19.74
C HIS N 288 3.61 15.26 20.05
N PRO N 289 3.63 16.28 19.20
CA PRO N 289 2.80 17.47 19.47
C PRO N 289 1.33 17.10 19.52
N THR N 290 0.72 17.33 20.67
CA THR N 290 -0.65 16.96 20.94
C THR N 290 -1.46 18.22 21.20
N LEU N 291 -2.56 18.39 20.45
CA LEU N 291 -3.46 19.50 20.69
C LEU N 291 -4.36 19.14 21.85
N LEU N 292 -4.09 19.74 23.00
CA LEU N 292 -4.98 19.64 24.14
C LEU N 292 -6.00 20.76 24.08
N THR N 293 -7.19 20.47 24.59
CA THR N 293 -8.19 21.52 24.73
C THR N 293 -9.29 21.08 25.66
N THR N 294 -10.02 22.08 26.16
CA THR N 294 -11.00 21.90 27.23
C THR N 294 -12.22 22.76 26.96
N ARG N 295 -13.22 22.59 27.83
CA ARG N 295 -14.47 23.36 27.74
C ARG N 295 -15.04 23.52 29.14
N SER N 296 -14.79 24.66 29.78
CA SER N 296 -15.42 24.89 31.07
C SER N 296 -16.91 25.00 30.84
N LEU N 297 -17.65 24.02 31.33
CA LEU N 297 -19.02 23.80 30.92
C LEU N 297 -20.00 24.84 31.40
N GLY N 298 -19.57 25.87 32.10
CA GLY N 298 -20.45 26.99 32.31
C GLY N 298 -20.88 27.58 30.98
N SER N 299 -21.95 28.37 31.02
CA SER N 299 -22.30 29.15 29.86
C SER N 299 -21.18 30.11 29.48
N ASP N 300 -20.32 30.45 30.44
CA ASP N 300 -18.98 30.91 30.12
C ASP N 300 -18.16 29.70 29.70
N ALA N 301 -17.86 29.60 28.41
CA ALA N 301 -17.13 28.44 27.92
C ALA N 301 -15.71 28.43 28.45
N ASN N 302 -14.99 29.53 28.27
CA ASN N 302 -13.57 29.68 28.58
C ASN N 302 -12.74 28.46 28.16
N PRO N 303 -12.69 28.15 26.87
CA PRO N 303 -11.86 27.04 26.40
C PRO N 303 -10.41 27.43 26.29
N THR N 304 -9.60 26.42 26.01
CA THR N 304 -8.16 26.56 25.85
C THR N 304 -7.71 25.61 24.76
N ARG N 305 -6.69 26.03 24.02
CA ARG N 305 -6.06 25.19 23.02
C ARG N 305 -4.56 25.41 23.12
N GLN N 306 -3.81 24.31 23.08
CA GLN N 306 -2.36 24.45 22.89
C GLN N 306 -1.80 23.11 22.46
N TRP N 307 -1.13 23.11 21.32
CA TRP N 307 -0.31 21.97 20.94
C TRP N 307 0.77 21.80 21.98
N ILE N 308 0.91 20.57 22.48
CA ILE N 308 1.92 20.25 23.46
C ILE N 308 2.78 19.16 22.86
N GLU N 309 4.05 19.48 22.64
CA GLU N 309 5.08 18.51 22.32
C GLU N 309 6.13 18.42 23.40
N ARG N 310 6.41 19.51 24.04
CA ARG N 310 7.34 19.51 25.15
C ARG N 310 6.57 19.15 26.42
N PRO N 311 7.06 18.21 27.23
CA PRO N 311 6.36 17.86 28.46
C PRO N 311 6.21 19.06 29.37
N THR N 312 5.00 19.21 29.91
CA THR N 312 4.63 20.43 30.60
C THR N 312 3.63 20.13 31.69
N THR N 313 3.90 20.63 32.88
CA THR N 313 2.90 20.68 33.92
C THR N 313 2.01 21.89 33.68
N VAL N 314 0.72 21.66 33.48
CA VAL N 314 -0.24 22.70 33.16
C VAL N 314 -1.24 22.84 34.30
N ASN N 315 -2.18 23.76 34.13
CA ASN N 315 -3.17 24.02 35.15
C ASN N 315 -4.48 24.38 34.49
N PHE N 316 -5.57 24.10 35.21
CA PHE N 316 -6.91 24.37 34.71
C PHE N 316 -7.79 24.74 35.90
N THR N 317 -8.25 25.98 35.92
CA THR N 317 -9.18 26.41 36.95
C THR N 317 -10.52 25.76 36.67
N VAL N 318 -10.75 24.61 37.26
CA VAL N 318 -12.04 23.95 37.12
C VAL N 318 -13.04 24.67 38.01
N THR N 319 -14.27 24.73 37.53
CA THR N 319 -15.36 25.39 38.20
C THR N 319 -16.15 24.39 39.02
N GLY N 320 -17.30 24.83 39.52
CA GLY N 320 -18.12 23.95 40.32
C GLY N 320 -18.80 22.88 39.50
N GLU N 321 -19.32 23.24 38.33
CA GLU N 321 -20.19 22.34 37.61
C GLU N 321 -19.42 21.30 36.80
N GLY N 322 -18.26 21.65 36.28
CA GLY N 322 -17.42 20.66 35.64
C GLY N 322 -16.54 21.24 34.56
N LEU N 323 -15.57 20.43 34.15
CA LEU N 323 -14.71 20.70 33.01
C LEU N 323 -14.52 19.39 32.26
N GLU N 324 -14.12 19.50 30.99
CA GLU N 324 -13.74 18.32 30.23
C GLU N 324 -12.36 18.55 29.62
N TYR N 325 -11.74 17.43 29.23
CA TYR N 325 -10.30 17.34 29.05
C TYR N 325 -10.01 16.34 27.95
N THR N 326 -9.19 16.75 26.98
CA THR N 326 -9.05 16.02 25.71
C THR N 326 -7.59 15.78 25.37
N TRP N 327 -7.01 14.73 25.95
CA TRP N 327 -5.61 14.41 25.75
C TRP N 327 -5.41 13.82 24.36
N GLY N 328 -5.38 14.69 23.39
CA GLY N 328 -5.25 14.18 22.05
C GLY N 328 -6.53 13.44 21.66
N ASN N 329 -6.41 12.61 20.64
CA ASN N 329 -7.56 11.81 20.23
C ASN N 329 -7.91 10.71 21.21
N HIS N 330 -7.16 10.59 22.30
CA HIS N 330 -7.67 9.88 23.45
C HIS N 330 -9.02 10.47 23.83
N PRO N 331 -9.99 9.69 24.31
CA PRO N 331 -11.34 10.20 24.46
C PRO N 331 -11.41 11.35 25.44
N PRO N 332 -12.47 12.16 25.38
CA PRO N 332 -12.58 13.29 26.30
C PRO N 332 -12.92 12.83 27.70
N LYS N 333 -12.19 13.37 28.66
CA LYS N 333 -12.47 13.13 30.07
C LYS N 333 -13.41 14.22 30.58
N ARG N 334 -13.82 14.06 31.83
CA ARG N 334 -14.73 14.98 32.49
C ARG N 334 -14.39 14.94 33.96
N VAL N 335 -14.72 16.01 34.69
CA VAL N 335 -14.27 16.13 36.07
C VAL N 335 -15.26 16.93 36.93
N TRP N 336 -15.66 16.35 38.07
CA TRP N 336 -16.35 17.10 39.12
C TRP N 336 -15.26 17.72 39.97
N ALA N 337 -15.24 19.05 39.99
CA ALA N 337 -14.50 19.80 40.98
C ALA N 337 -15.52 20.64 41.71
N GLN N 338 -16.09 20.05 42.75
CA GLN N 338 -16.71 20.83 43.78
C GLN N 338 -15.60 21.30 44.70
N GLU N 339 -15.96 21.74 45.90
CA GLU N 339 -15.02 22.21 46.88
C GLU N 339 -13.87 21.25 47.13
N SER N 340 -12.80 21.77 47.67
CA SER N 340 -11.92 20.96 48.51
C SER N 340 -11.31 21.77 49.64
N GLY N 341 -11.77 22.99 49.87
CA GLY N 341 -11.22 23.90 50.86
C GLY N 341 -11.92 23.83 52.20
N GLU N 342 -12.74 22.80 52.40
CA GLU N 342 -13.27 22.43 53.71
C GLU N 342 -14.32 23.42 54.25
N ASP O 1 34.86 14.40 -29.03
CA ASP O 1 36.26 14.61 -28.59
C ASP O 1 36.40 14.36 -27.09
N LEU O 2 36.32 13.08 -26.72
CA LEU O 2 36.70 12.65 -25.37
C LEU O 2 38.20 12.42 -25.24
N ASP O 3 38.98 12.83 -26.24
CA ASP O 3 40.38 12.46 -26.38
C ASP O 3 41.28 13.70 -26.35
N THR O 4 40.89 14.69 -25.55
CA THR O 4 41.56 15.98 -25.46
C THR O 4 42.10 16.27 -24.07
N HIS O 5 42.01 15.32 -23.14
CA HIS O 5 42.47 15.51 -21.77
C HIS O 5 43.24 14.26 -21.33
N PHE O 6 44.14 13.81 -22.19
CA PHE O 6 45.11 12.81 -21.78
C PHE O 6 46.18 13.38 -20.86
N THR O 7 46.13 14.68 -20.59
CA THR O 7 46.86 15.25 -19.46
C THR O 7 46.58 14.45 -18.21
N GLN O 8 45.31 14.34 -17.83
CA GLN O 8 44.94 13.56 -16.66
C GLN O 8 44.97 12.08 -16.98
N TYR O 9 44.27 11.68 -18.03
CA TYR O 9 43.88 10.29 -18.23
C TYR O 9 45.08 9.37 -18.27
N LYS O 10 46.00 9.60 -19.21
CA LYS O 10 47.18 8.74 -19.31
C LYS O 10 48.01 8.80 -18.05
N LEU O 11 48.10 9.97 -17.44
CA LEU O 11 49.17 10.26 -16.50
C LEU O 11 48.74 10.19 -15.05
N ALA O 12 47.44 10.24 -14.78
CA ALA O 12 46.90 10.12 -13.43
C ALA O 12 46.29 8.74 -13.23
N ARG O 13 46.31 8.29 -11.99
CA ARG O 13 45.81 6.98 -11.59
C ARG O 13 44.66 7.15 -10.60
N PRO O 14 43.81 6.13 -10.42
CA PRO O 14 42.76 6.24 -9.41
C PRO O 14 43.31 6.19 -8.01
N TYR O 15 43.39 7.33 -7.34
CA TYR O 15 44.01 7.36 -6.04
C TYR O 15 43.13 6.67 -5.02
N ILE O 16 43.75 6.16 -3.95
CA ILE O 16 43.04 5.58 -2.83
C ILE O 16 43.44 6.26 -1.53
N ALA O 17 42.45 6.65 -0.76
CA ALA O 17 42.65 7.38 0.49
C ALA O 17 41.70 6.82 1.54
N ASP O 18 41.63 7.51 2.67
CA ASP O 18 40.95 7.01 3.86
C ASP O 18 39.59 7.65 3.97
N CYS O 19 38.57 6.91 3.57
CA CYS O 19 37.20 7.38 3.72
C CYS O 19 36.84 7.46 5.20
N PRO O 20 36.06 8.45 5.64
CA PRO O 20 35.87 8.64 7.09
C PRO O 20 34.84 7.77 7.78
N ASN O 21 33.76 7.44 7.10
CA ASN O 21 32.70 6.61 7.70
C ASN O 21 32.23 5.61 6.64
N CYS O 22 33.19 4.84 6.15
CA CYS O 22 33.06 3.99 4.98
C CYS O 22 32.13 2.81 5.28
N GLY O 23 30.84 3.10 5.41
CA GLY O 23 29.86 2.09 5.74
C GLY O 23 29.89 1.77 7.22
N HIS O 24 30.93 1.04 7.64
CA HIS O 24 31.14 0.80 9.06
C HIS O 24 31.78 2.02 9.71
N SER O 25 33.00 2.30 9.29
CA SER O 25 33.90 3.24 9.95
C SER O 25 34.96 3.62 8.92
N ARG O 26 36.07 4.15 9.40
CA ARG O 26 37.12 4.63 8.51
C ARG O 26 37.79 3.48 7.78
N CYS O 27 37.41 3.24 6.52
CA CYS O 27 38.14 2.33 5.66
C CYS O 27 39.15 3.13 4.84
N ASP O 28 39.73 2.48 3.84
CA ASP O 28 40.50 3.15 2.80
C ASP O 28 39.80 2.84 1.48
N SER O 29 38.90 3.75 1.07
CA SER O 29 38.19 3.55 -0.19
C SER O 29 38.92 4.23 -1.33
N PRO O 30 38.92 3.66 -2.53
CA PRO O 30 39.41 4.42 -3.69
C PRO O 30 38.55 5.61 -4.03
N ILE O 31 37.30 5.64 -3.58
CA ILE O 31 36.38 6.73 -3.90
C ILE O 31 36.31 7.69 -2.73
N ALA O 32 37.39 7.74 -1.95
CA ALA O 32 37.44 8.61 -0.79
C ALA O 32 37.16 10.05 -1.19
N ILE O 33 36.17 10.64 -0.54
CA ILE O 33 35.61 11.92 -0.94
C ILE O 33 36.38 13.04 -0.28
N GLU O 34 36.97 13.91 -1.09
CA GLU O 34 37.52 15.18 -0.66
C GLU O 34 36.82 16.26 -1.45
N GLU O 35 37.00 17.51 -1.01
CA GLU O 35 36.56 18.72 -1.73
C GLU O 35 35.13 18.61 -2.23
N VAL O 36 34.23 18.51 -1.29
CA VAL O 36 32.82 18.67 -1.59
C VAL O 36 32.55 20.15 -1.75
N ARG O 37 31.78 20.49 -2.77
CA ARG O 37 31.51 21.88 -3.13
C ARG O 37 30.03 22.09 -3.39
N GLY O 38 29.29 22.34 -2.31
CA GLY O 38 27.88 22.67 -2.42
C GLY O 38 27.72 24.18 -2.45
N ASP O 39 28.51 24.79 -3.30
CA ASP O 39 28.67 26.23 -3.35
C ASP O 39 27.94 26.88 -4.51
N ALA O 40 27.49 26.08 -5.47
CA ALA O 40 26.70 26.59 -6.58
C ALA O 40 25.23 26.65 -6.15
N HIS O 41 24.34 26.82 -7.14
CA HIS O 41 22.93 27.06 -6.89
C HIS O 41 22.00 26.05 -7.51
N ALA O 42 22.45 25.30 -8.52
CA ALA O 42 21.55 24.60 -9.43
C ALA O 42 21.21 23.19 -8.97
N GLY O 43 21.22 22.94 -7.67
CA GLY O 43 21.06 21.58 -7.21
C GLY O 43 22.27 20.70 -7.40
N VAL O 44 23.41 21.29 -7.77
CA VAL O 44 24.57 20.55 -8.25
C VAL O 44 25.68 20.61 -7.22
N ILE O 45 26.43 19.52 -7.13
CA ILE O 45 27.69 19.50 -6.41
C ILE O 45 28.75 18.91 -7.32
N ARG O 46 29.90 19.54 -7.32
CA ARG O 46 31.12 18.98 -7.88
C ARG O 46 31.87 18.29 -6.76
N ILE O 47 32.27 17.05 -7.01
CA ILE O 47 32.93 16.21 -6.02
C ILE O 47 34.21 15.70 -6.64
N GLN O 48 35.20 15.42 -5.79
CA GLN O 48 36.35 14.62 -6.18
C GLN O 48 36.37 13.33 -5.38
N THR O 49 36.25 12.23 -6.09
CA THR O 49 36.72 10.96 -5.58
C THR O 49 38.22 10.92 -5.72
N SER O 50 38.87 10.14 -4.86
CA SER O 50 40.25 9.78 -5.14
C SER O 50 40.35 8.80 -6.30
N ALA O 51 39.24 8.17 -6.67
CA ALA O 51 39.20 7.31 -7.83
C ALA O 51 39.04 8.14 -9.10
N MET O 52 39.74 7.70 -10.14
CA MET O 52 39.76 8.33 -11.45
C MET O 52 38.94 7.43 -12.36
N PHE O 53 37.65 7.69 -12.41
CA PHE O 53 36.80 7.10 -13.43
C PHE O 53 36.91 7.95 -14.69
N GLY O 54 36.31 7.47 -15.78
CA GLY O 54 36.44 8.11 -17.07
C GLY O 54 36.79 7.11 -18.13
N LEU O 55 37.82 7.39 -18.92
CA LEU O 55 38.34 6.37 -19.81
C LEU O 55 38.88 5.22 -18.97
N LYS O 56 39.28 4.16 -19.65
CA LYS O 56 39.88 3.03 -18.97
C LYS O 56 41.31 3.39 -18.60
N THR O 57 42.09 2.38 -18.21
CA THR O 57 43.53 2.57 -18.07
C THR O 57 44.14 3.18 -19.33
N ASP O 58 43.65 2.77 -20.51
CA ASP O 58 44.34 3.11 -21.75
C ASP O 58 43.70 4.22 -22.57
N GLY O 59 42.49 4.01 -23.13
CA GLY O 59 42.03 4.95 -24.14
C GLY O 59 40.56 5.16 -24.49
N VAL O 60 39.59 4.54 -23.81
CA VAL O 60 38.24 4.44 -24.37
C VAL O 60 37.17 4.75 -23.33
N ASP O 61 36.13 5.48 -23.78
CA ASP O 61 34.82 5.48 -23.14
C ASP O 61 34.79 6.04 -21.73
N LEU O 62 34.66 7.37 -21.64
CA LEU O 62 34.38 8.11 -20.40
C LEU O 62 33.47 7.36 -19.44
N ALA O 63 32.45 6.68 -19.97
CA ALA O 63 31.45 6.02 -19.15
C ALA O 63 31.91 4.69 -18.56
N TYR O 64 33.21 4.40 -18.55
CA TYR O 64 33.75 3.27 -17.81
C TYR O 64 34.34 3.75 -16.50
N MET O 65 34.94 2.83 -15.75
CA MET O 65 35.08 2.98 -14.31
C MET O 65 36.38 2.33 -13.88
N SER O 66 37.35 3.15 -13.51
CA SER O 66 38.65 2.70 -13.02
C SER O 66 38.87 3.22 -11.61
N PHE O 67 38.75 2.33 -10.63
CA PHE O 67 39.23 2.57 -9.28
C PHE O 67 40.41 1.66 -9.00
N MET O 68 40.97 1.80 -7.80
CA MET O 68 42.08 0.97 -7.36
C MET O 68 41.55 -0.18 -6.53
N ASN O 69 41.91 -1.40 -6.93
CA ASN O 69 41.72 -2.60 -6.14
C ASN O 69 43.09 -3.26 -6.03
N GLY O 70 43.58 -3.39 -4.80
CA GLY O 70 44.95 -3.79 -4.59
C GLY O 70 45.87 -2.59 -4.77
N LYS O 71 47.09 -2.88 -5.20
CA LYS O 71 47.91 -1.86 -5.84
C LYS O 71 47.40 -1.49 -7.22
N THR O 72 46.44 -2.25 -7.75
CA THR O 72 46.09 -2.22 -9.16
C THR O 72 44.81 -1.44 -9.39
N GLN O 73 44.66 -0.98 -10.63
CA GLN O 73 43.42 -0.38 -11.08
C GLN O 73 42.35 -1.46 -11.28
N LYS O 74 41.15 -1.02 -11.65
CA LYS O 74 40.16 -1.93 -12.21
C LYS O 74 39.29 -1.10 -13.17
N SER O 75 39.72 -1.04 -14.42
CA SER O 75 39.10 -0.16 -15.42
C SER O 75 37.97 -0.92 -16.11
N ILE O 76 36.77 -0.79 -15.54
CA ILE O 76 35.59 -1.55 -15.96
C ILE O 76 34.38 -0.62 -15.98
N LYS O 77 33.19 -1.16 -16.15
CA LYS O 77 31.99 -0.37 -16.38
C LYS O 77 31.48 0.31 -15.11
N ILE O 78 30.80 1.44 -15.31
CA ILE O 78 30.33 2.36 -14.27
C ILE O 78 29.01 1.90 -13.64
N ASP O 79 28.59 0.68 -13.94
CA ASP O 79 27.20 0.23 -13.95
C ASP O 79 26.25 0.86 -12.94
N ASN O 80 26.65 0.98 -11.67
CA ASN O 80 25.71 1.30 -10.59
C ASN O 80 26.30 2.33 -9.63
N LEU O 81 26.79 3.43 -10.18
CA LEU O 81 27.20 4.56 -9.35
C LEU O 81 26.04 5.04 -8.50
N HIS O 82 26.35 5.49 -7.28
CA HIS O 82 25.39 6.23 -6.46
C HIS O 82 26.12 7.31 -5.67
N VAL O 83 25.95 8.55 -6.09
CA VAL O 83 26.08 9.68 -5.18
C VAL O 83 24.75 9.81 -4.46
N ARG O 84 24.81 10.21 -3.20
CA ARG O 84 23.57 10.56 -2.53
C ARG O 84 23.85 11.40 -1.31
N THR O 85 22.78 11.96 -0.79
CA THR O 85 22.73 12.86 0.34
C THR O 85 21.49 12.44 1.10
N SER O 86 20.87 13.37 1.82
CA SER O 86 19.54 13.17 2.38
C SER O 86 18.59 12.39 1.47
N ALA O 87 18.68 12.61 0.17
CA ALA O 87 18.05 11.77 -0.84
C ALA O 87 19.08 11.31 -1.85
N PRO O 88 18.74 10.34 -2.69
CA PRO O 88 19.63 9.98 -3.79
C PRO O 88 19.76 11.12 -4.79
N CYS O 89 21.01 11.42 -5.13
CA CYS O 89 21.32 12.48 -6.06
C CYS O 89 21.09 12.00 -7.48
N SER O 90 21.37 12.89 -8.42
CA SER O 90 21.41 12.57 -9.84
C SER O 90 22.79 12.92 -10.35
N LEU O 91 23.47 11.94 -10.93
CA LEU O 91 24.70 12.19 -11.65
C LEU O 91 24.47 13.23 -12.73
N VAL O 92 25.49 14.05 -12.98
CA VAL O 92 25.50 14.97 -14.11
C VAL O 92 26.57 14.59 -15.12
N SER O 93 27.81 14.43 -14.67
CA SER O 93 28.89 13.97 -15.53
C SER O 93 30.12 13.72 -14.68
N HIS O 94 30.96 12.82 -15.17
CA HIS O 94 32.26 12.56 -14.58
C HIS O 94 33.36 12.88 -15.57
N HIS O 95 34.50 13.32 -15.04
CA HIS O 95 35.71 13.51 -15.82
C HIS O 95 36.90 13.47 -14.88
N GLY O 96 37.77 12.50 -15.08
CA GLY O 96 38.99 12.43 -14.27
C GLY O 96 38.69 11.84 -12.91
N TYR O 97 39.21 12.48 -11.88
CA TYR O 97 38.88 12.13 -10.50
C TYR O 97 37.52 12.62 -10.08
N TYR O 98 36.84 13.37 -10.93
CA TYR O 98 35.86 14.36 -10.51
C TYR O 98 34.51 14.04 -11.12
N ILE O 99 33.47 14.21 -10.31
CA ILE O 99 32.10 13.98 -10.73
C ILE O 99 31.26 15.20 -10.38
N LEU O 100 30.33 15.52 -11.27
CA LEU O 100 29.29 16.50 -11.01
C LEU O 100 27.97 15.75 -10.90
N ALA O 101 27.17 16.13 -9.91
CA ALA O 101 25.93 15.44 -9.64
C ALA O 101 24.92 16.42 -9.07
N GLN O 102 23.68 16.29 -9.52
CA GLN O 102 22.60 17.14 -9.03
C GLN O 102 22.05 16.51 -7.77
N CYS O 103 22.26 17.19 -6.64
CA CYS O 103 21.85 16.73 -5.33
C CYS O 103 20.83 17.68 -4.71
N PRO O 104 20.00 17.19 -3.79
CA PRO O 104 19.28 18.09 -2.92
C PRO O 104 20.15 18.52 -1.76
N PRO O 105 19.64 19.39 -0.88
CA PRO O 105 20.37 19.71 0.34
C PRO O 105 20.57 18.47 1.19
N GLY O 106 21.61 18.53 2.00
CA GLY O 106 21.91 17.44 2.90
C GLY O 106 22.99 17.80 3.88
N ASP O 107 22.83 17.36 5.12
CA ASP O 107 23.86 17.59 6.13
C ASP O 107 25.17 16.95 5.73
N THR O 108 25.11 15.84 4.99
CA THR O 108 26.28 15.07 4.61
C THR O 108 26.35 14.93 3.10
N VAL O 109 27.35 14.17 2.67
CA VAL O 109 27.42 13.67 1.30
C VAL O 109 27.88 12.24 1.38
N THR O 110 27.27 11.40 0.55
CA THR O 110 27.38 9.95 0.67
C THR O 110 27.44 9.36 -0.73
N VAL O 111 28.59 8.79 -1.07
CA VAL O 111 28.91 8.39 -2.44
C VAL O 111 29.14 6.89 -2.47
N GLY O 112 28.89 6.29 -3.62
CA GLY O 112 29.21 4.90 -3.77
C GLY O 112 28.73 4.27 -5.04
N PHE O 113 29.55 3.39 -5.61
CA PHE O 113 29.18 2.57 -6.74
C PHE O 113 28.88 1.17 -6.25
N HIS O 114 28.73 0.23 -7.18
CA HIS O 114 28.62 -1.18 -6.85
C HIS O 114 29.50 -1.93 -7.83
N ASP O 115 30.64 -2.42 -7.34
CA ASP O 115 31.51 -3.25 -8.18
C ASP O 115 30.77 -4.48 -8.69
N GLY O 116 29.86 -5.03 -7.88
CA GLY O 116 29.12 -6.20 -8.23
C GLY O 116 29.18 -7.29 -7.16
N PRO O 117 30.36 -7.54 -6.59
CA PRO O 117 30.41 -8.40 -5.40
C PRO O 117 30.15 -7.67 -4.10
N ASN O 118 30.28 -6.35 -4.08
CA ASN O 118 30.24 -5.60 -2.84
C ASN O 118 29.69 -4.21 -3.09
N ARG O 119 29.11 -3.61 -2.05
CA ARG O 119 28.58 -2.27 -2.17
C ARG O 119 29.70 -1.27 -2.32
N HIS O 120 30.59 -1.19 -1.32
CA HIS O 120 31.88 -0.53 -1.49
C HIS O 120 31.70 0.97 -1.76
N THR O 121 31.13 1.65 -0.78
CA THR O 121 30.72 3.03 -0.87
C THR O 121 31.66 3.90 -0.05
N CYS O 122 31.44 5.21 -0.11
CA CYS O 122 32.16 6.14 0.75
C CYS O 122 31.32 7.37 1.04
N THR O 123 31.46 7.86 2.26
CA THR O 123 30.55 8.85 2.81
C THR O 123 31.36 9.89 3.57
N VAL O 124 30.77 11.07 3.76
CA VAL O 124 31.51 12.20 4.28
C VAL O 124 30.52 13.24 4.81
N ALA O 125 31.01 14.07 5.72
CA ALA O 125 30.27 15.23 6.18
C ALA O 125 30.53 16.41 5.25
N HIS O 126 29.46 17.13 4.93
CA HIS O 126 29.57 18.44 4.31
C HIS O 126 28.23 19.15 4.33
N LYS O 127 28.23 20.38 4.83
CA LYS O 127 27.02 21.19 4.84
C LYS O 127 26.65 21.56 3.42
N VAL O 128 25.47 21.14 2.99
CA VAL O 128 24.98 21.39 1.65
C VAL O 128 23.67 22.16 1.74
N GLU O 129 23.50 23.09 0.82
CA GLU O 129 22.22 23.76 0.60
C GLU O 129 22.11 24.08 -0.88
N PHE O 130 20.89 24.42 -1.28
CA PHE O 130 20.67 24.97 -2.61
C PHE O 130 19.63 26.07 -2.52
N ARG O 131 20.12 27.26 -2.26
CA ARG O 131 19.41 28.45 -2.60
C ARG O 131 19.46 28.64 -4.11
N PRO O 132 18.34 28.81 -4.79
CA PRO O 132 18.41 29.39 -6.13
C PRO O 132 18.66 30.87 -6.04
N VAL O 133 19.28 31.41 -7.09
CA VAL O 133 19.48 32.83 -7.16
C VAL O 133 18.13 33.49 -7.38
N GLY O 134 17.81 34.44 -6.54
CA GLY O 134 16.53 35.12 -6.56
C GLY O 134 16.10 35.40 -5.14
N ARG O 135 15.16 36.31 -5.01
CA ARG O 135 14.63 36.64 -3.71
C ARG O 135 13.65 35.59 -3.20
N GLU O 136 13.42 34.52 -3.96
CA GLU O 136 12.68 33.35 -3.48
C GLU O 136 13.66 32.34 -2.92
N LYS O 137 13.37 31.88 -1.71
CA LYS O 137 14.19 30.86 -1.04
C LYS O 137 13.50 29.51 -1.19
N TYR O 138 13.58 28.98 -2.41
CA TYR O 138 13.07 27.63 -2.64
C TYR O 138 13.94 26.61 -1.92
N ARG O 139 13.56 25.35 -2.09
CA ARG O 139 14.37 24.21 -1.74
C ARG O 139 14.79 23.40 -2.96
N HIS O 140 14.38 23.82 -4.15
CA HIS O 140 14.49 22.95 -5.32
C HIS O 140 14.18 23.74 -6.59
N PRO O 141 14.80 23.44 -7.73
CA PRO O 141 14.52 24.22 -8.93
C PRO O 141 13.19 23.81 -9.54
N PRO O 142 12.35 24.75 -9.98
CA PRO O 142 11.09 24.40 -10.63
C PRO O 142 11.26 24.11 -12.11
N GLU O 143 10.13 23.87 -12.77
CA GLU O 143 10.07 23.68 -14.21
C GLU O 143 9.98 24.99 -14.97
N HIS O 144 9.51 26.05 -14.32
CA HIS O 144 9.19 27.30 -14.99
C HIS O 144 9.76 28.45 -14.17
N GLY O 145 9.37 29.65 -14.52
CA GLY O 145 9.89 30.85 -13.89
C GLY O 145 10.91 31.54 -14.77
N VAL O 146 11.35 32.69 -14.28
CA VAL O 146 12.30 33.52 -15.02
C VAL O 146 13.68 32.88 -14.97
N GLU O 147 14.49 33.18 -15.98
CA GLU O 147 15.90 32.84 -15.97
C GLU O 147 16.70 34.05 -15.55
N LEU O 148 17.74 33.81 -14.76
CA LEU O 148 18.56 34.88 -14.23
C LEU O 148 19.90 34.29 -13.79
N PRO O 149 20.92 35.12 -13.61
CA PRO O 149 22.30 34.63 -13.65
C PRO O 149 22.74 33.84 -12.43
N CYS O 150 22.54 32.53 -12.48
CA CYS O 150 23.01 31.67 -11.41
C CYS O 150 24.47 31.28 -11.60
N ASN O 151 25.00 30.64 -10.56
CA ASN O 151 26.32 30.04 -10.58
C ASN O 151 26.16 28.53 -10.58
N ARG O 152 26.95 27.85 -11.40
CA ARG O 152 26.65 26.47 -11.74
C ARG O 152 27.86 25.91 -12.48
N TYR O 153 27.98 24.60 -12.44
CA TYR O 153 29.07 23.88 -13.10
C TYR O 153 28.60 23.30 -14.42
N THR O 154 29.57 23.05 -15.29
CA THR O 154 29.28 22.65 -16.65
C THR O 154 28.98 21.16 -16.73
N HIS O 155 28.44 20.76 -17.87
CA HIS O 155 28.36 19.36 -18.20
C HIS O 155 29.68 18.82 -18.72
N LYS O 156 30.55 19.68 -19.22
CA LYS O 156 31.53 19.26 -20.22
C LYS O 156 32.91 19.06 -19.60
N ARG O 157 33.82 18.65 -20.46
CA ARG O 157 35.20 18.31 -20.13
C ARG O 157 36.21 19.23 -20.80
N ALA O 158 35.89 19.78 -21.97
CA ALA O 158 36.83 20.59 -22.75
C ALA O 158 37.02 21.89 -22.00
N ASP O 159 37.86 21.82 -20.96
CA ASP O 159 37.84 22.78 -19.89
C ASP O 159 39.26 23.00 -19.38
N GLN O 160 39.63 24.25 -19.26
CA GLN O 160 40.96 24.65 -18.84
C GLN O 160 40.94 25.81 -17.87
N GLY O 161 39.76 26.34 -17.52
CA GLY O 161 39.66 27.59 -16.77
C GLY O 161 40.45 27.59 -15.48
N HIS O 162 40.70 26.43 -14.90
CA HIS O 162 41.63 26.29 -13.79
C HIS O 162 42.34 24.96 -13.91
N TYR O 163 43.40 24.81 -13.12
CA TYR O 163 44.10 23.56 -13.03
C TYR O 163 44.67 23.44 -11.62
N VAL O 164 44.56 22.25 -11.07
CA VAL O 164 45.08 21.94 -9.75
C VAL O 164 46.38 21.17 -9.92
N GLU O 165 47.29 21.38 -8.98
CA GLU O 165 48.53 20.61 -8.95
C GLU O 165 48.19 19.14 -8.77
N MET O 166 48.79 18.29 -9.60
CA MET O 166 48.69 16.85 -9.42
C MET O 166 50.05 16.23 -9.69
N HIS O 167 50.90 16.22 -8.67
CA HIS O 167 52.19 15.58 -8.74
C HIS O 167 52.07 14.16 -8.15
N GLN O 168 53.22 13.55 -7.85
CA GLN O 168 53.30 12.12 -7.75
C GLN O 168 52.53 11.62 -6.54
N PRO O 169 52.36 10.31 -6.43
CA PRO O 169 52.06 9.73 -5.13
C PRO O 169 53.32 9.53 -4.33
N GLY O 170 53.17 9.58 -3.02
CA GLY O 170 54.16 8.98 -2.17
C GLY O 170 54.04 7.47 -2.25
N LEU O 171 54.80 6.80 -1.39
CA LEU O 171 54.69 5.37 -1.31
C LEU O 171 53.31 4.99 -0.78
N VAL O 172 53.06 3.67 -0.75
CA VAL O 172 51.88 3.13 -0.09
C VAL O 172 52.28 1.82 0.56
N ALA O 173 51.51 1.43 1.57
CA ALA O 173 51.73 0.15 2.22
C ALA O 173 51.19 -0.98 1.35
N ASP O 174 51.88 -2.11 1.36
CA ASP O 174 51.28 -3.33 0.81
C ASP O 174 51.99 -4.52 1.47
N HIS O 175 51.39 -5.02 2.55
CA HIS O 175 51.95 -6.15 3.27
C HIS O 175 51.61 -7.49 2.63
N SER O 176 50.82 -7.49 1.54
CA SER O 176 50.75 -8.67 0.71
C SER O 176 52.11 -9.01 0.14
N LEU O 177 52.96 -8.01 -0.05
CA LEU O 177 54.33 -8.25 -0.50
C LEU O 177 55.09 -9.12 0.50
N LEU O 178 55.10 -8.71 1.76
CA LEU O 178 56.00 -9.30 2.75
C LEU O 178 55.51 -10.69 3.10
N SER O 179 55.79 -11.64 2.21
CA SER O 179 55.55 -13.05 2.46
C SER O 179 56.70 -13.57 3.32
N ILE O 180 56.82 -14.90 3.42
CA ILE O 180 57.86 -15.55 4.21
C ILE O 180 58.64 -16.49 3.29
N HIS O 181 59.96 -16.42 3.37
CA HIS O 181 60.87 -17.34 2.68
C HIS O 181 61.18 -18.56 3.55
N SER O 182 60.11 -19.15 4.11
CA SER O 182 60.12 -20.37 4.91
C SER O 182 60.81 -20.25 6.27
N ALA O 183 61.66 -19.23 6.47
CA ALA O 183 62.00 -18.75 7.79
C ALA O 183 62.15 -17.23 7.86
N LYS O 184 62.34 -16.56 6.74
CA LYS O 184 62.64 -15.14 6.68
C LYS O 184 61.50 -14.43 5.99
N VAL O 185 61.32 -13.16 6.30
CA VAL O 185 60.24 -12.40 5.69
C VAL O 185 60.68 -11.96 4.29
N LYS O 186 59.80 -12.19 3.33
CA LYS O 186 60.11 -12.18 1.91
C LYS O 186 59.29 -11.09 1.25
N ILE O 187 59.95 -10.08 0.74
CA ILE O 187 59.31 -9.03 -0.03
C ILE O 187 59.36 -9.44 -1.50
N THR O 188 58.38 -8.93 -2.26
CA THR O 188 58.38 -9.08 -3.71
C THR O 188 58.14 -7.71 -4.34
N VAL O 189 57.88 -7.69 -5.65
CA VAL O 189 57.67 -6.43 -6.37
C VAL O 189 56.49 -6.57 -7.32
N PRO O 190 55.78 -5.46 -7.60
CA PRO O 190 54.68 -5.54 -8.57
C PRO O 190 55.12 -5.95 -9.96
N SER O 191 55.95 -5.14 -10.59
CA SER O 191 56.34 -5.30 -11.98
C SER O 191 57.79 -4.88 -12.18
N GLY O 192 58.59 -4.98 -11.13
CA GLY O 192 59.84 -4.26 -11.05
C GLY O 192 59.73 -2.90 -10.42
N ALA O 193 58.61 -2.59 -9.78
CA ALA O 193 58.46 -1.31 -9.13
C ALA O 193 59.44 -1.19 -7.97
N GLN O 194 59.50 0.01 -7.40
CA GLN O 194 60.55 0.40 -6.48
C GLN O 194 60.03 0.22 -5.06
N VAL O 195 60.54 -0.80 -4.37
CA VAL O 195 60.05 -1.19 -3.05
C VAL O 195 61.08 -0.76 -2.01
N LYS O 196 60.64 0.04 -1.06
CA LYS O 196 61.51 0.77 -0.15
C LYS O 196 61.49 0.02 1.18
N TYR O 197 62.63 -0.60 1.55
CA TYR O 197 62.61 -1.73 2.47
C TYR O 197 63.77 -1.74 3.47
N TYR O 198 63.46 -2.19 4.70
CA TYR O 198 64.33 -2.50 5.84
C TYR O 198 63.36 -2.95 6.93
N CYS O 199 63.88 -3.48 8.02
CA CYS O 199 63.07 -3.90 9.15
C CYS O 199 63.63 -3.26 10.40
N LYS O 200 62.95 -3.44 11.54
CA LYS O 200 63.47 -2.87 12.77
C LYS O 200 64.87 -3.38 13.07
N CYS O 201 65.13 -4.65 12.74
CA CYS O 201 66.47 -5.20 12.88
C CYS O 201 67.37 -4.55 11.84
N PRO O 202 68.68 -4.81 11.88
CA PRO O 202 69.55 -4.37 10.77
C PRO O 202 69.64 -5.35 9.60
N ASP O 203 69.13 -4.94 8.44
CA ASP O 203 69.24 -5.64 7.16
C ASP O 203 69.29 -4.56 6.06
N VAL O 204 68.90 -4.92 4.82
CA VAL O 204 68.94 -3.98 3.67
C VAL O 204 68.19 -2.69 4.03
N ARG O 205 68.84 -1.54 3.84
CA ARG O 205 68.35 -0.30 4.45
C ARG O 205 67.58 0.64 3.53
N GLU O 206 67.82 0.65 2.21
CA GLU O 206 66.97 1.44 1.33
C GLU O 206 65.85 0.61 0.75
N GLY O 207 66.22 -0.31 -0.14
CA GLY O 207 65.27 -1.07 -0.93
C GLY O 207 65.00 -0.32 -2.21
N ILE O 208 65.74 -0.63 -3.27
CA ILE O 208 65.38 -0.25 -4.63
C ILE O 208 65.72 -1.48 -5.45
N THR O 209 64.77 -2.41 -5.58
CA THR O 209 65.13 -3.78 -5.87
C THR O 209 64.01 -4.51 -6.60
N SER O 210 64.36 -5.70 -7.08
CA SER O 210 63.41 -6.75 -7.38
C SER O 210 63.05 -7.44 -6.07
N SER O 211 62.43 -8.62 -6.16
CA SER O 211 62.06 -9.35 -4.96
C SER O 211 63.27 -9.69 -4.10
N ASP O 212 63.37 -9.04 -2.94
CA ASP O 212 64.40 -9.36 -1.96
C ASP O 212 63.88 -10.33 -0.92
N HIS O 213 64.82 -10.87 -0.17
CA HIS O 213 64.55 -11.56 1.08
C HIS O 213 64.93 -10.63 2.22
N THR O 214 64.94 -11.16 3.44
CA THR O 214 65.34 -10.42 4.63
C THR O 214 66.20 -11.32 5.48
N THR O 215 67.50 -11.06 5.52
CA THR O 215 68.38 -11.90 6.32
C THR O 215 68.02 -11.83 7.79
N THR O 216 67.84 -10.62 8.31
CA THR O 216 67.85 -10.42 9.77
C THR O 216 66.48 -10.67 10.42
N CYS O 217 65.51 -9.80 10.15
CA CYS O 217 64.22 -9.93 10.82
C CYS O 217 63.42 -11.08 10.23
N THR O 218 62.39 -11.46 10.95
CA THR O 218 61.50 -12.57 10.59
C THR O 218 60.05 -12.15 10.54
N ASP O 219 59.63 -11.27 11.43
CA ASP O 219 58.22 -10.93 11.56
C ASP O 219 57.82 -9.96 10.45
N VAL O 220 56.68 -10.24 9.83
CA VAL O 220 56.11 -9.34 8.83
C VAL O 220 55.81 -7.98 9.44
N LYS O 221 55.52 -7.94 10.74
CA LYS O 221 55.00 -6.76 11.39
C LYS O 221 56.07 -5.78 11.84
N GLN O 222 57.30 -5.92 11.34
CA GLN O 222 58.38 -5.02 11.73
C GLN O 222 59.21 -4.64 10.52
N CYS O 223 58.57 -4.47 9.37
CA CYS O 223 59.27 -4.26 8.11
C CYS O 223 58.55 -3.22 7.27
N ARG O 224 59.28 -2.75 6.25
CA ARG O 224 58.87 -1.62 5.42
C ARG O 224 58.31 -2.13 4.09
N ALA O 225 57.01 -2.43 4.06
CA ALA O 225 56.33 -2.81 2.83
C ALA O 225 55.89 -1.54 2.13
N TYR O 226 56.69 -1.08 1.16
CA TYR O 226 56.47 0.19 0.50
C TYR O 226 56.43 0.00 -1.00
N LEU O 227 55.75 0.93 -1.67
CA LEU O 227 55.60 0.91 -3.14
C LEU O 227 55.83 2.32 -3.67
N ILE O 228 57.08 2.62 -4.00
CA ILE O 228 57.36 3.79 -4.81
C ILE O 228 57.04 3.38 -6.25
N ASP O 229 55.85 3.75 -6.71
CA ASP O 229 55.30 3.31 -7.98
C ASP O 229 54.87 4.53 -8.79
N ASN O 230 55.77 5.49 -8.89
CA ASN O 230 55.44 6.80 -9.45
C ASN O 230 55.54 6.81 -10.96
N LYS O 231 54.88 5.85 -11.61
CA LYS O 231 54.69 5.90 -13.05
C LYS O 231 53.45 6.69 -13.43
N LYS O 232 52.56 6.95 -12.49
CA LYS O 232 51.37 7.75 -12.72
C LYS O 232 51.15 8.67 -11.53
N TRP O 233 50.96 9.95 -11.80
CA TRP O 233 50.78 10.93 -10.74
C TRP O 233 49.41 10.75 -10.10
N VAL O 234 49.11 11.61 -9.11
CA VAL O 234 47.86 11.55 -8.37
C VAL O 234 47.33 12.95 -8.13
N TYR O 235 46.11 13.00 -7.59
CA TYR O 235 45.63 14.21 -6.97
C TYR O 235 46.33 14.39 -5.63
N ASN O 236 46.54 15.65 -5.26
CA ASN O 236 47.29 15.99 -4.07
C ASN O 236 46.33 16.10 -2.89
N SER O 237 45.70 14.97 -2.60
CA SER O 237 44.78 14.86 -1.49
C SER O 237 45.49 15.15 -0.17
N GLY O 238 44.75 15.71 0.77
CA GLY O 238 45.24 15.75 2.13
C GLY O 238 45.44 14.37 2.71
N ARG O 239 44.71 13.39 2.20
CA ARG O 239 44.84 12.01 2.64
C ARG O 239 45.84 11.24 1.80
N LEU O 240 46.84 11.92 1.26
CA LEU O 240 47.98 11.38 0.58
C LEU O 240 49.23 11.53 1.45
N PRO O 241 50.10 10.52 1.52
CA PRO O 241 51.44 10.77 2.02
C PRO O 241 52.33 11.34 0.94
N ARG O 242 53.11 12.35 1.32
CA ARG O 242 53.98 13.04 0.38
C ARG O 242 54.94 12.06 -0.28
N GLY O 243 55.16 12.27 -1.57
CA GLY O 243 56.32 11.70 -2.22
C GLY O 243 57.51 12.56 -1.88
N GLU O 244 58.34 12.06 -0.96
CA GLU O 244 59.31 12.90 -0.29
C GLU O 244 60.37 13.44 -1.23
N GLY O 245 60.54 12.83 -2.40
CA GLY O 245 61.69 13.17 -3.22
C GLY O 245 61.61 14.57 -3.79
N ASP O 246 60.44 14.94 -4.33
CA ASP O 246 60.40 16.08 -5.23
C ASP O 246 58.96 16.48 -5.48
N THR O 247 58.78 17.73 -5.89
CA THR O 247 57.57 18.20 -6.55
C THR O 247 57.67 17.85 -8.04
N PHE O 248 57.31 16.62 -8.38
CA PHE O 248 57.25 16.29 -9.79
C PHE O 248 56.17 17.13 -10.49
N LYS O 249 56.26 17.14 -11.82
CA LYS O 249 55.29 17.78 -12.71
C LYS O 249 53.97 17.04 -12.63
N GLY O 250 53.01 17.48 -13.45
CA GLY O 250 51.65 16.98 -13.43
C GLY O 250 50.61 18.03 -13.10
N LYS O 251 50.83 19.26 -13.55
CA LYS O 251 49.77 20.26 -13.53
C LYS O 251 48.61 19.78 -14.39
N LEU O 252 47.43 19.72 -13.81
CA LEU O 252 46.29 19.08 -14.46
C LEU O 252 45.01 19.87 -14.20
N HIS O 253 44.23 20.02 -15.26
CA HIS O 253 43.08 20.91 -15.28
C HIS O 253 42.01 20.48 -14.30
N VAL O 254 40.97 21.29 -14.20
CA VAL O 254 39.69 20.90 -13.63
C VAL O 254 38.65 20.93 -14.74
N PRO O 255 37.83 19.90 -14.91
CA PRO O 255 36.71 19.99 -15.86
C PRO O 255 35.63 20.97 -15.44
N PHE O 256 35.09 20.74 -14.25
CA PHE O 256 33.83 21.35 -13.86
C PHE O 256 34.12 22.71 -13.27
N VAL O 257 34.31 23.67 -14.16
CA VAL O 257 34.53 25.05 -13.78
C VAL O 257 33.17 25.59 -13.35
N PRO O 258 33.10 26.48 -12.36
CA PRO O 258 31.85 27.20 -12.12
C PRO O 258 31.64 28.26 -13.20
N VAL O 259 30.49 28.20 -13.85
CA VAL O 259 30.19 29.05 -14.99
C VAL O 259 28.92 29.84 -14.72
N LYS O 260 28.73 30.87 -15.54
CA LYS O 260 27.61 31.80 -15.37
C LYS O 260 26.44 31.32 -16.24
N ALA O 261 25.97 30.14 -15.89
CA ALA O 261 24.72 29.68 -16.47
C ALA O 261 23.57 30.51 -15.95
N LYS O 262 22.56 30.67 -16.78
CA LYS O 262 21.28 31.19 -16.34
C LYS O 262 20.44 29.98 -15.99
N CYS O 263 20.36 29.65 -14.71
CA CYS O 263 19.51 28.57 -14.29
C CYS O 263 18.08 28.87 -14.69
N ILE O 264 17.39 27.84 -15.17
CA ILE O 264 15.95 27.84 -15.07
C ILE O 264 15.68 28.08 -13.59
N ALA O 265 14.83 29.05 -13.28
CA ALA O 265 14.92 29.60 -11.93
C ALA O 265 13.55 29.98 -11.42
N THR O 266 13.56 30.71 -10.31
CA THR O 266 12.42 30.83 -9.42
C THR O 266 11.45 31.86 -9.94
N LEU O 267 10.29 31.89 -9.32
CA LEU O 267 9.26 32.89 -9.58
C LEU O 267 8.20 32.69 -8.51
N ALA O 268 7.78 33.76 -7.91
CA ALA O 268 6.78 33.71 -6.87
C ALA O 268 5.44 34.15 -7.41
N PRO O 269 4.32 33.58 -6.92
CA PRO O 269 3.01 33.94 -7.47
C PRO O 269 2.72 35.42 -7.36
N GLU O 270 1.96 35.91 -8.33
CA GLU O 270 1.75 37.33 -8.45
C GLU O 270 1.04 37.88 -7.21
N PRO O 271 1.25 39.15 -6.88
CA PRO O 271 0.55 39.74 -5.74
C PRO O 271 -0.88 40.12 -6.08
N LEU O 272 -1.64 40.40 -5.03
CA LEU O 272 -2.98 40.95 -5.15
C LEU O 272 -2.88 42.42 -4.78
N VAL O 273 -2.90 43.27 -5.79
CA VAL O 273 -2.79 44.69 -5.54
C VAL O 273 -4.14 45.21 -5.11
N GLU O 274 -4.14 46.01 -4.05
CA GLU O 274 -5.34 46.60 -3.49
C GLU O 274 -5.04 48.06 -3.20
N HIS O 275 -5.94 48.92 -3.65
CA HIS O 275 -5.76 50.34 -3.47
C HIS O 275 -6.24 50.80 -2.10
N LYS O 276 -5.52 51.76 -1.54
CA LYS O 276 -6.05 52.64 -0.51
C LYS O 276 -5.43 54.01 -0.70
N HIS O 277 -5.81 54.94 0.16
CA HIS O 277 -5.33 56.31 0.10
C HIS O 277 -3.85 56.36 0.42
N ARG O 278 -3.03 56.53 -0.61
CA ARG O 278 -1.58 56.61 -0.49
C ARG O 278 -1.03 55.39 0.26
N THR O 279 -1.68 54.25 0.05
CA THR O 279 -1.35 53.06 0.80
C THR O 279 -1.68 51.84 -0.04
N LEU O 280 -0.72 50.94 -0.15
CA LEU O 280 -0.92 49.65 -0.80
C LEU O 280 -1.19 48.60 0.25
N ILE O 281 -2.46 48.24 0.43
CA ILE O 281 -2.73 46.94 0.99
C ILE O 281 -2.37 45.91 -0.06
N LEU O 282 -1.73 44.84 0.39
CA LEU O 282 -1.35 43.76 -0.50
C LEU O 282 -1.61 42.46 0.24
N HIS O 283 -2.74 41.83 -0.05
CA HIS O 283 -2.91 40.44 0.34
C HIS O 283 -1.95 39.62 -0.50
N LEU O 284 -1.15 38.80 0.17
CA LEU O 284 -0.03 38.16 -0.50
C LEU O 284 0.08 36.71 -0.04
N HIS O 285 0.54 35.89 -0.95
CA HIS O 285 0.39 34.46 -0.81
C HIS O 285 1.44 33.73 -1.64
N PRO O 286 2.62 33.52 -1.10
CA PRO O 286 3.70 32.92 -1.88
C PRO O 286 3.68 31.40 -1.91
N ASP O 287 4.61 30.84 -2.68
CA ASP O 287 4.89 29.42 -2.70
C ASP O 287 5.93 29.05 -1.66
N HIS O 288 6.93 29.90 -1.51
CA HIS O 288 8.10 29.63 -0.69
C HIS O 288 8.51 30.93 -0.03
N PRO O 289 9.47 30.92 0.90
CA PRO O 289 9.90 32.17 1.52
C PRO O 289 10.47 33.12 0.49
N THR O 290 9.82 34.27 0.36
CA THR O 290 10.15 35.28 -0.63
C THR O 290 10.61 36.54 0.07
N LEU O 291 11.79 37.03 -0.30
CA LEU O 291 12.28 38.29 0.23
C LEU O 291 11.62 39.41 -0.56
N LEU O 292 10.66 40.07 0.07
CA LEU O 292 10.09 41.28 -0.47
C LEU O 292 10.88 42.48 0.01
N THR O 293 10.93 43.50 -0.83
CA THR O 293 11.53 44.75 -0.40
C THR O 293 11.14 45.87 -1.35
N THR O 294 11.29 47.10 -0.83
CA THR O 294 10.80 48.30 -1.49
C THR O 294 11.81 49.43 -1.34
N ARG O 295 11.50 50.56 -1.98
CA ARG O 295 12.34 51.75 -1.91
C ARG O 295 11.45 52.97 -2.08
N SER O 296 11.06 53.61 -0.99
CA SER O 296 10.31 54.85 -1.13
C SER O 296 11.24 55.88 -1.75
N LEU O 297 10.92 56.26 -2.97
CA LEU O 297 11.87 56.96 -3.82
C LEU O 297 12.15 58.39 -3.40
N GLY O 298 11.61 58.87 -2.31
CA GLY O 298 12.11 60.10 -1.76
C GLY O 298 13.58 59.97 -1.42
N SER O 299 14.23 61.13 -1.25
CA SER O 299 15.57 61.10 -0.72
C SER O 299 15.60 60.49 0.67
N ASP O 300 14.46 60.50 1.37
CA ASP O 300 14.21 59.54 2.43
C ASP O 300 13.89 58.20 1.78
N ALA O 301 14.84 57.27 1.85
CA ALA O 301 14.64 55.97 1.22
C ALA O 301 13.52 55.19 1.89
N ASN O 302 13.59 55.03 3.20
CA ASN O 302 12.70 54.22 4.02
C ASN O 302 12.39 52.86 3.37
N PRO O 303 13.38 52.02 3.16
CA PRO O 303 13.14 50.70 2.59
C PRO O 303 12.64 49.73 3.64
N THR O 304 12.26 48.55 3.16
CA THR O 304 11.76 47.47 3.99
C THR O 304 12.25 46.16 3.40
N ARG O 305 12.50 45.20 4.28
CA ARG O 305 12.86 43.84 3.89
C ARG O 305 12.13 42.88 4.79
N GLN O 306 11.54 41.85 4.21
CA GLN O 306 11.07 40.74 5.03
C GLN O 306 10.86 39.52 4.15
N TRP O 307 11.52 38.43 4.49
CA TRP O 307 11.18 37.16 3.91
C TRP O 307 9.75 36.81 4.26
N ILE O 308 8.97 36.46 3.25
CA ILE O 308 7.57 36.08 3.43
C ILE O 308 7.43 34.68 2.91
N GLU O 309 7.11 33.76 3.82
CA GLU O 309 6.66 32.43 3.48
C GLU O 309 5.23 32.18 3.89
N ARG O 310 4.81 32.76 4.96
CA ARG O 310 3.44 32.67 5.38
C ARG O 310 2.62 33.74 4.67
N PRO O 311 1.48 33.40 4.07
CA PRO O 311 0.68 34.42 3.39
C PRO O 311 0.26 35.52 4.35
N THR O 312 0.40 36.75 3.88
CA THR O 312 0.28 37.91 4.75
C THR O 312 -0.24 39.09 3.97
N THR O 313 -1.27 39.73 4.51
CA THR O 313 -1.68 41.03 4.06
C THR O 313 -0.77 42.08 4.68
N VAL O 314 -0.06 42.82 3.85
CA VAL O 314 0.92 43.80 4.29
C VAL O 314 0.45 45.20 3.91
N ASN O 315 1.25 46.20 4.26
CA ASN O 315 0.91 47.57 3.98
C ASN O 315 2.17 48.36 3.67
N PHE O 316 1.99 49.42 2.89
CA PHE O 316 3.11 50.25 2.47
C PHE O 316 2.60 51.68 2.34
N THR O 317 3.10 52.56 3.21
CA THR O 317 2.75 53.96 3.10
C THR O 317 3.45 54.54 1.89
N VAL O 318 2.79 54.53 0.76
CA VAL O 318 3.36 55.12 -0.44
C VAL O 318 3.24 56.64 -0.32
N THR O 319 4.24 57.31 -0.86
CA THR O 319 4.33 58.75 -0.82
C THR O 319 3.77 59.34 -2.10
N GLY O 320 3.98 60.63 -2.29
CA GLY O 320 3.47 61.29 -3.47
C GLY O 320 4.23 60.90 -4.72
N GLU O 321 5.55 60.84 -4.62
CA GLU O 321 6.37 60.71 -5.83
C GLU O 321 6.44 59.28 -6.34
N GLY O 322 6.44 58.30 -5.45
CA GLY O 322 6.35 56.93 -5.90
C GLY O 322 7.00 55.96 -4.94
N LEU O 323 6.70 54.68 -5.16
CA LEU O 323 7.33 53.56 -4.48
C LEU O 323 7.57 52.47 -5.52
N GLU O 324 8.49 51.56 -5.21
CA GLU O 324 8.68 50.38 -6.02
C GLU O 324 8.62 49.13 -5.15
N TYR O 325 8.39 48.00 -5.81
CA TYR O 325 7.86 46.81 -5.18
C TYR O 325 8.41 45.59 -5.89
N THR O 326 8.95 44.64 -5.11
CA THR O 326 9.80 43.57 -5.65
C THR O 326 9.33 42.21 -5.14
N TRP O 327 8.33 41.65 -5.79
CA TRP O 327 7.76 40.36 -5.38
C TRP O 327 8.71 39.24 -5.77
N GLY O 328 9.74 39.08 -4.97
CA GLY O 328 10.70 38.06 -5.32
C GLY O 328 11.44 38.49 -6.57
N ASN O 329 12.07 37.51 -7.23
CA ASN O 329 12.76 37.80 -8.47
C ASN O 329 11.82 38.11 -9.62
N HIS O 330 10.51 38.08 -9.40
CA HIS O 330 9.60 38.77 -10.28
C HIS O 330 10.06 40.21 -10.43
N PRO O 331 9.90 40.84 -11.60
CA PRO O 331 10.54 42.13 -11.82
C PRO O 331 10.00 43.18 -10.87
N PRO O 332 10.74 44.27 -10.68
CA PRO O 332 10.30 45.32 -9.77
C PRO O 332 9.14 46.11 -10.36
N LYS O 333 8.10 46.31 -9.56
CA LYS O 333 6.98 47.15 -9.93
C LYS O 333 7.25 48.57 -9.46
N ARG O 334 6.34 49.46 -9.82
CA ARG O 334 6.43 50.87 -9.47
C ARG O 334 5.00 51.37 -9.37
N VAL O 335 4.79 52.46 -8.62
CA VAL O 335 3.44 52.89 -8.33
C VAL O 335 3.35 54.42 -8.14
N TRP O 336 2.43 55.07 -8.86
CA TRP O 336 2.04 56.44 -8.57
C TRP O 336 0.95 56.35 -7.51
N ALA O 337 1.24 56.91 -6.34
CA ALA O 337 0.23 57.20 -5.34
C ALA O 337 0.29 58.70 -5.13
N GLN O 338 -0.46 59.40 -5.95
CA GLN O 338 -0.88 60.74 -5.59
C GLN O 338 -2.07 60.60 -4.66
N GLU O 339 -2.80 61.68 -4.48
CA GLU O 339 -3.97 61.71 -3.63
C GLU O 339 -4.95 60.58 -3.92
N SER O 340 -5.79 60.29 -2.96
CA SER O 340 -7.10 59.73 -3.25
C SER O 340 -8.16 60.23 -2.28
N GLY O 341 -7.85 61.20 -1.44
CA GLY O 341 -8.74 61.70 -0.41
C GLY O 341 -9.56 62.88 -0.84
N GLU O 342 -9.59 63.16 -2.14
CA GLU O 342 -10.55 64.08 -2.75
C GLU O 342 -10.29 65.55 -2.41
N ASP P 1 36.99 -17.60 18.23
CA ASP P 1 36.04 -18.30 19.15
C ASP P 1 34.62 -17.80 18.97
N LEU P 2 34.02 -18.17 17.85
CA LEU P 2 32.59 -18.00 17.64
C LEU P 2 31.77 -19.14 18.26
N ASP P 3 32.41 -19.99 19.07
CA ASP P 3 31.86 -21.25 19.52
C ASP P 3 31.75 -21.29 21.04
N THR P 4 31.46 -20.13 21.64
CA THR P 4 31.41 -19.96 23.08
C THR P 4 30.04 -19.53 23.58
N HIS P 5 29.03 -19.47 22.71
CA HIS P 5 27.69 -19.05 23.08
C HIS P 5 26.68 -19.98 22.44
N PHE P 6 26.94 -21.29 22.58
CA PHE P 6 25.92 -22.27 22.25
C PHE P 6 24.81 -22.32 23.27
N THR P 7 24.91 -21.52 24.34
CA THR P 7 23.76 -21.22 25.18
C THR P 7 22.59 -20.79 24.32
N GLN P 8 22.77 -19.74 23.53
CA GLN P 8 21.71 -19.28 22.65
C GLN P 8 21.61 -20.18 21.42
N TYR P 9 22.74 -20.38 20.75
CA TYR P 9 22.74 -20.87 19.37
C TYR P 9 22.03 -22.21 19.24
N LYS P 10 22.52 -23.22 19.97
CA LYS P 10 21.91 -24.54 19.90
C LYS P 10 20.46 -24.50 20.35
N LEU P 11 20.17 -23.70 21.35
CA LEU P 11 18.98 -23.88 22.16
C LEU P 11 17.87 -22.89 21.83
N ALA P 12 18.20 -21.80 21.16
CA ALA P 12 17.22 -20.80 20.73
C ALA P 12 16.97 -20.93 19.23
N ARG P 13 15.76 -20.57 18.82
CA ARG P 13 15.31 -20.65 17.45
C ARG P 13 14.98 -19.25 16.93
N PRO P 14 14.92 -19.05 15.62
CA PRO P 14 14.53 -17.72 15.11
C PRO P 14 13.05 -17.47 15.32
N TYR P 15 12.72 -16.65 16.30
CA TYR P 15 11.32 -16.46 16.63
C TYR P 15 10.64 -15.64 15.54
N ILE P 16 9.32 -15.83 15.43
CA ILE P 16 8.50 -15.05 14.51
C ILE P 16 7.36 -14.38 15.26
N ALA P 17 7.20 -13.08 15.03
CA ALA P 17 6.21 -12.27 15.71
C ALA P 17 5.56 -11.34 14.70
N ASP P 18 4.75 -10.41 15.20
CA ASP P 18 3.89 -9.57 14.38
C ASP P 18 4.53 -8.22 14.18
N CYS P 19 5.14 -8.03 13.02
CA CYS P 19 5.69 -6.74 12.66
C CYS P 19 4.57 -5.73 12.49
N PRO P 20 4.76 -4.45 12.88
CA PRO P 20 3.63 -3.52 12.90
C PRO P 20 3.24 -2.87 11.58
N ASN P 21 4.22 -2.57 10.74
CA ASN P 21 3.94 -1.91 9.46
C ASN P 21 4.81 -2.57 8.38
N CYS P 22 4.65 -3.89 8.28
CA CYS P 22 5.52 -4.77 7.52
C CYS P 22 5.37 -4.53 6.03
N GLY P 23 5.86 -3.38 5.57
CA GLY P 23 5.74 -3.01 4.18
C GLY P 23 4.36 -2.47 3.89
N HIS P 24 3.38 -3.36 3.82
CA HIS P 24 1.99 -2.94 3.69
C HIS P 24 1.45 -2.50 5.05
N SER P 25 1.37 -3.45 5.97
CA SER P 25 0.65 -3.33 7.22
C SER P 25 1.18 -4.41 8.14
N ARG P 26 0.43 -4.73 9.18
CA ARG P 26 0.88 -5.69 10.18
C ARG P 26 0.95 -7.09 9.59
N CYS P 27 2.15 -7.54 9.22
CA CYS P 27 2.38 -8.93 8.89
C CYS P 27 2.85 -9.68 10.13
N ASP P 28 3.32 -10.91 9.93
CA ASP P 28 4.07 -11.65 10.93
C ASP P 28 5.44 -11.92 10.33
N SER P 29 6.41 -11.03 10.61
CA SER P 29 7.75 -11.23 10.10
C SER P 29 8.60 -11.98 11.10
N PRO P 30 9.52 -12.85 10.65
CA PRO P 30 10.50 -13.40 11.59
C PRO P 30 11.46 -12.37 12.14
N ILE P 31 11.59 -11.22 11.47
CA ILE P 31 12.53 -10.19 11.88
C ILE P 31 11.77 -9.10 12.62
N ALA P 32 10.65 -9.47 13.22
CA ALA P 32 9.82 -8.52 13.96
C ALA P 32 10.64 -7.81 15.03
N ILE P 33 10.64 -6.49 14.96
CA ILE P 33 11.54 -5.66 15.75
C ILE P 33 10.91 -5.34 17.09
N GLU P 34 11.59 -5.75 18.15
CA GLU P 34 11.28 -5.33 19.50
C GLU P 34 12.54 -4.67 20.05
N GLU P 35 12.38 -3.98 21.19
CA GLU P 35 13.48 -3.42 21.98
C GLU P 35 14.51 -2.69 21.12
N VAL P 36 14.05 -1.62 20.53
CA VAL P 36 14.93 -0.66 19.91
C VAL P 36 15.55 0.18 21.00
N ARG P 37 16.86 0.41 20.90
CA ARG P 37 17.61 1.09 21.94
C ARG P 37 18.52 2.14 21.30
N GLY P 38 17.96 3.33 21.08
CA GLY P 38 18.72 4.46 20.60
C GLY P 38 19.18 5.29 21.77
N ASP P 39 19.74 4.60 22.75
CA ASP P 39 20.06 5.16 24.05
C ASP P 39 21.54 5.44 24.22
N ALA P 40 22.39 4.92 23.34
CA ALA P 40 23.81 5.19 23.36
C ALA P 40 24.08 6.49 22.60
N HIS P 41 25.35 6.74 22.30
CA HIS P 41 25.80 8.00 21.73
C HIS P 41 26.48 7.88 20.38
N ALA P 42 26.99 6.70 20.03
CA ALA P 42 28.00 6.56 18.97
C ALA P 42 27.39 6.36 17.60
N GLY P 43 26.20 6.86 17.35
CA GLY P 43 25.52 6.55 16.11
C GLY P 43 24.98 5.14 16.05
N VAL P 44 24.95 4.42 17.16
CA VAL P 44 24.69 2.99 17.18
C VAL P 44 23.34 2.71 17.82
N ILE P 45 22.67 1.68 17.31
CA ILE P 45 21.51 1.11 17.96
C ILE P 45 21.71 -0.39 18.06
N ARG P 46 21.39 -0.92 19.22
CA ARG P 46 21.22 -2.34 19.43
C ARG P 46 19.76 -2.68 19.22
N ILE P 47 19.50 -3.69 18.40
CA ILE P 47 18.16 -4.10 18.02
C ILE P 47 18.02 -5.59 18.31
N GLN P 48 16.80 -6.02 18.59
CA GLN P 48 16.46 -7.44 18.56
C GLN P 48 15.44 -7.68 17.47
N THR P 49 15.84 -8.48 16.49
CA THR P 49 14.89 -9.19 15.66
C THR P 49 14.37 -10.37 16.46
N SER P 50 13.16 -10.79 16.12
CA SER P 50 12.73 -12.11 16.59
C SER P 50 13.46 -13.22 15.86
N ALA P 51 14.09 -12.90 14.73
CA ALA P 51 14.91 -13.85 14.02
C ALA P 51 16.29 -13.96 14.67
N MET P 52 16.79 -15.19 14.71
CA MET P 52 18.07 -15.53 15.29
C MET P 52 19.01 -15.82 14.12
N PHE P 53 19.66 -14.77 13.64
CA PHE P 53 20.76 -14.95 12.70
C PHE P 53 22.03 -15.23 13.51
N GLY P 54 23.10 -15.56 12.81
CA GLY P 54 24.33 -15.97 13.47
C GLY P 54 24.87 -17.23 12.84
N LEU P 55 25.20 -18.22 13.66
CA LEU P 55 25.50 -19.53 13.12
C LEU P 55 24.26 -20.08 12.43
N LYS P 56 24.43 -21.21 11.77
CA LYS P 56 23.30 -21.86 11.12
C LYS P 56 22.46 -22.55 12.19
N THR P 57 21.55 -23.42 11.76
CA THR P 57 20.86 -24.30 12.69
C THR P 57 21.85 -25.05 13.57
N ASP P 58 22.99 -25.47 13.00
CA ASP P 58 23.85 -26.41 13.69
C ASP P 58 25.12 -25.81 14.29
N GLY P 59 26.07 -25.31 13.49
CA GLY P 59 27.38 -25.01 14.04
C GLY P 59 28.35 -24.01 13.43
N VAL P 60 28.01 -23.28 12.37
CA VAL P 60 29.04 -22.62 11.56
C VAL P 60 28.67 -21.18 11.22
N ASP P 61 29.67 -20.30 11.27
CA ASP P 61 29.68 -19.04 10.55
C ASP P 61 28.60 -18.05 10.96
N LEU P 62 28.89 -17.27 12.01
CA LEU P 62 28.11 -16.10 12.44
C LEU P 62 27.49 -15.34 11.28
N ALA P 63 28.21 -15.19 10.17
CA ALA P 63 27.75 -14.39 9.06
C ALA P 63 26.72 -15.08 8.17
N TYR P 64 26.08 -16.15 8.64
CA TYR P 64 24.94 -16.74 7.95
C TYR P 64 23.66 -16.30 8.65
N MET P 65 22.53 -16.82 8.17
CA MET P 65 21.25 -16.14 8.33
C MET P 65 20.17 -17.18 8.48
N SER P 66 19.63 -17.32 9.69
CA SER P 66 18.54 -18.23 10.00
C SER P 66 17.34 -17.45 10.52
N PHE P 67 16.32 -17.32 9.67
CA PHE P 67 15.00 -16.89 10.10
C PHE P 67 14.04 -18.06 9.97
N MET P 68 12.79 -17.81 10.36
CA MET P 68 11.74 -18.79 10.26
C MET P 68 10.95 -18.57 8.98
N ASN P 69 10.85 -19.62 8.16
CA ASN P 69 9.95 -19.68 7.02
C ASN P 69 9.11 -20.94 7.21
N GLY P 70 7.80 -20.76 7.33
CA GLY P 70 6.94 -21.85 7.74
C GLY P 70 6.99 -22.01 9.25
N LYS P 71 6.78 -23.25 9.68
CA LYS P 71 7.24 -23.67 11.00
C LYS P 71 8.76 -23.79 11.08
N THR P 72 9.45 -23.72 9.94
CA THR P 72 10.83 -24.14 9.80
C THR P 72 11.76 -22.95 9.77
N GLN P 73 13.02 -23.21 10.11
CA GLN P 73 14.09 -22.24 9.95
C GLN P 73 14.44 -22.10 8.47
N LYS P 74 15.38 -21.19 8.20
CA LYS P 74 16.07 -21.19 6.92
C LYS P 74 17.47 -20.62 7.16
N SER P 75 18.41 -21.50 7.49
CA SER P 75 19.75 -21.11 7.92
C SER P 75 20.64 -21.00 6.69
N ILE P 76 20.68 -19.79 6.12
CA ILE P 76 21.36 -19.52 4.87
C ILE P 76 22.13 -18.20 4.99
N LYS P 77 22.64 -17.67 3.88
CA LYS P 77 23.55 -16.53 3.91
C LYS P 77 22.82 -15.21 4.16
N ILE P 78 23.56 -14.27 4.75
CA ILE P 78 23.07 -12.97 5.23
C ILE P 78 22.97 -11.93 4.11
N ASP P 79 23.10 -12.37 2.87
CA ASP P 79 23.60 -11.58 1.74
C ASP P 79 23.27 -10.09 1.73
N ASN P 80 22.03 -9.70 2.00
CA ASN P 80 21.55 -8.34 1.73
C ASN P 80 20.72 -7.81 2.89
N LEU P 81 21.25 -7.90 4.10
CA LEU P 81 20.64 -7.24 5.24
C LEU P 81 20.50 -5.75 4.99
N HIS P 82 19.43 -5.16 5.51
CA HIS P 82 19.30 -3.71 5.57
C HIS P 82 18.56 -3.32 6.84
N VAL P 83 19.30 -2.80 7.81
CA VAL P 83 18.73 -1.91 8.80
C VAL P 83 18.70 -0.53 8.18
N ARG P 84 17.67 0.25 8.50
CA ARG P 84 17.70 1.64 8.10
C ARG P 84 16.70 2.44 8.93
N THR P 85 16.85 3.75 8.79
CA THR P 85 16.10 4.77 9.49
C THR P 85 15.86 5.83 8.45
N SER P 86 15.73 7.09 8.86
CA SER P 86 15.75 8.23 7.96
C SER P 86 16.76 8.08 6.82
N ALA P 87 17.91 7.50 7.09
CA ALA P 87 18.85 7.06 6.07
C ALA P 87 19.17 5.59 6.27
N PRO P 88 19.82 4.96 5.30
CA PRO P 88 20.31 3.59 5.52
C PRO P 88 21.40 3.56 6.57
N CYS P 89 21.24 2.64 7.51
CA CYS P 89 22.19 2.48 8.59
C CYS P 89 23.41 1.72 8.11
N SER P 90 24.33 1.50 9.03
CA SER P 90 25.48 0.62 8.82
C SER P 90 25.43 -0.46 9.89
N LEU P 91 25.40 -1.71 9.45
CA LEU P 91 25.57 -2.83 10.35
C LEU P 91 26.87 -2.68 11.12
N VAL P 92 26.84 -3.15 12.38
CA VAL P 92 28.05 -3.26 13.20
C VAL P 92 28.39 -4.72 13.47
N SER P 93 27.43 -5.47 14.01
CA SER P 93 27.61 -6.89 14.23
C SER P 93 26.29 -7.50 14.66
N HIS P 94 26.16 -8.78 14.38
CA HIS P 94 25.02 -9.56 14.84
C HIS P 94 25.49 -10.69 15.75
N HIS P 95 24.65 -11.05 16.71
CA HIS P 95 24.88 -12.21 17.55
C HIS P 95 23.54 -12.63 18.14
N GLY P 96 23.10 -13.84 17.81
CA GLY P 96 21.87 -14.36 18.39
C GLY P 96 20.67 -13.77 17.69
N TYR P 97 19.70 -13.32 18.48
CA TYR P 97 18.55 -12.59 17.98
C TYR P 97 18.88 -11.14 17.63
N TYR P 98 20.10 -10.70 17.91
CA TYR P 98 20.38 -9.32 18.20
C TYR P 98 21.41 -8.78 17.22
N ILE P 99 21.17 -7.55 16.76
CA ILE P 99 22.07 -6.87 15.85
C ILE P 99 22.42 -5.50 16.40
N LEU P 100 23.67 -5.11 16.20
CA LEU P 100 24.13 -3.75 16.44
C LEU P 100 24.40 -3.11 15.09
N ALA P 101 23.97 -1.86 14.94
CA ALA P 101 24.08 -1.16 13.68
C ALA P 101 24.26 0.31 13.94
N GLN P 102 25.14 0.93 13.18
CA GLN P 102 25.38 2.37 13.28
C GLN P 102 24.35 3.08 12.42
N CYS P 103 23.45 3.81 13.07
CA CYS P 103 22.37 4.52 12.42
C CYS P 103 22.48 6.03 12.64
N PRO P 104 21.91 6.83 11.77
CA PRO P 104 21.68 8.23 12.10
C PRO P 104 20.40 8.37 12.90
N PRO P 105 20.07 9.58 13.32
CA PRO P 105 18.77 9.80 13.95
C PRO P 105 17.65 9.49 13.00
N GLY P 106 16.51 9.16 13.59
CA GLY P 106 15.34 8.83 12.81
C GLY P 106 14.11 8.70 13.68
N ASP P 107 12.99 9.22 13.18
CA ASP P 107 11.74 9.07 13.90
C ASP P 107 11.36 7.61 14.09
N THR P 108 11.76 6.75 13.16
CA THR P 108 11.41 5.35 13.15
C THR P 108 12.67 4.49 13.11
N VAL P 109 12.44 3.19 13.04
CA VAL P 109 13.47 2.23 12.70
C VAL P 109 12.86 1.23 11.73
N THR P 110 13.64 0.86 10.73
CA THR P 110 13.13 0.14 9.57
C THR P 110 14.18 -0.87 9.15
N VAL P 111 13.86 -2.15 9.31
CA VAL P 111 14.82 -3.24 9.19
C VAL P 111 14.38 -4.16 8.04
N GLY P 112 15.36 -4.83 7.45
CA GLY P 112 15.00 -5.80 6.45
C GLY P 112 16.17 -6.39 5.69
N PHE P 113 16.10 -7.69 5.43
CA PHE P 113 17.05 -8.37 4.57
C PHE P 113 16.40 -8.59 3.21
N HIS P 114 17.04 -9.39 2.38
CA HIS P 114 16.46 -9.84 1.12
C HIS P 114 16.76 -11.32 1.00
N ASP P 115 15.73 -12.16 1.19
CA ASP P 115 15.89 -13.59 0.99
C ASP P 115 16.35 -13.90 -0.42
N GLY P 116 15.89 -13.11 -1.40
CA GLY P 116 16.22 -13.31 -2.79
C GLY P 116 15.01 -13.37 -3.69
N PRO P 117 13.94 -14.06 -3.27
CA PRO P 117 12.67 -13.94 -4.01
C PRO P 117 11.83 -12.76 -3.57
N ASN P 118 12.08 -12.21 -2.39
CA ASN P 118 11.19 -11.20 -1.82
C ASN P 118 11.99 -10.25 -0.95
N ARG P 119 11.46 -9.04 -0.80
CA ARG P 119 12.12 -8.05 0.05
C ARG P 119 12.01 -8.47 1.51
N HIS P 120 10.80 -8.59 2.02
CA HIS P 120 10.55 -9.27 3.28
C HIS P 120 11.24 -8.55 4.44
N THR P 121 10.80 -7.33 4.67
CA THR P 121 11.38 -6.39 5.62
C THR P 121 10.48 -6.26 6.84
N CYS P 122 10.94 -5.48 7.82
CA CYS P 122 10.12 -5.14 8.97
C CYS P 122 10.51 -3.79 9.53
N THR P 123 9.52 -3.05 9.99
CA THR P 123 9.66 -1.65 10.31
C THR P 123 8.90 -1.37 11.60
N VAL P 124 9.28 -0.27 12.25
CA VAL P 124 8.79 0.00 13.59
C VAL P 124 8.99 1.47 13.91
N ALA P 125 8.20 1.98 14.85
CA ALA P 125 8.40 3.30 15.41
C ALA P 125 9.39 3.24 16.57
N HIS P 126 10.30 4.20 16.59
CA HIS P 126 11.11 4.46 17.77
C HIS P 126 11.83 5.78 17.64
N LYS P 127 11.70 6.62 18.66
CA LYS P 127 12.38 7.90 18.68
C LYS P 127 13.88 7.65 18.83
N VAL P 128 14.64 8.10 17.85
CA VAL P 128 16.09 7.93 17.83
C VAL P 128 16.75 9.28 17.77
N GLU P 129 17.86 9.42 18.49
CA GLU P 129 18.74 10.55 18.36
C GLU P 129 20.17 10.08 18.61
N PHE P 130 21.12 10.93 18.24
CA PHE P 130 22.51 10.71 18.62
C PHE P 130 23.13 12.05 18.98
N ARG P 131 22.99 12.40 20.22
CA ARG P 131 23.88 13.33 20.85
C ARG P 131 25.21 12.64 21.08
N PRO P 132 26.33 13.21 20.64
CA PRO P 132 27.61 12.80 21.19
C PRO P 132 27.79 13.37 22.58
N VAL P 133 28.56 12.67 23.39
CA VAL P 133 28.90 13.18 24.70
C VAL P 133 29.82 14.37 24.52
N GLY P 134 29.44 15.48 25.13
CA GLY P 134 30.18 16.72 25.00
C GLY P 134 29.19 17.86 24.96
N ARG P 135 29.70 19.05 25.21
CA ARG P 135 28.87 20.24 25.16
C ARG P 135 28.57 20.68 23.72
N GLU P 136 29.08 19.95 22.72
CA GLU P 136 28.69 20.15 21.34
C GLU P 136 27.53 19.23 21.00
N LYS P 137 26.48 19.80 20.43
CA LYS P 137 25.32 19.05 19.99
C LYS P 137 25.41 18.81 18.49
N TYR P 138 26.30 17.90 18.12
CA TYR P 138 26.40 17.50 16.72
C TYR P 138 25.15 16.72 16.32
N ARG P 139 25.15 16.31 15.05
CA ARG P 139 24.22 15.33 14.53
C ARG P 139 24.91 14.05 14.11
N HIS P 140 26.23 13.95 14.27
CA HIS P 140 26.98 12.89 13.64
C HIS P 140 28.42 12.88 14.18
N PRO P 141 29.08 11.72 14.29
CA PRO P 141 30.45 11.73 14.82
C PRO P 141 31.44 12.19 13.77
N PRO P 142 32.40 13.05 14.13
CA PRO P 142 33.41 13.47 13.16
C PRO P 142 34.56 12.48 13.06
N GLU P 143 35.56 12.87 12.26
CA GLU P 143 36.79 12.11 12.11
C GLU P 143 37.81 12.44 13.18
N HIS P 144 37.71 13.62 13.80
CA HIS P 144 38.73 14.13 14.69
C HIS P 144 38.06 14.68 15.93
N GLY P 145 38.82 15.37 16.75
CA GLY P 145 38.35 15.89 18.02
C GLY P 145 38.85 15.05 19.18
N VAL P 146 38.52 15.53 20.37
CA VAL P 146 38.96 14.89 21.59
C VAL P 146 38.17 13.60 21.81
N GLU P 147 38.79 12.67 22.52
CA GLU P 147 38.10 11.48 23.01
C GLU P 147 37.69 11.70 24.45
N LEU P 148 36.50 11.21 24.79
CA LEU P 148 35.95 11.39 26.13
C LEU P 148 34.87 10.35 26.34
N PRO P 149 34.47 10.11 27.58
CA PRO P 149 33.81 8.84 27.93
C PRO P 149 32.37 8.73 27.46
N CYS P 150 32.16 8.21 26.26
CA CYS P 150 30.83 7.99 25.76
C CYS P 150 30.28 6.64 26.23
N ASN P 151 28.99 6.45 25.96
CA ASN P 151 28.30 5.20 26.16
C ASN P 151 28.00 4.59 24.81
N ARG P 152 28.22 3.28 24.69
CA ARG P 152 28.31 2.65 23.40
C ARG P 152 28.30 1.15 23.59
N TYR P 153 27.89 0.43 22.56
CA TYR P 153 27.83 -1.01 22.57
C TYR P 153 29.04 -1.61 21.86
N THR P 154 29.33 -2.86 22.20
CA THR P 154 30.55 -3.51 21.76
C THR P 154 30.38 -4.06 20.35
N HIS P 155 31.51 -4.41 19.76
CA HIS P 155 31.49 -5.20 18.54
C HIS P 155 31.25 -6.67 18.81
N LYS P 156 31.54 -7.12 20.02
CA LYS P 156 31.88 -8.52 20.23
C LYS P 156 30.71 -9.32 20.80
N ARG P 157 30.98 -10.60 20.97
CA ARG P 157 30.02 -11.60 21.44
C ARG P 157 30.40 -12.22 22.77
N ALA P 158 31.70 -12.28 23.10
CA ALA P 158 32.18 -12.95 24.30
C ALA P 158 31.75 -12.09 25.48
N ASP P 159 30.48 -12.24 25.84
CA ASP P 159 29.78 -11.23 26.61
C ASP P 159 28.79 -11.90 27.54
N GLN P 160 28.84 -11.49 28.80
CA GLN P 160 28.00 -12.07 29.84
C GLN P 160 27.45 -11.01 30.79
N GLY P 161 27.77 -9.73 30.57
CA GLY P 161 27.46 -8.69 31.54
C GLY P 161 26.00 -8.63 31.94
N HIS P 162 25.11 -9.09 31.07
CA HIS P 162 23.71 -9.29 31.44
C HIS P 162 23.19 -10.52 30.72
N TYR P 163 22.03 -10.97 31.14
CA TYR P 163 21.33 -12.04 30.46
C TYR P 163 19.84 -11.82 30.63
N VAL P 164 19.12 -12.06 29.56
CA VAL P 164 17.67 -11.94 29.56
C VAL P 164 17.08 -13.33 29.61
N GLU P 165 15.92 -13.44 30.26
CA GLU P 165 15.19 -14.69 30.28
C GLU P 165 14.81 -15.08 28.86
N MET P 166 15.07 -16.33 28.50
CA MET P 166 14.62 -16.87 27.23
C MET P 166 14.11 -18.30 27.45
N HIS P 167 12.87 -18.41 27.88
CA HIS P 167 12.22 -19.71 28.04
C HIS P 167 11.42 -20.01 26.78
N GLN P 168 10.53 -21.00 26.87
CA GLN P 168 10.04 -21.71 25.71
C GLN P 168 9.19 -20.79 24.85
N PRO P 169 8.86 -21.25 23.65
CA PRO P 169 7.70 -20.68 22.96
C PRO P 169 6.43 -21.32 23.46
N GLY P 170 5.36 -20.55 23.38
CA GLY P 170 4.04 -21.13 23.39
C GLY P 170 3.80 -21.81 22.06
N LEU P 171 2.57 -22.28 21.89
CA LEU P 171 2.19 -22.85 20.62
C LEU P 171 2.23 -21.79 19.53
N VAL P 172 1.98 -22.21 18.30
CA VAL P 172 1.77 -21.31 17.18
C VAL P 172 0.71 -21.93 16.28
N ALA P 173 0.07 -21.07 15.51
CA ALA P 173 -0.91 -21.53 14.54
C ALA P 173 -0.20 -22.11 13.32
N ASP P 174 -0.78 -23.15 12.73
CA ASP P 174 -0.34 -23.58 11.40
C ASP P 174 -1.51 -24.35 10.77
N HIS P 175 -2.31 -23.63 10.00
CA HIS P 175 -3.45 -24.25 9.33
C HIS P 175 -3.07 -24.95 8.04
N SER P 176 -1.81 -24.91 7.66
CA SER P 176 -1.33 -25.84 6.64
C SER P 176 -1.49 -27.28 7.11
N LEU P 177 -1.44 -27.50 8.43
CA LEU P 177 -1.69 -28.82 8.99
C LEU P 177 -3.08 -29.31 8.63
N LEU P 178 -4.09 -28.51 8.95
CA LEU P 178 -5.48 -28.96 8.91
C LEU P 178 -5.93 -29.11 7.47
N SER P 179 -5.49 -30.21 6.86
CA SER P 179 -5.96 -30.60 5.54
C SER P 179 -7.32 -31.27 5.68
N ILE P 180 -7.78 -31.95 4.64
CA ILE P 180 -9.06 -32.64 4.63
C ILE P 180 -8.83 -34.10 4.29
N HIS P 181 -9.44 -34.99 5.07
CA HIS P 181 -9.45 -36.44 4.81
C HIS P 181 -10.63 -36.83 3.94
N SER P 182 -10.81 -36.07 2.85
CA SER P 182 -11.81 -36.28 1.80
C SER P 182 -13.26 -36.05 2.24
N ALA P 183 -13.54 -36.08 3.55
CA ALA P 183 -14.73 -35.45 4.11
C ALA P 183 -14.49 -34.79 5.45
N LYS P 184 -13.42 -35.14 6.16
CA LYS P 184 -13.15 -34.70 7.51
C LYS P 184 -11.89 -33.87 7.50
N VAL P 185 -11.78 -32.96 8.47
CA VAL P 185 -10.60 -32.11 8.53
C VAL P 185 -9.47 -32.90 9.17
N LYS P 186 -8.31 -32.84 8.53
CA LYS P 186 -7.19 -33.75 8.76
C LYS P 186 -6.00 -32.95 9.24
N ILE P 187 -5.60 -33.18 10.46
CA ILE P 187 -4.39 -32.59 11.02
C ILE P 187 -3.23 -33.52 10.75
N THR P 188 -2.03 -32.96 10.66
CA THR P 188 -0.79 -33.73 10.58
C THR P 188 0.18 -33.20 11.61
N VAL P 189 1.44 -33.64 11.53
CA VAL P 189 2.47 -33.23 12.50
C VAL P 189 3.75 -32.91 11.76
N PRO P 190 4.57 -31.98 12.31
CA PRO P 190 5.88 -31.69 11.69
C PRO P 190 6.81 -32.89 11.60
N SER P 191 7.20 -33.40 12.77
CA SER P 191 8.20 -34.45 12.88
C SER P 191 7.87 -35.39 14.02
N GLY P 192 6.58 -35.50 14.35
CA GLY P 192 6.16 -36.03 15.62
C GLY P 192 5.99 -34.98 16.68
N ALA P 193 5.99 -33.69 16.31
CA ALA P 193 5.79 -32.64 17.29
C ALA P 193 4.40 -32.74 17.90
N GLN P 194 4.17 -31.93 18.92
CA GLN P 194 3.01 -32.05 19.79
C GLN P 194 1.95 -31.05 19.31
N VAL P 195 0.89 -31.58 18.72
CA VAL P 195 -0.16 -30.78 18.09
C VAL P 195 -1.39 -30.82 18.97
N LYS P 196 -1.84 -29.63 19.39
CA LYS P 196 -2.83 -29.46 20.44
C LYS P 196 -4.17 -29.17 19.76
N TYR P 197 -5.12 -30.13 19.85
CA TYR P 197 -6.19 -30.21 18.86
C TYR P 197 -7.55 -30.56 19.45
N TYR P 198 -8.60 -29.95 18.88
CA TYR P 198 -10.05 -30.18 19.05
C TYR P 198 -10.69 -29.17 18.11
N CYS P 199 -12.00 -29.27 17.93
CA CYS P 199 -12.75 -28.33 17.10
C CYS P 199 -13.92 -27.82 17.91
N LYS P 200 -14.66 -26.87 17.36
CA LYS P 200 -15.82 -26.36 18.09
C LYS P 200 -16.80 -27.49 18.40
N CYS P 201 -16.93 -28.45 17.49
CA CYS P 201 -17.74 -29.62 17.74
C CYS P 201 -17.06 -30.46 18.82
N PRO P 202 -17.71 -31.51 19.31
CA PRO P 202 -17.01 -32.48 20.18
C PRO P 202 -16.27 -33.60 19.44
N ASP P 203 -14.94 -33.59 19.53
CA ASP P 203 -14.04 -34.63 19.05
C ASP P 203 -12.83 -34.68 20.01
N VAL P 204 -11.68 -35.17 19.54
CA VAL P 204 -10.47 -35.30 20.38
C VAL P 204 -10.14 -33.96 21.04
N ARG P 205 -9.98 -33.96 22.37
CA ARG P 205 -10.00 -32.71 23.13
C ARG P 205 -8.63 -32.14 23.53
N GLU P 206 -7.59 -32.95 23.69
CA GLU P 206 -6.27 -32.38 23.92
C GLU P 206 -5.48 -32.26 22.63
N GLY P 207 -5.08 -33.41 22.09
CA GLY P 207 -4.18 -33.48 20.96
C GLY P 207 -2.77 -33.54 21.48
N ILE P 208 -2.23 -34.74 21.65
CA ILE P 208 -0.80 -34.95 21.81
C ILE P 208 -0.53 -36.20 20.99
N THR P 209 -0.24 -36.03 19.70
CA THR P 209 -0.48 -37.10 18.75
C THR P 209 0.45 -37.00 17.56
N SER P 210 0.44 -38.07 16.76
CA SER P 210 0.85 -38.02 15.37
C SER P 210 -0.31 -37.46 14.56
N SER P 211 -0.26 -37.63 13.24
CA SER P 211 -1.33 -37.13 12.39
C SER P 211 -2.67 -37.76 12.73
N ASP P 212 -3.58 -36.96 13.30
CA ASP P 212 -4.94 -37.37 13.57
C ASP P 212 -5.87 -36.97 12.44
N HIS P 213 -7.05 -37.54 12.47
CA HIS P 213 -8.19 -37.07 11.71
C HIS P 213 -9.12 -36.34 12.67
N THR P 214 -10.32 -36.00 12.19
CA THR P 214 -11.34 -35.36 13.00
C THR P 214 -12.67 -36.01 12.68
N THR P 215 -13.19 -36.81 13.61
CA THR P 215 -14.46 -37.47 13.36
C THR P 215 -15.59 -36.45 13.18
N THR P 216 -15.67 -35.47 14.08
CA THR P 216 -16.89 -34.67 14.20
C THR P 216 -16.95 -33.49 13.24
N CYS P 217 -16.10 -32.50 13.44
CA CYS P 217 -16.16 -31.29 12.62
C CYS P 217 -15.59 -31.56 11.24
N THR P 218 -15.87 -30.64 10.33
CA THR P 218 -15.46 -30.71 8.93
C THR P 218 -14.69 -29.49 8.49
N ASP P 219 -15.07 -28.31 8.97
CA ASP P 219 -14.50 -27.06 8.49
C ASP P 219 -13.14 -26.85 9.12
N VAL P 220 -12.18 -26.46 8.28
CA VAL P 220 -10.85 -26.10 8.76
C VAL P 220 -10.91 -24.92 9.72
N LYS P 221 -11.91 -24.06 9.56
CA LYS P 221 -11.98 -22.77 10.25
C LYS P 221 -12.58 -22.87 11.64
N GLN P 222 -12.70 -24.07 12.21
CA GLN P 222 -13.28 -24.23 13.54
C GLN P 222 -12.49 -25.23 14.34
N CYS P 223 -11.17 -25.24 14.17
CA CYS P 223 -10.32 -26.26 14.76
C CYS P 223 -9.02 -25.66 15.27
N ARG P 224 -8.32 -26.45 16.09
CA ARG P 224 -7.15 -26.00 16.84
C ARG P 224 -5.88 -26.50 16.14
N ALA P 225 -5.38 -25.72 15.19
CA ALA P 225 -4.11 -26.00 14.53
C ALA P 225 -3.00 -25.41 15.39
N TYR P 226 -2.38 -26.23 16.23
CA TYR P 226 -1.41 -25.78 17.20
C TYR P 226 -0.12 -26.58 17.05
N LEU P 227 0.98 -25.96 17.48
CA LEU P 227 2.31 -26.57 17.43
C LEU P 227 3.03 -26.31 18.75
N ILE P 228 2.87 -27.24 19.69
CA ILE P 228 3.73 -27.27 20.85
C ILE P 228 5.02 -27.93 20.37
N ASP P 229 6.01 -27.12 20.05
CA ASP P 229 7.26 -27.56 19.42
C ASP P 229 8.43 -27.04 20.23
N ASN P 230 8.37 -27.27 21.54
CA ASN P 230 9.32 -26.67 22.46
C ASN P 230 10.62 -27.47 22.57
N LYS P 231 11.22 -27.79 21.44
CA LYS P 231 12.57 -28.33 21.41
C LYS P 231 13.62 -27.23 21.41
N LYS P 232 13.23 -25.99 21.12
CA LYS P 232 14.13 -24.85 21.15
C LYS P 232 13.41 -23.66 21.76
N TRP P 233 14.04 -23.04 22.74
CA TRP P 233 13.43 -21.92 23.44
C TRP P 233 13.41 -20.69 22.52
N VAL P 234 12.89 -19.58 23.05
CA VAL P 234 12.76 -18.34 22.30
C VAL P 234 13.11 -17.15 23.19
N TYR P 235 13.17 -15.99 22.54
CA TYR P 235 13.11 -14.74 23.28
C TYR P 235 11.70 -14.51 23.78
N ASN P 236 11.61 -13.87 24.94
CA ASN P 236 10.32 -13.67 25.60
C ASN P 236 9.73 -12.34 25.13
N SER P 237 9.46 -12.30 23.83
CA SER P 237 8.85 -11.14 23.21
C SER P 237 7.48 -10.87 23.80
N GLY P 238 7.10 -9.61 23.84
CA GLY P 238 5.72 -9.27 24.10
C GLY P 238 4.80 -9.81 23.04
N ARG P 239 5.32 -10.01 21.83
CA ARG P 239 4.54 -10.56 20.73
C ARG P 239 4.66 -12.07 20.64
N LEU P 240 4.87 -12.71 21.78
CA LEU P 240 4.85 -14.15 21.97
C LEU P 240 3.61 -14.56 22.74
N PRO P 241 2.93 -15.64 22.37
CA PRO P 241 1.97 -16.24 23.29
C PRO P 241 2.68 -17.14 24.29
N ARG P 242 2.28 -17.03 25.54
CA ARG P 242 2.89 -17.79 26.62
C ARG P 242 2.82 -19.28 26.35
N GLY P 243 3.92 -19.97 26.68
CA GLY P 243 3.84 -21.40 26.84
C GLY P 243 3.25 -21.68 28.20
N GLU P 244 1.98 -22.07 28.20
CA GLU P 244 1.18 -22.04 29.42
C GLU P 244 1.68 -23.01 30.48
N GLY P 245 2.48 -24.00 30.09
CA GLY P 245 2.81 -25.06 31.02
C GLY P 245 3.67 -24.61 32.17
N ASP P 246 4.73 -23.85 31.87
CA ASP P 246 5.81 -23.69 32.82
C ASP P 246 6.74 -22.58 32.38
N THR P 247 7.48 -22.04 33.35
CA THR P 247 8.68 -21.26 33.10
C THR P 247 9.84 -22.21 32.91
N PHE P 248 9.99 -22.73 31.69
CA PHE P 248 11.19 -23.53 31.42
C PHE P 248 12.45 -22.69 31.55
N LYS P 249 13.58 -23.38 31.65
CA LYS P 249 14.91 -22.81 31.69
C LYS P 249 15.23 -22.17 30.35
N GLY P 250 16.45 -21.66 30.22
CA GLY P 250 16.89 -20.91 29.06
C GLY P 250 17.29 -19.48 29.37
N LYS P 251 17.90 -19.27 30.53
CA LYS P 251 18.57 -18.00 30.79
C LYS P 251 19.70 -17.82 29.79
N LEU P 252 19.68 -16.70 29.07
CA LEU P 252 20.57 -16.50 27.93
C LEU P 252 21.07 -15.07 27.91
N HIS P 253 22.37 -14.94 27.64
CA HIS P 253 23.09 -13.69 27.75
C HIS P 253 22.58 -12.65 26.78
N VAL P 254 23.14 -11.46 26.90
CA VAL P 254 23.08 -10.43 25.86
C VAL P 254 24.50 -10.20 25.35
N PRO P 255 24.74 -10.19 24.04
CA PRO P 255 26.06 -9.80 23.54
C PRO P 255 26.40 -8.34 23.76
N PHE P 256 25.53 -7.48 23.25
CA PHE P 256 25.87 -6.08 23.05
C PHE P 256 25.56 -5.33 24.34
N VAL P 257 26.50 -5.45 25.27
CA VAL P 257 26.41 -4.74 26.55
C VAL P 257 26.74 -3.29 26.24
N PRO P 258 26.13 -2.32 26.93
CA PRO P 258 26.62 -0.95 26.83
C PRO P 258 27.90 -0.81 27.65
N VAL P 259 28.95 -0.32 26.99
CA VAL P 259 30.28 -0.24 27.57
C VAL P 259 30.77 1.20 27.54
N LYS P 260 31.81 1.44 28.33
CA LYS P 260 32.37 2.78 28.49
C LYS P 260 33.50 2.97 27.48
N ALA P 261 33.12 2.91 26.21
CA ALA P 261 34.03 3.30 25.17
C ALA P 261 34.26 4.80 25.22
N LYS P 262 35.46 5.21 24.83
CA LYS P 262 35.74 6.60 24.56
C LYS P 262 35.51 6.79 23.08
N CYS P 263 34.33 7.31 22.73
CA CYS P 263 34.06 7.61 21.35
C CYS P 263 35.09 8.60 20.83
N ILE P 264 35.55 8.36 19.60
CA ILE P 264 36.07 9.46 18.82
C ILE P 264 34.95 10.50 18.83
N ALA P 265 35.28 11.73 19.18
CA ALA P 265 34.20 12.59 19.65
C ALA P 265 34.42 14.03 19.20
N THR P 266 33.63 14.91 19.79
CA THR P 266 33.36 16.22 19.24
C THR P 266 34.48 17.18 19.61
N LEU P 267 34.44 18.34 18.97
CA LEU P 267 35.35 19.44 19.25
C LEU P 267 34.80 20.63 18.49
N ALA P 268 34.72 21.75 19.14
CA ALA P 268 34.22 22.95 18.53
C ALA P 268 35.37 23.88 18.17
N PRO P 269 35.28 24.65 17.08
CA PRO P 269 36.40 25.51 16.68
C PRO P 269 36.79 26.49 17.76
N GLU P 270 38.07 26.81 17.78
CA GLU P 270 38.62 27.60 18.87
C GLU P 270 37.97 28.98 18.91
N PRO P 271 37.91 29.61 20.08
CA PRO P 271 37.35 30.96 20.16
C PRO P 271 38.34 32.02 19.71
N LEU P 272 37.82 33.22 19.50
CA LEU P 272 38.62 34.40 19.24
C LEU P 272 38.62 35.22 20.51
N VAL P 273 39.71 35.15 21.25
CA VAL P 273 39.80 35.89 22.50
C VAL P 273 40.12 37.33 22.19
N GLU P 274 39.39 38.24 22.83
CA GLU P 274 39.56 39.66 22.65
C GLU P 274 39.53 40.30 24.03
N HIS P 275 40.51 41.15 24.28
CA HIS P 275 40.63 41.81 25.57
C HIS P 275 39.76 43.04 25.65
N LYS P 276 39.18 43.25 26.83
CA LYS P 276 38.73 44.58 27.24
C LYS P 276 38.96 44.69 28.74
N HIS P 277 38.60 45.84 29.29
CA HIS P 277 38.79 46.13 30.71
C HIS P 277 37.90 45.23 31.55
N ARG P 278 38.50 44.22 32.16
CA ARG P 278 37.78 43.27 33.00
C ARG P 278 36.61 42.65 32.27
N THR P 279 36.78 42.46 30.96
CA THR P 279 35.70 42.01 30.11
C THR P 279 36.28 41.24 28.94
N LEU P 280 35.75 40.05 28.70
CA LEU P 280 36.08 39.25 27.53
C LEU P 280 35.02 39.45 26.48
N ILE P 281 35.31 40.28 25.48
CA ILE P 281 34.62 40.12 24.22
C ILE P 281 35.13 38.85 23.59
N LEU P 282 34.22 38.08 23.02
CA LEU P 282 34.56 36.84 22.35
C LEU P 282 33.71 36.76 21.11
N HIS P 283 34.28 37.14 19.97
CA HIS P 283 33.69 36.77 18.71
C HIS P 283 33.81 35.27 18.55
N LEU P 284 32.69 34.61 18.28
CA LEU P 284 32.63 33.16 18.38
C LEU P 284 31.83 32.61 17.21
N HIS P 285 32.24 31.43 16.78
CA HIS P 285 31.83 30.91 15.50
C HIS P 285 31.93 29.39 15.49
N PRO P 286 30.91 28.69 15.94
CA PRO P 286 30.99 27.23 16.04
C PRO P 286 30.64 26.50 14.76
N ASP P 287 30.78 25.19 14.81
CA ASP P 287 30.34 24.28 13.78
C ASP P 287 28.91 23.84 14.00
N HIS P 288 28.56 23.60 15.25
CA HIS P 288 27.29 23.04 15.64
C HIS P 288 26.85 23.69 16.93
N PRO P 289 25.63 23.43 17.41
CA PRO P 289 25.22 24.03 18.68
C PRO P 289 26.10 23.58 19.82
N THR P 290 26.76 24.55 20.44
CA THR P 290 27.74 24.32 21.48
C THR P 290 27.25 24.94 22.78
N LEU P 291 27.19 24.14 23.84
CA LEU P 291 26.83 24.66 25.15
C LEU P 291 28.06 25.30 25.76
N LEU P 292 28.07 26.62 25.77
CA LEU P 292 29.09 27.36 26.48
C LEU P 292 28.64 27.61 27.90
N THR P 293 29.60 27.66 28.83
CA THR P 293 29.27 28.04 30.19
C THR P 293 30.53 28.41 30.95
N THR P 294 30.33 29.14 32.04
CA THR P 294 31.40 29.76 32.80
C THR P 294 31.11 29.66 34.28
N ARG P 295 32.07 30.12 35.08
CA ARG P 295 31.96 30.12 36.54
C ARG P 295 32.78 31.28 37.08
N SER P 296 32.14 32.41 37.37
CA SER P 296 32.88 33.48 38.01
C SER P 296 33.28 33.01 39.39
N LEU P 297 34.58 32.82 39.59
CA LEU P 297 35.10 32.07 40.71
C LEU P 297 34.95 32.75 42.05
N GLY P 298 34.35 33.92 42.12
CA GLY P 298 33.96 34.41 43.42
C GLY P 298 33.00 33.46 44.10
N SER P 299 32.87 33.63 45.40
CA SER P 299 31.83 32.91 46.11
C SER P 299 30.45 33.27 45.56
N ASP P 300 30.32 34.43 44.94
CA ASP P 300 29.28 34.66 43.96
C ASP P 300 29.65 33.92 42.68
N ALA P 301 28.96 32.83 42.41
CA ALA P 301 29.28 32.03 41.23
C ALA P 301 28.98 32.79 39.95
N ASN P 302 27.76 33.30 39.83
CA ASN P 302 27.23 33.95 38.63
C ASN P 302 27.60 33.19 37.34
N PRO P 303 27.16 31.97 37.19
CA PRO P 303 27.43 31.22 35.96
C PRO P 303 26.47 31.62 34.84
N THR P 304 26.78 31.10 33.66
CA THR P 304 26.01 31.34 32.46
C THR P 304 25.98 30.06 31.65
N ARG P 305 24.89 29.83 30.95
CA ARG P 305 24.74 28.72 30.03
C ARG P 305 24.03 29.22 28.79
N GLN P 306 24.53 28.87 27.62
CA GLN P 306 23.75 29.07 26.41
C GLN P 306 24.31 28.20 25.30
N TRP P 307 23.47 27.36 24.73
CA TRP P 307 23.81 26.69 23.49
C TRP P 307 24.02 27.74 22.42
N ILE P 308 25.15 27.65 21.73
CA ILE P 308 25.48 28.56 20.65
C ILE P 308 25.65 27.73 19.41
N GLU P 309 24.78 27.95 18.43
CA GLU P 309 24.93 27.46 17.08
C GLU P 309 25.12 28.57 16.09
N ARG P 310 24.50 29.69 16.32
CA ARG P 310 24.69 30.85 15.48
C ARG P 310 25.92 31.62 15.96
N PRO P 311 26.85 31.98 15.07
CA PRO P 311 28.03 32.72 15.52
C PRO P 311 27.64 34.03 16.18
N THR P 312 28.29 34.30 17.29
CA THR P 312 27.86 35.38 18.17
C THR P 312 29.06 35.95 18.90
N THR P 313 29.16 37.27 18.87
CA THR P 313 30.06 37.98 19.76
C THR P 313 29.38 38.13 21.11
N VAL P 314 30.00 37.57 22.14
CA VAL P 314 29.43 37.56 23.49
C VAL P 314 30.30 38.39 24.40
N ASN P 315 29.91 38.46 25.67
CA ASN P 315 30.64 39.25 26.65
C ASN P 315 30.56 38.56 27.99
N PHE P 316 31.57 38.82 28.82
CA PHE P 316 31.68 38.22 30.14
C PHE P 316 32.34 39.22 31.06
N THR P 317 31.60 39.71 32.05
CA THR P 317 32.17 40.60 33.04
C THR P 317 33.07 39.77 33.94
N VAL P 318 34.34 39.69 33.59
CA VAL P 318 35.29 38.99 34.45
C VAL P 318 35.60 39.87 35.64
N THR P 319 35.82 39.22 36.76
CA THR P 319 36.09 39.87 38.03
C THR P 319 37.59 39.94 38.25
N GLY P 320 37.98 40.32 39.47
CA GLY P 320 39.39 40.44 39.77
C GLY P 320 40.07 39.09 39.89
N GLU P 321 39.41 38.13 40.55
CA GLU P 321 40.09 36.90 40.92
C GLU P 321 40.15 35.90 39.77
N GLY P 322 39.14 35.86 38.93
CA GLY P 322 39.23 35.04 37.74
C GLY P 322 37.88 34.56 37.26
N LEU P 323 37.89 34.05 36.02
CA LEU P 323 36.76 33.38 35.40
C LEU P 323 37.28 32.17 34.65
N GLU P 324 36.41 31.22 34.38
CA GLU P 324 36.76 30.10 33.51
C GLU P 324 35.72 29.97 32.41
N TYR P 325 36.11 29.27 31.36
CA TYR P 325 35.50 29.37 30.05
C TYR P 325 35.58 28.04 29.34
N THR P 326 34.45 27.56 28.82
CA THR P 326 34.30 26.17 28.40
C THR P 326 33.71 26.09 26.99
N TRP P 327 34.57 26.22 25.98
CA TRP P 327 34.14 26.21 24.60
C TRP P 327 33.80 24.78 24.18
N GLY P 328 32.62 24.35 24.58
CA GLY P 328 32.29 23.00 24.25
C GLY P 328 33.17 22.05 25.06
N ASN P 329 33.24 20.80 24.59
CA ASN P 329 34.09 19.83 25.25
C ASN P 329 35.57 20.11 25.04
N HIS P 330 35.92 21.15 24.28
CA HIS P 330 37.26 21.71 24.39
C HIS P 330 37.54 22.01 25.87
N PRO P 331 38.77 21.85 26.34
CA PRO P 331 39.01 21.92 27.77
C PRO P 331 38.67 23.28 28.34
N PRO P 332 38.46 23.36 29.65
CA PRO P 332 38.11 24.65 30.26
C PRO P 332 39.30 25.57 30.31
N LYS P 333 39.09 26.81 29.89
CA LYS P 333 40.09 27.85 29.99
C LYS P 333 39.92 28.59 31.32
N ARG P 334 40.83 29.50 31.59
CA ARG P 334 40.85 30.29 32.81
C ARG P 334 41.48 31.61 32.46
N VAL P 335 41.18 32.66 33.22
CA VAL P 335 41.60 34.01 32.84
C VAL P 335 41.84 34.89 34.07
N TRP P 336 43.02 35.53 34.14
CA TRP P 336 43.27 36.63 35.06
C TRP P 336 42.78 37.89 34.37
N ALA P 337 41.78 38.51 34.96
CA ALA P 337 41.41 39.88 34.63
C ALA P 337 41.55 40.66 35.90
N GLN P 338 42.76 41.16 36.11
CA GLN P 338 42.95 42.28 37.00
C GLN P 338 42.60 43.53 36.21
N GLU P 339 43.03 44.68 36.72
CA GLU P 339 42.78 45.96 36.07
C GLU P 339 43.18 45.97 34.61
N SER P 340 42.62 46.91 33.87
CA SER P 340 43.30 47.44 32.70
C SER P 340 43.01 48.92 32.51
N GLY P 341 42.39 49.59 33.47
CA GLY P 341 41.99 50.97 33.39
C GLY P 341 43.00 51.93 33.94
N GLU P 342 44.22 51.47 34.20
CA GLU P 342 45.39 52.31 34.47
C GLU P 342 45.33 53.00 35.84
#